data_5LS6
#
_entry.id   5LS6
#
_cell.length_a   131.310
_cell.length_b   170.270
_cell.length_c   275.540
_cell.angle_alpha   90.00
_cell.angle_beta   90.00
_cell.angle_gamma   90.00
#
_symmetry.space_group_name_H-M   'P 21 21 21'
#
loop_
_entity.id
_entity.type
_entity.pdbx_description
1 polymer 'Histone-lysine N-methyltransferase EZH2,Histone-lysine N-methyltransferase EZH2,Histone-lysine N-methyltransferase EZH2'
2 polymer 'Polycomb protein EED'
3 polymer 'Polycomb protein SUZ12'
4 polymer 'Jarid2 K116me3'
5 non-polymer 'ZINC ION'
6 non-polymer 1-[(1~{R})-1-[1-[2,2-bis(fluoranyl)propyl]piperidin-4-yl]ethyl]-~{N}-[(4-methoxy-6-methyl-2-oxidanylidene-3~{H}-pyridin-3-yl)methyl]-2-methyl-indole-3-carboxamide
#
loop_
_entity_poly.entity_id
_entity_poly.type
_entity_poly.pdbx_seq_one_letter_code
_entity_poly.pdbx_strand_id
1 'polypeptide(L)'
;ETSLAEEKLTMGQTGKKSEKGPVCWRKRVKSEYMRLRQLKRFRRADEVKSMFSSNRQKILERTEILNQEWKQRRIQPVHI
LTSVSSLRGTRECSVTSDLDFPTQVIPLKTLNAVASVPIMYSWSPLQQNFMVEDETVLHNIPYMGDEVLDQDGTFIEELI
KNYDGKVHGDRECGFINDEIFVELVNALGQYNESRPPRKFPSDKIFEAISSMFPDKGTAEELKEKYKELTQQQLPGALPP
ECTPNIDGPNAKSVQREQSLHSFHTLFCRRCFKYDCFLHPFHATPNTYKRKNTETALDNKPCGPQCYQHLEGAKEFAAAL
TAERIKTPPKRPGGRRRGRLPNNSSRPSTPTINVLESKDTDSDREAGPGKPNIEPPENVEWSGAEASMFRVLIGTYYDNF
CAIARLIGTKTCRQVYEFRVKESSIIAPAPAEDVDTPPRKKKRKHRLWAAHCRKIQLKKDGSSNHVYNYQPCDHPRQPCD
SSCPCVIAQNFCEKFCQCSSECQNRFPGCRCKAQCNTKQCPCYLAVRECDPDLCLTCGAADHWDSKNVSCKNCSIQRGSK
KHLLLAPSDVAGWGIFIKDPVQKNEFISEYCGEIISQDEADRRGKVYDKYMCSFLFNLNNDFVVDATRKGNKIRFANHSV
NPNCYAKVMMVNGDHRIGIFAKRAIQTGEELFFDYRYSQADALKYVGIEREMEIP
;
A,D,G,J
2 'polypeptide(L)'
;GSKCKYSFKCVNSLKEDHNQPLFGVQFNWHSKEGDPLVFATVGSNRVTLYECHSQGEIRLLQSYVDADADENFYTCAWTY
DSNTSHPLLAVAGSRGIIRIINPITMQCIKHYVGHGNAINELKFHPRDPNLLLSVSKDHALRLWNIQTDTLVAIFGGVEG
HRDEVLSADYDLLGEKIMSCGMDHSLKLWRINSKRMMNAIKESYDYNPNKTNRPFISQKIHFPDFSTRDIHRNYVDCVRW
LGDLILSKSCENAIVCWKPGKMEDDIDKIKPSESNVTILGRFDYSQCDIWYMRFSMDFWQKMLALGNQVGKLYVWDLEVE
DPHKAKCTTLTHHKCGAAIRQTSFSRDSSILIAVCDDASIWRWDRLR
;
B,E,H,K
3 'polypeptide(L)'
;GSSGHNRLYFHSDTCLPLRPQEMEVDSEDEKDPEWLREKTITQIEEFSDVNEGEKEVMKLWNLHVMKHGFIADNQMNHAC
MLFVENYGQKIIKKNLCRNFMLHLVSMHDFNLISIMSIDKAVTKLREMQ
;
C,F,I,L
4 'polypeptide(L)' RLQAQR(M3L)FAQS Q,R,S,T
#
# COMPACT_ATOMS: atom_id res chain seq x y z
N LYS A 20 -69.86 -25.18 16.40
CA LYS A 20 -69.45 -23.84 15.91
C LYS A 20 -70.02 -22.73 16.79
N GLY A 21 -69.14 -21.93 17.38
CA GLY A 21 -69.51 -20.75 18.19
C GLY A 21 -68.62 -19.55 17.86
N PRO A 22 -69.20 -18.33 17.86
CA PRO A 22 -68.38 -17.16 17.47
C PRO A 22 -67.17 -16.95 18.40
N VAL A 23 -67.43 -16.88 19.71
CA VAL A 23 -66.37 -16.83 20.74
C VAL A 23 -65.66 -18.18 20.95
N CYS A 24 -66.32 -19.27 20.56
CA CYS A 24 -65.71 -20.61 20.54
C CYS A 24 -64.47 -20.65 19.65
N TRP A 25 -64.59 -20.16 18.41
CA TRP A 25 -63.45 -20.11 17.48
C TRP A 25 -62.28 -19.31 18.00
N ARG A 26 -62.58 -18.22 18.70
CA ARG A 26 -61.57 -17.33 19.25
C ARG A 26 -60.73 -18.01 20.34
N LYS A 27 -61.42 -18.58 21.33
CA LYS A 27 -60.78 -19.40 22.37
C LYS A 27 -59.93 -20.54 21.78
N ARG A 28 -60.44 -21.16 20.72
CA ARG A 28 -59.72 -22.22 19.99
C ARG A 28 -58.53 -21.69 19.18
N VAL A 29 -58.70 -20.52 18.58
CA VAL A 29 -57.60 -19.79 17.93
C VAL A 29 -56.55 -19.35 18.96
N LYS A 30 -57.03 -18.94 20.14
CA LYS A 30 -56.17 -18.49 21.23
C LYS A 30 -55.28 -19.61 21.80
N SER A 31 -55.89 -20.75 22.12
CA SER A 31 -55.16 -21.89 22.70
C SER A 31 -54.23 -22.59 21.71
N GLU A 32 -54.58 -22.61 20.42
CA GLU A 32 -53.67 -23.11 19.36
C GLU A 32 -52.43 -22.24 19.26
N TYR A 33 -52.66 -20.96 18.98
CA TYR A 33 -51.62 -19.92 19.01
C TYR A 33 -50.70 -20.08 20.23
N MET A 34 -51.30 -20.10 21.42
CA MET A 34 -50.56 -20.26 22.68
C MET A 34 -49.69 -21.54 22.70
N ARG A 35 -50.23 -22.64 22.16
CA ARG A 35 -49.49 -23.91 22.05
C ARG A 35 -48.36 -23.83 21.01
N LEU A 36 -48.71 -23.38 19.81
CA LEU A 36 -47.76 -23.25 18.68
C LEU A 36 -46.53 -22.42 19.06
N ARG A 37 -46.78 -21.29 19.70
CA ARG A 37 -45.71 -20.44 20.18
C ARG A 37 -44.76 -21.16 21.14
N GLN A 38 -45.28 -22.08 21.97
CA GLN A 38 -44.43 -22.84 22.90
C GLN A 38 -43.60 -23.92 22.20
N LEU A 39 -44.23 -24.78 21.40
CA LEU A 39 -43.49 -25.86 20.72
C LEU A 39 -42.52 -25.34 19.63
N LYS A 40 -42.82 -24.17 19.06
CA LYS A 40 -41.87 -23.45 18.21
C LYS A 40 -40.66 -22.95 19.03
N ARG A 41 -40.91 -22.39 20.22
CA ARG A 41 -39.84 -21.83 21.10
C ARG A 41 -38.79 -22.85 21.53
N PHE A 42 -39.21 -24.09 21.84
CA PHE A 42 -38.26 -25.11 22.30
C PHE A 42 -37.41 -25.69 21.17
N ARG A 43 -38.01 -25.87 20.00
CA ARG A 43 -37.27 -26.26 18.81
C ARG A 43 -36.19 -25.21 18.48
N ARG A 44 -36.64 -23.96 18.34
CA ARG A 44 -35.75 -22.83 18.10
C ARG A 44 -34.72 -22.67 19.23
N ALA A 45 -35.15 -22.84 20.49
CA ALA A 45 -34.27 -22.66 21.67
C ALA A 45 -32.98 -23.44 21.54
N ASP A 46 -33.03 -24.57 20.84
CA ASP A 46 -31.83 -25.32 20.48
C ASP A 46 -30.99 -24.52 19.47
N GLU A 47 -31.61 -24.18 18.34
CA GLU A 47 -30.95 -23.45 17.25
C GLU A 47 -30.40 -22.09 17.68
N VAL A 48 -31.18 -21.37 18.49
CA VAL A 48 -30.80 -20.03 18.89
C VAL A 48 -29.51 -20.06 19.70
N LYS A 49 -29.37 -21.06 20.57
CA LYS A 49 -28.17 -21.14 21.38
C LYS A 49 -26.94 -21.15 20.49
N SER A 50 -27.03 -21.94 19.41
CA SER A 50 -26.01 -21.97 18.37
C SER A 50 -25.85 -20.61 17.70
N MET A 51 -26.97 -19.99 17.30
CA MET A 51 -26.96 -18.64 16.72
C MET A 51 -26.33 -17.60 17.65
N PHE A 52 -26.64 -17.69 18.95
CA PHE A 52 -26.11 -16.75 19.95
C PHE A 52 -24.60 -16.93 20.09
N SER A 53 -24.17 -18.18 20.22
CA SER A 53 -22.74 -18.53 20.28
C SER A 53 -21.98 -18.02 19.07
N SER A 54 -22.60 -18.26 17.91
CA SER A 54 -22.12 -17.77 16.62
C SER A 54 -22.04 -16.24 16.54
N ASN A 55 -23.13 -15.57 16.92
CA ASN A 55 -23.20 -14.11 16.96
C ASN A 55 -22.15 -13.55 17.93
N ARG A 56 -22.02 -14.20 19.09
CA ARG A 56 -21.00 -13.88 20.08
C ARG A 56 -19.61 -13.95 19.44
N GLN A 57 -19.39 -14.98 18.61
CA GLN A 57 -18.14 -15.07 17.82
C GLN A 57 -17.91 -13.86 16.92
N LYS A 58 -18.98 -13.37 16.29
CA LYS A 58 -18.90 -12.16 15.46
C LYS A 58 -18.59 -10.90 16.25
N ILE A 59 -19.20 -10.78 17.42
CA ILE A 59 -18.92 -9.67 18.34
C ILE A 59 -17.42 -9.61 18.64
N LEU A 60 -16.92 -10.71 19.22
CA LEU A 60 -15.52 -10.80 19.68
C LEU A 60 -14.58 -10.17 18.67
N GLU A 61 -14.76 -10.55 17.40
CA GLU A 61 -13.90 -10.10 16.31
C GLU A 61 -13.96 -8.59 16.10
N ARG A 62 -15.18 -8.08 16.03
CA ARG A 62 -15.40 -6.72 15.55
C ARG A 62 -15.13 -5.68 16.64
N THR A 63 -15.44 -6.06 17.88
CA THR A 63 -15.01 -5.31 19.04
C THR A 63 -13.49 -5.24 19.10
N GLU A 64 -12.85 -6.39 18.89
CA GLU A 64 -11.38 -6.50 18.88
C GLU A 64 -10.76 -5.50 17.91
N ILE A 65 -11.38 -5.37 16.74
CA ILE A 65 -10.89 -4.48 15.69
C ILE A 65 -10.92 -3.01 16.09
N LEU A 66 -12.02 -2.59 16.70
CA LEU A 66 -12.14 -1.22 17.20
C LEU A 66 -11.16 -0.95 18.32
N ASN A 67 -11.04 -1.92 19.23
CA ASN A 67 -10.16 -1.84 20.41
C ASN A 67 -8.69 -1.68 20.00
N GLN A 68 -8.31 -2.42 18.96
CA GLN A 68 -6.98 -2.30 18.36
C GLN A 68 -6.78 -0.92 17.74
N GLU A 69 -7.82 -0.38 17.11
CA GLU A 69 -7.80 1.00 16.60
C GLU A 69 -7.66 2.01 17.72
N TRP A 70 -8.35 1.77 18.84
CA TRP A 70 -8.27 2.63 20.02
C TRP A 70 -6.85 2.73 20.62
N LYS A 71 -6.11 1.63 20.62
CA LYS A 71 -4.71 1.66 21.07
C LYS A 71 -3.92 2.74 20.29
N GLN A 72 -4.06 2.79 18.97
CA GLN A 72 -3.32 3.75 18.10
C GLN A 72 -3.65 5.25 18.26
N ARG A 73 -4.74 5.55 18.98
CA ARG A 73 -5.14 6.93 19.27
C ARG A 73 -4.58 7.35 20.63
N ARG A 74 -4.07 8.59 20.71
CA ARG A 74 -3.69 9.21 21.99
C ARG A 74 -4.45 10.53 22.16
N ILE A 75 -5.46 10.53 23.06
CA ILE A 75 -6.55 11.54 23.07
C ILE A 75 -6.50 12.63 24.20
N GLN A 76 -5.40 12.68 24.98
CA GLN A 76 -5.16 13.73 26.03
C GLN A 76 -6.39 14.25 26.83
N PRO A 77 -7.28 13.34 27.25
CA PRO A 77 -8.61 13.73 27.71
C PRO A 77 -8.63 14.15 29.17
N VAL A 78 -9.65 14.92 29.54
CA VAL A 78 -10.07 15.19 30.94
C VAL A 78 -9.60 16.53 31.57
N HIS A 79 -9.23 17.50 30.74
CA HIS A 79 -8.68 18.75 31.28
C HIS A 79 -9.77 19.66 31.90
N ILE A 80 -9.48 20.15 33.11
CA ILE A 80 -10.34 21.10 33.86
C ILE A 80 -9.65 22.46 33.91
N LEU A 81 -10.42 23.54 33.92
CA LEU A 81 -9.84 24.90 34.03
C LEU A 81 -10.61 25.80 35.01
N THR A 82 -9.89 26.30 36.02
CA THR A 82 -10.38 27.36 36.93
C THR A 82 -9.84 28.73 36.50
N SER A 83 -8.52 28.83 36.29
CA SER A 83 -7.86 30.11 35.96
C SER A 83 -8.09 30.53 34.49
N VAL A 84 -8.31 31.82 34.19
CA VAL A 84 -8.12 32.96 35.10
C VAL A 84 -9.31 33.17 36.05
N SER A 85 -9.02 33.70 37.24
CA SER A 85 -10.00 33.83 38.35
C SER A 85 -11.35 34.42 37.94
N SER A 86 -12.43 33.93 38.54
CA SER A 86 -13.80 34.42 38.26
C SER A 86 -13.93 35.92 38.53
N LEU A 87 -14.33 36.66 37.48
CA LEU A 87 -14.33 38.14 37.50
C LEU A 87 -15.57 38.76 38.19
N ARG A 88 -16.38 37.93 38.87
CA ARG A 88 -17.70 38.29 39.39
C ARG A 88 -18.63 38.87 38.29
N GLY A 89 -18.63 38.20 37.14
CA GLY A 89 -19.62 38.37 36.07
C GLY A 89 -20.37 37.09 35.74
N THR A 90 -19.67 35.94 35.69
CA THR A 90 -20.27 34.64 35.28
C THR A 90 -21.13 34.00 36.39
N ARG A 91 -22.19 33.29 36.00
CA ARG A 91 -22.98 32.47 36.92
C ARG A 91 -22.21 31.16 37.19
N GLU A 92 -22.66 30.39 38.18
CA GLU A 92 -22.03 29.10 38.51
C GLU A 92 -23.00 27.93 38.57
N CYS A 93 -22.42 26.73 38.58
CA CYS A 93 -23.14 25.47 38.67
C CYS A 93 -22.61 24.71 39.90
N SER A 94 -23.49 24.38 40.84
CA SER A 94 -23.14 23.56 42.01
C SER A 94 -23.63 22.12 41.84
N VAL A 95 -23.01 21.21 42.57
CA VAL A 95 -23.42 19.81 42.61
C VAL A 95 -23.22 19.24 44.01
N THR A 96 -24.33 18.88 44.65
CA THR A 96 -24.34 18.43 46.04
C THR A 96 -24.13 16.91 46.10
N SER A 97 -23.54 16.43 47.19
CA SER A 97 -23.12 15.03 47.29
C SER A 97 -23.67 14.32 48.53
N ASP A 98 -24.10 13.07 48.35
CA ASP A 98 -24.52 12.18 49.44
C ASP A 98 -23.33 11.44 50.09
N LEU A 99 -22.10 11.70 49.62
CA LEU A 99 -20.87 11.17 50.23
C LEU A 99 -20.29 12.01 51.37
N ASP A 100 -20.82 13.22 51.61
CA ASP A 100 -20.28 14.14 52.62
C ASP A 100 -18.90 14.73 52.22
N PHE A 101 -18.63 14.75 50.92
CA PHE A 101 -17.53 15.54 50.36
C PHE A 101 -18.19 16.88 50.03
N PRO A 102 -17.54 18.03 50.37
CA PRO A 102 -18.23 19.33 50.23
C PRO A 102 -18.71 19.65 48.83
N THR A 103 -19.77 20.44 48.76
CA THR A 103 -20.44 20.78 47.50
C THR A 103 -19.46 21.47 46.55
N GLN A 104 -19.37 20.96 45.32
CA GLN A 104 -18.39 21.40 44.31
C GLN A 104 -18.96 22.56 43.50
N VAL A 105 -18.11 23.53 43.13
CA VAL A 105 -18.58 24.75 42.46
C VAL A 105 -17.64 25.14 41.28
N ILE A 106 -18.28 25.45 40.15
CA ILE A 106 -17.68 25.69 38.82
C ILE A 106 -18.44 26.85 38.16
N PRO A 107 -17.72 27.82 37.54
CA PRO A 107 -18.45 28.81 36.75
C PRO A 107 -18.95 28.18 35.46
N LEU A 108 -20.01 28.75 34.90
CA LEU A 108 -20.83 28.06 33.92
C LEU A 108 -20.67 28.69 32.53
N LYS A 109 -20.13 27.92 31.57
CA LYS A 109 -19.77 28.47 30.25
C LYS A 109 -20.97 28.76 29.33
N THR A 110 -21.06 30.01 28.87
CA THR A 110 -22.16 30.45 28.01
C THR A 110 -21.86 30.03 26.57
N LEU A 111 -22.66 29.10 26.05
CA LEU A 111 -22.63 28.71 24.64
C LEU A 111 -23.57 29.65 23.91
N ASN A 112 -22.99 30.53 23.10
CA ASN A 112 -23.67 31.77 22.67
C ASN A 112 -24.53 31.61 21.39
N ALA A 113 -25.31 32.66 21.13
CA ALA A 113 -26.13 32.89 19.91
C ALA A 113 -26.11 31.81 18.80
N VAL A 114 -27.27 31.20 18.57
CA VAL A 114 -27.55 30.49 17.30
C VAL A 114 -29.00 30.72 16.91
N ALA A 115 -29.22 31.23 15.70
CA ALA A 115 -30.56 31.42 15.15
C ALA A 115 -31.21 30.07 14.93
N SER A 116 -32.42 29.91 15.45
CA SER A 116 -33.18 28.69 15.23
C SER A 116 -33.85 28.77 13.89
N VAL A 117 -34.05 27.61 13.30
CA VAL A 117 -34.81 27.49 12.08
C VAL A 117 -36.29 27.25 12.48
N PRO A 118 -37.26 27.68 11.64
CA PRO A 118 -38.68 27.32 11.91
C PRO A 118 -38.94 25.80 11.94
N ILE A 119 -40.03 25.33 12.57
CA ILE A 119 -40.26 23.86 12.65
C ILE A 119 -40.76 23.35 11.29
N MET A 120 -40.37 22.11 10.96
CA MET A 120 -40.82 21.41 9.74
C MET A 120 -40.71 19.89 9.92
N TYR A 121 -41.60 19.16 9.28
CA TYR A 121 -41.54 17.71 9.25
C TYR A 121 -41.14 17.30 7.84
N SER A 122 -40.42 16.19 7.72
CA SER A 122 -39.83 15.75 6.44
C SER A 122 -40.90 15.21 5.46
N TRP A 123 -40.70 15.54 4.18
CA TRP A 123 -41.67 15.31 3.12
C TRP A 123 -40.98 15.08 1.78
N SER A 124 -41.51 14.16 0.99
CA SER A 124 -40.92 13.80 -0.30
C SER A 124 -41.46 14.77 -1.37
N PRO A 125 -40.61 15.19 -2.36
CA PRO A 125 -41.08 16.11 -3.40
C PRO A 125 -41.79 15.42 -4.57
N LEU A 126 -42.82 16.08 -5.11
CA LEU A 126 -43.66 15.57 -6.21
C LEU A 126 -43.79 16.59 -7.37
N GLN A 127 -43.98 16.08 -8.58
CA GLN A 127 -44.25 16.92 -9.78
C GLN A 127 -45.73 16.88 -10.21
N GLN A 128 -46.29 15.67 -10.22
CA GLN A 128 -47.74 15.44 -10.29
C GLN A 128 -48.12 14.69 -9.05
N ASN A 129 -49.42 14.64 -8.80
CA ASN A 129 -49.96 14.07 -7.56
C ASN A 129 -49.68 12.55 -7.43
N PHE A 130 -50.21 11.93 -6.36
CA PHE A 130 -49.91 10.55 -6.03
C PHE A 130 -51.13 9.93 -5.32
N MET A 131 -51.78 8.98 -6.00
CA MET A 131 -52.89 8.22 -5.42
C MET A 131 -52.32 7.43 -4.24
N VAL A 132 -53.01 7.44 -3.09
CA VAL A 132 -52.60 6.68 -1.89
C VAL A 132 -53.76 5.91 -1.26
N GLU A 133 -53.55 4.62 -1.01
CA GLU A 133 -54.64 3.83 -0.51
C GLU A 133 -55.02 4.25 0.90
N ASP A 134 -56.31 4.15 1.24
CA ASP A 134 -56.78 4.31 2.62
C ASP A 134 -56.03 3.37 3.58
N GLU A 135 -55.82 3.82 4.82
CA GLU A 135 -55.36 2.92 5.87
C GLU A 135 -56.43 2.83 6.95
N THR A 136 -56.94 1.61 7.10
CA THR A 136 -58.07 1.32 7.98
C THR A 136 -57.71 1.24 9.49
N VAL A 137 -56.40 1.21 9.81
CA VAL A 137 -55.92 1.35 11.19
C VAL A 137 -54.76 2.36 11.21
N LEU A 138 -54.81 3.30 12.15
CA LEU A 138 -53.72 4.28 12.32
C LEU A 138 -52.64 3.53 13.04
N HIS A 139 -51.48 3.45 12.40
CA HIS A 139 -50.39 2.70 13.00
C HIS A 139 -49.73 3.39 14.19
N ASN A 140 -50.16 4.62 14.51
CA ASN A 140 -49.43 5.49 15.41
C ASN A 140 -50.37 6.42 16.20
N ILE A 141 -50.14 6.61 17.51
CA ILE A 141 -50.97 7.53 18.35
C ILE A 141 -50.13 8.77 18.63
N PRO A 142 -50.58 9.98 18.25
CA PRO A 142 -49.62 11.09 18.26
C PRO A 142 -49.30 11.60 19.67
N TYR A 143 -48.02 11.59 20.03
CA TYR A 143 -47.59 12.15 21.31
C TYR A 143 -47.63 13.69 21.23
N MET A 144 -48.60 14.24 21.94
CA MET A 144 -48.66 15.67 22.27
C MET A 144 -48.83 15.85 23.80
N GLY A 145 -49.18 14.75 24.49
CA GLY A 145 -50.11 14.78 25.61
C GLY A 145 -49.58 14.97 27.01
N ASP A 146 -48.26 15.03 27.17
CA ASP A 146 -47.66 15.10 28.50
C ASP A 146 -47.79 16.51 29.06
N GLU A 147 -47.37 17.50 28.26
CA GLU A 147 -47.57 18.91 28.62
C GLU A 147 -49.07 19.26 28.65
N VAL A 148 -49.83 18.65 27.74
CA VAL A 148 -51.30 18.71 27.71
C VAL A 148 -51.94 18.05 28.97
N LEU A 149 -51.28 17.03 29.52
CA LEU A 149 -51.78 16.29 30.72
C LEU A 149 -53.16 15.66 30.48
N ASP A 150 -53.30 14.98 29.33
CA ASP A 150 -54.50 14.22 28.98
C ASP A 150 -55.81 15.04 28.92
N GLN A 151 -55.73 16.33 28.61
CA GLN A 151 -56.94 17.19 28.55
C GLN A 151 -57.16 17.89 27.17
N ASP A 152 -58.30 17.68 26.51
CA ASP A 152 -59.40 16.77 26.91
C ASP A 152 -59.14 15.36 26.37
N GLY A 153 -58.97 14.40 27.29
CA GLY A 153 -58.67 12.99 26.96
C GLY A 153 -59.67 12.34 26.03
N THR A 154 -60.86 12.93 25.99
CA THR A 154 -61.83 12.68 24.95
C THR A 154 -61.26 12.69 23.52
N PHE A 155 -60.32 13.59 23.22
CA PHE A 155 -59.73 13.66 21.86
C PHE A 155 -59.07 12.33 21.48
N ILE A 156 -58.42 11.71 22.45
CA ILE A 156 -57.70 10.46 22.24
C ILE A 156 -58.65 9.30 21.98
N GLU A 157 -59.84 9.33 22.58
CA GLU A 157 -60.88 8.36 22.25
C GLU A 157 -61.47 8.61 20.86
N GLU A 158 -61.89 9.85 20.59
CA GLU A 158 -62.58 10.17 19.34
C GLU A 158 -61.68 10.04 18.11
N LEU A 159 -60.39 10.28 18.30
CA LEU A 159 -59.39 9.99 17.26
C LEU A 159 -59.40 8.51 16.87
N ILE A 160 -59.46 7.63 17.87
CA ILE A 160 -59.49 6.16 17.68
C ILE A 160 -60.82 5.63 17.07
N LYS A 161 -61.93 6.31 17.35
CA LYS A 161 -63.28 5.96 16.82
C LYS A 161 -63.37 6.02 15.29
N ASN A 162 -62.72 7.02 14.70
CA ASN A 162 -62.65 7.14 13.23
C ASN A 162 -62.02 5.93 12.57
N TYR A 163 -61.20 5.19 13.31
CA TYR A 163 -60.57 3.99 12.79
C TYR A 163 -61.25 2.70 13.29
N ASP A 164 -62.54 2.79 13.66
CA ASP A 164 -63.30 1.69 14.27
C ASP A 164 -62.72 1.21 15.62
N GLY A 165 -61.86 2.01 16.27
CA GLY A 165 -61.13 1.55 17.45
C GLY A 165 -59.95 0.62 17.17
N LYS A 166 -59.30 0.81 16.02
CA LYS A 166 -58.26 -0.08 15.54
C LYS A 166 -56.95 0.67 15.47
N VAL A 167 -56.01 0.27 16.30
CA VAL A 167 -54.69 0.86 16.29
C VAL A 167 -53.70 -0.27 16.34
N HIS A 168 -52.65 -0.14 15.54
CA HIS A 168 -51.55 -1.09 15.58
C HIS A 168 -50.67 -0.68 16.75
N GLY A 169 -50.52 -1.47 17.81
CA GLY A 169 -50.99 -2.86 17.91
C GLY A 169 -51.86 -3.05 19.10
N ASP A 170 -53.18 -2.96 18.88
CA ASP A 170 -54.19 -3.15 19.93
C ASP A 170 -54.81 -4.54 19.79
N ARG A 171 -54.54 -5.44 20.74
CA ARG A 171 -55.07 -6.81 20.73
C ARG A 171 -55.34 -7.32 22.17
N GLU A 172 -55.47 -8.64 22.33
CA GLU A 172 -55.12 -9.33 23.58
C GLU A 172 -53.83 -10.12 23.37
N CYS A 173 -53.72 -10.71 22.19
CA CYS A 173 -52.62 -11.58 21.80
C CYS A 173 -51.28 -10.85 21.69
N GLY A 174 -50.24 -11.44 22.28
CA GLY A 174 -48.99 -10.74 22.55
C GLY A 174 -47.99 -10.58 21.42
N PHE A 175 -48.22 -11.23 20.28
CA PHE A 175 -47.28 -11.21 19.16
C PHE A 175 -47.82 -11.95 17.95
N ILE A 176 -47.33 -11.61 16.75
CA ILE A 176 -47.55 -12.42 15.55
C ILE A 176 -46.55 -12.10 14.43
N ASN A 177 -46.15 -13.16 13.73
CA ASN A 177 -45.22 -13.10 12.61
C ASN A 177 -45.78 -14.00 11.48
N ASP A 178 -45.26 -13.85 10.26
CA ASP A 178 -45.74 -14.59 9.08
C ASP A 178 -45.53 -16.10 9.13
N GLU A 179 -44.32 -16.54 9.45
CA GLU A 179 -44.04 -17.98 9.59
C GLU A 179 -44.94 -18.59 10.69
N ILE A 180 -45.14 -17.84 11.76
CA ILE A 180 -46.08 -18.19 12.85
C ILE A 180 -47.56 -18.09 12.41
N PHE A 181 -47.87 -17.15 11.52
CA PHE A 181 -49.24 -16.95 10.99
C PHE A 181 -49.74 -18.11 10.12
N VAL A 182 -48.92 -18.56 9.17
CA VAL A 182 -49.33 -19.61 8.23
C VAL A 182 -49.56 -20.94 8.97
N GLU A 183 -48.74 -21.20 9.99
CA GLU A 183 -48.95 -22.35 10.87
C GLU A 183 -50.24 -22.23 11.68
N LEU A 184 -50.65 -21.02 12.06
CA LEU A 184 -51.94 -20.81 12.74
C LEU A 184 -53.16 -21.06 11.84
N VAL A 185 -53.03 -20.77 10.54
CA VAL A 185 -54.10 -21.09 9.59
C VAL A 185 -54.10 -22.61 9.28
N ASN A 186 -52.92 -23.23 9.17
CA ASN A 186 -52.78 -24.67 8.90
C ASN A 186 -53.11 -25.56 10.11
N ALA A 187 -52.71 -25.15 11.31
CA ALA A 187 -53.09 -25.85 12.54
C ALA A 187 -54.57 -25.63 12.88
N LEU A 188 -55.15 -24.53 12.38
CA LEU A 188 -56.59 -24.25 12.52
C LEU A 188 -57.46 -24.96 11.45
N GLY A 189 -56.86 -25.35 10.32
CA GLY A 189 -57.52 -26.19 9.30
C GLY A 189 -57.49 -27.70 9.62
N GLN A 190 -56.35 -28.15 10.14
CA GLN A 190 -56.22 -29.47 10.78
C GLN A 190 -57.26 -29.60 11.90
N TYR A 191 -57.26 -28.63 12.82
CA TYR A 191 -58.19 -28.61 13.96
C TYR A 191 -59.65 -28.68 13.49
N ASN A 192 -60.07 -27.68 12.72
CA ASN A 192 -61.41 -27.63 12.15
C ASN A 192 -62.48 -27.53 13.26
N GLU A 193 -65.08 -32.65 10.64
CA GLU A 193 -64.63 -33.21 9.38
C GLU A 193 -63.91 -32.16 8.50
N SER A 194 -63.44 -32.58 7.32
CA SER A 194 -62.76 -31.68 6.34
C SER A 194 -63.21 -32.06 4.90
N ARG A 195 -63.00 -31.22 3.88
CA ARG A 195 -62.18 -29.99 3.89
C ARG A 195 -62.96 -28.77 3.37
N PRO A 196 -62.46 -27.54 3.67
CA PRO A 196 -62.98 -26.32 3.01
C PRO A 196 -62.65 -26.10 1.51
N PRO A 197 -61.40 -26.37 1.02
CA PRO A 197 -60.13 -26.71 1.69
C PRO A 197 -59.27 -25.55 2.26
N ARG A 198 -59.71 -24.29 2.12
CA ARG A 198 -59.08 -23.16 2.83
C ARG A 198 -59.99 -21.96 3.02
N SER A 202 -60.55 -22.39 6.03
CA SER A 202 -61.98 -22.13 5.99
C SER A 202 -62.27 -20.66 5.66
N ASP A 203 -63.54 -20.38 5.37
CA ASP A 203 -64.02 -19.01 5.21
C ASP A 203 -64.40 -18.43 6.57
N LYS A 204 -64.85 -19.28 7.48
CA LYS A 204 -65.22 -18.86 8.84
C LYS A 204 -64.03 -18.38 9.68
N ILE A 205 -62.90 -19.07 9.60
CA ILE A 205 -61.78 -18.85 10.55
C ILE A 205 -61.06 -17.52 10.39
N PHE A 206 -61.04 -16.97 9.18
CA PHE A 206 -60.40 -15.66 8.96
C PHE A 206 -61.08 -14.52 9.71
N GLU A 207 -62.36 -14.69 10.06
CA GLU A 207 -63.07 -13.77 10.95
C GLU A 207 -62.46 -13.82 12.36
N ALA A 208 -62.30 -15.03 12.89
CA ALA A 208 -61.84 -15.23 14.27
C ALA A 208 -60.42 -14.72 14.51
N ILE A 209 -59.51 -14.99 13.56
CA ILE A 209 -58.11 -14.53 13.68
C ILE A 209 -57.91 -13.03 13.37
N SER A 210 -58.93 -12.36 12.86
CA SER A 210 -58.88 -10.90 12.70
C SER A 210 -59.37 -10.22 13.97
N SER A 211 -60.51 -10.67 14.48
CA SER A 211 -61.07 -10.14 15.74
C SER A 211 -60.09 -10.27 16.92
N MET A 212 -59.21 -11.28 16.88
CA MET A 212 -58.10 -11.37 17.83
C MET A 212 -56.96 -10.39 17.49
N PHE A 213 -56.87 -9.96 16.22
CA PHE A 213 -55.81 -9.09 15.71
C PHE A 213 -56.28 -7.88 14.89
N PRO A 214 -57.12 -6.98 15.49
CA PRO A 214 -57.70 -5.81 14.81
C PRO A 214 -56.79 -5.08 13.79
N ASP A 215 -55.53 -4.89 14.18
CA ASP A 215 -54.53 -4.23 13.33
C ASP A 215 -54.07 -5.04 12.11
N LYS A 216 -54.35 -6.34 12.08
CA LYS A 216 -54.13 -7.19 10.89
C LYS A 216 -55.39 -7.40 10.04
N GLY A 217 -56.58 -7.32 10.64
CA GLY A 217 -57.88 -7.44 9.93
C GLY A 217 -58.16 -6.24 9.04
N THR A 218 -59.20 -6.24 8.21
CA THR A 218 -60.35 -7.17 8.23
C THR A 218 -60.03 -8.59 7.81
N ALA A 219 -61.00 -9.48 7.99
CA ALA A 219 -60.91 -10.89 7.59
C ALA A 219 -60.54 -11.07 6.12
N GLU A 220 -61.15 -10.24 5.27
CA GLU A 220 -60.83 -10.16 3.84
C GLU A 220 -59.32 -9.98 3.60
N GLU A 221 -58.70 -9.07 4.34
CA GLU A 221 -57.29 -8.70 4.14
C GLU A 221 -56.35 -9.81 4.58
N LEU A 222 -56.75 -10.57 5.57
CA LEU A 222 -55.96 -11.71 6.07
C LEU A 222 -56.00 -12.90 5.10
N LYS A 223 -57.16 -13.10 4.47
CA LYS A 223 -57.32 -14.14 3.45
C LYS A 223 -56.44 -13.86 2.22
N GLU A 224 -56.35 -12.59 1.82
CA GLU A 224 -55.47 -12.19 0.70
C GLU A 224 -53.98 -12.22 1.11
N LYS A 225 -53.69 -11.92 2.39
CA LYS A 225 -52.32 -12.03 2.93
C LYS A 225 -51.87 -13.49 2.96
N TYR A 226 -52.77 -14.38 3.36
CA TYR A 226 -52.53 -15.84 3.29
C TYR A 226 -52.30 -16.33 1.84
N LYS A 227 -53.02 -15.75 0.87
CA LYS A 227 -52.85 -16.09 -0.57
C LYS A 227 -51.50 -15.68 -1.17
N GLU A 228 -51.00 -14.50 -0.79
CA GLU A 228 -49.66 -14.06 -1.19
C GLU A 228 -48.55 -14.90 -0.56
N LEU A 229 -48.82 -15.36 0.65
CA LEU A 229 -47.82 -16.07 1.45
C LEU A 229 -47.62 -17.53 0.96
N THR A 230 -48.71 -18.22 0.61
CA THR A 230 -48.63 -19.60 0.08
C THR A 230 -48.42 -19.65 -1.47
N GLN A 231 -47.15 -19.83 -1.87
CA GLN A 231 -46.74 -19.81 -3.28
C GLN A 231 -47.01 -21.15 -3.97
N PRO A 239 -46.18 -20.56 -12.28
CA PRO A 239 -47.20 -19.95 -11.43
C PRO A 239 -48.40 -19.36 -12.21
N PRO A 240 -49.33 -20.21 -12.73
CA PRO A 240 -50.48 -19.74 -13.56
C PRO A 240 -51.30 -18.60 -12.90
N GLU A 241 -51.73 -17.54 -13.61
CA GLU A 241 -51.76 -17.40 -15.08
C GLU A 241 -50.64 -16.51 -15.67
N CYS A 242 -49.39 -16.82 -15.31
CA CYS A 242 -48.22 -16.34 -16.04
C CYS A 242 -48.23 -17.01 -17.41
N THR A 243 -48.06 -16.22 -18.45
CA THR A 243 -47.51 -16.71 -19.71
C THR A 243 -45.99 -16.47 -19.55
N PRO A 244 -45.16 -17.52 -19.70
CA PRO A 244 -43.71 -17.29 -19.58
C PRO A 244 -43.11 -16.47 -20.71
N ASN A 245 -41.79 -16.27 -20.60
CA ASN A 245 -41.05 -15.35 -21.47
C ASN A 245 -41.15 -15.71 -22.94
N ILE A 246 -41.54 -14.76 -23.79
CA ILE A 246 -41.44 -14.95 -25.23
C ILE A 246 -39.97 -14.86 -25.64
N ASP A 247 -39.22 -13.91 -25.09
CA ASP A 247 -37.75 -13.93 -25.22
C ASP A 247 -37.11 -14.88 -24.23
N GLY A 248 -37.24 -16.18 -24.47
CA GLY A 248 -36.74 -17.15 -23.50
C GLY A 248 -36.90 -18.61 -23.88
N PRO A 249 -36.27 -19.50 -23.08
CA PRO A 249 -36.15 -20.94 -23.36
C PRO A 249 -37.39 -21.79 -23.07
N ASN A 250 -38.32 -21.27 -22.27
CA ASN A 250 -39.58 -21.95 -21.98
C ASN A 250 -40.79 -21.18 -22.55
N ALA A 251 -40.57 -20.46 -23.67
CA ALA A 251 -41.63 -19.73 -24.37
C ALA A 251 -42.64 -20.71 -24.91
N LYS A 252 -43.88 -20.61 -24.47
CA LYS A 252 -44.91 -21.50 -24.99
C LYS A 252 -45.61 -20.86 -26.18
N SER A 253 -46.20 -21.73 -27.01
CA SER A 253 -47.20 -21.35 -28.00
C SER A 253 -48.51 -21.04 -27.27
N VAL A 254 -48.85 -19.75 -27.26
CA VAL A 254 -49.94 -19.20 -26.44
C VAL A 254 -50.81 -18.27 -27.31
N GLN A 255 -52.12 -18.28 -27.06
CA GLN A 255 -53.09 -17.43 -27.78
C GLN A 255 -52.72 -15.94 -27.68
N ARG A 256 -53.38 -15.11 -28.50
CA ARG A 256 -53.04 -13.70 -28.56
C ARG A 256 -53.22 -13.00 -27.23
N GLU A 257 -54.42 -13.15 -26.67
CA GLU A 257 -54.84 -12.45 -25.45
C GLU A 257 -54.05 -12.84 -24.17
N GLN A 258 -53.45 -14.03 -24.15
CA GLN A 258 -52.60 -14.49 -23.05
C GLN A 258 -51.17 -13.98 -23.21
N SER A 259 -50.68 -13.97 -24.45
CA SER A 259 -49.38 -13.39 -24.77
C SER A 259 -49.35 -11.92 -24.38
N LEU A 260 -50.45 -11.22 -24.64
CA LEU A 260 -50.63 -9.80 -24.27
C LEU A 260 -51.39 -9.52 -22.94
N HIS A 261 -51.80 -10.55 -22.21
CA HIS A 261 -52.59 -10.38 -20.95
C HIS A 261 -51.91 -9.44 -19.98
N SER A 262 -50.60 -9.55 -19.88
CA SER A 262 -49.84 -8.73 -18.96
C SER A 262 -49.87 -7.25 -19.35
N PHE A 263 -49.77 -6.94 -20.64
CA PHE A 263 -49.63 -5.54 -21.07
C PHE A 263 -50.95 -4.77 -21.05
N HIS A 264 -51.99 -5.37 -21.62
CA HIS A 264 -53.32 -4.77 -21.63
C HIS A 264 -53.80 -4.51 -20.20
N THR A 265 -53.67 -5.51 -19.33
CA THR A 265 -54.22 -5.45 -17.96
C THR A 265 -53.54 -4.38 -17.09
N LEU A 266 -52.29 -4.03 -17.42
CA LEU A 266 -51.43 -3.24 -16.56
C LEU A 266 -51.04 -1.86 -17.15
N PHE A 267 -51.19 -1.64 -18.46
CA PHE A 267 -50.89 -0.35 -19.10
C PHE A 267 -51.98 0.66 -18.78
N CYS A 268 -51.58 1.90 -18.49
CA CYS A 268 -52.50 3.02 -18.32
C CYS A 268 -52.61 3.77 -19.65
N ARG A 269 -53.84 3.87 -20.15
CA ARG A 269 -54.12 4.62 -21.37
C ARG A 269 -53.86 6.13 -21.20
N ARG A 270 -54.21 6.68 -20.04
CA ARG A 270 -54.28 8.13 -19.84
C ARG A 270 -52.92 8.80 -19.73
N CYS A 271 -52.09 8.31 -18.81
CA CYS A 271 -50.74 8.86 -18.55
C CYS A 271 -49.58 8.12 -19.25
N PHE A 272 -49.83 6.91 -19.77
CA PHE A 272 -48.88 6.10 -20.60
C PHE A 272 -47.83 5.33 -19.79
N LYS A 273 -48.17 4.90 -18.58
CA LYS A 273 -47.28 4.09 -17.75
C LYS A 273 -47.95 2.76 -17.43
N TYR A 274 -47.17 1.75 -17.06
CA TYR A 274 -47.71 0.52 -16.46
C TYR A 274 -47.72 0.68 -14.94
N ASP A 275 -48.85 0.35 -14.32
CA ASP A 275 -49.07 0.55 -12.88
C ASP A 275 -48.68 1.95 -12.46
N CYS A 276 -49.52 2.90 -12.91
CA CYS A 276 -49.33 4.33 -12.67
C CYS A 276 -49.67 4.67 -11.23
N PHE A 277 -49.22 5.83 -10.79
CA PHE A 277 -49.45 6.31 -9.43
C PHE A 277 -50.65 7.25 -9.27
N LEU A 278 -51.35 7.48 -10.38
CA LEU A 278 -52.42 8.46 -10.46
C LEU A 278 -53.79 7.77 -10.63
N HIS A 279 -53.90 6.79 -11.53
CA HIS A 279 -55.19 6.21 -11.92
C HIS A 279 -55.36 4.74 -11.51
N PRO A 280 -56.24 4.45 -10.52
CA PRO A 280 -56.37 3.09 -9.99
C PRO A 280 -57.24 2.10 -10.77
N PHE A 281 -58.19 2.58 -11.58
CA PHE A 281 -59.02 1.69 -12.39
C PHE A 281 -58.22 1.19 -13.59
N HIS A 282 -58.46 -0.06 -13.99
CA HIS A 282 -57.67 -0.75 -15.02
C HIS A 282 -58.13 -0.38 -16.43
N ALA A 283 -57.74 -1.17 -17.44
CA ALA A 283 -58.33 -1.07 -18.77
C ALA A 283 -59.80 -1.49 -18.79
N THR A 284 -60.52 -1.10 -19.84
CA THR A 284 -61.99 -0.93 -19.76
C THR A 284 -63.00 -1.90 -20.47
N PRO A 285 -62.57 -2.95 -21.21
CA PRO A 285 -61.36 -3.35 -21.88
C PRO A 285 -61.41 -3.05 -23.39
N ASN A 286 -62.45 -2.35 -23.85
CA ASN A 286 -62.57 -1.98 -25.26
C ASN A 286 -61.67 -0.80 -25.64
N THR A 287 -60.94 -0.26 -24.67
CA THR A 287 -59.83 0.65 -24.95
C THR A 287 -58.71 -0.05 -25.74
N TYR A 288 -58.40 -1.31 -25.38
CA TYR A 288 -57.36 -2.08 -26.09
C TYR A 288 -57.92 -3.04 -27.16
N LYS A 289 -59.14 -2.77 -27.65
CA LYS A 289 -59.62 -3.25 -28.95
C LYS A 289 -59.51 -2.06 -29.91
N ARG A 290 -59.08 -2.31 -31.14
CA ARG A 290 -58.88 -1.24 -32.12
C ARG A 290 -59.93 -1.35 -33.21
N LYS A 291 -60.22 -0.24 -33.90
CA LYS A 291 -61.02 -0.28 -35.14
C LYS A 291 -60.28 -1.12 -36.20
N ASN A 292 -60.95 -2.16 -36.72
CA ASN A 292 -60.31 -3.23 -37.54
C ASN A 292 -59.73 -2.71 -38.85
N THR A 293 -60.53 -1.94 -39.55
CA THR A 293 -60.06 -1.03 -40.60
C THR A 293 -59.13 0.00 -39.90
N GLU A 294 -57.94 0.30 -40.44
CA GLU A 294 -57.66 0.38 -41.87
C GLU A 294 -56.38 -0.38 -42.30
N THR A 295 -56.20 -0.63 -43.60
CA THR A 295 -57.18 -0.36 -44.65
C THR A 295 -57.71 -1.65 -45.31
N ALA A 296 -56.94 -2.75 -45.22
CA ALA A 296 -57.13 -3.92 -46.07
C ALA A 296 -56.96 -3.56 -47.57
N LEU A 297 -55.71 -3.23 -47.97
CA LEU A 297 -55.32 -2.86 -49.36
C LEU A 297 -54.42 -3.93 -49.99
N ASP A 298 -54.51 -4.09 -51.32
CA ASP A 298 -53.59 -4.96 -52.07
C ASP A 298 -52.17 -4.39 -52.15
N ASN A 299 -51.19 -5.20 -51.74
CA ASN A 299 -49.77 -4.85 -51.80
C ASN A 299 -48.91 -6.07 -52.17
N LYS A 300 -48.53 -6.17 -53.44
CA LYS A 300 -47.63 -7.24 -53.88
C LYS A 300 -46.51 -6.67 -54.76
N PRO A 301 -45.43 -7.44 -54.99
CA PRO A 301 -45.10 -8.78 -54.44
C PRO A 301 -44.62 -8.66 -52.99
N CYS A 302 -44.15 -9.77 -52.40
CA CYS A 302 -43.61 -9.70 -51.03
C CYS A 302 -42.38 -8.82 -50.88
N GLY A 303 -41.26 -9.09 -51.57
CA GLY A 303 -41.06 -10.19 -52.56
C GLY A 303 -39.72 -10.87 -52.34
N PRO A 304 -39.35 -11.86 -53.18
CA PRO A 304 -40.15 -12.55 -54.19
C PRO A 304 -40.73 -13.87 -53.69
N GLN A 305 -40.03 -14.60 -52.81
CA GLN A 305 -40.56 -15.85 -52.18
C GLN A 305 -41.84 -15.64 -51.32
N CYS A 306 -42.88 -15.17 -52.01
CA CYS A 306 -44.11 -14.61 -51.42
C CYS A 306 -45.08 -15.78 -51.18
N TYR A 307 -46.23 -15.50 -50.59
CA TYR A 307 -47.38 -16.44 -50.65
C TYR A 307 -48.06 -16.26 -52.01
N GLN A 308 -47.64 -17.05 -52.99
CA GLN A 308 -48.06 -16.84 -54.37
C GLN A 308 -48.06 -18.16 -55.13
N HIS A 309 -48.37 -18.14 -56.42
CA HIS A 309 -49.43 -17.29 -57.00
C HIS A 309 -50.48 -18.29 -57.53
N LEU A 310 -50.49 -19.51 -56.95
CA LEU A 310 -51.43 -20.58 -57.30
C LEU A 310 -52.71 -20.30 -56.55
N GLU A 311 -53.85 -20.49 -57.24
CA GLU A 311 -55.17 -20.22 -56.66
C GLU A 311 -55.13 -20.63 -55.20
N GLY A 312 -55.51 -19.69 -54.33
CA GLY A 312 -55.43 -19.91 -52.91
C GLY A 312 -54.45 -18.97 -52.23
N ALA A 313 -53.59 -18.31 -53.00
CA ALA A 313 -52.68 -17.33 -52.45
C ALA A 313 -53.47 -16.21 -51.76
N LYS A 314 -53.92 -15.21 -52.52
CA LYS A 314 -54.67 -14.09 -51.96
C LYS A 314 -56.13 -14.45 -51.79
N GLU A 315 -56.58 -15.42 -52.57
CA GLU A 315 -57.98 -15.80 -52.69
C GLU A 315 -58.43 -16.52 -51.42
N PHE A 316 -57.78 -17.63 -51.09
CA PHE A 316 -58.15 -18.44 -49.91
C PHE A 316 -57.75 -17.78 -48.57
N ALA A 317 -56.74 -16.89 -48.62
CA ALA A 317 -56.38 -16.05 -47.48
C ALA A 317 -57.53 -15.11 -47.13
N ALA A 318 -57.86 -14.22 -48.06
CA ALA A 318 -59.00 -13.32 -47.92
C ALA A 318 -60.32 -14.09 -47.76
N ALA A 319 -60.40 -15.31 -48.31
CA ALA A 319 -61.58 -16.16 -48.12
C ALA A 319 -61.68 -16.65 -46.70
N LEU A 320 -60.61 -17.25 -46.18
CA LEU A 320 -60.66 -17.83 -44.83
C LEU A 320 -61.13 -16.81 -43.79
N THR A 321 -60.68 -15.56 -43.91
CA THR A 321 -61.10 -14.49 -43.00
C THR A 321 -62.48 -13.93 -43.37
N ALA A 322 -62.86 -14.02 -44.64
CA ALA A 322 -64.26 -13.81 -45.08
C ALA A 322 -65.23 -14.97 -44.73
N GLU A 323 -64.67 -16.17 -44.51
CA GLU A 323 -65.40 -17.31 -43.93
C GLU A 323 -65.42 -17.23 -42.40
N ARG A 324 -64.38 -16.63 -41.82
CA ARG A 324 -64.29 -16.42 -40.36
C ARG A 324 -65.10 -15.22 -39.86
N ILE A 325 -65.29 -14.19 -40.71
CA ILE A 325 -66.09 -13.00 -40.34
C ILE A 325 -67.60 -13.28 -40.15
N LYS A 326 -68.18 -14.13 -41.02
CA LYS A 326 -69.64 -14.39 -41.06
C LYS A 326 -70.20 -14.91 -39.72
N THR A 327 -71.37 -14.39 -39.31
CA THR A 327 -72.09 -14.86 -38.10
C THR A 327 -73.61 -14.71 -38.23
N PRO A 371 -59.23 -23.85 -52.79
CA PRO A 371 -57.92 -23.64 -53.38
C PRO A 371 -56.75 -24.23 -52.55
N ASN A 372 -55.52 -23.80 -52.85
CA ASN A 372 -54.29 -24.30 -52.21
C ASN A 372 -53.91 -25.70 -52.77
N ILE A 373 -53.59 -25.72 -54.07
CA ILE A 373 -53.22 -26.96 -54.78
C ILE A 373 -51.82 -27.52 -54.45
N GLU A 374 -50.82 -26.64 -54.35
CA GLU A 374 -49.44 -27.01 -53.99
C GLU A 374 -49.44 -27.60 -52.55
N PRO A 375 -48.69 -28.71 -52.31
CA PRO A 375 -48.64 -29.25 -50.94
C PRO A 375 -47.81 -28.34 -50.01
N PRO A 376 -48.33 -27.99 -48.81
CA PRO A 376 -47.73 -26.93 -47.99
C PRO A 376 -46.33 -27.28 -47.44
N GLU A 377 -45.37 -26.36 -47.67
CA GLU A 377 -43.95 -26.51 -47.25
C GLU A 377 -43.76 -26.96 -45.79
N ASN A 378 -42.63 -27.61 -45.50
CA ASN A 378 -42.41 -28.25 -44.18
C ASN A 378 -41.35 -27.48 -43.36
N VAL A 379 -41.83 -26.69 -42.40
CA VAL A 379 -40.98 -25.97 -41.41
C VAL A 379 -41.63 -26.15 -40.03
N GLU A 380 -40.85 -25.93 -38.97
CA GLU A 380 -41.32 -26.13 -37.59
C GLU A 380 -41.36 -24.81 -36.80
N TRP A 381 -42.45 -24.62 -36.06
CA TRP A 381 -42.72 -23.38 -35.30
C TRP A 381 -42.40 -23.55 -33.80
N SER A 382 -41.45 -22.76 -33.27
CA SER A 382 -41.18 -22.75 -31.82
C SER A 382 -42.36 -22.09 -31.07
N GLY A 383 -42.35 -22.21 -29.75
CA GLY A 383 -43.41 -21.60 -28.93
C GLY A 383 -43.51 -20.08 -29.05
N ALA A 384 -42.38 -19.41 -29.21
CA ALA A 384 -42.32 -17.96 -29.40
C ALA A 384 -42.96 -17.53 -30.71
N GLU A 385 -42.48 -18.13 -31.79
CA GLU A 385 -42.92 -17.82 -33.15
C GLU A 385 -44.43 -17.99 -33.31
N ALA A 386 -44.96 -19.11 -32.81
CA ALA A 386 -46.39 -19.42 -32.92
C ALA A 386 -47.24 -18.36 -32.21
N SER A 387 -46.84 -18.00 -30.98
CA SER A 387 -47.49 -16.90 -30.25
C SER A 387 -47.39 -15.60 -31.03
N MET A 388 -46.17 -15.31 -31.52
CA MET A 388 -45.86 -14.04 -32.22
C MET A 388 -46.61 -13.85 -33.52
N PHE A 389 -46.84 -14.95 -34.24
CA PHE A 389 -47.77 -14.97 -35.35
C PHE A 389 -49.14 -14.57 -34.83
N ARG A 390 -49.67 -15.35 -33.89
CA ARG A 390 -51.04 -15.17 -33.41
C ARG A 390 -51.31 -13.73 -32.98
N VAL A 391 -50.35 -13.16 -32.24
CA VAL A 391 -50.41 -11.77 -31.81
C VAL A 391 -50.37 -10.78 -32.98
N LEU A 392 -49.60 -11.10 -34.01
CA LEU A 392 -49.53 -10.25 -35.20
C LEU A 392 -50.76 -10.33 -36.13
N ILE A 393 -51.30 -11.53 -36.38
CA ILE A 393 -52.52 -11.67 -37.20
C ILE A 393 -53.70 -10.92 -36.62
N GLY A 394 -53.69 -10.72 -35.30
CA GLY A 394 -54.68 -9.88 -34.66
C GLY A 394 -54.62 -8.43 -35.12
N THR A 395 -53.42 -7.87 -35.11
CA THR A 395 -53.24 -6.46 -35.42
C THR A 395 -52.87 -6.18 -36.89
N TYR A 396 -52.40 -7.20 -37.61
CA TYR A 396 -52.04 -7.09 -39.05
C TYR A 396 -53.01 -7.73 -40.08
N TYR A 397 -53.98 -8.51 -39.60
CA TYR A 397 -55.11 -9.01 -40.41
C TYR A 397 -54.75 -9.55 -41.81
N ASP A 398 -54.21 -10.77 -41.87
CA ASP A 398 -53.90 -11.45 -43.15
C ASP A 398 -52.76 -10.84 -44.03
N ASN A 399 -52.14 -9.73 -43.60
CA ASN A 399 -51.03 -9.10 -44.35
C ASN A 399 -49.75 -9.89 -44.08
N PHE A 400 -49.66 -11.09 -44.64
CA PHE A 400 -48.56 -12.00 -44.30
C PHE A 400 -47.18 -11.48 -44.80
N CYS A 401 -47.20 -10.53 -45.74
CA CYS A 401 -46.02 -9.75 -46.12
C CYS A 401 -45.47 -8.98 -44.92
N ALA A 402 -46.36 -8.30 -44.21
CA ALA A 402 -45.96 -7.59 -43.00
C ALA A 402 -45.54 -8.57 -41.91
N ILE A 403 -46.41 -9.51 -41.56
CA ILE A 403 -46.15 -10.48 -40.47
C ILE A 403 -44.81 -11.19 -40.64
N ALA A 404 -44.55 -11.71 -41.83
CA ALA A 404 -43.30 -12.42 -42.08
C ALA A 404 -42.10 -11.51 -41.83
N ARG A 405 -42.16 -10.31 -42.41
CA ARG A 405 -41.17 -9.28 -42.18
C ARG A 405 -40.97 -9.01 -40.68
N LEU A 406 -42.07 -8.93 -39.93
CA LEU A 406 -42.01 -8.71 -38.47
C LEU A 406 -41.48 -9.93 -37.71
N ILE A 407 -42.05 -11.13 -37.95
CA ILE A 407 -41.60 -12.36 -37.25
C ILE A 407 -40.11 -12.61 -37.53
N GLY A 408 -39.62 -12.27 -38.71
CA GLY A 408 -38.17 -12.24 -38.98
C GLY A 408 -37.44 -13.57 -39.18
N THR A 409 -38.00 -14.64 -38.61
CA THR A 409 -37.45 -16.02 -38.67
C THR A 409 -38.22 -16.95 -39.65
N LYS A 410 -39.29 -16.43 -40.28
CA LYS A 410 -40.10 -17.13 -41.30
C LYS A 410 -40.30 -16.22 -42.52
N THR A 411 -40.82 -16.79 -43.60
CA THR A 411 -41.09 -16.04 -44.85
C THR A 411 -42.59 -15.99 -45.17
N CYS A 412 -42.95 -15.02 -46.01
CA CYS A 412 -44.33 -14.70 -46.35
C CYS A 412 -45.15 -15.96 -46.63
N ARG A 413 -44.55 -16.83 -47.44
CA ARG A 413 -45.00 -18.21 -47.71
C ARG A 413 -45.37 -18.99 -46.44
N GLN A 414 -44.40 -19.22 -45.56
CA GLN A 414 -44.59 -20.08 -44.37
C GLN A 414 -45.62 -19.58 -43.35
N VAL A 415 -45.75 -18.26 -43.26
CA VAL A 415 -46.75 -17.63 -42.39
C VAL A 415 -48.13 -18.08 -42.89
N TYR A 416 -48.40 -17.82 -44.16
CA TYR A 416 -49.64 -18.23 -44.82
C TYR A 416 -50.02 -19.71 -44.61
N GLU A 417 -49.05 -20.61 -44.77
CA GLU A 417 -49.30 -22.05 -44.55
C GLU A 417 -49.67 -22.33 -43.11
N PHE A 418 -48.99 -21.68 -42.16
CA PHE A 418 -49.29 -21.86 -40.74
C PHE A 418 -50.67 -21.32 -40.39
N ARG A 419 -51.04 -20.18 -40.97
CA ARG A 419 -52.43 -19.67 -40.86
C ARG A 419 -53.41 -20.75 -41.32
N VAL A 420 -53.17 -21.26 -42.52
CA VAL A 420 -54.01 -22.31 -43.14
C VAL A 420 -54.09 -23.52 -42.22
N LYS A 421 -52.93 -23.99 -41.73
CA LYS A 421 -52.90 -25.09 -40.76
C LYS A 421 -53.68 -24.73 -39.50
N GLU A 422 -53.54 -23.49 -39.02
CA GLU A 422 -54.27 -23.03 -37.80
C GLU A 422 -55.77 -22.84 -38.00
N SER A 423 -56.20 -22.43 -39.19
CA SER A 423 -57.64 -22.37 -39.49
C SER A 423 -58.26 -23.78 -39.49
N SER A 424 -57.45 -24.78 -39.85
CA SER A 424 -57.90 -26.19 -39.88
C SER A 424 -57.76 -26.96 -38.56
N ILE A 425 -56.87 -26.51 -37.67
CA ILE A 425 -56.72 -27.12 -36.33
C ILE A 425 -57.85 -26.62 -35.40
N ILE A 426 -58.27 -27.48 -34.47
CA ILE A 426 -59.36 -27.21 -33.53
C ILE A 426 -58.77 -26.58 -32.26
N ALA A 427 -59.49 -25.63 -31.66
CA ALA A 427 -59.16 -25.14 -30.31
C ALA A 427 -59.81 -26.09 -29.29
N PRO A 428 -59.14 -26.35 -28.14
CA PRO A 428 -59.62 -27.36 -27.17
C PRO A 428 -61.05 -27.10 -26.62
N ALA A 429 -61.36 -25.84 -26.29
CA ALA A 429 -62.70 -25.40 -25.89
C ALA A 429 -63.17 -26.05 -24.59
N HIS A 465 -72.22 20.07 -7.18
CA HIS A 465 -71.28 18.99 -6.79
C HIS A 465 -70.53 18.38 -7.98
N VAL A 466 -69.19 18.35 -7.92
CA VAL A 466 -68.34 17.85 -9.04
C VAL A 466 -67.75 16.48 -8.73
N TYR A 467 -67.77 15.58 -9.72
CA TYR A 467 -67.24 14.21 -9.56
C TYR A 467 -65.93 14.02 -10.33
N ASN A 468 -65.12 13.01 -9.98
CA ASN A 468 -63.86 12.79 -10.70
C ASN A 468 -64.13 11.97 -11.92
N TYR A 469 -63.46 12.29 -13.03
CA TYR A 469 -63.66 11.59 -14.30
C TYR A 469 -63.00 10.19 -14.38
N GLN A 470 -63.78 9.22 -14.85
CA GLN A 470 -63.35 7.84 -15.06
C GLN A 470 -64.06 7.34 -16.31
N PRO A 471 -63.32 7.02 -17.38
CA PRO A 471 -63.95 6.83 -18.68
C PRO A 471 -65.04 5.77 -18.71
N CYS A 472 -66.04 6.01 -19.59
CA CYS A 472 -67.13 5.06 -19.89
C CYS A 472 -66.89 4.31 -21.19
N ASP A 473 -67.60 3.18 -21.33
CA ASP A 473 -67.37 2.20 -22.39
C ASP A 473 -68.53 1.20 -22.56
N HIS A 474 -69.64 1.66 -23.11
CA HIS A 474 -70.77 0.80 -23.41
C HIS A 474 -70.82 0.73 -24.95
N PRO A 475 -70.39 -0.41 -25.52
CA PRO A 475 -69.84 -0.48 -26.87
C PRO A 475 -70.80 -0.12 -28.01
N ARG A 476 -72.05 -0.56 -27.93
CA ARG A 476 -72.99 -0.35 -29.01
C ARG A 476 -74.02 0.72 -28.70
N GLN A 477 -74.16 1.10 -27.43
CA GLN A 477 -75.31 1.89 -26.99
C GLN A 477 -74.82 3.24 -26.46
N PRO A 478 -75.63 4.31 -26.63
CA PRO A 478 -75.12 5.67 -26.58
C PRO A 478 -74.98 6.25 -25.20
N CYS A 479 -74.20 7.32 -25.11
CA CYS A 479 -74.00 8.03 -23.86
C CYS A 479 -75.29 8.78 -23.45
N ASP A 480 -76.20 8.01 -22.85
CA ASP A 480 -77.55 8.44 -22.51
C ASP A 480 -77.67 8.54 -21.01
N SER A 481 -78.86 8.89 -20.50
CA SER A 481 -79.04 9.17 -19.05
C SER A 481 -78.66 8.02 -18.09
N SER A 482 -78.33 6.85 -18.63
CA SER A 482 -77.69 5.75 -17.88
C SER A 482 -76.14 5.70 -17.96
N CYS A 483 -75.50 6.58 -18.74
CA CYS A 483 -74.03 6.60 -18.84
C CYS A 483 -73.40 7.20 -17.57
N PRO A 484 -72.46 6.48 -16.96
CA PRO A 484 -71.71 6.98 -15.81
C PRO A 484 -71.34 8.43 -15.92
N CYS A 485 -70.81 8.83 -17.06
CA CYS A 485 -70.39 10.21 -17.27
C CYS A 485 -71.55 11.19 -17.14
N VAL A 486 -72.66 10.94 -17.84
CA VAL A 486 -73.81 11.86 -17.77
C VAL A 486 -74.56 11.77 -16.44
N ILE A 487 -74.37 10.66 -15.71
CA ILE A 487 -74.85 10.53 -14.32
C ILE A 487 -73.95 11.36 -13.41
N ALA A 488 -72.66 11.30 -13.69
CA ALA A 488 -71.68 12.10 -13.00
C ALA A 488 -71.69 13.57 -13.41
N GLN A 489 -72.55 13.94 -14.37
CA GLN A 489 -72.56 15.28 -14.89
C GLN A 489 -71.14 15.72 -15.28
N ASN A 490 -70.43 14.82 -15.96
CA ASN A 490 -69.15 15.10 -16.62
C ASN A 490 -69.24 14.77 -18.08
N PHE A 491 -68.46 15.50 -18.88
CA PHE A 491 -68.32 15.15 -20.27
C PHE A 491 -67.69 13.77 -20.40
N CYS A 492 -67.94 13.13 -21.54
CA CYS A 492 -67.09 12.05 -22.01
C CYS A 492 -65.82 12.70 -22.53
N GLU A 493 -64.70 12.05 -22.27
CA GLU A 493 -63.40 12.54 -22.70
C GLU A 493 -62.86 11.62 -23.78
N LYS A 494 -61.80 12.06 -24.46
CA LYS A 494 -61.02 11.21 -25.37
C LYS A 494 -60.86 9.73 -24.93
N PHE A 495 -60.68 9.53 -23.62
CA PHE A 495 -60.45 8.20 -23.07
C PHE A 495 -61.72 7.34 -23.02
N CYS A 496 -62.89 7.94 -23.22
CA CYS A 496 -64.13 7.17 -23.28
C CYS A 496 -64.14 6.29 -24.53
N GLN A 497 -64.81 5.13 -24.43
CA GLN A 497 -64.97 4.18 -25.54
C GLN A 497 -66.35 4.14 -26.19
N CYS A 498 -66.91 5.35 -26.33
CA CYS A 498 -68.16 5.58 -27.01
C CYS A 498 -67.87 6.07 -28.43
N SER A 499 -68.94 6.32 -29.19
CA SER A 499 -68.90 6.92 -30.52
C SER A 499 -67.87 8.04 -30.69
N SER A 500 -67.28 8.12 -31.88
CA SER A 500 -66.44 9.26 -32.24
C SER A 500 -67.24 10.55 -32.06
N GLU A 501 -68.51 10.52 -32.48
CA GLU A 501 -69.40 11.69 -32.42
C GLU A 501 -70.46 11.50 -31.32
N CYS A 502 -70.04 11.14 -30.11
CA CYS A 502 -70.97 11.18 -28.98
C CYS A 502 -71.30 12.63 -28.70
N GLN A 503 -72.53 12.86 -28.30
CA GLN A 503 -73.02 14.22 -28.08
C GLN A 503 -72.49 14.78 -26.74
N ASN A 504 -72.05 13.90 -25.84
CA ASN A 504 -71.53 14.27 -24.51
C ASN A 504 -70.00 14.43 -24.45
N ARG A 505 -69.31 14.41 -25.58
CA ARG A 505 -67.84 14.62 -25.59
C ARG A 505 -67.47 16.07 -25.71
N PHE A 506 -66.54 16.54 -24.87
CA PHE A 506 -66.08 17.91 -24.97
C PHE A 506 -65.34 18.05 -26.29
N PRO A 507 -65.69 19.05 -27.09
CA PRO A 507 -64.90 19.29 -28.27
C PRO A 507 -63.71 20.11 -27.87
N GLY A 508 -62.75 20.27 -28.77
CA GLY A 508 -61.61 21.17 -28.51
C GLY A 508 -61.99 22.63 -28.52
N CYS A 509 -60.97 23.49 -28.43
CA CYS A 509 -61.11 24.90 -28.83
C CYS A 509 -60.48 25.13 -30.20
N ARG A 510 -61.16 25.95 -31.00
CA ARG A 510 -60.63 26.37 -32.26
C ARG A 510 -59.77 27.66 -32.18
N CYS A 511 -59.61 28.22 -30.97
CA CYS A 511 -59.00 29.55 -30.75
C CYS A 511 -57.77 29.85 -31.63
N LYS A 512 -57.59 31.12 -31.98
CA LYS A 512 -56.39 31.51 -32.71
C LYS A 512 -55.19 31.29 -31.81
N ALA A 513 -55.23 31.92 -30.64
CA ALA A 513 -54.07 31.95 -29.76
C ALA A 513 -54.44 31.83 -28.26
N GLN A 514 -53.76 32.61 -27.40
CA GLN A 514 -53.66 32.42 -25.94
C GLN A 514 -54.75 31.70 -25.18
N CYS A 515 -56.00 31.93 -25.55
CA CYS A 515 -57.17 31.34 -24.90
C CYS A 515 -57.14 31.38 -23.36
N ASN A 516 -57.11 32.62 -22.89
CA ASN A 516 -57.13 32.96 -21.47
C ASN A 516 -58.34 33.85 -21.14
N THR A 517 -59.40 33.78 -21.97
CA THR A 517 -60.66 34.52 -21.76
C THR A 517 -61.87 33.65 -22.05
N LYS A 518 -63.05 34.17 -21.72
CA LYS A 518 -64.29 33.38 -21.76
C LYS A 518 -64.67 32.88 -23.16
N GLN A 519 -64.15 33.53 -24.20
CA GLN A 519 -64.45 33.15 -25.58
C GLN A 519 -63.96 31.75 -25.95
N CYS A 520 -62.89 31.29 -25.31
CA CYS A 520 -62.46 29.91 -25.46
C CYS A 520 -63.41 28.99 -24.73
N PRO A 521 -63.92 27.96 -25.39
CA PRO A 521 -64.77 26.96 -24.73
C PRO A 521 -64.07 26.17 -23.63
N CYS A 522 -62.76 25.95 -23.78
CA CYS A 522 -62.00 25.25 -22.73
C CYS A 522 -61.89 26.12 -21.47
N TYR A 523 -61.36 27.33 -21.63
CA TYR A 523 -61.22 28.25 -20.49
C TYR A 523 -62.59 28.36 -19.81
N LEU A 524 -63.64 28.49 -20.60
CA LEU A 524 -64.99 28.71 -20.04
C LEU A 524 -65.58 27.51 -19.30
N ALA A 525 -65.06 26.31 -19.53
CA ALA A 525 -65.50 25.10 -18.80
C ALA A 525 -64.67 24.82 -17.54
N VAL A 526 -63.72 25.71 -17.26
CA VAL A 526 -62.68 25.50 -16.26
C VAL A 526 -61.97 24.23 -16.64
N ARG A 527 -61.39 24.27 -17.85
CA ARG A 527 -60.54 23.21 -18.37
C ARG A 527 -59.34 23.82 -19.04
N GLU A 528 -58.20 23.17 -18.87
CA GLU A 528 -57.07 23.41 -19.72
C GLU A 528 -57.37 22.72 -21.01
N CYS A 529 -56.76 23.21 -22.07
CA CYS A 529 -56.88 22.60 -23.40
C CYS A 529 -56.54 21.11 -23.41
N ASP A 530 -56.84 20.48 -24.54
CA ASP A 530 -56.52 19.08 -24.75
C ASP A 530 -55.53 18.97 -25.91
N PRO A 531 -54.32 18.49 -25.63
CA PRO A 531 -53.23 18.52 -26.62
C PRO A 531 -53.44 17.60 -27.84
N ASP A 532 -54.47 16.76 -27.81
CA ASP A 532 -54.95 16.04 -28.99
C ASP A 532 -56.14 16.72 -29.70
N LEU A 533 -56.94 17.49 -28.96
CA LEU A 533 -58.11 18.16 -29.51
C LEU A 533 -57.83 19.58 -29.88
N CYS A 534 -57.32 20.38 -28.94
CA CYS A 534 -57.09 21.82 -29.21
C CYS A 534 -55.91 22.06 -30.17
N LEU A 535 -56.15 21.71 -31.43
CA LEU A 535 -55.11 21.63 -32.44
C LEU A 535 -54.75 22.99 -33.01
N THR A 536 -55.60 23.99 -32.73
CA THR A 536 -55.51 25.29 -33.37
C THR A 536 -54.80 26.37 -32.55
N CYS A 537 -55.02 26.37 -31.23
CA CYS A 537 -54.39 27.36 -30.35
C CYS A 537 -52.89 27.11 -30.19
N GLY A 538 -52.51 25.83 -30.17
CA GLY A 538 -51.13 25.42 -29.93
C GLY A 538 -50.90 24.83 -28.55
N ALA A 539 -51.94 24.31 -27.91
CA ALA A 539 -51.77 23.36 -26.81
C ALA A 539 -51.16 22.04 -27.29
N ALA A 540 -51.27 21.79 -28.61
CA ALA A 540 -50.66 20.64 -29.28
C ALA A 540 -49.22 20.87 -29.76
N ASP A 541 -48.88 22.13 -30.09
CA ASP A 541 -47.57 22.53 -30.64
C ASP A 541 -46.29 22.22 -29.84
N HIS A 542 -45.16 22.32 -30.54
CA HIS A 542 -43.81 21.91 -30.05
C HIS A 542 -43.61 21.81 -28.52
N TRP A 543 -43.15 20.64 -28.11
CA TRP A 543 -43.23 20.18 -26.72
C TRP A 543 -42.10 20.72 -25.86
N ASP A 544 -40.86 20.31 -26.17
CA ASP A 544 -39.68 20.77 -25.43
C ASP A 544 -39.72 22.29 -25.24
N SER A 545 -40.17 23.02 -26.27
CA SER A 545 -40.50 24.44 -26.12
C SER A 545 -41.76 24.57 -25.23
N LYS A 546 -41.54 24.48 -23.91
CA LYS A 546 -42.61 24.32 -22.90
C LYS A 546 -43.32 25.63 -22.49
N ASN A 547 -42.82 26.78 -22.92
CA ASN A 547 -43.62 27.99 -23.00
C ASN A 547 -44.16 28.07 -24.43
N VAL A 548 -45.38 28.56 -24.61
CA VAL A 548 -46.06 28.50 -25.93
C VAL A 548 -47.23 29.50 -26.06
N SER A 549 -47.71 29.71 -27.30
CA SER A 549 -48.81 30.66 -27.62
C SER A 549 -50.10 30.48 -26.82
N CYS A 550 -50.63 29.25 -26.79
CA CYS A 550 -51.74 28.92 -25.88
C CYS A 550 -51.27 29.05 -24.46
N LYS A 551 -51.98 29.84 -23.68
CA LYS A 551 -51.66 30.03 -22.28
C LYS A 551 -52.82 29.51 -21.48
N ASN A 552 -53.19 28.25 -21.73
CA ASN A 552 -54.14 27.52 -20.88
C ASN A 552 -53.77 26.05 -20.87
N CYS A 553 -52.47 25.79 -20.77
CA CYS A 553 -51.92 24.43 -20.80
C CYS A 553 -50.80 24.28 -19.78
N SER A 554 -50.71 25.18 -18.82
CA SER A 554 -49.50 25.31 -18.02
C SER A 554 -49.41 24.23 -16.95
N ILE A 555 -50.55 23.85 -16.36
CA ILE A 555 -50.63 22.74 -15.40
C ILE A 555 -50.15 21.40 -15.99
N GLN A 556 -50.68 21.05 -17.16
CA GLN A 556 -50.26 19.81 -17.89
C GLN A 556 -48.77 19.82 -18.17
N ARG A 557 -48.25 20.99 -18.53
CA ARG A 557 -46.85 21.15 -18.88
C ARG A 557 -45.91 21.38 -17.68
N GLY A 558 -46.46 21.61 -16.49
CA GLY A 558 -45.68 21.80 -15.27
C GLY A 558 -44.77 23.01 -15.37
N SER A 559 -45.27 24.05 -16.04
CA SER A 559 -44.48 25.23 -16.39
C SER A 559 -44.73 26.30 -15.36
N LYS A 560 -43.92 26.25 -14.30
CA LYS A 560 -44.14 27.02 -13.07
C LYS A 560 -43.06 28.10 -12.91
N LYS A 561 -43.33 29.07 -12.07
CA LYS A 561 -42.37 30.14 -11.81
C LYS A 561 -41.38 29.64 -10.79
N HIS A 562 -40.23 30.32 -10.71
CA HIS A 562 -39.24 29.96 -9.71
C HIS A 562 -39.59 30.54 -8.32
N LEU A 563 -39.73 29.62 -7.36
CA LEU A 563 -40.15 29.90 -6.00
C LEU A 563 -39.00 29.64 -5.05
N LEU A 564 -38.89 30.50 -4.03
CA LEU A 564 -37.75 30.51 -3.12
C LEU A 564 -38.20 30.33 -1.68
N LEU A 565 -37.46 29.50 -0.94
CA LEU A 565 -37.80 29.11 0.42
C LEU A 565 -37.06 29.92 1.46
N ALA A 566 -37.81 30.61 2.33
CA ALA A 566 -37.24 31.28 3.49
C ALA A 566 -38.30 31.35 4.59
N PRO A 567 -37.91 31.74 5.82
CA PRO A 567 -38.91 31.86 6.88
C PRO A 567 -39.92 32.98 6.63
N SER A 568 -41.16 32.71 7.06
CA SER A 568 -42.30 33.59 6.80
C SER A 568 -42.27 34.85 7.62
N ASP A 569 -42.60 35.97 6.97
CA ASP A 569 -42.81 37.24 7.68
C ASP A 569 -44.12 37.26 8.47
N VAL A 570 -44.82 36.12 8.62
CA VAL A 570 -45.86 36.01 9.65
C VAL A 570 -45.55 34.88 10.62
N ALA A 571 -45.37 33.65 10.12
CA ALA A 571 -45.19 32.49 11.00
C ALA A 571 -44.53 31.27 10.36
N GLY A 572 -43.67 30.61 11.11
CA GLY A 572 -42.97 29.44 10.61
C GLY A 572 -42.38 29.72 9.23
N TRP A 573 -42.68 28.84 8.28
CA TRP A 573 -42.15 28.94 6.91
C TRP A 573 -43.15 29.57 5.94
N GLY A 574 -42.59 30.24 4.92
CA GLY A 574 -43.36 30.92 3.85
C GLY A 574 -42.59 30.85 2.55
N ILE A 575 -43.23 31.20 1.42
CA ILE A 575 -42.58 31.00 0.10
C ILE A 575 -42.66 32.20 -0.84
N PHE A 576 -41.54 32.45 -1.53
CA PHE A 576 -41.24 33.72 -2.15
C PHE A 576 -40.94 33.55 -3.62
N ILE A 577 -41.60 34.34 -4.48
CA ILE A 577 -41.41 34.20 -5.91
C ILE A 577 -40.18 34.97 -6.39
N LYS A 578 -39.26 34.29 -7.09
CA LYS A 578 -38.02 34.90 -7.60
C LYS A 578 -38.31 35.94 -8.68
N ASP A 579 -39.00 35.51 -9.72
CA ASP A 579 -39.19 36.30 -10.93
C ASP A 579 -40.55 36.99 -10.87
N PRO A 580 -40.62 38.29 -11.23
CA PRO A 580 -41.88 39.06 -11.08
C PRO A 580 -42.96 38.65 -12.09
N VAL A 581 -44.22 38.71 -11.68
CA VAL A 581 -45.33 38.19 -12.50
C VAL A 581 -46.62 39.03 -12.42
N GLN A 582 -47.43 38.93 -13.46
CA GLN A 582 -48.59 39.84 -13.68
C GLN A 582 -49.86 39.25 -13.08
N LYS A 583 -50.99 39.96 -13.23
CA LYS A 583 -52.26 39.49 -12.70
C LYS A 583 -52.76 38.25 -13.43
N ASN A 584 -53.38 37.36 -12.66
CA ASN A 584 -53.97 36.10 -13.14
C ASN A 584 -53.01 35.08 -13.79
N GLU A 585 -51.70 35.36 -13.74
CA GLU A 585 -50.69 34.52 -14.36
C GLU A 585 -50.39 33.29 -13.51
N PHE A 586 -50.01 32.22 -14.19
CA PHE A 586 -49.76 30.95 -13.56
C PHE A 586 -48.47 30.96 -12.77
N ILE A 587 -48.57 30.65 -11.48
CA ILE A 587 -47.43 30.60 -10.55
C ILE A 587 -46.96 29.15 -10.36
N SER A 588 -47.84 28.28 -9.84
CA SER A 588 -47.65 26.82 -9.90
C SER A 588 -48.89 25.98 -9.57
N GLU A 589 -48.77 24.66 -9.82
CA GLU A 589 -49.75 23.63 -9.39
C GLU A 589 -49.51 23.29 -7.92
N TYR A 590 -50.59 23.19 -7.14
CA TYR A 590 -50.51 22.66 -5.78
C TYR A 590 -50.59 21.13 -5.85
N CYS A 591 -49.47 20.45 -5.56
CA CYS A 591 -49.35 18.99 -5.71
C CYS A 591 -49.35 18.30 -4.36
N GLY A 592 -49.78 17.04 -4.32
CA GLY A 592 -49.77 16.26 -3.10
C GLY A 592 -50.18 14.82 -3.29
N GLU A 593 -50.61 14.20 -2.20
CA GLU A 593 -51.22 12.87 -2.27
C GLU A 593 -52.66 13.03 -2.66
N ILE A 594 -53.26 11.98 -3.19
CA ILE A 594 -54.67 11.98 -3.49
C ILE A 594 -55.28 10.92 -2.59
N ILE A 595 -56.38 11.28 -1.94
CA ILE A 595 -56.96 10.43 -0.90
C ILE A 595 -58.45 10.59 -0.79
N SER A 596 -59.09 9.55 -0.30
CA SER A 596 -60.53 9.47 -0.24
C SER A 596 -61.07 10.34 0.90
N GLN A 597 -62.21 11.01 0.67
CA GLN A 597 -62.84 11.89 1.67
C GLN A 597 -62.81 11.26 3.06
N ASP A 598 -62.90 9.94 3.11
CA ASP A 598 -62.70 9.19 4.35
C ASP A 598 -61.29 9.43 4.90
N GLU A 599 -60.28 8.97 4.19
CA GLU A 599 -58.88 9.15 4.65
C GLU A 599 -58.50 10.62 4.90
N ALA A 600 -59.14 11.56 4.22
CA ALA A 600 -58.98 12.98 4.57
C ALA A 600 -59.58 13.25 5.93
N ASP A 601 -60.77 12.72 6.19
CA ASP A 601 -61.46 12.90 7.49
C ASP A 601 -60.68 12.32 8.68
N ARG A 602 -59.87 11.30 8.44
CA ARG A 602 -59.04 10.72 9.49
C ARG A 602 -57.79 11.56 9.76
N ARG A 603 -57.08 11.91 8.69
CA ARG A 603 -55.91 12.77 8.80
C ARG A 603 -56.33 14.18 9.18
N GLY A 604 -57.50 14.62 8.73
CA GLY A 604 -57.99 15.95 9.03
C GLY A 604 -58.10 16.15 10.53
N LYS A 605 -58.73 15.17 11.19
CA LYS A 605 -58.96 15.21 12.64
C LYS A 605 -57.69 15.31 13.46
N VAL A 606 -56.64 14.65 12.98
CA VAL A 606 -55.35 14.70 13.63
C VAL A 606 -54.71 16.06 13.36
N TYR A 607 -54.79 16.60 12.13
CA TYR A 607 -54.22 17.93 11.82
C TYR A 607 -55.00 19.04 12.52
N ASP A 608 -56.29 18.78 12.79
CA ASP A 608 -57.13 19.71 13.56
C ASP A 608 -56.52 19.98 14.94
N LYS A 609 -55.93 18.96 15.56
CA LYS A 609 -55.28 19.17 16.83
C LYS A 609 -53.97 19.94 16.74
N TYR A 610 -53.22 19.80 15.66
CA TYR A 610 -52.01 20.63 15.46
C TYR A 610 -52.32 22.04 14.94
N MET A 611 -53.60 22.41 14.84
CA MET A 611 -54.00 23.76 14.46
C MET A 611 -53.36 24.23 13.14
N CYS A 612 -53.12 23.30 12.21
CA CYS A 612 -52.82 23.63 10.82
C CYS A 612 -52.98 22.36 10.00
N SER A 613 -53.73 22.46 8.90
CA SER A 613 -53.92 21.35 7.95
C SER A 613 -53.42 21.74 6.57
N PHE A 614 -52.83 20.79 5.88
CA PHE A 614 -52.48 20.96 4.47
C PHE A 614 -53.29 20.07 3.51
N LEU A 615 -54.61 20.07 3.72
CA LEU A 615 -55.59 19.42 2.85
C LEU A 615 -56.29 20.48 2.00
N PHE A 616 -56.43 20.22 0.69
CA PHE A 616 -57.13 21.14 -0.24
C PHE A 616 -58.03 20.39 -1.20
N ASN A 617 -59.30 20.77 -1.11
CA ASN A 617 -60.38 19.89 -1.52
C ASN A 617 -60.50 19.93 -3.03
N LEU A 618 -60.35 18.76 -3.65
CA LEU A 618 -60.22 18.64 -5.12
C LEU A 618 -61.58 18.46 -5.81
N ASN A 619 -62.32 17.43 -5.40
CA ASN A 619 -63.68 17.21 -5.85
C ASN A 619 -64.42 16.38 -4.78
N ASN A 620 -65.64 15.94 -5.07
CA ASN A 620 -66.37 15.08 -4.13
C ASN A 620 -65.62 13.83 -3.71
N ASP A 621 -64.94 13.20 -4.65
CA ASP A 621 -64.33 11.89 -4.41
C ASP A 621 -62.91 11.93 -3.82
N PHE A 622 -62.25 13.08 -3.91
CA PHE A 622 -60.81 13.19 -3.64
C PHE A 622 -60.32 14.51 -3.04
N VAL A 623 -59.31 14.39 -2.18
CA VAL A 623 -58.64 15.54 -1.56
C VAL A 623 -57.16 15.43 -1.82
N VAL A 624 -56.50 16.58 -2.00
CA VAL A 624 -55.03 16.64 -2.16
C VAL A 624 -54.39 16.95 -0.83
N ASP A 625 -53.43 16.11 -0.41
CA ASP A 625 -52.72 16.23 0.89
C ASP A 625 -51.19 16.40 0.78
N ALA A 626 -50.80 17.68 0.67
CA ALA A 626 -49.40 18.10 0.55
C ALA A 626 -48.55 17.89 1.83
N THR A 627 -49.18 17.36 2.89
CA THR A 627 -48.51 17.09 4.16
C THR A 627 -47.34 16.13 3.94
N ARG A 628 -47.60 14.84 3.70
CA ARG A 628 -46.51 13.83 3.60
C ARG A 628 -45.58 14.03 2.39
N LYS A 629 -46.16 14.32 1.24
CA LYS A 629 -45.38 14.64 0.06
C LYS A 629 -46.12 15.67 -0.76
N GLY A 630 -45.39 16.61 -1.33
CA GLY A 630 -45.97 17.66 -2.14
C GLY A 630 -44.89 18.31 -2.99
N ASN A 631 -44.92 19.64 -3.07
CA ASN A 631 -43.97 20.41 -3.86
C ASN A 631 -43.86 21.77 -3.23
N LYS A 632 -42.96 22.60 -3.74
CA LYS A 632 -42.61 23.88 -3.08
C LYS A 632 -43.79 24.84 -2.75
N ILE A 633 -44.68 25.10 -3.70
CA ILE A 633 -45.80 26.03 -3.48
C ILE A 633 -46.69 25.70 -2.24
N ARG A 634 -46.52 24.51 -1.65
CA ARG A 634 -47.19 24.14 -0.37
C ARG A 634 -46.86 25.07 0.82
N PHE A 635 -45.66 25.68 0.78
CA PHE A 635 -45.22 26.69 1.77
C PHE A 635 -45.83 28.10 1.56
N ALA A 636 -46.69 28.27 0.56
CA ALA A 636 -47.52 29.45 0.46
C ALA A 636 -48.49 29.53 1.64
N ASN A 637 -48.39 30.63 2.38
CA ASN A 637 -49.13 30.78 3.63
C ASN A 637 -50.57 31.12 3.39
N HIS A 638 -51.35 31.08 4.47
CA HIS A 638 -52.73 31.54 4.44
C HIS A 638 -52.77 32.99 4.88
N SER A 639 -53.21 33.88 3.99
CA SER A 639 -53.56 35.25 4.37
C SER A 639 -54.90 35.59 3.72
N VAL A 640 -55.80 36.20 4.50
CA VAL A 640 -57.18 36.42 4.06
C VAL A 640 -57.17 37.41 2.89
N ASN A 641 -56.37 38.47 3.00
CA ASN A 641 -56.03 39.32 1.86
C ASN A 641 -54.80 38.74 1.20
N PRO A 642 -55.01 37.85 0.20
CA PRO A 642 -53.87 37.16 -0.35
C PRO A 642 -53.33 37.87 -1.61
N ASN A 643 -52.19 37.40 -2.10
CA ASN A 643 -51.66 37.84 -3.40
C ASN A 643 -51.83 36.73 -4.43
N CYS A 644 -52.64 35.72 -4.12
CA CYS A 644 -52.92 34.60 -5.00
C CYS A 644 -54.33 34.03 -4.80
N TYR A 645 -54.70 33.13 -5.71
CA TYR A 645 -55.87 32.29 -5.55
C TYR A 645 -55.58 30.89 -6.10
N ALA A 646 -56.48 29.97 -5.78
CA ALA A 646 -56.31 28.56 -6.04
C ALA A 646 -57.49 28.01 -6.83
N LYS A 647 -57.37 27.97 -8.16
CA LYS A 647 -58.42 27.36 -9.02
C LYS A 647 -58.17 25.88 -9.27
N VAL A 648 -59.12 25.03 -8.89
CA VAL A 648 -59.10 23.65 -9.33
C VAL A 648 -59.56 23.68 -10.78
N MET A 649 -58.91 22.90 -11.65
CA MET A 649 -59.32 22.76 -13.05
C MET A 649 -59.41 21.27 -13.42
N MET A 650 -59.92 21.00 -14.61
CA MET A 650 -59.98 19.65 -15.16
C MET A 650 -58.92 19.56 -16.25
N VAL A 651 -57.93 18.68 -16.07
CA VAL A 651 -56.85 18.50 -17.05
C VAL A 651 -56.67 17.03 -17.42
N ASN A 652 -57.12 16.70 -18.62
CA ASN A 652 -56.95 15.39 -19.22
C ASN A 652 -57.47 14.26 -18.32
N GLY A 653 -58.66 14.48 -17.75
CA GLY A 653 -59.31 13.50 -16.84
C GLY A 653 -58.96 13.66 -15.37
N ASP A 654 -57.77 14.19 -15.09
CA ASP A 654 -57.32 14.47 -13.74
C ASP A 654 -57.87 15.84 -13.38
N HIS A 655 -58.36 16.00 -12.15
CA HIS A 655 -58.62 17.34 -11.60
C HIS A 655 -57.35 17.82 -10.90
N ARG A 656 -56.82 18.98 -11.29
CA ARG A 656 -55.51 19.45 -10.79
C ARG A 656 -55.59 20.88 -10.29
N ILE A 657 -55.01 21.14 -9.13
CA ILE A 657 -55.11 22.46 -8.49
C ILE A 657 -54.22 23.43 -9.26
N GLY A 658 -54.60 24.70 -9.34
CA GLY A 658 -53.80 25.71 -10.02
C GLY A 658 -53.67 26.97 -9.17
N ILE A 659 -52.44 27.35 -8.84
CA ILE A 659 -52.20 28.55 -8.05
C ILE A 659 -51.74 29.67 -8.96
N PHE A 660 -52.58 30.69 -9.07
CA PHE A 660 -52.31 31.85 -9.91
C PHE A 660 -52.17 33.07 -9.03
N ALA A 661 -51.58 34.14 -9.57
CA ALA A 661 -51.58 35.45 -8.91
C ALA A 661 -52.98 36.06 -8.91
N LYS A 662 -53.28 36.90 -7.94
CA LYS A 662 -54.55 37.65 -7.88
C LYS A 662 -54.31 39.14 -8.13
N ARG A 663 -53.11 39.45 -8.62
CA ARG A 663 -52.55 40.79 -8.58
C ARG A 663 -51.14 40.71 -9.17
N ALA A 664 -50.63 41.81 -9.70
CA ALA A 664 -49.24 41.86 -10.17
C ALA A 664 -48.30 41.84 -8.95
N ILE A 665 -47.19 41.11 -9.05
CA ILE A 665 -46.33 40.81 -7.89
C ILE A 665 -44.88 41.22 -8.15
N GLN A 666 -44.28 41.96 -7.21
CA GLN A 666 -42.87 42.39 -7.28
C GLN A 666 -41.94 41.21 -6.97
N THR A 667 -40.70 41.29 -7.44
CA THR A 667 -39.67 40.27 -7.13
C THR A 667 -39.47 40.15 -5.62
N GLY A 668 -39.25 38.92 -5.16
CA GLY A 668 -38.99 38.64 -3.75
C GLY A 668 -40.20 38.65 -2.84
N GLU A 669 -41.41 38.76 -3.40
CA GLU A 669 -42.65 38.82 -2.61
C GLU A 669 -43.04 37.46 -2.08
N GLU A 670 -43.64 37.48 -0.90
CA GLU A 670 -44.10 36.29 -0.22
C GLU A 670 -45.52 35.95 -0.69
N LEU A 671 -45.73 34.70 -1.08
CA LEU A 671 -47.01 34.25 -1.63
C LEU A 671 -47.92 33.68 -0.53
N PHE A 672 -49.16 34.19 -0.50
CA PHE A 672 -50.24 33.71 0.39
C PHE A 672 -51.51 33.42 -0.44
N PHE A 673 -52.39 32.54 0.05
CA PHE A 673 -53.75 32.37 -0.53
C PHE A 673 -54.80 31.99 0.51
N ASP A 674 -56.05 32.41 0.33
CA ASP A 674 -57.13 32.08 1.28
C ASP A 674 -57.43 30.59 1.19
N TYR A 675 -57.61 29.97 2.35
CA TYR A 675 -57.95 28.55 2.43
C TYR A 675 -59.44 28.44 2.62
N ARG A 676 -60.17 28.19 1.54
CA ARG A 676 -61.63 28.08 1.59
C ARG A 676 -62.11 26.63 1.71
N TYR A 677 -61.98 26.06 2.91
CA TYR A 677 -62.36 24.68 3.24
C TYR A 677 -61.67 23.96 4.42
N LYS B 3 -26.77 -18.65 40.06
CA LYS B 3 -27.03 -17.32 40.70
C LYS B 3 -27.01 -16.20 39.63
N CYS B 4 -26.59 -14.98 39.98
CA CYS B 4 -26.50 -13.88 39.02
C CYS B 4 -25.05 -13.41 38.83
N LYS B 5 -24.84 -12.64 37.77
CA LYS B 5 -23.70 -11.74 37.64
C LYS B 5 -24.19 -10.47 36.96
N TYR B 6 -23.62 -9.31 37.26
CA TYR B 6 -22.41 -9.10 38.08
C TYR B 6 -22.80 -8.11 39.19
N SER B 7 -22.15 -8.21 40.35
CA SER B 7 -22.56 -7.43 41.52
C SER B 7 -21.89 -6.06 41.57
N PHE B 8 -22.67 -5.05 41.98
CA PHE B 8 -22.21 -3.66 42.14
C PHE B 8 -22.61 -3.13 43.52
N LYS B 9 -22.09 -1.96 43.89
CA LYS B 9 -22.58 -1.25 45.08
C LYS B 9 -22.57 0.23 44.78
N CYS B 10 -23.65 0.91 45.14
CA CYS B 10 -23.75 2.36 44.94
C CYS B 10 -22.67 3.06 45.79
N VAL B 11 -21.69 3.66 45.13
CA VAL B 11 -20.53 4.24 45.80
C VAL B 11 -20.70 5.76 46.02
N ASN B 12 -21.69 6.36 45.36
CA ASN B 12 -21.94 7.81 45.50
C ASN B 12 -23.33 8.08 44.92
N SER B 13 -23.81 9.30 45.15
CA SER B 13 -24.87 9.90 44.37
C SER B 13 -24.72 11.42 44.47
N LEU B 14 -25.09 12.13 43.42
CA LEU B 14 -25.03 13.60 43.46
C LEU B 14 -26.17 14.19 42.63
N LYS B 15 -26.36 15.50 42.71
CA LYS B 15 -27.51 16.15 42.09
C LYS B 15 -27.13 17.50 41.55
N GLU B 16 -27.54 17.78 40.33
CA GLU B 16 -27.23 19.08 39.73
C GLU B 16 -28.12 20.13 40.39
N ASP B 17 -27.87 21.40 40.07
CA ASP B 17 -28.59 22.53 40.67
C ASP B 17 -29.92 22.92 40.01
N HIS B 18 -30.05 22.69 38.70
CA HIS B 18 -31.31 23.02 37.94
C HIS B 18 -32.62 22.29 38.37
N ASN B 19 -32.51 21.02 38.76
CA ASN B 19 -33.62 20.08 39.11
C ASN B 19 -34.38 19.42 37.95
N GLN B 20 -34.22 19.95 36.74
CA GLN B 20 -34.74 19.34 35.51
C GLN B 20 -34.12 17.96 35.22
N PRO B 21 -34.72 17.18 34.31
CA PRO B 21 -34.24 15.83 34.05
C PRO B 21 -32.94 15.70 33.26
N LEU B 22 -32.13 14.75 33.68
CA LEU B 22 -30.96 14.34 32.94
C LEU B 22 -31.43 13.30 31.93
N PHE B 23 -31.53 13.73 30.69
CA PHE B 23 -32.02 12.88 29.62
C PHE B 23 -30.93 11.96 29.05
N GLY B 24 -29.68 12.43 29.06
CA GLY B 24 -28.57 11.71 28.44
C GLY B 24 -27.33 11.66 29.31
N VAL B 25 -26.63 10.52 29.29
CA VAL B 25 -25.35 10.34 29.99
C VAL B 25 -24.40 9.45 29.19
N GLN B 26 -23.15 9.88 29.04
CA GLN B 26 -22.20 9.19 28.18
C GLN B 26 -20.78 9.19 28.70
N PHE B 27 -20.26 8.01 29.01
CA PHE B 27 -18.82 7.86 29.23
C PHE B 27 -17.99 8.16 27.97
N ASN B 28 -16.86 8.83 28.19
CA ASN B 28 -15.86 9.05 27.16
C ASN B 28 -15.06 7.76 26.98
N TRP B 29 -15.33 7.00 25.92
CA TRP B 29 -14.58 5.76 25.59
C TRP B 29 -13.33 6.01 24.71
N HIS B 30 -13.12 7.25 24.30
CA HIS B 30 -12.00 7.61 23.45
C HIS B 30 -10.69 7.82 24.21
N SER B 31 -10.77 8.02 25.54
CA SER B 31 -9.60 8.25 26.39
C SER B 31 -8.63 7.05 26.51
N LYS B 32 -7.34 7.29 26.23
CA LYS B 32 -6.27 6.26 26.32
C LYS B 32 -6.16 5.63 27.72
N GLU B 33 -5.89 4.32 27.79
CA GLU B 33 -5.81 3.60 29.09
C GLU B 33 -4.82 4.25 30.06
N GLY B 34 -5.10 4.15 31.36
CA GLY B 34 -4.30 4.81 32.39
C GLY B 34 -4.50 6.32 32.48
N ASP B 35 -5.63 6.80 31.95
CA ASP B 35 -6.11 8.16 32.15
C ASP B 35 -7.41 8.03 32.95
N PRO B 36 -7.91 9.16 33.48
CA PRO B 36 -9.10 9.05 34.34
C PRO B 36 -10.37 8.85 33.51
N LEU B 37 -11.26 7.99 34.01
CA LEU B 37 -12.55 7.68 33.36
C LEU B 37 -13.48 8.87 33.51
N VAL B 38 -13.85 9.45 32.36
CA VAL B 38 -14.64 10.70 32.29
C VAL B 38 -16.04 10.36 31.81
N PHE B 39 -17.01 11.22 32.14
CA PHE B 39 -18.32 11.14 31.52
C PHE B 39 -18.99 12.53 31.48
N ALA B 40 -20.02 12.64 30.63
CA ALA B 40 -20.81 13.87 30.47
C ALA B 40 -22.31 13.61 30.66
N THR B 41 -23.03 14.62 31.17
CA THR B 41 -24.49 14.55 31.31
C THR B 41 -25.17 15.76 30.71
N VAL B 42 -26.36 15.51 30.16
CA VAL B 42 -27.19 16.53 29.52
C VAL B 42 -28.57 16.58 30.18
N GLY B 43 -29.07 17.80 30.37
CA GLY B 43 -30.32 18.06 31.07
C GLY B 43 -30.52 19.55 31.16
N SER B 44 -31.74 19.98 31.50
CA SER B 44 -32.11 21.40 31.45
C SER B 44 -31.57 22.01 30.16
N ASN B 45 -31.03 23.23 30.19
CA ASN B 45 -30.34 23.76 29.04
C ASN B 45 -28.85 23.67 29.27
N ARG B 46 -28.35 22.53 29.70
CA ARG B 46 -26.93 22.41 29.91
C ARG B 46 -26.33 21.03 29.75
N VAL B 47 -25.01 21.06 29.58
CA VAL B 47 -24.15 19.89 29.48
C VAL B 47 -23.06 20.03 30.55
N THR B 48 -22.88 18.96 31.31
CA THR B 48 -21.92 18.93 32.41
C THR B 48 -20.97 17.77 32.18
N LEU B 49 -19.72 17.94 32.62
CA LEU B 49 -18.67 16.91 32.48
C LEU B 49 -18.12 16.57 33.84
N TYR B 50 -18.10 15.26 34.14
CA TYR B 50 -17.65 14.74 35.44
C TYR B 50 -16.56 13.68 35.27
N GLU B 51 -15.63 13.65 36.24
CA GLU B 51 -14.51 12.69 36.27
C GLU B 51 -14.63 11.81 37.50
N CYS B 52 -14.70 10.49 37.29
CA CYS B 52 -14.64 9.51 38.37
C CYS B 52 -13.25 9.48 38.95
N HIS B 53 -13.16 9.28 40.27
CA HIS B 53 -11.90 9.00 40.93
C HIS B 53 -12.12 7.85 41.90
N SER B 54 -11.10 6.99 42.00
CA SER B 54 -11.04 5.97 43.04
C SER B 54 -11.10 6.70 44.42
N GLN B 55 -12.05 6.40 45.31
CA GLN B 55 -13.27 5.61 45.04
C GLN B 55 -14.47 6.30 45.67
N GLY B 56 -15.55 6.35 44.90
CA GLY B 56 -16.72 7.15 45.22
C GLY B 56 -16.64 8.56 44.66
N GLU B 57 -15.47 9.19 44.75
CA GLU B 57 -15.38 10.62 44.43
C GLU B 57 -15.63 10.89 42.94
N ILE B 58 -16.60 11.76 42.66
CA ILE B 58 -16.89 12.20 41.31
C ILE B 58 -16.58 13.69 41.27
N ARG B 59 -15.50 14.05 40.57
CA ARG B 59 -15.05 15.44 40.49
C ARG B 59 -15.85 16.14 39.42
N LEU B 60 -16.33 17.34 39.70
CA LEU B 60 -17.04 18.15 38.71
C LEU B 60 -16.00 18.92 37.88
N LEU B 61 -15.93 18.63 36.58
CA LEU B 61 -14.88 19.19 35.72
C LEU B 61 -15.29 20.50 35.05
N GLN B 62 -16.37 20.43 34.28
CA GLN B 62 -16.82 21.54 33.43
C GLN B 62 -18.33 21.50 33.32
N SER B 63 -18.94 22.63 33.01
CA SER B 63 -20.34 22.65 32.59
C SER B 63 -20.65 23.85 31.69
N TYR B 64 -21.59 23.65 30.76
CA TYR B 64 -21.92 24.64 29.71
C TYR B 64 -23.44 24.86 29.54
N VAL B 65 -23.89 26.13 29.53
CA VAL B 65 -25.32 26.50 29.36
C VAL B 65 -25.61 27.24 28.04
N ASP B 66 -26.64 26.77 27.31
CA ASP B 66 -27.09 27.42 26.07
C ASP B 66 -27.74 28.75 26.46
N ALA B 67 -27.21 29.84 25.89
CA ALA B 67 -27.71 31.22 26.14
C ALA B 67 -29.16 31.43 25.74
N ASP B 68 -29.67 30.60 24.82
CA ASP B 68 -31.11 30.48 24.62
C ASP B 68 -31.68 29.73 25.81
N ALA B 69 -32.52 30.43 26.57
CA ALA B 69 -33.17 29.89 27.77
C ALA B 69 -33.95 28.61 27.46
N ASP B 70 -34.64 28.61 26.32
CA ASP B 70 -35.58 27.56 26.01
C ASP B 70 -34.96 26.22 25.59
N GLU B 71 -33.82 26.23 24.90
CA GLU B 71 -33.12 24.97 24.54
C GLU B 71 -33.20 23.95 25.67
N ASN B 72 -33.11 22.68 25.33
CA ASN B 72 -33.07 21.62 26.32
C ASN B 72 -32.43 20.41 25.70
N PHE B 73 -31.19 20.12 26.12
CA PHE B 73 -30.42 19.03 25.55
C PHE B 73 -30.98 17.67 25.99
N TYR B 74 -31.12 16.78 25.01
CA TYR B 74 -31.72 15.47 25.17
C TYR B 74 -30.68 14.34 25.15
N THR B 75 -29.64 14.50 24.32
CA THR B 75 -28.60 13.50 24.13
C THR B 75 -27.23 14.12 23.85
N CYS B 76 -26.18 13.40 24.26
CA CYS B 76 -24.80 13.73 23.92
C CYS B 76 -24.08 12.49 23.36
N ALA B 77 -23.01 12.72 22.59
CA ALA B 77 -22.11 11.63 22.21
C ALA B 77 -20.69 12.14 21.96
N TRP B 78 -19.73 11.40 22.51
CA TRP B 78 -18.30 11.71 22.42
C TRP B 78 -17.67 11.33 21.06
N THR B 79 -16.70 12.11 20.61
CA THR B 79 -15.82 11.70 19.49
C THR B 79 -14.41 12.32 19.66
N TYR B 80 -13.62 12.40 18.58
CA TYR B 80 -12.36 13.11 18.64
C TYR B 80 -11.97 13.79 17.33
N ASP B 81 -11.11 14.79 17.47
CA ASP B 81 -10.48 15.49 16.37
C ASP B 81 -9.24 14.66 16.09
N SER B 82 -9.23 13.90 15.00
CA SER B 82 -8.08 13.04 14.73
C SER B 82 -6.83 13.81 14.21
N ASN B 83 -6.93 15.12 13.98
CA ASN B 83 -5.72 15.98 13.86
C ASN B 83 -5.12 16.27 15.23
N THR B 84 -5.76 17.17 15.97
CA THR B 84 -5.22 17.71 17.21
C THR B 84 -5.38 16.78 18.44
N SER B 85 -6.01 15.62 18.24
CA SER B 85 -6.17 14.59 19.27
C SER B 85 -6.97 15.05 20.50
N HIS B 86 -7.85 16.02 20.30
CA HIS B 86 -8.74 16.51 21.36
C HIS B 86 -9.88 15.49 21.50
N PRO B 87 -10.56 15.43 22.67
CA PRO B 87 -11.92 14.87 22.64
C PRO B 87 -12.92 15.92 22.10
N LEU B 88 -14.11 15.48 21.73
CA LEU B 88 -15.17 16.38 21.25
C LEU B 88 -16.50 15.83 21.71
N LEU B 89 -17.26 16.60 22.47
CA LEU B 89 -18.57 16.15 22.86
C LEU B 89 -19.58 16.79 21.94
N ALA B 90 -20.55 15.98 21.53
CA ALA B 90 -21.71 16.44 20.77
C ALA B 90 -22.94 16.42 21.66
N VAL B 91 -23.68 17.54 21.69
CA VAL B 91 -24.96 17.63 22.38
C VAL B 91 -26.01 18.12 21.43
N ALA B 92 -27.21 17.58 21.58
CA ALA B 92 -28.37 18.02 20.80
C ALA B 92 -29.59 17.97 21.68
N GLY B 93 -30.59 18.77 21.29
CA GLY B 93 -31.82 18.89 22.08
C GLY B 93 -33.10 19.25 21.36
N SER B 94 -34.01 19.86 22.11
CA SER B 94 -35.34 20.21 21.65
C SER B 94 -35.34 21.25 20.54
N ARG B 95 -34.36 22.15 20.53
CA ARG B 95 -34.34 23.16 19.47
C ARG B 95 -33.91 22.64 18.09
N GLY B 96 -33.56 21.35 17.98
CA GLY B 96 -33.24 20.75 16.70
C GLY B 96 -31.87 21.14 16.22
N ILE B 97 -31.03 21.58 17.17
CA ILE B 97 -29.71 22.14 16.90
C ILE B 97 -28.65 21.27 17.58
N ILE B 98 -27.67 20.86 16.78
CA ILE B 98 -26.54 20.07 17.25
C ILE B 98 -25.44 21.08 17.52
N ARG B 99 -24.99 21.12 18.78
CA ARG B 99 -23.81 21.87 19.19
C ARG B 99 -22.66 20.89 19.43
N ILE B 100 -21.48 21.30 18.96
CA ILE B 100 -20.23 20.56 19.20
C ILE B 100 -19.32 21.37 20.15
N ILE B 101 -19.08 20.79 21.33
CA ILE B 101 -18.21 21.33 22.35
C ILE B 101 -16.87 20.65 22.21
N ASN B 102 -15.80 21.45 22.29
CA ASN B 102 -14.44 20.93 22.45
C ASN B 102 -13.96 21.27 23.87
N PRO B 103 -13.84 20.25 24.76
CA PRO B 103 -13.63 20.48 26.19
C PRO B 103 -12.16 20.76 26.61
N ILE B 104 -11.25 20.84 25.64
CA ILE B 104 -9.90 21.33 25.88
C ILE B 104 -9.81 22.84 25.53
N THR B 105 -10.46 23.26 24.45
CA THR B 105 -10.64 24.69 24.19
C THR B 105 -11.83 25.27 24.96
N MET B 106 -12.65 24.41 25.56
CA MET B 106 -13.91 24.78 26.23
C MET B 106 -14.72 25.83 25.44
N GLN B 107 -14.96 25.50 24.16
CA GLN B 107 -15.78 26.33 23.29
C GLN B 107 -16.62 25.52 22.29
N CYS B 108 -17.81 26.04 21.99
CA CYS B 108 -18.66 25.47 20.94
C CYS B 108 -18.04 25.86 19.63
N ILE B 109 -17.23 24.94 19.07
CA ILE B 109 -16.52 25.19 17.80
C ILE B 109 -17.39 25.02 16.54
N LYS B 110 -18.43 24.19 16.62
CA LYS B 110 -19.34 24.02 15.49
C LYS B 110 -20.81 23.91 15.91
N HIS B 111 -21.68 24.29 14.96
CA HIS B 111 -23.13 24.14 15.07
C HIS B 111 -23.74 23.84 13.68
N TYR B 112 -24.70 22.90 13.65
CA TYR B 112 -25.44 22.56 12.44
C TYR B 112 -26.95 22.70 12.70
N VAL B 113 -27.62 23.48 11.83
CA VAL B 113 -29.01 23.94 12.06
C VAL B 113 -29.97 23.58 10.91
N GLY B 114 -29.73 22.43 10.29
CA GLY B 114 -30.58 21.94 9.20
C GLY B 114 -31.83 21.20 9.66
N HIS B 115 -31.79 20.57 10.84
CA HIS B 115 -32.89 19.73 11.33
C HIS B 115 -34.14 20.54 11.63
N GLY B 116 -35.29 19.97 11.29
CA GLY B 116 -36.58 20.65 11.43
C GLY B 116 -37.09 20.75 12.85
N ASN B 117 -36.99 19.63 13.57
CA ASN B 117 -37.48 19.50 14.95
C ASN B 117 -36.36 18.91 15.82
N ALA B 118 -36.69 18.46 17.04
CA ALA B 118 -35.71 18.01 18.03
C ALA B 118 -34.88 16.82 17.59
N ILE B 119 -33.68 16.68 18.19
CA ILE B 119 -32.86 15.51 18.02
C ILE B 119 -33.03 14.66 19.27
N ASN B 120 -33.58 13.47 19.11
CA ASN B 120 -33.79 12.55 20.22
C ASN B 120 -32.59 11.65 20.54
N GLU B 121 -31.64 11.52 19.60
CA GLU B 121 -30.41 10.74 19.80
C GLU B 121 -29.29 11.21 18.85
N LEU B 122 -28.06 11.20 19.33
CA LEU B 122 -26.90 11.40 18.47
C LEU B 122 -26.02 10.18 18.57
N LYS B 123 -25.33 9.89 17.47
CA LYS B 123 -24.43 8.75 17.39
C LYS B 123 -23.21 9.12 16.52
N PHE B 124 -22.08 8.46 16.80
CA PHE B 124 -20.84 8.63 16.04
C PHE B 124 -20.37 7.28 15.49
N HIS B 125 -19.84 7.33 14.26
CA HIS B 125 -19.42 6.14 13.49
C HIS B 125 -18.20 5.48 14.22
N PRO B 126 -18.30 4.17 14.58
CA PRO B 126 -17.18 3.52 15.34
C PRO B 126 -15.80 3.68 14.68
N ARG B 127 -15.79 3.57 13.35
CA ARG B 127 -14.61 3.67 12.48
C ARG B 127 -14.25 5.09 12.02
N ASP B 128 -15.18 6.04 12.06
CA ASP B 128 -14.91 7.36 11.50
C ASP B 128 -15.30 8.40 12.51
N PRO B 129 -14.30 9.00 13.14
CA PRO B 129 -14.60 10.01 14.13
C PRO B 129 -15.23 11.31 13.58
N ASN B 130 -15.45 11.42 12.26
CA ASN B 130 -16.18 12.57 11.72
C ASN B 130 -17.64 12.31 11.32
N LEU B 131 -18.09 11.06 11.44
CA LEU B 131 -19.42 10.70 10.94
C LEU B 131 -20.51 10.66 12.02
N LEU B 132 -21.15 11.81 12.19
CA LEU B 132 -22.23 12.04 13.15
C LEU B 132 -23.58 11.72 12.49
N LEU B 133 -24.45 10.99 13.21
CA LEU B 133 -25.80 10.56 12.75
C LEU B 133 -26.94 11.10 13.66
N SER B 134 -27.59 12.19 13.26
CA SER B 134 -28.67 12.78 14.08
C SER B 134 -30.03 12.22 13.72
N VAL B 135 -30.73 11.64 14.71
CA VAL B 135 -32.10 11.15 14.50
C VAL B 135 -33.04 12.22 15.07
N SER B 136 -34.29 12.27 14.62
CA SER B 136 -35.18 13.38 15.01
C SER B 136 -36.69 13.11 15.05
N LYS B 137 -37.36 14.07 15.67
CA LYS B 137 -38.81 14.21 15.73
C LYS B 137 -39.36 14.69 14.39
N ASP B 138 -38.50 15.23 13.52
CA ASP B 138 -38.89 15.58 12.13
C ASP B 138 -39.04 14.38 11.13
N HIS B 139 -38.74 13.16 11.60
CA HIS B 139 -38.96 11.86 10.88
C HIS B 139 -37.77 11.37 10.00
N ALA B 140 -36.72 12.18 9.91
CA ALA B 140 -35.51 11.88 9.15
C ALA B 140 -34.30 11.73 10.07
N LEU B 141 -33.41 10.81 9.72
CA LEU B 141 -32.08 10.73 10.32
C LEU B 141 -31.19 11.52 9.36
N ARG B 142 -30.15 12.17 9.90
CA ARG B 142 -29.20 12.96 9.10
C ARG B 142 -27.75 12.56 9.45
N LEU B 143 -26.97 12.16 8.44
CA LEU B 143 -25.55 11.75 8.57
C LEU B 143 -24.64 12.90 8.12
N TRP B 144 -23.77 13.37 9.01
CA TRP B 144 -22.96 14.56 8.77
C TRP B 144 -21.46 14.21 8.78
N ASN B 145 -20.67 14.93 7.98
CA ASN B 145 -19.21 14.86 8.03
C ASN B 145 -18.71 16.14 8.70
N ILE B 146 -18.35 16.01 10.00
CA ILE B 146 -18.04 17.18 10.84
C ILE B 146 -16.69 17.84 10.54
N GLN B 147 -15.83 17.16 9.77
CA GLN B 147 -14.64 17.78 9.19
C GLN B 147 -14.99 18.84 8.13
N THR B 148 -15.92 18.50 7.22
CA THR B 148 -16.22 19.33 6.04
C THR B 148 -17.42 20.27 6.17
N ASP B 149 -18.15 20.23 7.30
CA ASP B 149 -19.40 20.97 7.44
C ASP B 149 -20.32 20.61 6.25
N THR B 150 -20.57 19.31 6.11
CA THR B 150 -21.43 18.79 5.05
C THR B 150 -22.48 17.84 5.59
N LEU B 151 -23.65 17.88 4.95
CA LEU B 151 -24.66 16.88 5.18
C LEU B 151 -24.50 15.83 4.12
N VAL B 152 -24.18 14.61 4.55
CA VAL B 152 -23.99 13.48 3.65
C VAL B 152 -25.37 13.02 3.20
N ALA B 153 -26.17 12.52 4.17
CA ALA B 153 -27.37 11.70 3.88
C ALA B 153 -28.56 11.86 4.86
N ILE B 154 -29.77 11.96 4.32
CA ILE B 154 -31.00 12.16 5.08
C ILE B 154 -31.88 10.94 4.90
N PHE B 155 -32.02 10.11 5.92
CA PHE B 155 -32.64 8.77 5.80
C PHE B 155 -34.16 8.82 6.11
N GLY B 156 -34.91 9.44 5.19
CA GLY B 156 -36.33 9.70 5.40
C GLY B 156 -37.02 10.29 4.19
N GLY B 157 -38.32 10.05 4.10
CA GLY B 157 -39.09 10.34 2.91
C GLY B 157 -40.18 9.33 2.77
N VAL B 158 -40.17 8.55 1.69
CA VAL B 158 -41.31 7.73 1.33
C VAL B 158 -41.42 6.53 2.25
N GLU B 159 -40.42 5.68 2.23
CA GLU B 159 -40.36 4.56 3.18
C GLU B 159 -39.52 4.91 4.42
N GLY B 160 -39.22 6.20 4.61
CA GLY B 160 -38.70 6.70 5.87
C GLY B 160 -39.71 6.58 6.98
N HIS B 161 -39.37 7.14 8.13
CA HIS B 161 -40.25 7.05 9.28
C HIS B 161 -41.48 7.92 9.12
N ARG B 162 -42.54 7.51 9.82
CA ARG B 162 -43.85 8.13 9.71
C ARG B 162 -44.18 9.06 10.87
N ASP B 163 -43.56 8.82 12.04
CA ASP B 163 -43.54 9.83 13.13
C ASP B 163 -42.09 9.94 13.68
N GLU B 164 -41.92 10.32 14.95
CA GLU B 164 -40.59 10.68 15.47
C GLU B 164 -39.62 9.49 15.43
N VAL B 165 -38.37 9.78 15.06
CA VAL B 165 -37.28 8.81 15.14
C VAL B 165 -36.65 9.01 16.52
N LEU B 166 -36.71 7.95 17.34
CA LEU B 166 -36.29 8.03 18.74
C LEU B 166 -34.91 7.45 19.02
N SER B 167 -34.48 6.47 18.24
CA SER B 167 -33.16 5.89 18.43
C SER B 167 -32.58 5.39 17.10
N ALA B 168 -31.26 5.22 17.09
CA ALA B 168 -30.56 4.46 16.09
C ALA B 168 -29.21 4.00 16.68
N ASP B 169 -28.64 2.95 16.10
CA ASP B 169 -27.28 2.46 16.45
C ASP B 169 -26.53 2.07 15.15
N TYR B 170 -25.26 2.49 15.02
CA TYR B 170 -24.36 1.87 14.04
C TYR B 170 -24.07 0.46 14.54
N ASP B 171 -23.90 -0.49 13.63
CA ASP B 171 -23.42 -1.85 14.00
C ASP B 171 -21.97 -1.77 14.45
N LEU B 172 -21.39 -2.89 14.87
CA LEU B 172 -20.03 -2.86 15.40
C LEU B 172 -18.94 -2.41 14.39
N LEU B 173 -19.10 -2.78 13.12
CA LEU B 173 -18.15 -2.39 12.07
C LEU B 173 -18.46 -1.05 11.36
N GLY B 174 -19.64 -0.47 11.61
CA GLY B 174 -20.03 0.80 10.97
C GLY B 174 -20.53 0.63 9.55
N GLU B 175 -21.10 -0.54 9.26
CA GLU B 175 -21.64 -0.88 7.93
C GLU B 175 -23.15 -0.61 7.76
N LYS B 176 -23.89 -0.42 8.85
CA LYS B 176 -25.33 -0.23 8.77
C LYS B 176 -25.94 0.39 10.01
N ILE B 177 -26.99 1.18 9.79
CA ILE B 177 -27.72 1.85 10.85
C ILE B 177 -29.02 1.08 11.01
N MET B 178 -29.39 0.75 12.23
CA MET B 178 -30.74 0.26 12.52
C MET B 178 -31.35 1.35 13.38
N SER B 179 -32.49 1.88 12.94
CA SER B 179 -33.16 2.98 13.63
C SER B 179 -34.60 2.63 13.90
N CYS B 180 -35.19 3.43 14.78
CA CYS B 180 -36.53 3.19 15.25
C CYS B 180 -37.15 4.50 15.72
N GLY B 181 -38.41 4.43 16.10
CA GLY B 181 -39.18 5.60 16.40
C GLY B 181 -40.63 5.34 16.72
N MET B 182 -41.41 6.41 16.60
CA MET B 182 -42.74 6.43 17.17
C MET B 182 -43.69 5.62 16.35
N ASP B 183 -43.58 5.68 15.03
CA ASP B 183 -44.38 4.85 14.15
C ASP B 183 -44.36 3.31 14.41
N HIS B 184 -43.76 2.86 15.53
CA HIS B 184 -43.77 1.46 16.00
C HIS B 184 -42.72 0.63 15.26
N SER B 185 -41.97 1.29 14.37
CA SER B 185 -41.25 0.62 13.30
C SER B 185 -39.76 0.72 13.54
N LEU B 186 -39.06 -0.39 13.37
CA LEU B 186 -37.61 -0.42 13.28
C LEU B 186 -37.30 -0.41 11.80
N LYS B 187 -36.25 0.33 11.42
CA LYS B 187 -35.79 0.44 10.03
C LYS B 187 -34.27 0.31 9.93
N LEU B 188 -33.82 -0.37 8.88
CA LEU B 188 -32.40 -0.76 8.68
C LEU B 188 -31.84 -0.08 7.45
N TRP B 189 -30.77 0.68 7.63
CA TRP B 189 -30.21 1.50 6.56
C TRP B 189 -28.72 1.22 6.38
N ARG B 190 -28.36 0.50 5.32
CA ARG B 190 -26.96 0.23 5.02
C ARG B 190 -26.18 1.49 4.60
N ILE B 191 -24.89 1.51 4.93
CA ILE B 191 -23.95 2.56 4.49
C ILE B 191 -22.60 2.03 3.91
N ASN B 192 -22.57 0.72 3.61
CA ASN B 192 -21.46 0.04 2.91
C ASN B 192 -21.67 0.02 1.39
N SER B 193 -22.90 0.34 0.95
CA SER B 193 -23.26 0.37 -0.47
C SER B 193 -22.50 1.44 -1.22
N LYS B 194 -22.34 1.21 -2.53
CA LYS B 194 -21.53 2.07 -3.36
C LYS B 194 -22.03 3.51 -3.25
N ARG B 195 -23.34 3.71 -3.37
CA ARG B 195 -23.97 5.05 -3.30
C ARG B 195 -23.55 5.85 -2.08
N MET B 196 -23.68 5.22 -0.91
CA MET B 196 -23.34 5.88 0.37
C MET B 196 -21.82 6.08 0.50
N MET B 197 -21.05 5.00 0.31
CA MET B 197 -19.57 5.06 0.41
C MET B 197 -18.98 6.11 -0.54
N ASN B 198 -19.61 6.27 -1.70
CA ASN B 198 -19.27 7.34 -2.63
C ASN B 198 -19.66 8.70 -2.06
N ALA B 199 -20.91 8.81 -1.60
CA ALA B 199 -21.41 10.04 -0.97
C ALA B 199 -20.56 10.47 0.21
N ILE B 200 -20.08 9.49 0.97
CA ILE B 200 -19.13 9.74 2.06
C ILE B 200 -17.82 10.33 1.51
N LYS B 201 -17.25 9.70 0.48
CA LYS B 201 -15.94 10.14 -0.06
C LYS B 201 -16.02 11.58 -0.60
N GLU B 202 -16.99 11.82 -1.47
CA GLU B 202 -17.14 13.12 -2.10
C GLU B 202 -17.41 14.22 -1.08
N SER B 203 -18.02 13.86 0.05
CA SER B 203 -18.22 14.80 1.16
C SER B 203 -16.90 15.30 1.76
N TYR B 204 -15.89 14.43 1.84
CA TYR B 204 -14.52 14.85 2.24
C TYR B 204 -13.94 15.83 1.21
N ASP B 205 -14.02 15.45 -0.06
CA ASP B 205 -13.51 16.29 -1.17
C ASP B 205 -14.22 17.63 -1.33
N TYR B 206 -15.44 17.75 -0.79
CA TYR B 206 -16.19 19.00 -0.87
C TYR B 206 -15.50 20.14 -0.13
N ASN B 207 -15.33 21.24 -0.85
CA ASN B 207 -14.88 22.51 -0.30
C ASN B 207 -15.71 23.66 -0.90
N PRO B 208 -16.25 24.56 -0.04
CA PRO B 208 -17.12 25.66 -0.50
C PRO B 208 -16.42 26.87 -1.14
N ASN B 209 -15.10 27.00 -1.00
CA ASN B 209 -14.32 28.03 -1.73
C ASN B 209 -13.85 27.53 -3.10
N LYS B 210 -13.97 26.22 -3.33
CA LYS B 210 -13.59 25.59 -4.58
C LYS B 210 -14.69 25.53 -5.64
N THR B 211 -15.96 25.71 -5.24
CA THR B 211 -17.08 25.54 -6.18
C THR B 211 -18.33 26.31 -5.75
N ASN B 212 -18.99 26.95 -6.72
CA ASN B 212 -20.20 27.74 -6.44
C ASN B 212 -21.43 26.91 -6.04
N ARG B 213 -21.41 25.61 -6.34
CA ARG B 213 -22.50 24.70 -5.97
C ARG B 213 -22.54 24.39 -4.46
N PRO B 214 -23.70 23.90 -3.96
CA PRO B 214 -23.77 23.25 -2.66
C PRO B 214 -23.33 21.78 -2.79
N PHE B 215 -23.04 21.13 -1.66
CA PHE B 215 -22.80 19.68 -1.67
C PHE B 215 -24.12 18.95 -1.86
N ILE B 216 -24.12 17.94 -2.72
CA ILE B 216 -25.35 17.25 -3.13
C ILE B 216 -25.62 16.06 -2.18
N SER B 217 -26.37 16.38 -1.12
CA SER B 217 -26.63 15.47 -0.02
C SER B 217 -27.56 14.41 -0.52
N GLN B 218 -27.12 13.16 -0.52
CA GLN B 218 -27.97 12.07 -0.98
C GLN B 218 -29.23 11.98 -0.10
N LYS B 219 -30.42 12.27 -0.65
CA LYS B 219 -31.65 12.05 0.10
C LYS B 219 -32.11 10.61 -0.12
N ILE B 220 -31.93 9.75 0.88
CA ILE B 220 -32.36 8.34 0.85
C ILE B 220 -33.83 8.20 1.33
N HIS B 221 -34.71 7.75 0.42
CA HIS B 221 -36.11 7.59 0.74
C HIS B 221 -36.43 6.17 1.16
N PHE B 222 -35.57 5.21 0.86
CA PHE B 222 -35.90 3.81 1.09
C PHE B 222 -34.93 3.12 2.03
N PRO B 223 -35.45 2.35 3.01
CA PRO B 223 -34.61 1.52 3.85
C PRO B 223 -34.37 0.12 3.26
N ASP B 224 -33.27 -0.49 3.71
CA ASP B 224 -32.88 -1.84 3.31
C ASP B 224 -33.68 -2.94 4.05
N PHE B 225 -34.42 -2.55 5.07
CA PHE B 225 -35.40 -3.41 5.70
C PHE B 225 -36.29 -2.55 6.57
N SER B 226 -37.48 -3.06 6.88
CA SER B 226 -38.35 -2.47 7.89
C SER B 226 -39.23 -3.54 8.48
N THR B 227 -39.66 -3.33 9.72
CA THR B 227 -40.70 -4.17 10.30
C THR B 227 -41.44 -3.46 11.43
N ARG B 228 -42.72 -3.82 11.59
CA ARG B 228 -43.58 -3.33 12.65
C ARG B 228 -44.18 -4.47 13.50
N ASP B 229 -43.76 -5.71 13.27
CA ASP B 229 -44.36 -6.87 13.94
C ASP B 229 -43.73 -7.21 15.29
N ILE B 230 -42.58 -6.59 15.61
CA ILE B 230 -41.87 -6.83 16.86
C ILE B 230 -42.64 -6.17 18.00
N HIS B 231 -42.77 -4.85 17.91
CA HIS B 231 -43.27 -4.02 19.00
C HIS B 231 -44.67 -3.50 18.73
N ARG B 232 -45.38 -3.18 19.81
CA ARG B 232 -46.77 -2.73 19.76
C ARG B 232 -46.99 -1.27 20.21
N ASN B 233 -45.96 -0.55 20.65
CA ASN B 233 -46.01 0.93 20.78
C ASN B 233 -44.65 1.54 20.45
N TYR B 234 -44.41 2.79 20.80
CA TYR B 234 -43.25 3.51 20.28
C TYR B 234 -42.04 2.73 20.69
N VAL B 235 -41.08 2.64 19.79
CA VAL B 235 -39.86 1.93 20.05
C VAL B 235 -38.81 3.01 20.33
N ASP B 236 -38.28 3.00 21.56
CA ASP B 236 -37.52 4.15 22.11
C ASP B 236 -35.98 4.01 22.16
N CYS B 237 -35.48 2.78 22.20
CA CYS B 237 -34.05 2.51 22.20
C CYS B 237 -33.79 1.23 21.41
N VAL B 238 -32.81 1.27 20.49
CA VAL B 238 -32.41 0.09 19.70
C VAL B 238 -30.90 0.00 19.55
N ARG B 239 -30.37 -1.20 19.75
CA ARG B 239 -28.93 -1.44 19.70
C ARG B 239 -28.58 -2.67 18.87
N TRP B 240 -27.36 -2.66 18.30
CA TRP B 240 -26.82 -3.76 17.51
C TRP B 240 -25.92 -4.63 18.39
N LEU B 241 -26.42 -5.82 18.69
CA LEU B 241 -25.61 -6.89 19.29
C LEU B 241 -25.02 -7.72 18.14
N GLY B 242 -23.95 -7.23 17.53
CA GLY B 242 -23.32 -7.91 16.38
C GLY B 242 -24.19 -7.86 15.14
N ASP B 243 -24.92 -8.96 14.88
CA ASP B 243 -25.91 -9.06 13.76
C ASP B 243 -27.38 -9.29 14.20
N LEU B 244 -27.62 -9.34 15.51
CA LEU B 244 -28.96 -9.37 16.08
C LEU B 244 -29.36 -7.97 16.59
N ILE B 245 -30.66 -7.80 16.81
CA ILE B 245 -31.22 -6.51 17.21
C ILE B 245 -31.78 -6.59 18.64
N LEU B 246 -31.28 -5.72 19.50
CA LEU B 246 -31.91 -5.47 20.78
C LEU B 246 -32.68 -4.18 20.67
N SER B 247 -33.98 -4.24 20.89
CA SER B 247 -34.83 -3.05 20.88
C SER B 247 -35.92 -3.18 21.92
N LYS B 248 -36.23 -2.06 22.61
CA LYS B 248 -37.33 -2.02 23.60
C LYS B 248 -38.44 -1.03 23.19
N SER B 249 -39.67 -1.51 23.41
CA SER B 249 -40.85 -0.68 23.48
C SER B 249 -41.30 -0.78 24.93
N CYS B 250 -42.48 -0.26 25.21
CA CYS B 250 -43.03 -0.32 26.54
C CYS B 250 -44.00 -1.48 26.56
N GLU B 251 -43.40 -2.67 26.48
CA GLU B 251 -44.07 -3.97 26.64
C GLU B 251 -43.33 -4.80 27.71
N ASN B 252 -42.66 -4.09 28.61
CA ASN B 252 -41.91 -4.70 29.70
C ASN B 252 -41.06 -5.89 29.22
N ALA B 253 -40.16 -5.57 28.29
CA ALA B 253 -39.06 -6.43 27.80
C ALA B 253 -38.19 -5.69 26.74
N ILE B 254 -36.91 -6.06 26.68
CA ILE B 254 -36.03 -5.72 25.56
C ILE B 254 -36.01 -6.99 24.71
N VAL B 255 -36.37 -6.88 23.43
CA VAL B 255 -36.45 -8.07 22.57
C VAL B 255 -35.20 -8.18 21.65
N CYS B 256 -34.62 -9.40 21.65
CA CYS B 256 -33.50 -9.83 20.79
C CYS B 256 -34.07 -10.60 19.60
N TRP B 257 -34.02 -9.98 18.42
CA TRP B 257 -34.66 -10.49 17.21
C TRP B 257 -33.76 -10.30 16.04
N LYS B 258 -34.12 -10.91 14.91
CA LYS B 258 -33.36 -10.71 13.69
C LYS B 258 -34.29 -10.60 12.49
N PRO B 259 -33.87 -9.80 11.46
CA PRO B 259 -34.55 -9.79 10.17
C PRO B 259 -34.58 -11.15 9.50
N GLY B 260 -35.68 -11.43 8.83
CA GLY B 260 -35.87 -12.68 8.14
C GLY B 260 -36.09 -13.88 9.04
N LYS B 261 -35.99 -15.05 8.42
CA LYS B 261 -36.29 -16.33 9.06
C LYS B 261 -35.12 -16.70 9.99
N MET B 262 -35.18 -17.90 10.61
CA MET B 262 -34.10 -18.34 11.50
C MET B 262 -32.75 -18.25 10.80
N GLU B 263 -32.68 -18.90 9.64
CA GLU B 263 -31.44 -19.02 8.88
C GLU B 263 -30.96 -17.74 8.15
N ASP B 264 -31.88 -16.92 7.65
CA ASP B 264 -31.55 -15.83 6.67
C ASP B 264 -30.47 -14.82 7.18
N ASP B 265 -29.33 -14.73 6.47
CA ASP B 265 -28.20 -13.86 6.85
C ASP B 265 -28.54 -12.41 6.64
N ILE B 266 -28.06 -11.54 7.53
CA ILE B 266 -28.37 -10.11 7.54
C ILE B 266 -28.02 -9.37 6.24
N ASP B 267 -26.88 -9.66 5.63
CA ASP B 267 -26.45 -8.96 4.40
C ASP B 267 -27.04 -9.53 3.10
N LYS B 268 -27.65 -10.71 3.22
CA LYS B 268 -28.43 -11.35 2.15
C LYS B 268 -29.95 -11.08 2.29
N ILE B 269 -30.34 -10.19 3.21
CA ILE B 269 -31.75 -9.79 3.35
C ILE B 269 -32.02 -8.74 2.30
N LYS B 270 -33.18 -8.82 1.67
CA LYS B 270 -33.58 -7.85 0.66
C LYS B 270 -34.70 -6.98 1.21
N PRO B 271 -34.69 -5.66 0.89
CA PRO B 271 -35.67 -4.70 1.38
C PRO B 271 -37.10 -5.24 1.57
N SER B 272 -37.59 -5.98 0.58
CA SER B 272 -38.93 -6.52 0.59
C SER B 272 -39.19 -7.59 1.65
N GLU B 273 -38.14 -8.13 2.27
CA GLU B 273 -38.26 -9.19 3.29
C GLU B 273 -39.36 -8.89 4.31
N SER B 274 -40.25 -9.86 4.48
CA SER B 274 -41.45 -9.73 5.30
C SER B 274 -41.38 -10.51 6.60
N ASN B 275 -40.27 -11.19 6.87
CA ASN B 275 -40.12 -12.00 8.09
C ASN B 275 -39.14 -11.43 9.09
N VAL B 276 -39.36 -11.81 10.34
CA VAL B 276 -38.46 -11.54 11.46
C VAL B 276 -38.49 -12.79 12.36
N THR B 277 -37.55 -12.92 13.28
CA THR B 277 -37.58 -14.04 14.22
C THR B 277 -37.16 -13.54 15.60
N ILE B 278 -37.95 -13.91 16.62
CA ILE B 278 -37.70 -13.57 18.03
C ILE B 278 -36.85 -14.68 18.64
N LEU B 279 -35.63 -14.33 19.05
CA LEU B 279 -34.72 -15.27 19.71
C LEU B 279 -34.99 -15.24 21.21
N GLY B 280 -34.96 -14.06 21.82
CA GLY B 280 -35.22 -13.93 23.26
C GLY B 280 -35.82 -12.62 23.71
N ARG B 281 -36.21 -12.55 24.99
CA ARG B 281 -36.70 -11.35 25.62
C ARG B 281 -36.03 -11.17 26.99
N PHE B 282 -35.53 -9.96 27.26
CA PHE B 282 -34.94 -9.63 28.57
C PHE B 282 -35.95 -8.90 29.43
N ASP B 283 -36.88 -9.65 30.04
CA ASP B 283 -38.00 -9.03 30.77
C ASP B 283 -37.51 -8.10 31.88
N TYR B 284 -38.12 -6.92 31.97
CA TYR B 284 -37.97 -6.00 33.12
C TYR B 284 -39.39 -5.69 33.61
N SER B 285 -39.51 -4.83 34.63
CA SER B 285 -40.80 -4.40 35.17
C SER B 285 -40.80 -2.87 35.21
N GLN B 286 -41.99 -2.30 35.19
CA GLN B 286 -42.16 -0.88 35.51
C GLN B 286 -41.25 0.06 34.71
N CYS B 287 -41.27 -0.11 33.38
CA CYS B 287 -40.78 0.90 32.46
C CYS B 287 -41.82 1.09 31.35
N ASP B 288 -42.89 1.78 31.75
CA ASP B 288 -44.08 2.05 30.97
C ASP B 288 -43.95 3.33 30.14
N ILE B 289 -43.17 4.30 30.61
CA ILE B 289 -42.94 5.52 29.83
C ILE B 289 -41.95 5.23 28.72
N TRP B 290 -41.96 6.12 27.72
CA TRP B 290 -40.99 6.09 26.62
C TRP B 290 -39.89 7.06 26.91
N TYR B 291 -38.84 6.97 26.10
CA TYR B 291 -37.61 7.70 26.27
C TYR B 291 -36.88 7.13 27.47
N MET B 292 -36.85 5.79 27.51
CA MET B 292 -36.09 5.05 28.51
C MET B 292 -35.12 4.15 27.73
N ARG B 293 -33.85 4.54 27.79
CA ARG B 293 -32.76 3.89 27.06
C ARG B 293 -32.02 2.88 27.96
N PHE B 294 -31.42 1.90 27.27
CA PHE B 294 -30.46 1.00 27.89
C PHE B 294 -29.10 1.29 27.27
N SER B 295 -28.11 0.57 27.77
CA SER B 295 -26.80 0.56 27.16
C SER B 295 -26.13 -0.77 27.52
N MET B 296 -24.93 -0.94 26.98
CA MET B 296 -24.13 -2.12 27.21
C MET B 296 -22.70 -1.62 27.31
N ASP B 297 -21.84 -2.48 27.84
CA ASP B 297 -20.39 -2.20 27.93
C ASP B 297 -19.67 -2.47 26.61
N PHE B 298 -18.47 -1.93 26.48
CA PHE B 298 -17.72 -2.02 25.23
C PHE B 298 -17.61 -3.43 24.65
N TRP B 299 -17.39 -4.42 25.51
CA TRP B 299 -17.22 -5.82 25.09
C TRP B 299 -18.54 -6.56 24.91
N GLN B 300 -19.65 -5.92 25.26
CA GLN B 300 -21.00 -6.45 25.08
C GLN B 300 -21.23 -7.77 25.84
N LYS B 301 -20.76 -7.76 27.09
CA LYS B 301 -20.99 -8.82 28.05
C LYS B 301 -22.11 -8.48 29.04
N MET B 302 -22.41 -7.18 29.24
CA MET B 302 -23.49 -6.77 30.15
C MET B 302 -24.42 -5.73 29.51
N LEU B 303 -25.70 -5.82 29.89
CA LEU B 303 -26.81 -5.04 29.32
C LEU B 303 -27.59 -4.42 30.48
N ALA B 304 -27.64 -3.08 30.53
CA ALA B 304 -28.21 -2.34 31.67
C ALA B 304 -29.36 -1.40 31.28
N LEU B 305 -30.53 -1.58 31.88
CA LEU B 305 -31.71 -0.69 31.70
C LEU B 305 -32.18 -0.12 33.04
N GLY B 306 -32.14 1.21 33.18
CA GLY B 306 -32.73 1.86 34.36
C GLY B 306 -34.20 2.15 34.12
N ASN B 307 -35.09 1.56 34.94
CA ASN B 307 -36.57 1.75 34.81
C ASN B 307 -37.05 3.10 35.42
N GLN B 308 -38.37 3.32 35.48
CA GLN B 308 -38.93 4.63 35.85
C GLN B 308 -39.11 4.89 37.36
N VAL B 309 -39.02 3.82 38.14
CA VAL B 309 -39.10 3.85 39.61
C VAL B 309 -37.71 3.67 40.28
N GLY B 310 -36.64 4.16 39.62
CA GLY B 310 -35.28 4.17 40.19
C GLY B 310 -34.54 2.84 40.38
N LYS B 311 -35.02 1.80 39.70
CA LYS B 311 -34.46 0.46 39.81
C LYS B 311 -33.67 0.19 38.56
N LEU B 312 -32.43 -0.24 38.73
CA LEU B 312 -31.57 -0.57 37.59
C LEU B 312 -31.48 -2.09 37.41
N TYR B 313 -31.76 -2.52 36.17
CA TYR B 313 -31.73 -3.92 35.76
C TYR B 313 -30.47 -4.15 34.91
N VAL B 314 -29.67 -5.15 35.28
CA VAL B 314 -28.44 -5.48 34.54
C VAL B 314 -28.41 -6.98 34.21
N TRP B 315 -28.41 -7.29 32.91
CA TRP B 315 -28.36 -8.66 32.40
C TRP B 315 -26.99 -9.05 31.86
N ASP B 316 -26.72 -10.36 31.86
CA ASP B 316 -25.49 -10.96 31.33
C ASP B 316 -25.76 -11.44 29.88
N LEU B 317 -24.88 -11.03 28.96
CA LEU B 317 -24.95 -11.42 27.52
C LEU B 317 -23.87 -12.46 27.16
N GLU B 318 -23.54 -13.30 28.13
CA GLU B 318 -22.84 -14.57 27.91
C GLU B 318 -23.73 -15.71 28.41
N VAL B 319 -25.03 -15.42 28.55
CA VAL B 319 -26.01 -16.40 28.99
C VAL B 319 -26.61 -17.01 27.72
N GLU B 320 -26.44 -18.32 27.61
CA GLU B 320 -26.89 -19.07 26.47
C GLU B 320 -28.33 -19.44 26.81
N ASP B 321 -29.23 -19.36 25.83
CA ASP B 321 -30.69 -19.51 26.04
C ASP B 321 -31.29 -18.35 26.83
N PRO B 322 -32.64 -18.22 26.81
CA PRO B 322 -33.36 -17.32 27.74
C PRO B 322 -32.96 -17.58 29.22
N HIS B 323 -32.79 -16.57 30.08
CA HIS B 323 -33.29 -15.18 30.00
C HIS B 323 -34.64 -14.98 29.26
N LYS B 324 -35.79 -15.37 29.85
CA LYS B 324 -36.01 -16.06 31.14
C LYS B 324 -35.18 -15.61 32.38
N ALA B 325 -34.22 -16.41 32.86
CA ALA B 325 -33.45 -16.06 34.08
C ALA B 325 -32.01 -15.62 33.72
N LYS B 326 -31.32 -14.83 34.57
CA LYS B 326 -31.88 -13.94 35.63
C LYS B 326 -31.04 -12.66 35.74
N CYS B 327 -31.73 -11.55 35.90
CA CYS B 327 -31.12 -10.22 35.95
C CYS B 327 -30.61 -9.86 37.34
N THR B 328 -29.53 -9.05 37.37
CA THR B 328 -28.98 -8.51 38.61
C THR B 328 -29.57 -7.13 38.88
N THR B 329 -30.60 -7.12 39.73
CA THR B 329 -31.43 -5.95 40.00
C THR B 329 -30.86 -5.13 41.12
N LEU B 330 -30.64 -3.83 40.92
CA LEU B 330 -30.01 -3.01 41.95
C LEU B 330 -30.68 -1.63 42.26
N THR B 331 -31.30 -1.59 43.44
CA THR B 331 -32.07 -0.45 43.92
C THR B 331 -31.30 0.31 44.97
N HIS B 332 -31.76 1.51 45.28
CA HIS B 332 -31.28 2.28 46.44
C HIS B 332 -32.46 3.01 47.07
N HIS B 333 -32.42 3.21 48.39
CA HIS B 333 -33.55 3.80 49.10
C HIS B 333 -33.74 5.31 48.90
N LYS B 334 -32.79 5.99 48.25
CA LYS B 334 -32.97 7.40 47.85
C LYS B 334 -33.05 7.64 46.34
N CYS B 335 -32.87 6.57 45.54
CA CYS B 335 -33.12 6.59 44.09
C CYS B 335 -34.60 6.28 43.86
N GLY B 336 -35.35 7.32 43.45
CA GLY B 336 -36.77 7.19 43.10
C GLY B 336 -37.11 7.49 41.64
N ALA B 337 -36.65 8.65 41.15
CA ALA B 337 -36.99 9.17 39.80
C ALA B 337 -36.69 8.21 38.64
N ALA B 338 -37.19 8.54 37.46
CA ALA B 338 -37.01 7.70 36.28
C ALA B 338 -35.58 7.76 35.75
N ILE B 339 -35.02 6.60 35.41
CA ILE B 339 -33.61 6.49 35.03
C ILE B 339 -33.48 6.47 33.51
N ARG B 340 -33.34 7.67 32.97
CA ARG B 340 -33.33 7.89 31.53
C ARG B 340 -32.35 7.05 30.77
N GLN B 341 -31.12 6.97 31.26
CA GLN B 341 -30.10 6.28 30.51
C GLN B 341 -28.94 5.87 31.38
N THR B 342 -28.41 4.69 31.08
CA THR B 342 -27.25 4.17 31.80
C THR B 342 -26.04 4.34 30.88
N SER B 343 -24.85 4.35 31.46
CA SER B 343 -23.61 4.41 30.70
C SER B 343 -22.51 3.68 31.51
N PHE B 344 -21.98 2.56 30.99
CA PHE B 344 -20.79 1.94 31.57
C PHE B 344 -19.55 2.77 31.24
N SER B 345 -18.53 2.70 32.10
CA SER B 345 -17.18 3.11 31.72
C SER B 345 -16.61 2.08 30.75
N ARG B 346 -15.48 2.43 30.13
CA ARG B 346 -14.90 1.56 29.10
C ARG B 346 -14.60 0.16 29.68
N ASP B 347 -13.59 0.07 30.54
CA ASP B 347 -13.49 -1.04 31.50
C ASP B 347 -14.79 -1.06 32.24
N SER B 348 -15.36 -2.23 32.44
CA SER B 348 -16.69 -2.29 33.00
C SER B 348 -16.75 -2.07 34.54
N SER B 349 -15.63 -1.71 35.18
CA SER B 349 -15.61 -1.27 36.61
C SER B 349 -16.76 -0.38 37.11
N ILE B 350 -16.93 0.81 36.53
CA ILE B 350 -17.98 1.79 36.92
C ILE B 350 -19.24 1.68 36.03
N LEU B 351 -20.40 2.02 36.61
CA LEU B 351 -21.64 2.22 35.86
C LEU B 351 -22.26 3.52 36.37
N ILE B 352 -22.56 4.45 35.47
CA ILE B 352 -23.28 5.69 35.84
C ILE B 352 -24.76 5.51 35.43
N ALA B 353 -25.67 6.21 36.11
CA ALA B 353 -27.07 6.37 35.69
C ALA B 353 -27.55 7.79 36.03
N VAL B 354 -28.48 8.32 35.24
CA VAL B 354 -29.03 9.66 35.48
C VAL B 354 -30.54 9.63 35.36
N CYS B 355 -31.21 10.51 36.12
CA CYS B 355 -32.64 10.43 36.39
C CYS B 355 -33.35 11.71 36.06
N ASP B 356 -34.68 11.66 36.16
CA ASP B 356 -35.53 12.83 36.02
C ASP B 356 -35.31 13.92 37.08
N ASP B 357 -34.89 13.53 38.29
CA ASP B 357 -34.69 14.49 39.40
C ASP B 357 -33.29 15.14 39.47
N ALA B 358 -32.56 15.15 38.34
CA ALA B 358 -31.19 15.72 38.24
C ALA B 358 -30.10 14.96 39.01
N SER B 359 -30.42 13.75 39.47
CA SER B 359 -29.54 12.94 40.30
C SER B 359 -28.70 12.01 39.44
N ILE B 360 -27.48 11.71 39.90
CA ILE B 360 -26.57 10.87 39.15
C ILE B 360 -26.12 9.80 40.10
N TRP B 361 -26.18 8.52 39.70
CA TRP B 361 -25.95 7.40 40.62
C TRP B 361 -24.76 6.57 40.16
N ARG B 362 -23.71 6.49 40.98
CA ARG B 362 -22.48 5.78 40.62
C ARG B 362 -22.42 4.42 41.29
N TRP B 363 -22.46 3.36 40.47
CA TRP B 363 -22.40 1.98 40.93
C TRP B 363 -21.14 1.32 40.34
N ASP B 364 -20.25 0.82 41.20
CA ASP B 364 -18.99 0.19 40.75
C ASP B 364 -19.15 -1.33 40.96
N ARG B 365 -18.22 -2.12 40.39
CA ARG B 365 -18.32 -3.61 40.38
C ARG B 365 -17.51 -4.28 41.49
N LEU B 366 -17.67 -5.61 41.60
CA LEU B 366 -16.83 -6.47 42.46
C LEU B 366 -15.31 -6.24 42.21
N ARG B 367 -14.55 -6.18 43.31
CA ARG B 367 -13.12 -5.75 43.35
C ARG B 367 -12.35 -5.81 42.01
N HIS C 5 -28.91 41.97 -0.52
CA HIS C 5 -30.27 42.56 -0.78
C HIS C 5 -31.16 42.73 0.47
N ASN C 6 -31.13 41.81 1.44
CA ASN C 6 -30.88 40.35 1.30
C ASN C 6 -31.98 39.63 2.11
N ARG C 7 -32.41 38.47 1.64
CA ARG C 7 -33.20 37.57 2.48
C ARG C 7 -32.53 36.22 2.46
N LEU C 8 -32.37 35.61 3.65
CA LEU C 8 -31.71 34.30 3.74
C LEU C 8 -32.64 33.22 3.22
N TYR C 9 -32.38 32.78 1.99
CA TYR C 9 -33.10 31.69 1.35
C TYR C 9 -32.42 30.38 1.69
N PHE C 10 -33.17 29.28 1.55
CA PHE C 10 -32.70 27.94 1.91
C PHE C 10 -33.05 26.95 0.80
N HIS C 11 -32.42 25.79 0.83
CA HIS C 11 -32.74 24.71 -0.08
C HIS C 11 -34.00 24.05 0.39
N SER C 12 -34.92 23.78 -0.54
CA SER C 12 -36.14 23.06 -0.20
C SER C 12 -35.86 21.63 0.29
N ASP C 13 -34.80 20.99 -0.22
CA ASP C 13 -34.50 19.56 0.07
C ASP C 13 -33.74 19.28 1.35
N THR C 14 -32.83 20.18 1.71
CA THR C 14 -32.04 20.09 2.94
C THR C 14 -32.06 21.47 3.52
N CYS C 15 -32.73 21.65 4.66
CA CYS C 15 -33.02 22.99 5.15
C CYS C 15 -31.78 23.85 5.48
N LEU C 16 -30.60 23.44 5.00
CA LEU C 16 -29.37 24.25 5.03
C LEU C 16 -29.47 25.51 4.13
N PRO C 17 -28.84 26.62 4.56
CA PRO C 17 -29.04 27.92 3.94
C PRO C 17 -28.40 28.08 2.57
N LEU C 18 -28.93 29.04 1.81
CA LEU C 18 -28.55 29.25 0.42
C LEU C 18 -27.50 30.35 0.40
N ARG C 19 -26.27 29.97 0.04
CA ARG C 19 -25.18 30.91 -0.09
C ARG C 19 -25.46 31.84 -1.27
N PRO C 20 -25.06 33.12 -1.19
CA PRO C 20 -25.45 34.11 -2.22
C PRO C 20 -25.06 33.71 -3.65
N GLN C 21 -23.94 32.99 -3.76
CA GLN C 21 -23.37 32.54 -5.03
C GLN C 21 -24.18 31.46 -5.74
N GLU C 22 -24.92 30.67 -4.97
CA GLU C 22 -25.76 29.60 -5.51
C GLU C 22 -27.03 30.11 -6.21
N MET C 23 -27.45 31.35 -5.92
CA MET C 23 -28.65 31.96 -6.51
C MET C 23 -28.30 33.16 -7.42
N GLU C 24 -28.40 33.08 -8.74
CA GLU C 24 -28.20 31.89 -9.63
C GLU C 24 -29.10 30.63 -9.52
N VAL C 25 -30.30 30.74 -8.94
CA VAL C 25 -31.17 29.56 -8.68
C VAL C 25 -32.42 29.64 -9.58
N ASP C 26 -32.77 28.63 -10.39
CA ASP C 26 -32.04 27.37 -10.60
C ASP C 26 -31.66 27.23 -12.08
N SER C 27 -30.41 26.85 -12.32
CA SER C 27 -29.91 26.50 -13.66
C SER C 27 -30.44 25.13 -14.13
N GLU C 28 -30.71 24.23 -13.17
CA GLU C 28 -31.35 22.92 -13.42
C GLU C 28 -32.78 23.08 -13.96
N ASP C 29 -33.13 22.28 -14.96
CA ASP C 29 -34.49 22.21 -15.49
C ASP C 29 -35.26 21.11 -14.74
N GLU C 30 -36.01 21.52 -13.73
CA GLU C 30 -36.78 20.61 -12.88
C GLU C 30 -37.92 19.99 -13.67
N LYS C 31 -38.19 18.68 -13.55
CA LYS C 31 -37.43 17.72 -12.74
C LYS C 31 -37.84 16.30 -13.12
N ASP C 32 -37.20 15.34 -12.50
CA ASP C 32 -37.85 14.09 -12.20
C ASP C 32 -37.47 13.82 -10.74
N PRO C 33 -38.48 13.67 -9.84
CA PRO C 33 -38.09 13.25 -8.49
C PRO C 33 -37.49 11.84 -8.56
N GLU C 34 -36.19 11.81 -8.31
CA GLU C 34 -35.43 10.58 -8.06
C GLU C 34 -36.27 9.38 -7.61
N TRP C 35 -36.93 9.52 -6.46
CA TRP C 35 -37.59 8.41 -5.75
C TRP C 35 -38.69 7.74 -6.56
N LEU C 36 -39.45 8.57 -7.28
CA LEU C 36 -40.53 8.11 -8.15
C LEU C 36 -40.01 7.01 -9.10
N ARG C 37 -38.76 7.16 -9.56
CA ARG C 37 -38.13 6.13 -10.39
C ARG C 37 -37.94 4.80 -9.65
N GLU C 38 -37.35 4.85 -8.46
CA GLU C 38 -37.18 3.63 -7.63
C GLU C 38 -38.51 2.97 -7.24
N LYS C 39 -39.55 3.78 -7.04
CA LYS C 39 -40.86 3.28 -6.59
C LYS C 39 -41.46 2.37 -7.66
N THR C 40 -41.42 2.82 -8.91
CA THR C 40 -41.91 2.04 -10.05
C THR C 40 -41.14 0.74 -10.18
N ILE C 41 -39.82 0.89 -10.18
CA ILE C 41 -38.92 -0.23 -10.39
C ILE C 41 -39.22 -1.35 -9.39
N THR C 42 -39.34 -0.98 -8.12
CA THR C 42 -39.70 -1.94 -7.07
C THR C 42 -41.14 -2.41 -7.22
N GLN C 43 -42.07 -1.50 -7.53
CA GLN C 43 -43.51 -1.83 -7.67
C GLN C 43 -43.84 -2.74 -8.86
N ILE C 44 -42.96 -2.75 -9.87
CA ILE C 44 -43.06 -3.67 -11.00
C ILE C 44 -42.56 -5.04 -10.57
N GLU C 45 -41.31 -5.09 -10.08
CA GLU C 45 -40.69 -6.33 -9.57
C GLU C 45 -41.64 -7.10 -8.63
N GLU C 46 -42.35 -6.38 -7.75
CA GLU C 46 -43.29 -6.97 -6.78
C GLU C 46 -44.44 -7.81 -7.38
N PHE C 47 -44.71 -7.70 -8.69
CA PHE C 47 -45.81 -8.46 -9.32
C PHE C 47 -45.57 -9.97 -9.43
N SER C 48 -46.14 -10.71 -8.48
CA SER C 48 -46.46 -12.11 -8.66
C SER C 48 -47.38 -12.21 -9.89
N ASP C 49 -47.01 -13.08 -10.83
CA ASP C 49 -47.78 -13.42 -12.06
C ASP C 49 -47.41 -12.68 -13.37
N VAL C 50 -46.47 -11.73 -13.31
CA VAL C 50 -45.94 -11.08 -14.51
C VAL C 50 -44.57 -11.70 -14.85
N ASN C 51 -44.28 -11.74 -16.14
CA ASN C 51 -43.10 -12.37 -16.73
C ASN C 51 -41.83 -11.51 -16.46
N GLU C 52 -40.64 -12.12 -16.60
CA GLU C 52 -39.38 -11.66 -15.95
C GLU C 52 -38.60 -10.37 -16.33
N GLY C 53 -38.53 -9.89 -17.59
CA GLY C 53 -39.19 -10.44 -18.78
C GLY C 53 -40.07 -9.37 -19.38
N GLU C 54 -41.38 -9.54 -19.18
CA GLU C 54 -42.35 -8.48 -19.39
C GLU C 54 -42.10 -7.37 -18.39
N LYS C 55 -41.86 -7.75 -17.13
CA LYS C 55 -41.49 -6.78 -16.09
C LYS C 55 -40.37 -5.79 -16.50
N GLU C 56 -39.27 -6.26 -17.09
CA GLU C 56 -38.13 -5.37 -17.39
C GLU C 56 -38.44 -4.44 -18.56
N VAL C 57 -39.18 -4.92 -19.55
CA VAL C 57 -39.56 -4.02 -20.66
C VAL C 57 -40.48 -2.87 -20.20
N MET C 58 -41.46 -3.17 -19.34
CA MET C 58 -42.36 -2.16 -18.74
C MET C 58 -41.56 -1.12 -17.97
N LYS C 59 -40.65 -1.62 -17.11
CA LYS C 59 -39.75 -0.79 -16.29
C LYS C 59 -39.00 0.23 -17.15
N LEU C 60 -38.46 -0.26 -18.27
CA LEU C 60 -37.70 0.58 -19.18
C LEU C 60 -38.58 1.66 -19.77
N TRP C 61 -39.79 1.26 -20.17
CA TRP C 61 -40.77 2.18 -20.76
C TRP C 61 -41.17 3.24 -19.74
N ASN C 62 -41.77 2.80 -18.62
CA ASN C 62 -42.19 3.71 -17.54
C ASN C 62 -41.14 4.76 -17.19
N LEU C 63 -39.88 4.34 -17.19
CA LEU C 63 -38.74 5.26 -17.01
C LEU C 63 -38.55 6.21 -18.18
N HIS C 64 -38.78 5.72 -19.39
CA HIS C 64 -38.66 6.55 -20.55
C HIS C 64 -39.62 7.74 -20.52
N VAL C 65 -40.91 7.45 -20.32
CA VAL C 65 -41.95 8.50 -20.32
C VAL C 65 -41.89 9.41 -19.09
N MET C 66 -41.38 8.88 -17.97
CA MET C 66 -41.10 9.71 -16.78
C MET C 66 -39.98 10.71 -17.08
N LYS C 67 -38.96 10.26 -17.81
CA LYS C 67 -37.82 11.12 -18.17
C LYS C 67 -38.28 12.26 -19.07
N HIS C 68 -39.17 11.93 -20.01
CA HIS C 68 -39.55 12.83 -21.10
C HIS C 68 -40.84 13.64 -20.89
N GLY C 69 -41.76 13.12 -20.08
CA GLY C 69 -42.96 13.88 -19.66
C GLY C 69 -44.00 14.04 -20.75
N PHE C 70 -44.51 12.90 -21.23
CA PHE C 70 -45.42 12.88 -22.37
C PHE C 70 -46.85 13.10 -21.91
N ILE C 71 -47.47 14.10 -22.52
CA ILE C 71 -48.80 14.56 -22.19
C ILE C 71 -49.85 13.97 -23.13
N ALA C 72 -49.56 13.97 -24.43
CA ALA C 72 -50.58 13.79 -25.47
C ALA C 72 -50.44 12.48 -26.23
N ASP C 73 -51.56 11.99 -26.79
CA ASP C 73 -51.59 10.77 -27.62
C ASP C 73 -50.76 10.94 -28.88
N ASN C 74 -50.85 12.12 -29.51
CA ASN C 74 -50.09 12.40 -30.72
C ASN C 74 -48.58 12.39 -30.53
N GLN C 75 -48.12 12.51 -29.29
CA GLN C 75 -46.72 12.36 -28.98
C GLN C 75 -46.26 10.92 -29.16
N MET C 76 -47.05 9.97 -28.68
CA MET C 76 -46.62 8.57 -28.54
C MET C 76 -45.89 7.92 -29.70
N ASN C 77 -46.20 8.32 -30.93
CA ASN C 77 -45.45 7.82 -32.10
C ASN C 77 -43.99 8.24 -32.00
N HIS C 78 -43.79 9.54 -31.83
CA HIS C 78 -42.49 10.08 -31.51
C HIS C 78 -41.84 9.44 -30.27
N ALA C 79 -42.62 9.19 -29.23
CA ALA C 79 -42.13 8.48 -28.03
C ALA C 79 -41.70 7.02 -28.27
N CYS C 80 -42.38 6.31 -29.19
CA CYS C 80 -41.98 4.94 -29.58
C CYS C 80 -40.66 4.99 -30.35
N MET C 81 -40.53 6.00 -31.20
CA MET C 81 -39.28 6.31 -31.90
C MET C 81 -38.14 6.56 -30.91
N LEU C 82 -38.32 7.52 -30.00
CA LEU C 82 -37.27 7.86 -29.01
C LEU C 82 -36.90 6.71 -28.09
N PHE C 83 -37.87 5.85 -27.76
CA PHE C 83 -37.60 4.72 -26.91
C PHE C 83 -36.54 3.79 -27.49
N VAL C 84 -36.51 3.59 -28.81
CA VAL C 84 -35.44 2.77 -29.44
C VAL C 84 -34.13 3.56 -29.66
N GLU C 85 -34.23 4.85 -29.96
CA GLU C 85 -33.05 5.73 -30.13
C GLU C 85 -32.23 5.90 -28.83
N ASN C 86 -32.80 5.52 -27.68
CA ASN C 86 -32.13 5.63 -26.39
C ASN C 86 -32.04 4.24 -25.77
N TYR C 87 -33.15 3.67 -25.34
CA TYR C 87 -33.17 2.40 -24.57
C TYR C 87 -33.05 1.10 -25.42
N GLY C 88 -33.18 1.21 -26.74
CA GLY C 88 -33.07 0.06 -27.66
C GLY C 88 -31.70 -0.61 -27.68
N GLN C 89 -30.69 0.11 -27.23
CA GLN C 89 -29.39 -0.48 -26.98
C GLN C 89 -29.53 -1.56 -25.91
N LYS C 90 -29.99 -1.15 -24.72
CA LYS C 90 -30.15 -2.05 -23.55
C LYS C 90 -31.32 -3.06 -23.63
N ILE C 91 -32.17 -2.97 -24.65
CA ILE C 91 -33.24 -3.98 -24.89
C ILE C 91 -32.64 -5.25 -25.47
N ILE C 92 -31.82 -5.09 -26.51
CA ILE C 92 -31.16 -6.22 -27.18
C ILE C 92 -30.31 -6.96 -26.15
N LYS C 93 -29.49 -6.22 -25.40
CA LYS C 93 -28.63 -6.78 -24.34
C LYS C 93 -29.33 -7.78 -23.41
N LYS C 94 -30.62 -7.55 -23.12
CA LYS C 94 -31.32 -8.38 -22.14
C LYS C 94 -32.19 -9.50 -22.76
N ASN C 95 -32.17 -9.61 -24.10
CA ASN C 95 -33.09 -10.46 -24.86
C ASN C 95 -34.55 -10.17 -24.47
N LEU C 96 -35.02 -9.04 -24.97
CA LEU C 96 -36.37 -8.56 -24.79
C LEU C 96 -37.01 -8.01 -26.09
N CYS C 97 -36.38 -8.23 -27.26
CA CYS C 97 -36.85 -7.66 -28.54
C CYS C 97 -38.26 -8.11 -28.92
N ARG C 98 -38.63 -9.33 -28.49
CA ARG C 98 -39.98 -9.89 -28.68
C ARG C 98 -41.05 -9.36 -27.70
N ASN C 99 -40.67 -9.10 -26.44
CA ASN C 99 -41.57 -8.41 -25.48
C ASN C 99 -41.74 -6.92 -25.84
N PHE C 100 -40.69 -6.31 -26.40
CA PHE C 100 -40.77 -4.96 -26.92
C PHE C 100 -41.78 -4.84 -28.06
N MET C 101 -41.80 -5.85 -28.92
CA MET C 101 -42.79 -5.94 -29.99
C MET C 101 -44.15 -6.11 -29.33
N LEU C 102 -44.28 -7.07 -28.41
CA LEU C 102 -45.53 -7.24 -27.67
C LEU C 102 -45.99 -5.89 -27.12
N HIS C 103 -45.08 -5.09 -26.57
CA HIS C 103 -45.39 -3.72 -26.12
C HIS C 103 -45.93 -2.84 -27.27
N LEU C 104 -45.25 -2.86 -28.42
CA LEU C 104 -45.71 -2.11 -29.59
C LEU C 104 -47.14 -2.49 -29.99
N VAL C 105 -47.43 -3.78 -29.95
CA VAL C 105 -48.77 -4.25 -30.27
C VAL C 105 -49.75 -3.72 -29.23
N SER C 106 -49.43 -3.83 -27.94
CA SER C 106 -50.31 -3.31 -26.88
C SER C 106 -50.58 -1.84 -27.14
N MET C 107 -49.50 -1.07 -27.32
CA MET C 107 -49.60 0.36 -27.62
C MET C 107 -50.45 0.66 -28.86
N HIS C 108 -50.29 -0.16 -29.91
CA HIS C 108 -51.18 -0.13 -31.08
C HIS C 108 -52.64 -0.44 -30.74
N ASP C 109 -52.86 -1.42 -29.87
CA ASP C 109 -54.22 -1.79 -29.47
C ASP C 109 -54.94 -0.69 -28.73
N PHE C 110 -54.22 -0.03 -27.82
CA PHE C 110 -54.74 1.13 -27.07
C PHE C 110 -55.02 2.34 -27.97
N ASN C 111 -54.61 2.27 -29.24
CA ASN C 111 -54.99 3.23 -30.30
C ASN C 111 -54.05 4.41 -30.35
N LEU C 112 -52.87 4.28 -29.72
CA LEU C 112 -51.90 5.39 -29.54
C LEU C 112 -50.88 5.52 -30.69
N ILE C 113 -50.57 4.41 -31.35
CA ILE C 113 -49.61 4.38 -32.47
C ILE C 113 -50.26 3.85 -33.74
N SER C 114 -49.99 4.54 -34.85
CA SER C 114 -50.30 4.03 -36.17
C SER C 114 -49.53 2.73 -36.40
N ILE C 115 -50.13 1.82 -37.16
CA ILE C 115 -49.44 0.59 -37.54
C ILE C 115 -48.11 0.83 -38.30
N MET C 116 -48.03 1.97 -39.00
CA MET C 116 -46.78 2.45 -39.63
C MET C 116 -45.60 2.69 -38.68
N SER C 117 -45.84 2.71 -37.36
CA SER C 117 -44.79 2.82 -36.37
C SER C 117 -44.30 1.48 -35.85
N ILE C 118 -45.11 0.43 -35.90
CA ILE C 118 -44.70 -0.88 -35.38
C ILE C 118 -43.61 -1.45 -36.26
N ASP C 119 -43.77 -1.33 -37.57
CA ASP C 119 -42.73 -1.77 -38.51
C ASP C 119 -41.50 -0.85 -38.50
N LYS C 120 -41.74 0.46 -38.41
CA LYS C 120 -40.66 1.46 -38.43
C LYS C 120 -39.81 1.48 -37.14
N ALA C 121 -40.39 1.03 -36.01
CA ALA C 121 -39.66 0.93 -34.74
C ALA C 121 -38.83 -0.35 -34.65
N VAL C 122 -39.39 -1.49 -35.06
CA VAL C 122 -38.65 -2.75 -35.12
C VAL C 122 -37.59 -2.73 -36.25
N THR C 123 -37.76 -1.86 -37.24
CA THR C 123 -36.72 -1.58 -38.23
C THR C 123 -35.49 -0.94 -37.53
N LYS C 124 -35.69 0.17 -36.82
CA LYS C 124 -34.59 0.82 -36.13
C LYS C 124 -33.93 0.01 -35.01
N LEU C 125 -34.63 -0.97 -34.43
CA LEU C 125 -34.07 -1.88 -33.40
C LEU C 125 -33.18 -2.97 -34.01
N ARG C 126 -33.55 -3.47 -35.19
CA ARG C 126 -32.75 -4.50 -35.88
C ARG C 126 -31.64 -3.89 -36.76
N GLU C 127 -31.80 -2.62 -37.15
CA GLU C 127 -30.77 -1.87 -37.88
C GLU C 127 -29.49 -1.60 -37.08
N MET C 128 -29.62 -1.47 -35.76
CA MET C 128 -28.45 -1.27 -34.88
C MET C 128 -27.77 -2.59 -34.45
N GLN C 129 -28.49 -3.71 -34.49
CA GLN C 129 -27.91 -5.04 -34.21
C GLN C 129 -26.79 -5.38 -35.18
N LYS D 20 9.78 -54.53 -43.17
CA LYS D 20 10.12 -53.10 -43.43
C LYS D 20 10.88 -52.92 -44.75
N GLY D 21 10.53 -51.85 -45.45
CA GLY D 21 11.32 -51.37 -46.58
C GLY D 21 11.06 -49.88 -46.68
N PRO D 22 12.06 -49.09 -47.10
CA PRO D 22 11.83 -47.63 -47.26
C PRO D 22 10.80 -47.30 -48.34
N VAL D 23 10.91 -47.98 -49.48
CA VAL D 23 9.93 -47.87 -50.58
C VAL D 23 8.64 -48.66 -50.33
N CYS D 24 8.73 -49.72 -49.51
CA CYS D 24 7.57 -50.50 -49.10
C CYS D 24 6.54 -49.65 -48.32
N TRP D 25 7.02 -48.86 -47.34
CA TRP D 25 6.16 -47.93 -46.56
C TRP D 25 5.34 -46.97 -47.43
N ARG D 26 5.98 -46.48 -48.50
CA ARG D 26 5.40 -45.45 -49.36
C ARG D 26 4.25 -45.99 -50.20
N LYS D 27 4.51 -47.10 -50.88
CA LYS D 27 3.49 -47.80 -51.68
C LYS D 27 2.27 -48.19 -50.84
N ARG D 28 2.51 -48.62 -49.60
CA ARG D 28 1.43 -48.96 -48.64
C ARG D 28 0.67 -47.72 -48.16
N VAL D 29 1.39 -46.62 -47.99
CA VAL D 29 0.78 -45.31 -47.72
C VAL D 29 -0.01 -44.82 -48.93
N LYS D 30 0.59 -44.89 -50.11
CA LYS D 30 -0.08 -44.53 -51.35
C LYS D 30 -1.29 -45.44 -51.64
N SER D 31 -1.21 -46.73 -51.30
CA SER D 31 -2.36 -47.66 -51.44
C SER D 31 -3.49 -47.29 -50.48
N GLU D 32 -3.15 -47.08 -49.21
CA GLU D 32 -4.13 -46.64 -48.19
C GLU D 32 -4.76 -45.30 -48.59
N TYR D 33 -3.92 -44.35 -48.99
CA TYR D 33 -4.37 -43.04 -49.51
C TYR D 33 -5.42 -43.14 -50.63
N MET D 34 -5.29 -44.13 -51.52
CA MET D 34 -6.27 -44.34 -52.60
C MET D 34 -7.60 -44.93 -52.08
N ARG D 35 -7.51 -45.89 -51.15
CA ARG D 35 -8.69 -46.55 -50.57
C ARG D 35 -9.48 -45.59 -49.70
N LEU D 36 -8.79 -44.93 -48.78
CA LEU D 36 -9.39 -43.94 -47.88
C LEU D 36 -10.10 -42.80 -48.60
N ARG D 37 -9.62 -42.46 -49.80
CA ARG D 37 -10.32 -41.49 -50.64
C ARG D 37 -11.55 -42.09 -51.35
N GLN D 38 -11.52 -43.37 -51.73
CA GLN D 38 -12.70 -43.99 -52.36
C GLN D 38 -13.90 -44.11 -51.41
N LEU D 39 -13.69 -44.69 -50.24
CA LEU D 39 -14.80 -44.95 -49.30
C LEU D 39 -15.38 -43.69 -48.65
N LYS D 40 -14.51 -42.72 -48.36
CA LYS D 40 -14.92 -41.37 -47.93
C LYS D 40 -15.80 -40.71 -49.01
N ARG D 41 -15.48 -40.96 -50.28
CA ARG D 41 -16.23 -40.42 -51.44
C ARG D 41 -17.67 -40.97 -51.54
N PHE D 42 -17.87 -42.27 -51.30
CA PHE D 42 -19.20 -42.90 -51.43
C PHE D 42 -20.13 -42.57 -50.27
N ARG D 43 -19.58 -42.40 -49.08
CA ARG D 43 -20.32 -41.84 -47.98
C ARG D 43 -20.73 -40.40 -48.31
N ARG D 44 -19.74 -39.59 -48.70
CA ARG D 44 -19.95 -38.18 -49.01
C ARG D 44 -20.84 -37.93 -50.26
N ALA D 45 -20.76 -38.82 -51.26
CA ALA D 45 -21.54 -38.66 -52.52
C ALA D 45 -23.06 -38.61 -52.30
N ASP D 46 -23.52 -39.23 -51.22
CA ASP D 46 -24.90 -39.08 -50.79
C ASP D 46 -25.12 -37.67 -50.23
N GLU D 47 -24.34 -37.31 -49.22
CA GLU D 47 -24.47 -36.00 -48.56
C GLU D 47 -24.36 -34.83 -49.54
N VAL D 48 -23.40 -34.89 -50.47
CA VAL D 48 -23.14 -33.78 -51.40
C VAL D 48 -24.29 -33.55 -52.37
N LYS D 49 -24.98 -34.62 -52.76
CA LYS D 49 -26.22 -34.51 -53.54
C LYS D 49 -27.26 -33.67 -52.78
N SER D 50 -27.36 -33.91 -51.48
CA SER D 50 -28.19 -33.11 -50.58
C SER D 50 -27.68 -31.65 -50.47
N MET D 51 -26.35 -31.48 -50.40
CA MET D 51 -25.75 -30.14 -50.41
C MET D 51 -25.93 -29.41 -51.72
N PHE D 52 -25.72 -30.12 -52.83
CA PHE D 52 -25.98 -29.54 -54.16
C PHE D 52 -27.43 -29.10 -54.24
N SER D 53 -28.33 -29.92 -53.71
CA SER D 53 -29.77 -29.65 -53.71
C SER D 53 -30.07 -28.37 -52.92
N SER D 54 -29.60 -28.35 -51.68
CA SER D 54 -29.67 -27.19 -50.82
C SER D 54 -29.07 -25.96 -51.52
N ASN D 55 -27.83 -26.11 -52.00
CA ASN D 55 -27.10 -25.05 -52.73
C ASN D 55 -27.87 -24.58 -53.97
N ARG D 56 -28.49 -25.52 -54.68
CA ARG D 56 -29.27 -25.21 -55.86
C ARG D 56 -30.48 -24.37 -55.45
N GLN D 57 -31.13 -24.76 -54.37
CA GLN D 57 -32.18 -23.94 -53.75
C GLN D 57 -31.70 -22.52 -53.52
N LYS D 58 -30.57 -22.39 -52.83
CA LYS D 58 -29.97 -21.07 -52.50
C LYS D 58 -29.76 -20.23 -53.75
N ILE D 59 -29.35 -20.89 -54.83
CA ILE D 59 -29.14 -20.20 -56.08
C ILE D 59 -30.46 -19.63 -56.61
N LEU D 60 -31.51 -20.46 -56.62
CA LEU D 60 -32.82 -20.07 -57.19
C LEU D 60 -33.32 -18.73 -56.63
N GLU D 61 -33.38 -18.66 -55.31
CA GLU D 61 -33.94 -17.48 -54.64
C GLU D 61 -33.10 -16.26 -54.97
N ARG D 62 -31.80 -16.42 -54.87
CA ARG D 62 -30.89 -15.30 -55.04
C ARG D 62 -30.83 -14.85 -56.48
N THR D 63 -30.86 -15.82 -57.39
CA THR D 63 -31.01 -15.49 -58.79
C THR D 63 -32.30 -14.69 -58.94
N GLU D 64 -33.40 -15.24 -58.40
CA GLU D 64 -34.73 -14.59 -58.47
C GLU D 64 -34.62 -13.14 -58.01
N ILE D 65 -34.01 -12.94 -56.84
CA ILE D 65 -33.85 -11.60 -56.21
C ILE D 65 -33.07 -10.62 -57.07
N LEU D 66 -32.06 -11.08 -57.80
CA LEU D 66 -31.40 -10.23 -58.76
C LEU D 66 -32.31 -9.97 -59.96
N ASN D 67 -32.99 -11.01 -60.41
CA ASN D 67 -33.80 -10.95 -61.61
C ASN D 67 -34.96 -9.97 -61.51
N GLN D 68 -35.61 -9.92 -60.34
CA GLN D 68 -36.75 -9.02 -60.10
C GLN D 68 -36.28 -7.55 -60.13
N GLU D 69 -35.08 -7.33 -59.57
CA GLU D 69 -34.40 -6.02 -59.59
C GLU D 69 -33.95 -5.59 -60.99
N TRP D 70 -33.63 -6.56 -61.85
CA TRP D 70 -33.40 -6.31 -63.28
C TRP D 70 -34.66 -5.83 -64.00
N LYS D 71 -35.82 -6.38 -63.64
CA LYS D 71 -37.08 -5.99 -64.30
C LYS D 71 -37.49 -4.51 -64.09
N GLN D 72 -37.01 -3.88 -63.03
CA GLN D 72 -37.21 -2.44 -62.80
C GLN D 72 -36.26 -1.56 -63.65
N ARG D 73 -35.20 -2.18 -64.20
CA ARG D 73 -34.18 -1.52 -65.04
C ARG D 73 -34.54 -1.51 -66.55
N ARG D 74 -34.62 -0.32 -67.13
CA ARG D 74 -34.73 -0.15 -68.58
C ARG D 74 -33.48 0.60 -69.03
N ILE D 75 -32.60 -0.08 -69.78
CA ILE D 75 -31.23 0.43 -70.02
C ILE D 75 -30.97 0.86 -71.48
N GLN D 76 -32.02 1.22 -72.22
CA GLN D 76 -31.93 1.73 -73.62
C GLN D 76 -30.58 1.49 -74.37
N PRO D 77 -30.20 0.21 -74.56
CA PRO D 77 -28.81 -0.14 -74.93
C PRO D 77 -28.46 0.01 -76.41
N VAL D 78 -27.32 -0.56 -76.79
CA VAL D 78 -27.07 -1.12 -78.14
C VAL D 78 -27.03 -0.12 -79.33
N HIS D 79 -26.73 1.15 -79.07
CA HIS D 79 -26.73 2.15 -80.14
C HIS D 79 -25.45 2.08 -80.97
N ILE D 80 -25.60 2.12 -82.29
CA ILE D 80 -24.48 2.19 -83.24
C ILE D 80 -24.48 3.53 -83.91
N LEU D 81 -23.29 4.02 -84.26
CA LEU D 81 -23.15 5.29 -84.98
C LEU D 81 -22.14 5.16 -86.13
N THR D 82 -22.36 5.98 -87.16
CA THR D 82 -21.45 6.16 -88.30
C THR D 82 -21.44 7.64 -88.75
N SER D 83 -22.63 8.24 -88.96
CA SER D 83 -22.77 9.68 -89.23
C SER D 83 -22.34 10.51 -87.99
N VAL D 84 -21.62 11.63 -88.13
CA VAL D 84 -21.26 12.31 -89.39
C VAL D 84 -20.26 11.47 -90.21
N SER D 85 -20.64 11.15 -91.47
CA SER D 85 -19.86 10.24 -92.35
C SER D 85 -18.37 10.58 -92.41
N SER D 86 -17.55 9.53 -92.49
CA SER D 86 -16.11 9.63 -92.35
C SER D 86 -15.52 10.74 -93.23
N LEU D 87 -14.70 11.59 -92.64
CA LEU D 87 -14.09 12.74 -93.33
C LEU D 87 -12.78 12.36 -94.08
N ARG D 88 -12.53 11.05 -94.24
CA ARG D 88 -11.25 10.48 -94.71
C ARG D 88 -10.06 10.83 -93.80
N GLY D 89 -10.26 10.67 -92.49
CA GLY D 89 -9.18 10.76 -91.49
C GLY D 89 -9.46 10.04 -90.16
N THR D 90 -10.07 8.86 -90.23
CA THR D 90 -10.16 7.93 -89.09
C THR D 90 -9.99 6.50 -89.62
N ARG D 91 -9.29 5.67 -88.85
CA ARG D 91 -9.00 4.28 -89.23
C ARG D 91 -10.28 3.46 -89.08
N GLU D 92 -10.28 2.21 -89.55
CA GLU D 92 -11.47 1.37 -89.49
C GLU D 92 -11.20 -0.06 -89.00
N CYS D 93 -12.03 -0.56 -88.08
CA CYS D 93 -11.99 -1.97 -87.66
C CYS D 93 -12.80 -2.81 -88.64
N SER D 94 -12.16 -3.79 -89.25
CA SER D 94 -12.76 -4.64 -90.27
C SER D 94 -12.91 -6.07 -89.76
N VAL D 95 -14.05 -6.71 -90.02
CA VAL D 95 -14.38 -8.02 -89.40
C VAL D 95 -14.93 -9.00 -90.44
N THR D 96 -14.26 -10.15 -90.58
CA THR D 96 -14.52 -11.09 -91.68
C THR D 96 -15.64 -12.04 -91.28
N SER D 97 -16.06 -12.97 -92.17
CA SER D 97 -17.05 -14.00 -91.78
C SER D 97 -17.01 -15.34 -92.54
N ASP D 98 -17.22 -16.42 -91.79
CA ASP D 98 -17.36 -17.79 -92.29
C ASP D 98 -18.73 -17.99 -92.94
N LEU D 99 -19.72 -17.20 -92.50
CA LEU D 99 -21.07 -17.24 -93.07
C LEU D 99 -21.18 -16.84 -94.54
N ASP D 100 -20.13 -16.23 -95.11
CA ASP D 100 -20.19 -15.62 -96.45
C ASP D 100 -20.96 -14.28 -96.41
N PHE D 101 -21.36 -13.82 -95.22
CA PHE D 101 -21.98 -12.50 -95.08
C PHE D 101 -20.85 -11.51 -95.34
N PRO D 102 -21.14 -10.41 -96.08
CA PRO D 102 -20.06 -9.44 -96.39
C PRO D 102 -19.31 -8.89 -95.18
N THR D 103 -17.99 -8.80 -95.31
CA THR D 103 -17.12 -8.19 -94.30
C THR D 103 -17.59 -6.80 -93.87
N GLN D 104 -17.74 -6.59 -92.56
CA GLN D 104 -18.35 -5.37 -92.00
C GLN D 104 -17.24 -4.39 -91.63
N VAL D 105 -17.48 -3.09 -91.82
CA VAL D 105 -16.45 -2.08 -91.60
C VAL D 105 -17.02 -0.92 -90.76
N ILE D 106 -16.24 -0.49 -89.76
CA ILE D 106 -16.64 0.48 -88.75
C ILE D 106 -15.51 1.51 -88.57
N PRO D 107 -15.84 2.80 -88.36
CA PRO D 107 -14.80 3.79 -88.01
C PRO D 107 -14.26 3.59 -86.59
N LEU D 108 -12.94 3.64 -86.43
CA LEU D 108 -12.27 3.25 -85.20
C LEU D 108 -12.04 4.45 -84.27
N LYS D 109 -12.83 4.51 -83.20
CA LYS D 109 -12.79 5.60 -82.22
C LYS D 109 -11.61 5.44 -81.27
N THR D 110 -10.60 6.28 -81.45
CA THR D 110 -9.49 6.35 -80.51
C THR D 110 -9.97 6.67 -79.09
N LEU D 111 -9.20 6.21 -78.10
CA LEU D 111 -9.36 6.56 -76.70
C LEU D 111 -8.09 7.29 -76.32
N ASN D 112 -8.21 8.56 -75.93
CA ASN D 112 -7.06 9.47 -75.87
C ASN D 112 -6.35 9.50 -74.52
N ALA D 113 -5.02 9.42 -74.54
CA ALA D 113 -4.13 9.90 -73.49
C ALA D 113 -4.53 9.65 -72.02
N VAL D 114 -3.87 8.68 -71.38
CA VAL D 114 -3.89 8.54 -69.92
C VAL D 114 -2.47 8.19 -69.41
N ALA D 115 -2.06 8.84 -68.31
CA ALA D 115 -0.70 8.67 -67.75
C ALA D 115 -0.55 7.32 -67.05
N SER D 116 0.31 6.46 -67.60
CA SER D 116 0.61 5.19 -66.98
C SER D 116 1.40 5.45 -65.72
N VAL D 117 0.91 4.93 -64.60
CA VAL D 117 1.62 5.04 -63.33
C VAL D 117 2.68 3.93 -63.27
N PRO D 118 3.89 4.19 -62.71
CA PRO D 118 4.96 3.18 -62.79
C PRO D 118 4.65 1.91 -62.04
N ILE D 119 5.41 0.84 -62.33
CA ILE D 119 5.16 -0.47 -61.72
C ILE D 119 5.43 -0.39 -60.20
N MET D 120 4.58 -1.06 -59.42
CA MET D 120 4.79 -1.25 -57.99
C MET D 120 3.95 -2.44 -57.52
N TYR D 121 4.60 -3.47 -56.99
CA TYR D 121 3.91 -4.63 -56.40
C TYR D 121 3.58 -4.30 -54.94
N SER D 122 2.49 -4.85 -54.40
CA SER D 122 1.93 -4.36 -53.12
C SER D 122 2.79 -4.82 -51.96
N TRP D 123 2.82 -3.96 -50.93
CA TRP D 123 3.71 -4.09 -49.77
C TRP D 123 3.07 -3.47 -48.53
N SER D 124 3.40 -4.06 -47.36
CA SER D 124 2.83 -3.67 -46.08
C SER D 124 3.80 -2.71 -45.39
N PRO D 125 3.27 -1.69 -44.67
CA PRO D 125 4.14 -0.73 -44.01
C PRO D 125 4.69 -1.18 -42.64
N LEU D 126 5.86 -0.64 -42.30
CA LEU D 126 6.60 -0.95 -41.09
C LEU D 126 7.19 0.32 -40.47
N GLN D 127 7.24 0.37 -39.13
CA GLN D 127 8.05 1.33 -38.40
C GLN D 127 9.27 0.69 -37.80
N GLN D 128 9.11 -0.57 -37.37
CA GLN D 128 10.17 -1.36 -36.81
C GLN D 128 10.25 -2.64 -37.63
N ASN D 129 11.47 -3.09 -37.92
CA ASN D 129 11.73 -4.36 -38.63
C ASN D 129 10.90 -5.56 -38.12
N PHE D 130 10.96 -6.68 -38.85
CA PHE D 130 10.02 -7.79 -38.66
C PHE D 130 10.68 -9.13 -39.01
N MET D 131 11.00 -9.91 -37.98
CA MET D 131 11.66 -11.23 -38.12
C MET D 131 10.69 -12.09 -38.90
N VAL D 132 11.23 -12.93 -39.79
CA VAL D 132 10.40 -13.86 -40.57
C VAL D 132 11.11 -15.19 -40.68
N GLU D 133 10.35 -16.27 -40.56
CA GLU D 133 10.90 -17.63 -40.64
C GLU D 133 11.48 -17.91 -42.04
N ASP D 134 12.41 -18.85 -42.14
CA ASP D 134 12.86 -19.34 -43.44
C ASP D 134 11.74 -20.19 -44.05
N GLU D 135 11.49 -20.04 -45.36
CA GLU D 135 10.56 -20.95 -46.07
C GLU D 135 11.41 -21.97 -46.80
N THR D 136 11.22 -23.24 -46.43
CA THR D 136 11.96 -24.34 -47.03
C THR D 136 11.40 -24.75 -48.41
N VAL D 137 10.09 -24.55 -48.64
CA VAL D 137 9.44 -24.84 -49.94
C VAL D 137 8.85 -23.57 -50.52
N LEU D 138 9.26 -23.22 -51.75
CA LEU D 138 8.70 -22.05 -52.40
C LEU D 138 7.33 -22.46 -52.88
N HIS D 139 6.34 -21.59 -52.66
CA HIS D 139 4.94 -21.91 -52.98
C HIS D 139 4.42 -21.35 -54.31
N ASN D 140 5.33 -20.96 -55.20
CA ASN D 140 4.99 -20.23 -56.42
C ASN D 140 6.18 -20.22 -57.37
N ILE D 141 6.01 -20.56 -58.64
CA ILE D 141 7.12 -20.36 -59.59
C ILE D 141 6.86 -19.03 -60.28
N PRO D 142 7.83 -18.08 -60.23
CA PRO D 142 7.48 -16.81 -60.87
C PRO D 142 7.34 -17.02 -62.39
N TYR D 143 6.36 -16.35 -62.97
CA TYR D 143 6.14 -16.37 -64.39
C TYR D 143 6.86 -15.16 -64.94
N MET D 144 7.91 -15.41 -65.69
CA MET D 144 8.42 -14.44 -66.66
C MET D 144 8.47 -15.10 -68.03
N GLY D 145 8.17 -16.40 -68.05
CA GLY D 145 8.82 -17.35 -68.95
C GLY D 145 8.34 -17.51 -70.38
N ASP D 146 7.27 -16.80 -70.76
CA ASP D 146 6.60 -17.07 -72.03
C ASP D 146 7.11 -16.20 -73.16
N GLU D 147 7.19 -14.88 -72.93
CA GLU D 147 7.92 -13.99 -73.84
C GLU D 147 9.43 -14.29 -73.80
N VAL D 148 9.89 -14.80 -72.65
CA VAL D 148 11.23 -15.39 -72.49
C VAL D 148 11.41 -16.67 -73.33
N LEU D 149 10.36 -17.48 -73.45
CA LEU D 149 10.38 -18.78 -74.19
C LEU D 149 11.44 -19.75 -73.62
N ASP D 150 11.51 -19.80 -72.27
CA ASP D 150 12.31 -20.79 -71.55
C ASP D 150 13.79 -20.76 -71.95
N GLN D 151 14.37 -19.55 -72.02
CA GLN D 151 15.80 -19.33 -72.29
C GLN D 151 16.38 -18.19 -71.42
N ASP D 152 17.32 -18.45 -70.50
CA ASP D 152 17.95 -19.76 -70.27
C ASP D 152 17.17 -20.57 -69.23
N GLY D 153 16.64 -21.73 -69.68
CA GLY D 153 15.83 -22.62 -68.83
C GLY D 153 16.53 -23.12 -67.58
N THR D 154 17.86 -23.22 -67.66
CA THR D 154 18.74 -23.45 -66.52
C THR D 154 18.35 -22.71 -65.23
N PHE D 155 17.89 -21.47 -65.36
CA PHE D 155 17.43 -20.68 -64.22
C PHE D 155 16.32 -21.40 -63.47
N ILE D 156 15.31 -21.84 -64.23
CA ILE D 156 14.13 -22.43 -63.63
C ILE D 156 14.49 -23.73 -62.90
N GLU D 157 15.52 -24.43 -63.36
CA GLU D 157 16.04 -25.60 -62.63
C GLU D 157 16.76 -25.18 -61.36
N GLU D 158 17.72 -24.28 -61.48
CA GLU D 158 18.58 -23.90 -60.35
C GLU D 158 17.86 -23.05 -59.30
N LEU D 159 16.81 -22.35 -59.70
CA LEU D 159 15.89 -21.69 -58.76
C LEU D 159 15.29 -22.69 -57.78
N ILE D 160 14.81 -23.79 -58.32
CA ILE D 160 14.17 -24.85 -57.55
C ILE D 160 15.19 -25.60 -56.67
N LYS D 161 16.46 -25.66 -57.09
CA LYS D 161 17.50 -26.35 -56.33
C LYS D 161 17.81 -25.76 -54.95
N ASN D 162 17.82 -24.43 -54.87
CA ASN D 162 17.95 -23.72 -53.57
C ASN D 162 16.90 -24.12 -52.54
N TYR D 163 15.75 -24.61 -53.01
CA TYR D 163 14.72 -25.20 -52.15
C TYR D 163 14.76 -26.76 -52.19
N ASP D 164 15.96 -27.35 -52.32
CA ASP D 164 16.16 -28.82 -52.39
C ASP D 164 15.43 -29.52 -53.54
N GLY D 165 14.91 -28.76 -54.50
CA GLY D 165 13.97 -29.29 -55.49
C GLY D 165 12.49 -29.26 -55.09
N LYS D 166 12.13 -28.57 -54.01
CA LYS D 166 10.77 -28.59 -53.46
C LYS D 166 9.97 -27.40 -53.94
N VAL D 167 8.78 -27.64 -54.51
CA VAL D 167 7.83 -26.58 -54.85
C VAL D 167 6.40 -27.03 -54.57
N HIS D 168 5.59 -26.13 -54.00
CA HIS D 168 4.19 -26.44 -53.68
C HIS D 168 3.33 -26.35 -54.95
N GLY D 169 2.83 -27.46 -55.49
CA GLY D 169 2.93 -28.81 -54.93
C GLY D 169 3.47 -29.81 -55.92
N ASP D 170 4.75 -30.16 -55.77
CA ASP D 170 5.45 -31.13 -56.63
C ASP D 170 5.47 -32.52 -55.99
N ARG D 171 4.48 -33.33 -56.33
CA ARG D 171 4.26 -34.63 -55.68
C ARG D 171 3.98 -35.69 -56.72
N GLU D 172 3.75 -36.91 -56.24
CA GLU D 172 2.96 -37.88 -57.00
C GLU D 172 1.52 -37.62 -56.63
N CYS D 173 1.20 -37.86 -55.36
CA CYS D 173 -0.20 -37.90 -54.91
C CYS D 173 -0.91 -36.54 -54.98
N GLY D 174 -2.03 -36.53 -55.70
CA GLY D 174 -2.70 -35.32 -56.13
C GLY D 174 -3.17 -34.48 -54.99
N PHE D 175 -4.17 -34.97 -54.27
CA PHE D 175 -4.88 -34.17 -53.30
C PHE D 175 -4.41 -34.52 -51.91
N ILE D 176 -4.59 -33.60 -50.97
CA ILE D 176 -4.52 -33.89 -49.53
C ILE D 176 -5.09 -32.72 -48.72
N ASN D 177 -5.84 -33.07 -47.67
CA ASN D 177 -6.64 -32.16 -46.85
C ASN D 177 -6.60 -32.66 -45.40
N ASP D 178 -6.73 -31.74 -44.44
CA ASP D 178 -6.64 -32.05 -43.00
C ASP D 178 -7.38 -33.33 -42.58
N GLU D 179 -8.68 -33.40 -42.86
CA GLU D 179 -9.49 -34.58 -42.51
C GLU D 179 -9.01 -35.86 -43.21
N ILE D 180 -8.55 -35.74 -44.46
CA ILE D 180 -7.93 -36.87 -45.19
C ILE D 180 -6.54 -37.21 -44.62
N PHE D 181 -5.81 -36.22 -44.11
CA PHE D 181 -4.49 -36.45 -43.54
C PHE D 181 -4.47 -37.16 -42.17
N VAL D 182 -5.42 -36.84 -41.29
CA VAL D 182 -5.48 -37.50 -39.97
C VAL D 182 -5.97 -38.95 -40.14
N GLU D 183 -6.93 -39.15 -41.04
CA GLU D 183 -7.38 -40.49 -41.45
C GLU D 183 -6.26 -41.32 -42.11
N LEU D 184 -5.34 -40.64 -42.81
CA LEU D 184 -4.13 -41.25 -43.38
C LEU D 184 -3.11 -41.66 -42.30
N VAL D 185 -2.88 -40.75 -41.35
CA VAL D 185 -2.03 -41.04 -40.19
C VAL D 185 -2.64 -42.22 -39.40
N ASN D 186 -3.94 -42.14 -39.12
CA ASN D 186 -4.69 -43.21 -38.45
C ASN D 186 -4.53 -44.55 -39.20
N ALA D 187 -4.90 -44.58 -40.48
CA ALA D 187 -4.87 -45.80 -41.31
C ALA D 187 -3.45 -46.30 -41.64
N LEU D 188 -2.44 -45.51 -41.30
CA LEU D 188 -1.04 -45.95 -41.31
C LEU D 188 -0.59 -46.50 -39.95
N GLY D 189 -1.15 -45.95 -38.86
CA GLY D 189 -0.90 -46.44 -37.50
C GLY D 189 -1.59 -47.77 -37.21
N GLN D 190 -2.91 -47.82 -37.49
CA GLN D 190 -3.72 -49.06 -37.43
C GLN D 190 -3.09 -50.19 -38.25
N TYR D 191 -2.51 -49.83 -39.41
CA TYR D 191 -1.84 -50.78 -40.31
C TYR D 191 -0.59 -51.40 -39.66
N ASN D 192 0.45 -50.59 -39.43
CA ASN D 192 1.72 -51.05 -38.86
C ASN D 192 2.29 -52.22 -39.68
N GLU D 193 3.41 -55.42 -35.08
CA GLU D 193 2.89 -55.35 -33.72
C GLU D 193 2.68 -53.90 -33.25
N SER D 194 1.96 -53.76 -32.15
CA SER D 194 1.62 -52.45 -31.58
C SER D 194 2.23 -52.31 -30.16
N ARG D 195 2.33 -51.11 -29.58
CA ARG D 195 1.94 -49.81 -30.16
C ARG D 195 3.16 -48.86 -30.13
N PRO D 196 3.25 -47.90 -31.09
CA PRO D 196 4.35 -46.92 -30.98
C PRO D 196 4.30 -45.96 -29.75
N PRO D 197 3.11 -45.47 -29.34
CA PRO D 197 1.78 -45.42 -29.99
C PRO D 197 1.65 -44.49 -31.22
N ARG D 198 2.44 -43.41 -31.27
CA ARG D 198 2.34 -42.40 -32.35
C ARG D 198 3.71 -41.84 -32.75
N SER D 202 3.83 -44.12 -35.27
CA SER D 202 5.24 -44.44 -35.51
C SER D 202 6.11 -43.21 -35.80
N ASP D 203 7.38 -43.32 -35.40
CA ASP D 203 8.42 -42.32 -35.73
C ASP D 203 9.03 -42.60 -37.10
N LYS D 204 8.93 -43.85 -37.57
CA LYS D 204 9.41 -44.22 -38.89
C LYS D 204 8.49 -43.71 -40.02
N ILE D 205 7.17 -43.67 -39.77
CA ILE D 205 6.20 -43.37 -40.84
C ILE D 205 6.13 -41.92 -41.34
N PHE D 206 6.42 -40.94 -40.48
CA PHE D 206 6.40 -39.51 -40.90
C PHE D 206 7.46 -39.17 -41.95
N GLU D 207 8.51 -39.97 -42.04
CA GLU D 207 9.49 -39.91 -43.13
C GLU D 207 8.89 -40.38 -44.47
N ALA D 208 8.14 -41.48 -44.44
CA ALA D 208 7.52 -42.05 -45.63
C ALA D 208 6.57 -41.06 -46.30
N ILE D 209 5.58 -40.58 -45.56
CA ILE D 209 4.58 -39.65 -46.12
C ILE D 209 5.18 -38.33 -46.61
N SER D 210 6.23 -37.82 -45.95
CA SER D 210 6.82 -36.53 -46.35
C SER D 210 7.56 -36.61 -47.69
N SER D 211 8.06 -37.80 -48.04
CA SER D 211 8.71 -38.02 -49.34
C SER D 211 7.68 -38.15 -50.47
N MET D 212 6.49 -38.65 -50.17
CA MET D 212 5.34 -38.61 -51.11
C MET D 212 4.85 -37.16 -51.37
N PHE D 213 4.89 -36.33 -50.32
CA PHE D 213 4.43 -34.93 -50.35
C PHE D 213 5.55 -33.95 -49.94
N PRO D 214 6.61 -33.81 -50.77
CA PRO D 214 7.72 -32.91 -50.39
C PRO D 214 7.37 -31.46 -49.99
N ASP D 215 6.29 -30.90 -50.54
CA ASP D 215 5.81 -29.56 -50.12
C ASP D 215 5.15 -29.53 -48.75
N LYS D 216 4.80 -30.70 -48.23
CA LYS D 216 4.29 -30.86 -46.88
C LYS D 216 5.38 -31.29 -45.85
N GLY D 217 6.52 -31.81 -46.32
CA GLY D 217 7.66 -32.11 -45.46
C GLY D 217 8.33 -30.88 -44.85
N THR D 218 9.30 -31.04 -43.95
CA THR D 218 9.94 -32.33 -43.60
C THR D 218 9.07 -33.19 -42.66
N ALA D 219 9.58 -34.37 -42.30
CA ALA D 219 8.87 -35.33 -41.46
C ALA D 219 8.55 -34.81 -40.05
N GLU D 220 9.53 -34.17 -39.42
CA GLU D 220 9.37 -33.54 -38.10
C GLU D 220 8.22 -32.50 -38.07
N GLU D 221 8.15 -31.67 -39.12
CA GLU D 221 7.09 -30.66 -39.27
C GLU D 221 5.70 -31.29 -39.41
N LEU D 222 5.63 -32.47 -40.03
CA LEU D 222 4.39 -33.25 -40.14
C LEU D 222 3.98 -33.94 -38.85
N LYS D 223 4.97 -34.35 -38.04
CA LYS D 223 4.70 -34.87 -36.70
C LYS D 223 4.08 -33.80 -35.81
N GLU D 224 4.60 -32.57 -35.91
CA GLU D 224 4.09 -31.42 -35.15
C GLU D 224 2.69 -31.00 -35.63
N LYS D 225 2.47 -30.99 -36.95
CA LYS D 225 1.12 -30.77 -37.50
C LYS D 225 0.13 -31.79 -36.96
N TYR D 226 0.53 -33.06 -36.95
CA TYR D 226 -0.33 -34.15 -36.46
C TYR D 226 -0.74 -33.94 -34.98
N LYS D 227 0.19 -33.47 -34.16
CA LYS D 227 -0.11 -33.14 -32.75
C LYS D 227 -1.15 -32.01 -32.64
N GLU D 228 -0.97 -30.95 -33.44
CA GLU D 228 -1.92 -29.84 -33.46
C GLU D 228 -3.32 -30.31 -33.82
N LEU D 229 -3.40 -31.24 -34.77
CA LEU D 229 -4.69 -31.73 -35.29
C LEU D 229 -5.25 -32.96 -34.51
N THR D 230 -4.69 -33.27 -33.34
CA THR D 230 -5.24 -34.30 -32.44
C THR D 230 -5.48 -33.74 -31.01
N GLN D 231 -6.70 -33.22 -30.79
CA GLN D 231 -7.07 -32.50 -29.56
C GLN D 231 -7.51 -33.47 -28.46
N PRO D 239 -7.23 -27.81 -21.38
CA PRO D 239 -6.21 -28.14 -22.37
C PRO D 239 -4.76 -28.15 -21.80
N PRO D 240 -4.36 -29.24 -21.09
CA PRO D 240 -3.00 -29.32 -20.49
C PRO D 240 -1.79 -29.12 -21.45
N GLU D 241 -0.62 -28.64 -20.99
CA GLU D 241 -0.38 -28.06 -19.64
C GLU D 241 -0.81 -26.56 -19.62
N CYS D 242 -1.97 -26.32 -19.01
CA CYS D 242 -2.61 -25.00 -18.93
C CYS D 242 -2.63 -24.60 -17.48
N THR D 243 -2.95 -23.35 -17.24
CA THR D 243 -3.28 -22.89 -15.92
C THR D 243 -4.60 -22.17 -16.04
N PRO D 244 -5.66 -22.71 -15.42
CA PRO D 244 -6.96 -22.05 -15.37
C PRO D 244 -6.91 -20.61 -14.88
N ASN D 245 -7.95 -19.86 -15.23
CA ASN D 245 -8.02 -18.43 -14.97
C ASN D 245 -7.99 -18.12 -13.47
N ILE D 246 -7.06 -17.26 -13.03
CA ILE D 246 -7.12 -16.75 -11.65
C ILE D 246 -8.45 -16.01 -11.51
N ASP D 247 -8.68 -15.06 -12.41
CA ASP D 247 -10.00 -14.41 -12.54
C ASP D 247 -10.92 -15.37 -13.27
N GLY D 248 -11.36 -16.45 -12.62
CA GLY D 248 -12.15 -17.52 -13.26
C GLY D 248 -13.13 -18.27 -12.37
N PRO D 249 -13.90 -19.19 -12.96
CA PRO D 249 -14.77 -20.08 -12.19
C PRO D 249 -14.06 -21.36 -11.79
N ASN D 250 -12.87 -21.59 -12.34
CA ASN D 250 -12.16 -22.80 -12.07
C ASN D 250 -10.73 -22.47 -11.65
N ALA D 251 -10.61 -21.42 -10.84
CA ALA D 251 -9.33 -21.03 -10.27
C ALA D 251 -8.85 -22.13 -9.32
N LYS D 252 -7.84 -22.89 -9.75
CA LYS D 252 -7.23 -23.95 -8.94
C LYS D 252 -6.01 -23.41 -8.14
N SER D 253 -5.71 -24.02 -7.00
CA SER D 253 -4.55 -23.64 -6.19
C SER D 253 -3.32 -24.10 -6.95
N VAL D 254 -2.39 -23.17 -7.20
CA VAL D 254 -1.22 -23.44 -8.04
C VAL D 254 0.06 -22.71 -7.53
N GLN D 255 1.22 -23.36 -7.70
CA GLN D 255 2.50 -22.78 -7.27
C GLN D 255 2.88 -21.53 -8.01
N ARG D 256 3.86 -20.83 -7.49
CA ARG D 256 4.27 -19.55 -8.06
C ARG D 256 4.68 -19.64 -9.51
N GLU D 257 5.65 -20.52 -9.81
CA GLU D 257 6.16 -20.67 -11.18
C GLU D 257 5.06 -21.04 -12.20
N GLN D 258 4.07 -21.82 -11.76
CA GLN D 258 2.99 -22.26 -12.63
C GLN D 258 2.00 -21.16 -12.92
N SER D 259 1.71 -20.30 -11.93
CA SER D 259 0.76 -19.17 -12.12
C SER D 259 1.30 -18.14 -13.12
N LEU D 260 2.61 -17.91 -13.06
CA LEU D 260 3.29 -16.96 -13.94
C LEU D 260 3.88 -17.58 -15.21
N HIS D 261 3.96 -18.92 -15.26
CA HIS D 261 4.51 -19.67 -16.42
C HIS D 261 4.24 -19.05 -17.79
N SER D 262 2.98 -18.70 -18.02
CA SER D 262 2.54 -18.11 -19.28
C SER D 262 3.15 -16.72 -19.56
N PHE D 263 3.47 -15.95 -18.51
CA PHE D 263 4.02 -14.60 -18.68
C PHE D 263 5.52 -14.63 -18.89
N HIS D 264 6.23 -15.26 -17.96
CA HIS D 264 7.69 -15.41 -18.04
C HIS D 264 8.14 -15.97 -19.39
N THR D 265 7.52 -17.09 -19.75
CA THR D 265 7.96 -17.89 -20.88
C THR D 265 7.85 -17.07 -22.17
N LEU D 266 6.87 -16.17 -22.21
CA LEU D 266 6.39 -15.53 -23.41
C LEU D 266 6.66 -14.01 -23.49
N PHE D 267 7.07 -13.38 -22.39
CA PHE D 267 7.40 -11.94 -22.38
C PHE D 267 8.78 -11.73 -22.95
N CYS D 268 8.94 -10.66 -23.72
CA CYS D 268 10.25 -10.28 -24.27
C CYS D 268 10.83 -9.14 -23.47
N ARG D 269 11.88 -9.46 -22.71
CA ARG D 269 12.63 -8.49 -21.89
C ARG D 269 13.11 -7.27 -22.70
N ARG D 270 13.45 -7.49 -23.97
CA ARG D 270 14.20 -6.51 -24.77
C ARG D 270 13.37 -5.38 -25.39
N CYS D 271 12.13 -5.70 -25.78
CA CYS D 271 11.16 -4.69 -26.28
C CYS D 271 9.79 -4.64 -25.56
N PHE D 272 9.62 -5.42 -24.47
CA PHE D 272 8.46 -5.33 -23.54
C PHE D 272 7.10 -5.87 -24.04
N LYS D 273 7.11 -6.81 -24.97
CA LYS D 273 5.87 -7.35 -25.52
C LYS D 273 5.84 -8.87 -25.37
N TYR D 274 4.64 -9.41 -25.37
CA TYR D 274 4.43 -10.84 -25.26
C TYR D 274 4.49 -11.43 -26.67
N ASP D 275 5.45 -12.33 -26.88
CA ASP D 275 5.69 -13.00 -28.16
C ASP D 275 5.96 -11.96 -29.22
N CYS D 276 7.07 -11.23 -29.04
CA CYS D 276 7.39 -10.11 -29.91
C CYS D 276 7.81 -10.59 -31.30
N PHE D 277 7.79 -9.64 -32.24
CA PHE D 277 8.03 -9.90 -33.68
C PHE D 277 9.49 -9.89 -34.08
N LEU D 278 10.35 -9.42 -33.19
CA LEU D 278 11.74 -9.14 -33.52
C LEU D 278 12.73 -10.18 -32.96
N HIS D 279 12.50 -10.69 -31.74
CA HIS D 279 13.46 -11.55 -31.02
C HIS D 279 12.92 -12.96 -30.86
N PRO D 280 13.55 -13.93 -31.52
CA PRO D 280 12.95 -15.26 -31.67
C PRO D 280 13.28 -16.33 -30.59
N PHE D 281 14.20 -16.04 -29.67
CA PHE D 281 14.48 -16.93 -28.52
C PHE D 281 13.65 -16.52 -27.31
N HIS D 282 13.63 -17.37 -26.30
CA HIS D 282 12.81 -17.16 -25.10
C HIS D 282 13.57 -16.41 -23.99
N ALA D 283 12.88 -16.19 -22.87
CA ALA D 283 13.47 -15.73 -21.62
C ALA D 283 14.63 -16.62 -21.16
N THR D 284 15.53 -16.04 -20.36
CA THR D 284 16.93 -16.47 -20.33
C THR D 284 17.48 -17.54 -19.35
N PRO D 285 16.72 -18.02 -18.33
CA PRO D 285 15.52 -17.60 -17.63
C PRO D 285 15.84 -16.92 -16.28
N ASN D 286 17.12 -16.61 -16.04
CA ASN D 286 17.50 -15.83 -14.87
C ASN D 286 17.39 -14.33 -15.14
N THR D 287 16.61 -13.94 -16.14
CA THR D 287 16.18 -12.56 -16.30
C THR D 287 14.94 -12.30 -15.45
N TYR D 288 14.09 -13.32 -15.28
CA TYR D 288 12.88 -13.18 -14.47
C TYR D 288 12.99 -13.69 -13.02
N LYS D 289 14.22 -13.89 -12.55
CA LYS D 289 14.47 -13.97 -11.12
C LYS D 289 15.05 -12.64 -10.73
N ARG D 290 14.85 -12.24 -9.49
CA ARG D 290 15.28 -10.93 -9.04
C ARG D 290 16.34 -11.08 -7.94
N LYS D 291 16.83 -9.95 -7.47
CA LYS D 291 17.59 -9.87 -6.23
C LYS D 291 16.63 -10.04 -5.04
N ASN D 292 17.02 -10.83 -4.04
CA ASN D 292 16.19 -11.05 -2.83
C ASN D 292 16.13 -9.84 -1.89
N THR D 293 17.08 -8.91 -2.08
CA THR D 293 17.04 -7.57 -1.49
C THR D 293 16.36 -6.67 -2.56
N GLU D 294 15.60 -5.62 -2.19
CA GLU D 294 15.67 -4.89 -0.90
C GLU D 294 14.27 -4.61 -0.31
N THR D 295 14.15 -4.27 0.99
CA THR D 295 15.26 -4.05 1.95
C THR D 295 15.19 -4.89 3.25
N ALA D 296 14.27 -5.84 3.34
CA ALA D 296 14.04 -6.68 4.55
C ALA D 296 13.73 -5.87 5.84
N LEU D 297 12.98 -4.78 5.67
CA LEU D 297 12.81 -3.74 6.71
C LEU D 297 11.70 -4.07 7.72
N ASP D 298 11.96 -3.78 9.00
CA ASP D 298 10.92 -3.83 10.03
C ASP D 298 9.97 -2.64 9.85
N ASN D 299 8.69 -2.95 9.72
CA ASN D 299 7.66 -1.95 9.62
C ASN D 299 6.47 -2.47 10.40
N LYS D 300 5.89 -1.64 11.25
CA LYS D 300 4.64 -2.00 11.92
C LYS D 300 3.95 -0.75 12.49
N PRO D 301 2.65 -0.88 12.85
CA PRO D 301 1.71 -2.00 12.64
C PRO D 301 1.17 -2.01 11.19
N CYS D 302 0.09 -2.75 10.94
CA CYS D 302 -0.52 -2.78 9.59
C CYS D 302 -1.24 -1.47 9.21
N GLY D 303 -2.22 -0.99 9.98
CA GLY D 303 -2.91 -1.67 11.08
C GLY D 303 -4.34 -1.94 10.64
N PRO D 304 -5.26 -2.26 11.57
CA PRO D 304 -5.06 -2.65 12.97
C PRO D 304 -5.02 -4.16 13.14
N GLN D 305 -6.01 -4.87 12.60
CA GLN D 305 -5.94 -6.33 12.49
C GLN D 305 -4.69 -6.74 11.67
N CYS D 306 -3.56 -6.74 12.38
CA CYS D 306 -2.23 -7.03 11.84
C CYS D 306 -1.77 -8.38 12.36
N TYR D 307 -0.72 -8.93 11.75
CA TYR D 307 -0.04 -10.09 12.31
C TYR D 307 0.75 -9.64 13.56
N GLN D 308 0.16 -9.79 14.75
CA GLN D 308 0.71 -9.28 16.02
C GLN D 308 0.12 -10.01 17.26
N HIS D 309 0.57 -9.69 18.48
CA HIS D 309 1.92 -9.20 18.77
C HIS D 309 2.65 -10.26 19.62
N LEU D 310 2.09 -11.47 19.67
CA LEU D 310 2.55 -12.50 20.59
C LEU D 310 3.82 -13.12 20.02
N GLU D 311 4.56 -13.83 20.87
CA GLU D 311 5.85 -14.43 20.48
C GLU D 311 5.60 -15.15 19.18
N GLY D 312 6.36 -14.80 18.15
CA GLY D 312 6.22 -15.42 16.86
C GLY D 312 5.56 -14.58 15.77
N ALA D 313 4.94 -13.46 16.15
CA ALA D 313 4.40 -12.52 15.17
C ALA D 313 5.46 -12.23 14.10
N LYS D 314 6.52 -11.52 14.48
CA LYS D 314 7.66 -11.27 13.58
C LYS D 314 8.79 -12.28 13.80
N GLU D 315 8.77 -13.00 14.91
CA GLU D 315 9.90 -13.84 15.33
C GLU D 315 9.79 -15.31 14.92
N PHE D 316 8.59 -15.74 14.53
CA PHE D 316 8.35 -17.08 13.96
C PHE D 316 8.28 -16.95 12.45
N ALA D 317 7.78 -15.81 11.97
CA ALA D 317 7.94 -15.41 10.59
C ALA D 317 9.42 -15.37 10.22
N ALA D 318 10.21 -14.60 10.97
CA ALA D 318 11.65 -14.45 10.71
C ALA D 318 12.41 -15.75 10.88
N ALA D 319 12.00 -16.55 11.87
CA ALA D 319 12.59 -17.86 12.14
C ALA D 319 12.30 -18.88 11.03
N LEU D 320 11.10 -18.85 10.45
CA LEU D 320 10.75 -19.75 9.35
C LEU D 320 11.58 -19.49 8.09
N THR D 321 11.76 -18.21 7.74
CA THR D 321 12.60 -17.82 6.58
C THR D 321 14.11 -17.97 6.89
N ALA D 322 14.48 -17.88 8.15
CA ALA D 322 15.83 -18.26 8.60
C ALA D 322 16.03 -19.78 8.66
N GLU D 323 14.96 -20.54 8.94
CA GLU D 323 14.98 -22.02 8.91
C GLU D 323 15.07 -22.58 7.49
N ARG D 324 14.42 -21.91 6.55
CA ARG D 324 14.34 -22.36 5.15
C ARG D 324 15.66 -22.11 4.43
N ILE D 325 16.14 -20.87 4.53
CA ILE D 325 17.39 -20.41 3.89
C ILE D 325 18.63 -21.31 4.15
N LYS D 326 18.67 -21.95 5.32
CA LYS D 326 19.79 -22.83 5.69
C LYS D 326 19.94 -24.04 4.76
N THR D 327 21.02 -24.01 3.95
CA THR D 327 21.41 -25.11 3.07
C THR D 327 22.93 -25.10 2.87
N PRO D 371 7.46 -20.60 18.48
CA PRO D 371 6.55 -19.52 18.87
C PRO D 371 5.10 -19.65 18.27
N ASN D 372 4.31 -18.57 18.39
CA ASN D 372 2.86 -18.50 18.02
C ASN D 372 1.98 -19.26 19.03
N ILE D 373 1.46 -18.54 20.04
CA ILE D 373 0.63 -19.11 21.14
C ILE D 373 -0.90 -18.95 20.91
N GLU D 374 -1.30 -17.87 20.23
CA GLU D 374 -2.71 -17.64 19.83
C GLU D 374 -3.13 -18.63 18.73
N PRO D 375 -4.39 -19.12 18.74
CA PRO D 375 -4.86 -20.00 17.66
C PRO D 375 -5.24 -19.23 16.37
N PRO D 376 -4.97 -19.80 15.17
CA PRO D 376 -5.21 -19.08 13.92
C PRO D 376 -6.69 -19.07 13.55
N GLU D 377 -7.21 -17.88 13.25
CA GLU D 377 -8.63 -17.62 12.92
C GLU D 377 -9.13 -18.43 11.72
N ASN D 378 -10.30 -19.05 11.85
CA ASN D 378 -10.81 -20.02 10.86
C ASN D 378 -11.54 -19.36 9.67
N VAL D 379 -10.81 -19.26 8.55
CA VAL D 379 -11.25 -18.61 7.32
C VAL D 379 -11.22 -19.68 6.22
N GLU D 380 -11.78 -19.33 5.06
CA GLU D 380 -11.66 -20.14 3.85
C GLU D 380 -10.78 -19.40 2.82
N TRP D 381 -9.91 -20.15 2.13
CA TRP D 381 -9.05 -19.64 1.03
C TRP D 381 -9.50 -20.29 -0.27
N SER D 382 -9.62 -19.50 -1.34
CA SER D 382 -9.91 -20.04 -2.67
C SER D 382 -8.61 -20.44 -3.36
N GLY D 383 -8.73 -21.22 -4.43
CA GLY D 383 -7.59 -21.51 -5.29
C GLY D 383 -6.90 -20.24 -5.77
N ALA D 384 -7.70 -19.25 -6.17
CA ALA D 384 -7.19 -17.96 -6.71
C ALA D 384 -6.51 -17.08 -5.67
N GLU D 385 -6.96 -17.15 -4.42
CA GLU D 385 -6.29 -16.49 -3.30
C GLU D 385 -4.96 -17.19 -2.96
N ALA D 386 -4.98 -18.53 -2.94
CA ALA D 386 -3.81 -19.35 -2.55
C ALA D 386 -2.65 -19.27 -3.51
N SER D 387 -2.98 -19.22 -4.79
CA SER D 387 -1.99 -19.13 -5.85
C SER D 387 -1.35 -17.74 -5.86
N MET D 388 -2.21 -16.72 -5.81
CA MET D 388 -1.79 -15.32 -5.74
C MET D 388 -1.03 -15.05 -4.46
N PHE D 389 -1.35 -15.77 -3.39
CA PHE D 389 -0.52 -15.74 -2.19
C PHE D 389 0.89 -16.29 -2.54
N ARG D 390 0.97 -17.57 -2.95
CA ARG D 390 2.24 -18.22 -3.31
C ARG D 390 3.08 -17.46 -4.32
N VAL D 391 2.39 -16.73 -5.18
CA VAL D 391 3.03 -15.76 -6.07
C VAL D 391 3.68 -14.66 -5.25
N LEU D 392 2.91 -14.04 -4.37
CA LEU D 392 3.35 -12.80 -3.70
C LEU D 392 4.49 -12.96 -2.67
N ILE D 393 4.52 -14.07 -1.93
CA ILE D 393 5.68 -14.36 -1.06
C ILE D 393 6.97 -14.45 -1.86
N GLY D 394 6.90 -14.91 -3.10
CA GLY D 394 8.06 -14.95 -3.99
C GLY D 394 8.68 -13.60 -4.28
N THR D 395 7.86 -12.55 -4.30
CA THR D 395 8.35 -11.18 -4.57
C THR D 395 8.28 -10.23 -3.39
N TYR D 396 7.39 -10.49 -2.43
CA TYR D 396 7.25 -9.66 -1.22
C TYR D 396 7.88 -10.24 0.06
N TYR D 397 8.08 -11.56 0.11
CA TYR D 397 8.87 -12.25 1.15
C TYR D 397 8.47 -11.91 2.58
N ASP D 398 7.46 -12.57 3.13
CA ASP D 398 7.14 -12.41 4.56
C ASP D 398 6.61 -11.03 4.98
N ASN D 399 6.52 -10.06 4.08
CA ASN D 399 5.91 -8.76 4.38
C ASN D 399 4.39 -8.95 4.24
N PHE D 400 3.80 -9.65 5.19
CA PHE D 400 2.40 -10.07 5.09
C PHE D 400 1.44 -8.88 4.99
N CYS D 401 1.86 -7.74 5.57
CA CYS D 401 1.14 -6.45 5.46
C CYS D 401 0.82 -6.03 4.00
N ALA D 402 1.76 -6.20 3.09
CA ALA D 402 1.52 -5.88 1.69
C ALA D 402 0.74 -7.00 1.00
N ILE D 403 1.09 -8.26 1.26
CA ILE D 403 0.42 -9.41 0.63
C ILE D 403 -1.08 -9.36 0.88
N ALA D 404 -1.47 -9.12 2.12
CA ALA D 404 -2.89 -8.96 2.45
C ALA D 404 -3.48 -7.81 1.63
N ARG D 405 -2.78 -6.67 1.65
CA ARG D 405 -3.22 -5.45 0.94
C ARG D 405 -3.50 -5.76 -0.52
N LEU D 406 -2.57 -6.48 -1.16
CA LEU D 406 -2.68 -6.83 -2.58
C LEU D 406 -3.68 -7.95 -2.84
N ILE D 407 -3.70 -9.00 -1.98
CA ILE D 407 -4.70 -10.06 -2.14
C ILE D 407 -6.06 -9.36 -2.05
N GLY D 408 -6.18 -8.45 -1.08
CA GLY D 408 -7.36 -7.58 -0.97
C GLY D 408 -8.61 -8.24 -0.42
N THR D 409 -8.61 -9.58 -0.39
CA THR D 409 -9.71 -10.39 0.09
C THR D 409 -9.24 -11.22 1.32
N LYS D 410 -8.19 -10.75 2.01
CA LYS D 410 -7.67 -11.33 3.28
C LYS D 410 -6.92 -10.26 4.06
N THR D 411 -6.60 -10.53 5.33
CA THR D 411 -5.90 -9.57 6.20
C THR D 411 -4.54 -10.06 6.65
N CYS D 412 -3.69 -9.11 7.04
CA CYS D 412 -2.33 -9.39 7.49
C CYS D 412 -2.26 -10.54 8.46
N ARG D 413 -3.14 -10.49 9.46
CA ARG D 413 -3.44 -11.62 10.33
C ARG D 413 -3.49 -12.92 9.52
N GLN D 414 -4.43 -12.99 8.60
CA GLN D 414 -4.78 -14.26 7.92
C GLN D 414 -3.81 -14.71 6.86
N VAL D 415 -3.02 -13.76 6.34
CA VAL D 415 -1.92 -14.06 5.41
C VAL D 415 -0.88 -14.90 6.15
N TYR D 416 -0.44 -14.36 7.28
CA TYR D 416 0.48 -15.03 8.20
C TYR D 416 0.02 -16.44 8.62
N GLU D 417 -1.25 -16.60 8.97
CA GLU D 417 -1.80 -17.92 9.34
C GLU D 417 -1.79 -18.92 8.19
N PHE D 418 -1.90 -18.42 6.95
CA PHE D 418 -1.77 -19.25 5.76
C PHE D 418 -0.31 -19.54 5.50
N ARG D 419 0.56 -18.56 5.70
CA ARG D 419 2.01 -18.79 5.69
C ARG D 419 2.37 -19.94 6.64
N VAL D 420 1.86 -19.87 7.87
CA VAL D 420 2.12 -20.89 8.89
C VAL D 420 1.58 -22.25 8.48
N LYS D 421 0.31 -22.32 8.05
CA LYS D 421 -0.21 -23.58 7.51
C LYS D 421 0.76 -24.09 6.43
N GLU D 422 1.06 -23.22 5.46
CA GLU D 422 1.91 -23.58 4.32
C GLU D 422 3.28 -24.13 4.75
N SER D 423 3.90 -23.54 5.76
CA SER D 423 5.17 -24.08 6.27
C SER D 423 5.01 -25.52 6.80
N SER D 424 3.91 -25.77 7.49
CA SER D 424 3.65 -27.08 8.08
C SER D 424 3.09 -28.18 7.13
N ILE D 425 2.87 -27.87 5.85
CA ILE D 425 2.50 -28.89 4.86
C ILE D 425 3.77 -29.52 4.30
N ILE D 426 3.70 -30.80 3.97
CA ILE D 426 4.82 -31.57 3.45
C ILE D 426 4.65 -31.84 1.96
N ALA D 427 5.50 -31.21 1.12
CA ALA D 427 5.51 -31.44 -0.34
C ALA D 427 6.03 -32.87 -0.65
N PRO D 428 5.60 -33.47 -1.80
CA PRO D 428 5.77 -34.92 -2.02
C PRO D 428 7.14 -35.45 -2.51
N ALA D 429 7.90 -34.66 -3.26
CA ALA D 429 9.22 -35.08 -3.79
C ALA D 429 9.13 -36.29 -4.75
N HIS D 465 33.68 -9.07 -39.66
CA HIS D 465 32.30 -9.53 -39.74
C HIS D 465 31.59 -9.35 -38.41
N VAL D 466 30.42 -8.71 -38.44
CA VAL D 466 29.63 -8.51 -37.20
C VAL D 466 28.79 -9.78 -36.93
N TYR D 467 28.31 -9.95 -35.70
CA TYR D 467 27.34 -11.01 -35.38
C TYR D 467 26.17 -10.39 -34.65
N ASN D 468 24.98 -10.99 -34.75
CA ASN D 468 23.80 -10.42 -34.11
C ASN D 468 23.91 -10.68 -32.63
N TYR D 469 23.41 -9.74 -31.84
CA TYR D 469 23.50 -9.84 -30.40
C TYR D 469 22.38 -10.74 -29.80
N GLN D 470 22.80 -11.56 -28.82
CA GLN D 470 21.90 -12.35 -27.97
C GLN D 470 22.51 -12.38 -26.54
N PRO D 471 21.69 -12.17 -25.49
CA PRO D 471 22.25 -12.00 -24.15
C PRO D 471 22.77 -13.28 -23.54
N CYS D 472 23.88 -13.16 -22.79
CA CYS D 472 24.45 -14.25 -21.98
C CYS D 472 23.83 -14.23 -20.59
N ASP D 473 24.08 -15.30 -19.84
CA ASP D 473 23.41 -15.53 -18.55
C ASP D 473 24.04 -16.67 -17.74
N HIS D 474 25.35 -16.58 -17.53
CA HIS D 474 26.06 -17.60 -16.73
C HIS D 474 26.15 -17.05 -15.32
N PRO D 475 25.39 -17.64 -14.37
CA PRO D 475 25.02 -17.00 -13.10
C PRO D 475 26.16 -16.59 -12.16
N ARG D 476 27.06 -17.52 -11.86
CA ARG D 476 28.10 -17.29 -10.87
C ARG D 476 29.40 -16.86 -11.51
N GLN D 477 29.63 -17.29 -12.75
CA GLN D 477 30.95 -17.24 -13.38
C GLN D 477 31.03 -16.09 -14.40
N PRO D 478 32.25 -15.61 -14.68
CA PRO D 478 32.38 -14.33 -15.36
C PRO D 478 32.36 -14.42 -16.87
N CYS D 479 32.14 -13.28 -17.51
CA CYS D 479 32.19 -13.18 -18.96
C CYS D 479 33.65 -13.22 -19.43
N ASP D 480 34.15 -14.45 -19.51
CA ASP D 480 35.54 -14.73 -19.85
C ASP D 480 35.56 -15.22 -21.30
N SER D 481 36.59 -15.97 -21.71
CA SER D 481 36.68 -16.51 -23.08
C SER D 481 35.64 -17.56 -23.49
N SER D 482 34.90 -18.15 -22.55
CA SER D 482 33.82 -19.09 -22.88
C SER D 482 32.44 -18.44 -22.98
N CYS D 483 32.36 -17.12 -22.78
CA CYS D 483 31.09 -16.37 -22.89
C CYS D 483 30.73 -16.15 -24.36
N PRO D 484 29.50 -16.50 -24.73
CA PRO D 484 28.95 -16.20 -26.03
C PRO D 484 29.22 -14.77 -26.53
N CYS D 485 29.06 -13.78 -25.66
CA CYS D 485 29.27 -12.39 -26.07
C CYS D 485 30.69 -12.12 -26.51
N VAL D 486 31.67 -12.67 -25.80
CA VAL D 486 33.08 -12.45 -26.13
C VAL D 486 33.53 -13.35 -27.25
N ILE D 487 32.91 -14.54 -27.32
CA ILE D 487 33.10 -15.41 -28.46
C ILE D 487 32.67 -14.67 -29.71
N ALA D 488 31.45 -14.14 -29.67
CA ALA D 488 30.86 -13.36 -30.77
C ALA D 488 31.63 -12.11 -31.14
N GLN D 489 32.47 -11.63 -30.22
CA GLN D 489 33.15 -10.36 -30.33
C GLN D 489 32.14 -9.20 -30.30
N ASN D 490 31.11 -9.39 -29.47
CA ASN D 490 30.17 -8.34 -29.13
C ASN D 490 30.26 -8.03 -27.61
N PHE D 491 29.85 -6.82 -27.24
CA PHE D 491 29.77 -6.45 -25.82
C PHE D 491 28.67 -7.23 -25.11
N CYS D 492 28.71 -7.23 -23.79
CA CYS D 492 27.53 -7.55 -23.00
C CYS D 492 26.68 -6.26 -22.91
N GLU D 493 25.36 -6.43 -23.00
CA GLU D 493 24.40 -5.31 -22.97
C GLU D 493 23.59 -5.39 -21.70
N LYS D 494 23.03 -4.25 -21.28
CA LYS D 494 22.01 -4.22 -20.22
C LYS D 494 21.17 -5.53 -20.10
N PHE D 495 20.80 -6.14 -21.23
CA PHE D 495 19.97 -7.37 -21.24
C PHE D 495 20.69 -8.63 -20.73
N CYS D 496 22.03 -8.62 -20.73
CA CYS D 496 22.81 -9.78 -20.26
C CYS D 496 22.62 -10.02 -18.76
N GLN D 497 22.70 -11.29 -18.34
CA GLN D 497 22.59 -11.66 -16.93
C GLN D 497 23.95 -12.03 -16.30
N CYS D 498 24.98 -11.26 -16.63
CA CYS D 498 26.26 -11.37 -16.00
C CYS D 498 26.32 -10.29 -14.93
N SER D 499 27.44 -10.22 -14.21
CA SER D 499 27.74 -9.16 -13.22
C SER D 499 27.28 -7.74 -13.56
N SER D 500 27.01 -6.98 -12.51
CA SER D 500 26.67 -5.57 -12.65
C SER D 500 27.84 -4.80 -13.23
N GLU D 501 29.04 -5.13 -12.74
CA GLU D 501 30.26 -4.53 -13.23
C GLU D 501 31.03 -5.56 -14.04
N CYS D 502 30.37 -6.16 -15.04
CA CYS D 502 31.08 -7.00 -16.00
C CYS D 502 31.98 -6.10 -16.81
N GLN D 503 33.16 -6.61 -17.13
CA GLN D 503 34.19 -5.82 -17.80
C GLN D 503 33.88 -5.77 -19.30
N ASN D 504 33.01 -6.68 -19.79
CA ASN D 504 32.65 -6.77 -21.22
C ASN D 504 31.40 -5.94 -21.57
N ARG D 505 30.71 -5.36 -20.58
CA ARG D 505 29.56 -4.47 -20.88
C ARG D 505 30.01 -3.19 -21.52
N PHE D 506 29.22 -2.68 -22.45
CA PHE D 506 29.50 -1.36 -22.96
C PHE D 506 28.98 -0.39 -21.91
N PRO D 507 29.84 0.52 -21.41
CA PRO D 507 29.28 1.56 -20.53
C PRO D 507 28.50 2.56 -21.34
N GLY D 508 27.85 3.51 -20.68
CA GLY D 508 27.23 4.60 -21.42
C GLY D 508 28.21 5.61 -22.03
N CYS D 509 27.66 6.71 -22.53
CA CYS D 509 28.39 7.95 -22.74
C CYS D 509 27.96 9.00 -21.71
N ARG D 510 28.95 9.66 -21.10
CA ARG D 510 28.71 10.72 -20.11
C ARG D 510 28.45 12.10 -20.76
N CYS D 511 28.60 12.19 -22.09
CA CYS D 511 28.53 13.46 -22.86
C CYS D 511 27.59 14.55 -22.33
N LYS D 512 27.99 15.82 -22.47
CA LYS D 512 27.10 16.92 -22.13
C LYS D 512 25.87 16.86 -23.04
N ALA D 513 26.12 16.95 -24.35
CA ALA D 513 25.06 17.21 -25.32
C ALA D 513 25.16 16.33 -26.60
N GLN D 514 24.98 16.96 -27.76
CA GLN D 514 24.47 16.29 -28.95
C GLN D 514 25.06 14.92 -29.27
N CYS D 515 26.35 14.76 -29.00
CA CYS D 515 27.08 13.50 -29.20
C CYS D 515 26.88 12.83 -30.58
N ASN D 516 27.30 13.59 -31.58
CA ASN D 516 27.32 13.15 -32.96
C ASN D 516 28.73 13.33 -33.52
N THR D 517 29.73 13.01 -32.68
CA THR D 517 31.16 13.09 -33.03
C THR D 517 31.90 11.97 -32.32
N LYS D 518 33.18 11.81 -32.65
CA LYS D 518 34.01 10.75 -32.06
C LYS D 518 34.26 10.90 -30.55
N GLN D 519 34.03 12.08 -29.95
CA GLN D 519 34.22 12.28 -28.49
C GLN D 519 33.16 11.62 -27.61
N CYS D 520 32.09 11.13 -28.23
CA CYS D 520 31.20 10.19 -27.59
C CYS D 520 31.74 8.78 -27.82
N PRO D 521 31.79 7.94 -26.78
CA PRO D 521 32.10 6.53 -26.97
C PRO D 521 31.04 5.74 -27.73
N CYS D 522 29.78 6.15 -27.64
CA CYS D 522 28.69 5.45 -28.34
C CYS D 522 28.77 5.68 -29.86
N TYR D 523 28.84 6.96 -30.27
CA TYR D 523 28.91 7.33 -31.68
C TYR D 523 30.13 6.65 -32.33
N LEU D 524 31.29 6.73 -31.67
CA LEU D 524 32.53 6.10 -32.15
C LEU D 524 32.44 4.56 -32.24
N ALA D 525 31.71 3.94 -31.33
CA ALA D 525 31.46 2.50 -31.40
C ALA D 525 30.49 2.11 -32.52
N VAL D 526 29.98 3.09 -33.27
CA VAL D 526 28.87 2.90 -34.20
C VAL D 526 27.70 2.29 -33.43
N ARG D 527 27.25 3.06 -32.43
CA ARG D 527 26.13 2.72 -31.56
C ARG D 527 25.32 3.99 -31.30
N GLU D 528 24.00 3.86 -31.30
CA GLU D 528 23.18 4.94 -30.81
C GLU D 528 23.27 4.83 -29.32
N CYS D 529 23.01 5.94 -28.63
CA CYS D 529 23.01 5.97 -27.16
C CYS D 529 22.08 4.91 -26.56
N ASP D 530 22.19 4.69 -25.25
CA ASP D 530 21.34 3.73 -24.56
C ASP D 530 20.49 4.49 -23.55
N PRO D 531 19.17 4.34 -23.63
CA PRO D 531 18.31 5.15 -22.79
C PRO D 531 18.28 4.72 -21.32
N ASP D 532 18.90 3.59 -21.00
CA ASP D 532 19.13 3.19 -19.61
C ASP D 532 20.59 3.40 -19.13
N LEU D 533 21.48 3.85 -20.00
CA LEU D 533 22.86 4.15 -19.64
C LEU D 533 23.26 5.59 -19.88
N CYS D 534 22.99 6.12 -21.08
CA CYS D 534 23.36 7.51 -21.42
C CYS D 534 22.43 8.56 -20.75
N LEU D 535 22.67 8.77 -19.46
CA LEU D 535 21.78 9.54 -18.57
C LEU D 535 22.14 11.02 -18.42
N THR D 536 23.14 11.47 -19.17
CA THR D 536 23.60 12.86 -19.12
C THR D 536 23.44 13.60 -20.42
N CYS D 537 23.64 12.92 -21.55
CA CYS D 537 23.45 13.54 -22.87
C CYS D 537 21.99 13.91 -23.01
N GLY D 538 21.13 12.97 -22.61
CA GLY D 538 19.69 13.11 -22.70
C GLY D 538 19.00 12.12 -23.60
N ALA D 539 19.61 10.96 -23.85
CA ALA D 539 18.95 9.88 -24.62
C ALA D 539 17.84 9.18 -23.81
N ALA D 540 17.76 9.46 -22.51
CA ALA D 540 16.63 9.04 -21.65
C ALA D 540 15.71 10.18 -21.24
N ASP D 541 16.02 11.41 -21.67
CA ASP D 541 15.23 12.61 -21.31
C ASP D 541 13.78 12.53 -21.77
N HIS D 542 12.98 13.50 -21.32
CA HIS D 542 11.58 13.66 -21.75
C HIS D 542 11.36 13.09 -23.15
N TRP D 543 10.35 12.22 -23.24
CA TRP D 543 10.28 11.20 -24.28
C TRP D 543 9.54 11.63 -25.53
N ASP D 544 8.29 12.06 -25.35
CA ASP D 544 7.45 12.43 -26.49
C ASP D 544 7.74 13.86 -26.93
N SER D 545 8.66 14.54 -26.23
CA SER D 545 9.50 15.55 -26.88
C SER D 545 10.59 14.79 -27.66
N LYS D 546 10.23 14.36 -28.88
CA LYS D 546 11.02 13.42 -29.69
C LYS D 546 12.12 14.07 -30.56
N ASN D 547 12.31 15.39 -30.41
CA ASN D 547 13.56 16.04 -30.79
C ASN D 547 14.16 16.63 -29.50
N VAL D 548 15.39 16.20 -29.18
CA VAL D 548 16.00 16.33 -27.84
C VAL D 548 17.46 16.80 -27.97
N SER D 549 18.10 17.10 -26.84
CA SER D 549 19.56 17.39 -26.77
C SER D 549 20.45 16.41 -27.54
N CYS D 550 20.31 15.13 -27.22
CA CYS D 550 21.11 14.06 -27.84
C CYS D 550 20.68 13.76 -29.29
N LYS D 551 21.66 13.66 -30.17
CA LYS D 551 21.42 13.51 -31.60
C LYS D 551 22.04 12.22 -32.06
N ASN D 552 21.78 11.18 -31.28
CA ASN D 552 22.21 9.83 -31.60
C ASN D 552 21.26 8.84 -30.94
N CYS D 553 19.97 9.17 -30.96
CA CYS D 553 18.92 8.21 -30.60
C CYS D 553 17.77 8.28 -31.65
N SER D 554 18.08 8.78 -32.83
CA SER D 554 17.07 9.08 -33.85
C SER D 554 16.39 7.79 -34.32
N ILE D 555 17.15 6.72 -34.51
CA ILE D 555 16.62 5.41 -34.92
C ILE D 555 15.74 4.78 -33.85
N GLN D 556 16.23 4.72 -32.61
CA GLN D 556 15.41 4.17 -31.49
C GLN D 556 14.07 4.88 -31.45
N ARG D 557 14.10 6.19 -31.56
CA ARG D 557 12.90 7.01 -31.43
C ARG D 557 12.00 7.10 -32.68
N GLY D 558 12.49 6.66 -33.83
CA GLY D 558 11.74 6.73 -35.09
C GLY D 558 11.46 8.17 -35.49
N SER D 559 12.49 9.00 -35.37
CA SER D 559 12.38 10.44 -35.64
C SER D 559 12.83 10.75 -37.08
N LYS D 560 12.02 10.27 -38.03
CA LYS D 560 12.34 10.34 -39.45
C LYS D 560 11.68 11.56 -40.05
N LYS D 561 12.20 12.03 -41.18
CA LYS D 561 11.70 13.27 -41.81
C LYS D 561 10.47 13.01 -42.70
N HIS D 562 9.78 14.09 -43.10
CA HIS D 562 8.66 14.00 -44.03
C HIS D 562 9.22 13.67 -45.41
N LEU D 563 8.91 12.48 -45.91
CA LEU D 563 9.37 12.01 -47.22
C LEU D 563 8.21 11.89 -48.21
N LEU D 564 8.46 12.25 -49.47
CA LEU D 564 7.41 12.39 -50.49
C LEU D 564 7.65 11.52 -51.71
N LEU D 565 6.57 10.87 -52.15
CA LEU D 565 6.61 9.87 -53.20
C LEU D 565 6.22 10.48 -54.53
N ALA D 566 7.09 10.30 -55.53
CA ALA D 566 6.73 10.56 -56.92
C ALA D 566 7.50 9.61 -57.84
N PRO D 567 7.26 9.68 -59.16
CA PRO D 567 8.11 8.94 -60.09
C PRO D 567 9.49 9.56 -60.23
N SER D 568 10.51 8.70 -60.15
CA SER D 568 11.89 9.11 -60.20
C SER D 568 12.29 9.60 -61.56
N ASP D 569 13.16 10.61 -61.54
CA ASP D 569 13.73 11.19 -62.74
C ASP D 569 14.81 10.32 -63.36
N VAL D 570 15.19 9.21 -62.71
CA VAL D 570 15.93 8.14 -63.39
C VAL D 570 14.90 7.18 -63.97
N ALA D 571 14.17 6.50 -63.08
CA ALA D 571 13.27 5.42 -63.48
C ALA D 571 12.44 4.94 -62.30
N GLY D 572 11.24 4.49 -62.63
CA GLY D 572 10.33 3.96 -61.65
C GLY D 572 9.97 5.00 -60.63
N TRP D 573 9.86 4.55 -59.39
CA TRP D 573 9.51 5.38 -58.27
C TRP D 573 10.74 5.84 -57.51
N GLY D 574 10.79 7.14 -57.20
CA GLY D 574 11.82 7.71 -56.35
C GLY D 574 11.17 8.36 -55.16
N ILE D 575 12.01 8.80 -54.22
CA ILE D 575 11.51 9.46 -53.02
C ILE D 575 12.21 10.78 -52.78
N PHE D 576 11.40 11.78 -52.46
CA PHE D 576 11.84 13.17 -52.37
C PHE D 576 11.58 13.68 -50.96
N ILE D 577 12.58 14.34 -50.35
CA ILE D 577 12.41 14.86 -48.99
C ILE D 577 11.73 16.25 -48.97
N LYS D 578 10.63 16.33 -48.23
CA LYS D 578 9.81 17.54 -48.15
C LYS D 578 10.62 18.67 -47.54
N ASP D 579 11.15 18.45 -46.34
CA ASP D 579 11.88 19.47 -45.58
C ASP D 579 13.39 19.34 -45.82
N PRO D 580 14.09 20.46 -46.07
CA PRO D 580 15.56 20.43 -46.26
C PRO D 580 16.29 19.83 -45.09
N VAL D 581 17.46 19.24 -45.35
CA VAL D 581 18.25 18.62 -44.28
C VAL D 581 19.74 18.89 -44.43
N GLN D 582 20.38 19.03 -43.26
CA GLN D 582 21.82 19.27 -43.17
C GLN D 582 22.57 17.96 -43.35
N LYS D 583 23.85 18.08 -43.70
CA LYS D 583 24.72 16.91 -43.94
C LYS D 583 24.87 16.09 -42.68
N ASN D 584 24.77 14.77 -42.85
CA ASN D 584 24.75 13.77 -41.76
C ASN D 584 23.56 13.89 -40.78
N GLU D 585 22.47 14.51 -41.21
CA GLU D 585 21.23 14.46 -40.45
C GLU D 585 20.53 13.15 -40.81
N PHE D 586 20.05 12.46 -39.78
CA PHE D 586 19.26 11.24 -39.94
C PHE D 586 17.98 11.56 -40.69
N ILE D 587 17.71 10.79 -41.73
CA ILE D 587 16.52 10.98 -42.57
C ILE D 587 15.43 9.99 -42.15
N SER D 588 15.78 8.71 -42.16
CA SER D 588 14.87 7.66 -41.73
C SER D 588 15.59 6.33 -41.59
N GLU D 589 14.97 5.45 -40.82
CA GLU D 589 15.44 4.09 -40.70
C GLU D 589 15.02 3.30 -41.94
N TYR D 590 15.98 2.67 -42.63
CA TYR D 590 15.65 1.65 -43.63
C TYR D 590 15.11 0.36 -42.94
N CYS D 591 13.78 0.28 -42.82
CA CYS D 591 13.10 -0.87 -42.27
C CYS D 591 12.80 -1.94 -43.32
N GLY D 592 12.72 -3.20 -42.87
CA GLY D 592 12.21 -4.30 -43.70
C GLY D 592 12.02 -5.58 -42.91
N GLU D 593 11.70 -6.66 -43.63
CA GLU D 593 11.66 -7.99 -43.04
C GLU D 593 13.05 -8.51 -42.70
N ILE D 594 13.20 -9.04 -41.50
CA ILE D 594 14.44 -9.67 -41.07
C ILE D 594 14.37 -11.18 -41.38
N ILE D 595 15.45 -11.69 -41.95
CA ILE D 595 15.51 -13.06 -42.44
C ILE D 595 16.96 -13.55 -42.43
N SER D 596 17.15 -14.86 -42.49
CA SER D 596 18.51 -15.45 -42.41
C SER D 596 19.35 -15.18 -43.66
N GLN D 597 20.61 -15.62 -43.64
CA GLN D 597 21.48 -15.60 -44.83
C GLN D 597 21.19 -16.74 -45.83
N ASP D 598 20.42 -17.75 -45.41
CA ASP D 598 19.91 -18.76 -46.34
C ASP D 598 18.75 -18.20 -47.13
N GLU D 599 17.72 -17.75 -46.41
CA GLU D 599 16.49 -17.19 -46.99
C GLU D 599 16.76 -16.05 -47.98
N ALA D 600 17.61 -15.11 -47.59
CA ALA D 600 18.06 -14.03 -48.49
C ALA D 600 18.72 -14.50 -49.81
N ASP D 601 19.48 -15.60 -49.75
CA ASP D 601 20.07 -16.19 -50.97
C ASP D 601 19.01 -16.78 -51.89
N ARG D 602 17.92 -17.27 -51.31
CA ARG D 602 16.83 -17.86 -52.07
C ARG D 602 16.01 -16.78 -52.77
N ARG D 603 15.64 -15.77 -52.01
CA ARG D 603 14.99 -14.58 -52.56
C ARG D 603 15.91 -13.76 -53.45
N GLY D 604 17.20 -13.80 -53.15
CA GLY D 604 18.18 -13.05 -53.92
C GLY D 604 18.31 -13.55 -55.34
N LYS D 605 18.15 -14.85 -55.53
CA LYS D 605 18.20 -15.43 -56.86
C LYS D 605 17.02 -14.98 -57.69
N VAL D 606 15.82 -15.07 -57.14
CA VAL D 606 14.62 -14.64 -57.84
C VAL D 606 14.64 -13.10 -58.06
N TYR D 607 15.14 -12.31 -57.10
CA TYR D 607 15.27 -10.84 -57.27
C TYR D 607 16.43 -10.44 -58.19
N ASP D 608 17.45 -11.31 -58.29
CA ASP D 608 18.49 -11.16 -59.33
C ASP D 608 17.89 -11.39 -60.74
N LYS D 609 16.78 -12.13 -60.83
CA LYS D 609 16.09 -12.31 -62.11
C LYS D 609 15.27 -11.09 -62.56
N TYR D 610 14.67 -10.35 -61.63
CA TYR D 610 14.01 -9.09 -61.99
C TYR D 610 14.99 -7.92 -62.07
N MET D 611 16.30 -8.19 -61.99
CA MET D 611 17.35 -7.20 -62.20
C MET D 611 17.33 -6.01 -61.22
N CYS D 612 16.54 -6.12 -60.14
CA CYS D 612 16.59 -5.18 -59.01
C CYS D 612 16.22 -5.94 -57.76
N SER D 613 17.11 -5.92 -56.76
CA SER D 613 16.82 -6.53 -55.46
C SER D 613 16.82 -5.43 -54.39
N PHE D 614 15.81 -5.51 -53.50
CA PHE D 614 15.75 -4.67 -52.29
C PHE D 614 16.08 -5.48 -51.02
N LEU D 615 17.23 -6.15 -51.09
CA LEU D 615 17.85 -6.83 -49.95
C LEU D 615 18.99 -5.93 -49.48
N PHE D 616 19.11 -5.78 -48.16
CA PHE D 616 20.22 -5.00 -47.57
C PHE D 616 20.79 -5.73 -46.36
N ASN D 617 22.07 -6.06 -46.50
CA ASN D 617 22.84 -6.80 -45.49
C ASN D 617 22.85 -6.06 -44.16
N LEU D 618 22.50 -6.78 -43.10
CA LEU D 618 22.37 -6.23 -41.74
C LEU D 618 23.58 -6.65 -40.86
N ASN D 619 23.82 -7.95 -40.79
CA ASN D 619 25.00 -8.52 -40.11
C ASN D 619 25.17 -9.96 -40.61
N ASN D 620 25.94 -10.80 -39.92
CA ASN D 620 26.14 -12.19 -40.39
C ASN D 620 24.93 -13.09 -40.22
N ASP D 621 24.28 -13.05 -39.08
CA ASP D 621 23.11 -13.92 -38.88
C ASP D 621 21.84 -13.48 -39.64
N PHE D 622 21.76 -12.20 -40.04
CA PHE D 622 20.51 -11.61 -40.53
C PHE D 622 20.65 -10.62 -41.69
N VAL D 623 19.59 -10.55 -42.51
CA VAL D 623 19.46 -9.61 -43.65
C VAL D 623 18.08 -8.96 -43.64
N VAL D 624 18.04 -7.66 -43.97
CA VAL D 624 16.79 -6.93 -44.12
C VAL D 624 16.32 -7.01 -45.56
N ASP D 625 15.01 -7.16 -45.76
CA ASP D 625 14.35 -7.32 -47.08
C ASP D 625 13.09 -6.44 -47.20
N ALA D 626 13.30 -5.20 -47.63
CA ALA D 626 12.21 -4.20 -47.77
C ALA D 626 11.27 -4.41 -48.98
N THR D 627 11.45 -5.53 -49.69
CA THR D 627 10.53 -5.98 -50.74
C THR D 627 9.10 -6.14 -50.23
N ARG D 628 8.84 -7.13 -49.36
CA ARG D 628 7.45 -7.50 -48.98
C ARG D 628 6.83 -6.56 -47.98
N LYS D 629 7.66 -5.97 -47.15
CA LYS D 629 7.20 -4.93 -46.25
C LYS D 629 8.40 -4.11 -45.82
N GLY D 630 8.19 -2.82 -45.70
CA GLY D 630 9.26 -1.88 -45.41
C GLY D 630 8.62 -0.56 -45.10
N ASN D 631 9.39 0.51 -45.20
CA ASN D 631 8.89 1.86 -44.92
C ASN D 631 9.14 2.72 -46.14
N LYS D 632 8.61 3.96 -46.10
CA LYS D 632 8.71 4.88 -47.24
C LYS D 632 10.11 5.11 -47.82
N ILE D 633 11.15 5.07 -47.01
CA ILE D 633 12.50 5.24 -47.54
C ILE D 633 12.91 4.18 -48.57
N ARG D 634 12.30 2.97 -48.55
CA ARG D 634 12.66 1.89 -49.51
C ARG D 634 12.74 2.36 -50.97
N PHE D 635 12.01 3.45 -51.25
CA PHE D 635 11.98 4.14 -52.56
C PHE D 635 13.15 5.08 -52.88
N ALA D 636 14.21 5.05 -52.08
CA ALA D 636 15.47 5.69 -52.49
C ALA D 636 16.16 4.79 -53.51
N ASN D 637 16.41 5.38 -54.68
CA ASN D 637 16.97 4.64 -55.81
C ASN D 637 18.44 4.41 -55.64
N HIS D 638 19.00 3.53 -56.46
CA HIS D 638 20.43 3.41 -56.55
C HIS D 638 20.94 4.55 -57.40
N SER D 639 22.03 5.15 -56.94
CA SER D 639 22.91 5.98 -57.75
C SER D 639 24.30 5.84 -57.16
N VAL D 640 25.32 5.94 -58.01
CA VAL D 640 26.69 5.81 -57.52
C VAL D 640 27.01 7.05 -56.68
N ASN D 641 26.86 8.25 -57.28
CA ASN D 641 26.99 9.52 -56.56
C ASN D 641 25.65 9.90 -55.97
N PRO D 642 25.48 9.70 -54.64
CA PRO D 642 24.15 9.87 -54.10
C PRO D 642 24.07 11.17 -53.29
N ASN D 643 23.02 11.30 -52.47
CA ASN D 643 22.93 12.34 -51.45
C ASN D 643 22.63 11.79 -50.05
N CYS D 644 22.80 10.48 -49.89
CA CYS D 644 22.61 9.83 -48.61
C CYS D 644 23.53 8.61 -48.50
N TYR D 645 23.83 8.19 -47.29
CA TYR D 645 24.57 6.94 -47.08
C TYR D 645 23.78 5.99 -46.21
N ALA D 646 24.20 4.73 -46.26
CA ALA D 646 23.66 3.69 -45.42
C ALA D 646 24.71 3.31 -44.39
N LYS D 647 24.44 3.62 -43.13
CA LYS D 647 25.31 3.27 -42.00
C LYS D 647 24.53 2.29 -41.10
N VAL D 648 25.03 1.06 -40.93
CA VAL D 648 24.37 0.14 -40.00
C VAL D 648 24.83 0.52 -38.60
N MET D 649 23.95 0.39 -37.61
CA MET D 649 24.27 0.78 -36.23
C MET D 649 23.70 -0.23 -35.24
N MET D 650 24.37 -0.38 -34.10
CA MET D 650 23.87 -1.21 -32.99
C MET D 650 23.02 -0.35 -32.07
N VAL D 651 21.74 -0.71 -31.97
CA VAL D 651 20.74 -0.02 -31.15
C VAL D 651 19.99 -1.02 -30.25
N ASN D 652 20.36 -1.02 -28.97
CA ASN D 652 19.66 -1.72 -27.90
C ASN D 652 19.50 -3.21 -28.19
N GLY D 653 20.61 -3.83 -28.59
CA GLY D 653 20.64 -5.26 -28.93
C GLY D 653 20.42 -5.55 -30.41
N ASP D 654 19.62 -4.71 -31.06
CA ASP D 654 19.28 -4.89 -32.46
C ASP D 654 20.19 -4.08 -33.38
N HIS D 655 20.56 -4.70 -34.51
CA HIS D 655 21.17 -3.99 -35.61
C HIS D 655 20.07 -3.47 -36.51
N ARG D 656 20.20 -2.20 -36.92
CA ARG D 656 19.13 -1.43 -37.56
C ARG D 656 19.71 -0.47 -38.57
N ILE D 657 19.14 -0.42 -39.77
CA ILE D 657 19.82 0.30 -40.87
C ILE D 657 19.40 1.77 -40.87
N GLY D 658 20.37 2.68 -40.99
CA GLY D 658 20.12 4.13 -40.88
C GLY D 658 20.48 4.94 -42.11
N ILE D 659 19.54 5.78 -42.57
CA ILE D 659 19.75 6.57 -43.78
C ILE D 659 19.91 8.04 -43.41
N PHE D 660 21.07 8.57 -43.76
CA PHE D 660 21.47 9.95 -43.44
C PHE D 660 21.97 10.59 -44.70
N ALA D 661 22.01 11.92 -44.72
CA ALA D 661 22.53 12.69 -45.86
C ALA D 661 24.06 12.56 -45.99
N LYS D 662 24.59 12.88 -47.18
CA LYS D 662 26.04 12.90 -47.46
C LYS D 662 26.44 14.31 -47.92
N ARG D 663 25.59 15.29 -47.61
CA ARG D 663 25.58 16.59 -48.29
C ARG D 663 24.35 17.36 -47.79
N ALA D 664 24.41 18.70 -47.85
CA ALA D 664 23.24 19.50 -47.49
C ALA D 664 22.20 19.34 -48.61
N ILE D 665 20.93 19.21 -48.25
CA ILE D 665 19.88 18.88 -49.23
C ILE D 665 18.75 19.92 -49.23
N GLN D 666 18.24 20.23 -50.43
CA GLN D 666 17.22 21.24 -50.66
C GLN D 666 15.83 20.65 -50.55
N THR D 667 14.84 21.53 -50.40
CA THR D 667 13.43 21.14 -50.46
C THR D 667 13.09 20.41 -51.76
N GLY D 668 12.44 19.27 -51.63
CA GLY D 668 11.97 18.51 -52.79
C GLY D 668 13.06 17.86 -53.62
N GLU D 669 14.24 17.65 -53.02
CA GLU D 669 15.36 16.94 -53.68
C GLU D 669 15.17 15.42 -53.60
N GLU D 670 15.48 14.72 -54.69
CA GLU D 670 15.38 13.25 -54.71
C GLU D 670 16.51 12.60 -53.92
N LEU D 671 16.19 11.56 -53.16
CA LEU D 671 17.17 10.83 -52.33
C LEU D 671 17.62 9.53 -53.03
N PHE D 672 18.95 9.32 -53.11
CA PHE D 672 19.58 8.09 -53.61
C PHE D 672 20.65 7.64 -52.62
N PHE D 673 21.18 6.43 -52.84
CA PHE D 673 22.35 5.89 -52.11
C PHE D 673 23.00 4.73 -52.88
N ASP D 674 24.33 4.59 -52.86
CA ASP D 674 24.98 3.42 -53.52
C ASP D 674 24.57 2.14 -52.79
N TYR D 675 24.43 1.06 -53.54
CA TYR D 675 24.05 -0.23 -52.97
C TYR D 675 25.37 -1.03 -52.72
N ARG D 676 25.85 -0.91 -51.48
CA ARG D 676 26.86 -1.82 -50.94
C ARG D 676 26.19 -3.00 -50.25
N TYR D 677 24.94 -2.79 -49.80
CA TYR D 677 23.97 -3.77 -49.19
C TYR D 677 23.88 -3.50 -47.68
N LYS E 3 -27.05 -40.06 -71.78
CA LYS E 3 -26.33 -39.16 -72.73
C LYS E 3 -25.91 -37.83 -72.01
N CYS E 4 -26.26 -36.65 -72.54
CA CYS E 4 -25.99 -35.34 -71.88
C CYS E 4 -27.09 -34.30 -72.17
N LYS E 5 -26.91 -33.11 -71.61
CA LYS E 5 -27.52 -31.87 -72.12
C LYS E 5 -26.46 -30.77 -71.97
N TYR E 6 -26.56 -29.64 -72.69
CA TYR E 6 -27.60 -29.31 -73.68
C TYR E 6 -26.88 -29.22 -75.04
N SER E 7 -27.59 -28.90 -76.12
CA SER E 7 -27.00 -29.00 -77.49
C SER E 7 -27.03 -27.70 -78.34
N PHE E 8 -25.83 -27.31 -78.80
CA PHE E 8 -25.61 -26.07 -79.58
C PHE E 8 -25.04 -26.41 -80.97
N LYS E 9 -25.08 -25.46 -81.90
CA LYS E 9 -24.39 -25.62 -83.21
C LYS E 9 -23.80 -24.29 -83.63
N CYS E 10 -22.69 -24.37 -84.37
CA CYS E 10 -21.87 -23.20 -84.69
C CYS E 10 -22.41 -22.41 -85.88
N VAL E 11 -23.17 -21.36 -85.59
CA VAL E 11 -23.98 -20.71 -86.61
C VAL E 11 -23.09 -19.79 -87.48
N ASN E 12 -22.22 -19.01 -86.85
CA ASN E 12 -21.29 -18.11 -87.54
C ASN E 12 -19.93 -18.17 -86.85
N SER E 13 -18.86 -17.77 -87.54
CA SER E 13 -17.56 -17.52 -86.89
C SER E 13 -16.80 -16.41 -87.59
N LEU E 14 -16.51 -15.33 -86.86
CA LEU E 14 -15.88 -14.13 -87.45
C LEU E 14 -14.51 -13.86 -86.81
N LYS E 15 -13.79 -12.87 -87.31
CA LYS E 15 -12.42 -12.60 -86.88
C LYS E 15 -12.10 -11.13 -87.06
N GLU E 16 -11.51 -10.52 -86.03
CA GLU E 16 -11.07 -9.12 -86.10
C GLU E 16 -9.80 -9.01 -86.94
N ASP E 17 -9.47 -7.79 -87.36
CA ASP E 17 -8.29 -7.56 -88.22
C ASP E 17 -6.94 -7.83 -87.54
N HIS E 18 -6.73 -7.24 -86.35
CA HIS E 18 -5.44 -7.31 -85.62
C HIS E 18 -4.72 -8.67 -85.51
N ASN E 19 -5.47 -9.76 -85.46
CA ASN E 19 -4.91 -11.12 -85.27
C ASN E 19 -4.25 -11.39 -83.91
N GLN E 20 -4.21 -10.38 -83.04
CA GLN E 20 -3.89 -10.57 -81.63
C GLN E 20 -5.04 -11.28 -80.93
N PRO E 21 -4.76 -11.88 -79.76
CA PRO E 21 -5.83 -12.60 -79.09
C PRO E 21 -6.91 -11.71 -78.45
N LEU E 22 -8.08 -12.33 -78.29
CA LEU E 22 -9.20 -11.78 -77.53
C LEU E 22 -9.20 -12.48 -76.17
N PHE E 23 -8.79 -11.75 -75.15
CA PHE E 23 -8.64 -12.29 -73.80
C PHE E 23 -9.95 -12.25 -73.01
N GLY E 24 -10.88 -11.41 -73.49
CA GLY E 24 -12.14 -11.18 -72.82
C GLY E 24 -13.33 -11.04 -73.75
N VAL E 25 -14.48 -11.48 -73.24
CA VAL E 25 -15.77 -11.36 -73.91
C VAL E 25 -16.86 -11.30 -72.85
N GLN E 26 -17.87 -10.46 -73.06
CA GLN E 26 -18.97 -10.28 -72.10
C GLN E 26 -20.27 -9.83 -72.77
N PHE E 27 -21.34 -10.64 -72.64
CA PHE E 27 -22.69 -10.18 -73.00
C PHE E 27 -23.15 -9.10 -72.00
N ASN E 28 -23.88 -8.11 -72.48
CA ASN E 28 -24.51 -7.08 -71.62
C ASN E 28 -25.82 -7.64 -71.08
N TRP E 29 -25.76 -8.23 -69.88
CA TRP E 29 -26.94 -8.81 -69.23
C TRP E 29 -27.91 -7.76 -68.66
N HIS E 30 -27.50 -6.49 -68.62
CA HIS E 30 -28.32 -5.36 -68.11
C HIS E 30 -29.43 -4.87 -69.11
N SER E 31 -29.21 -5.04 -70.42
CA SER E 31 -30.17 -4.65 -71.46
C SER E 31 -31.53 -5.36 -71.31
N LYS E 32 -32.59 -4.56 -71.09
CA LYS E 32 -33.97 -5.07 -70.88
C LYS E 32 -34.45 -6.10 -71.93
N GLU E 33 -35.23 -7.09 -71.48
CA GLU E 33 -35.67 -8.21 -72.34
C GLU E 33 -36.47 -7.72 -73.52
N GLY E 34 -36.38 -8.43 -74.63
CA GLY E 34 -36.94 -7.96 -75.90
C GLY E 34 -35.93 -7.15 -76.70
N ASP E 35 -35.01 -6.45 -76.03
CA ASP E 35 -33.92 -5.75 -76.71
C ASP E 35 -32.86 -6.74 -77.19
N PRO E 36 -32.02 -6.32 -78.15
CA PRO E 36 -31.05 -7.25 -78.70
C PRO E 36 -29.98 -7.72 -77.71
N LEU E 37 -29.47 -8.93 -77.95
CA LEU E 37 -28.37 -9.52 -77.18
C LEU E 37 -27.00 -8.98 -77.64
N VAL E 38 -26.44 -8.06 -76.85
CA VAL E 38 -25.21 -7.34 -77.19
C VAL E 38 -24.04 -7.96 -76.43
N PHE E 39 -22.87 -8.06 -77.05
CA PHE E 39 -21.63 -8.45 -76.35
C PHE E 39 -20.40 -7.65 -76.81
N ALA E 40 -19.35 -7.67 -75.98
CA ALA E 40 -18.10 -6.98 -76.27
C ALA E 40 -16.93 -7.95 -76.32
N THR E 41 -15.84 -7.54 -76.98
CA THR E 41 -14.60 -8.32 -77.03
C THR E 41 -13.35 -7.43 -76.93
N VAL E 42 -12.54 -7.72 -75.92
CA VAL E 42 -11.28 -7.01 -75.66
C VAL E 42 -10.14 -7.84 -76.19
N GLY E 43 -9.14 -7.17 -76.73
CA GLY E 43 -8.02 -7.85 -77.37
C GLY E 43 -7.17 -6.81 -78.05
N SER E 44 -5.89 -7.12 -78.21
CA SER E 44 -4.93 -6.10 -78.63
C SER E 44 -5.22 -4.81 -77.85
N ASN E 45 -5.04 -3.65 -78.47
CA ASN E 45 -5.33 -2.39 -77.78
C ASN E 45 -6.72 -1.84 -78.12
N ARG E 46 -7.70 -2.73 -78.26
CA ARG E 46 -9.07 -2.31 -78.52
C ARG E 46 -10.16 -3.16 -77.85
N VAL E 47 -11.26 -2.47 -77.58
CA VAL E 47 -12.50 -3.10 -77.17
C VAL E 47 -13.49 -2.87 -78.32
N THR E 48 -14.20 -3.94 -78.68
CA THR E 48 -15.06 -3.96 -79.83
C THR E 48 -16.41 -4.52 -79.38
N LEU E 49 -17.50 -3.96 -79.92
CA LEU E 49 -18.87 -4.37 -79.56
C LEU E 49 -19.53 -5.07 -80.73
N TYR E 50 -20.37 -6.06 -80.43
CA TYR E 50 -21.16 -6.77 -81.43
C TYR E 50 -22.61 -6.96 -80.98
N GLU E 51 -23.50 -7.16 -81.95
CA GLU E 51 -24.93 -7.44 -81.70
C GLU E 51 -25.41 -8.65 -82.49
N CYS E 52 -25.96 -9.64 -81.78
CA CYS E 52 -26.46 -10.87 -82.39
C CYS E 52 -27.86 -10.66 -82.95
N HIS E 53 -28.06 -11.14 -84.18
CA HIS E 53 -29.36 -11.09 -84.83
C HIS E 53 -29.72 -12.44 -85.40
N SER E 54 -30.99 -12.76 -85.27
CA SER E 54 -31.55 -13.98 -85.85
C SER E 54 -31.26 -13.93 -87.36
N GLN E 55 -30.63 -14.94 -87.98
CA GLN E 55 -29.98 -16.09 -87.31
C GLN E 55 -28.55 -16.22 -87.82
N GLY E 56 -27.63 -16.50 -86.90
CA GLY E 56 -26.21 -16.58 -87.23
C GLY E 56 -25.50 -15.24 -87.37
N GLU E 57 -26.19 -14.24 -87.91
CA GLU E 57 -25.59 -12.93 -88.16
C GLU E 57 -25.22 -12.21 -86.85
N ILE E 58 -24.00 -11.68 -86.80
CA ILE E 58 -23.50 -10.86 -85.69
C ILE E 58 -23.08 -9.53 -86.30
N ARG E 59 -23.69 -8.43 -85.89
CA ARG E 59 -23.42 -7.13 -86.48
C ARG E 59 -22.32 -6.39 -85.71
N LEU E 60 -21.34 -5.85 -86.43
CA LEU E 60 -20.26 -5.07 -85.82
C LEU E 60 -20.76 -3.68 -85.45
N LEU E 61 -20.93 -3.41 -84.16
CA LEU E 61 -21.49 -2.11 -83.71
C LEU E 61 -20.44 -0.99 -83.58
N GLN E 62 -19.45 -1.21 -82.72
CA GLN E 62 -18.50 -0.18 -82.34
C GLN E 62 -17.17 -0.82 -81.98
N SER E 63 -16.07 -0.14 -82.30
CA SER E 63 -14.72 -0.56 -81.90
C SER E 63 -13.86 0.67 -81.57
N TYR E 64 -13.38 0.72 -80.32
CA TYR E 64 -12.53 1.82 -79.82
C TYR E 64 -11.10 1.31 -79.60
N VAL E 65 -10.10 2.21 -79.65
CA VAL E 65 -8.66 1.86 -79.52
C VAL E 65 -7.98 2.74 -78.47
N ASP E 66 -7.14 2.17 -77.61
CA ASP E 66 -6.29 2.98 -76.73
C ASP E 66 -5.20 3.66 -77.58
N ALA E 67 -4.97 4.96 -77.35
CA ALA E 67 -3.95 5.73 -78.07
C ALA E 67 -2.57 5.13 -77.92
N ASP E 68 -2.21 4.80 -76.68
CA ASP E 68 -0.99 4.07 -76.41
C ASP E 68 -1.04 2.70 -77.08
N ALA E 69 -0.15 2.49 -78.05
CA ALA E 69 -0.11 1.23 -78.81
C ALA E 69 0.24 0.04 -77.95
N ASP E 70 1.06 0.24 -76.92
CA ASP E 70 1.45 -0.85 -76.03
C ASP E 70 0.41 -1.23 -74.96
N GLU E 71 -0.68 -0.48 -74.79
CA GLU E 71 -1.81 -0.97 -73.95
C GLU E 71 -2.24 -2.30 -74.54
N ASN E 72 -2.79 -3.15 -73.71
CA ASN E 72 -3.25 -4.47 -74.15
C ASN E 72 -4.35 -4.89 -73.19
N PHE E 73 -5.60 -4.75 -73.61
CA PHE E 73 -6.73 -5.05 -72.73
C PHE E 73 -6.81 -6.56 -72.50
N TYR E 74 -7.09 -6.93 -71.25
CA TYR E 74 -7.23 -8.33 -70.84
C TYR E 74 -8.67 -8.73 -70.46
N THR E 75 -9.45 -7.76 -70.01
CA THR E 75 -10.79 -8.03 -69.57
C THR E 75 -11.70 -6.81 -69.60
N CYS E 76 -13.01 -7.08 -69.63
CA CYS E 76 -14.06 -6.06 -69.56
C CYS E 76 -15.24 -6.60 -68.76
N ALA E 77 -16.12 -5.68 -68.34
CA ALA E 77 -17.39 -6.03 -67.67
C ALA E 77 -18.41 -4.90 -67.73
N TRP E 78 -19.68 -5.28 -67.82
CA TRP E 78 -20.79 -4.37 -68.08
C TRP E 78 -21.49 -3.90 -66.80
N THR E 79 -21.96 -2.66 -66.84
CA THR E 79 -22.80 -2.08 -65.79
C THR E 79 -23.70 -1.00 -66.38
N TYR E 80 -24.33 -0.19 -65.52
CA TYR E 80 -25.17 0.93 -65.94
C TYR E 80 -25.15 2.13 -64.98
N ASP E 81 -25.27 3.34 -65.54
CA ASP E 81 -25.59 4.54 -64.74
C ASP E 81 -27.08 4.40 -64.40
N SER E 82 -27.43 4.21 -63.13
CA SER E 82 -28.83 4.07 -62.73
C SER E 82 -29.63 5.39 -62.85
N ASN E 83 -28.93 6.54 -62.90
CA ASN E 83 -29.56 7.85 -63.17
C ASN E 83 -29.99 7.97 -64.63
N THR E 84 -29.03 8.04 -65.55
CA THR E 84 -29.32 8.19 -66.98
C THR E 84 -29.57 6.84 -67.73
N SER E 85 -29.61 5.72 -66.99
CA SER E 85 -29.94 4.39 -67.53
C SER E 85 -29.17 3.95 -68.79
N HIS E 86 -27.93 4.40 -68.94
CA HIS E 86 -27.04 3.94 -70.02
C HIS E 86 -26.52 2.56 -69.65
N PRO E 87 -26.06 1.77 -70.64
CA PRO E 87 -25.11 0.73 -70.27
C PRO E 87 -23.72 1.35 -70.24
N LEU E 88 -22.81 0.67 -69.55
CA LEU E 88 -21.46 1.16 -69.37
C LEU E 88 -20.51 -0.02 -69.42
N LEU E 89 -19.51 0.06 -70.30
CA LEU E 89 -18.48 -0.96 -70.38
C LEU E 89 -17.18 -0.47 -69.78
N ALA E 90 -16.68 -1.25 -68.82
CA ALA E 90 -15.38 -1.04 -68.16
C ALA E 90 -14.38 -2.05 -68.70
N VAL E 91 -13.15 -1.56 -68.95
CA VAL E 91 -12.09 -2.36 -69.54
C VAL E 91 -10.76 -2.08 -68.86
N ALA E 92 -9.94 -3.13 -68.74
CA ALA E 92 -8.58 -2.99 -68.20
C ALA E 92 -7.67 -4.09 -68.71
N GLY E 93 -6.36 -3.80 -68.64
CA GLY E 93 -5.30 -4.69 -69.14
C GLY E 93 -3.89 -4.40 -68.66
N SER E 94 -2.92 -4.65 -69.54
CA SER E 94 -1.49 -4.69 -69.19
C SER E 94 -0.97 -3.47 -68.51
N ARG E 95 -1.33 -2.31 -69.04
CA ARG E 95 -0.83 -1.03 -68.52
C ARG E 95 -1.35 -0.73 -67.12
N GLY E 96 -2.37 -1.46 -66.67
CA GLY E 96 -2.85 -1.39 -65.30
C GLY E 96 -3.86 -0.27 -65.10
N ILE E 97 -4.55 0.11 -66.18
CA ILE E 97 -5.41 1.29 -66.18
C ILE E 97 -6.82 0.93 -66.63
N ILE E 98 -7.78 1.47 -65.88
CA ILE E 98 -9.19 1.12 -65.95
C ILE E 98 -9.97 2.21 -66.71
N ARG E 99 -10.26 1.94 -67.99
CA ARG E 99 -11.06 2.85 -68.84
C ARG E 99 -12.55 2.51 -68.75
N ILE E 100 -13.38 3.56 -68.71
CA ILE E 100 -14.84 3.44 -68.69
C ILE E 100 -15.42 4.03 -69.99
N ILE E 101 -15.72 3.13 -70.91
CA ILE E 101 -16.33 3.48 -72.17
C ILE E 101 -17.84 3.48 -71.94
N ASN E 102 -18.49 4.46 -72.56
CA ASN E 102 -19.95 4.58 -72.56
C ASN E 102 -20.40 4.50 -74.05
N PRO E 103 -21.09 3.38 -74.46
CA PRO E 103 -21.44 3.18 -75.88
C PRO E 103 -22.46 4.18 -76.43
N ILE E 104 -23.34 4.69 -75.57
CA ILE E 104 -24.36 5.67 -75.96
C ILE E 104 -23.76 7.06 -76.22
N THR E 105 -22.77 7.48 -75.41
CA THR E 105 -21.94 8.66 -75.73
C THR E 105 -20.68 8.30 -76.55
N MET E 106 -20.39 7.00 -76.68
CA MET E 106 -19.19 6.47 -77.34
C MET E 106 -17.93 7.27 -77.02
N GLN E 107 -17.66 7.43 -75.71
CA GLN E 107 -16.50 8.16 -75.20
C GLN E 107 -15.98 7.60 -73.88
N CYS E 108 -14.67 7.77 -73.67
CA CYS E 108 -14.00 7.32 -72.44
C CYS E 108 -14.28 8.33 -71.35
N ILE E 109 -15.41 8.15 -70.66
CA ILE E 109 -15.85 9.10 -69.62
C ILE E 109 -14.98 9.14 -68.35
N LYS E 110 -14.50 7.97 -67.91
CA LYS E 110 -13.72 7.84 -66.65
C LYS E 110 -12.52 6.90 -66.77
N HIS E 111 -11.39 7.34 -66.23
CA HIS E 111 -10.20 6.52 -66.15
C HIS E 111 -9.77 6.46 -64.68
N TYR E 112 -9.13 5.36 -64.28
CA TYR E 112 -8.69 5.13 -62.91
C TYR E 112 -7.27 4.53 -62.86
N VAL E 113 -6.30 5.32 -62.40
CA VAL E 113 -4.85 5.00 -62.56
C VAL E 113 -4.16 4.45 -61.31
N GLY E 114 -4.90 3.76 -60.45
CA GLY E 114 -4.41 3.40 -59.12
C GLY E 114 -3.42 2.25 -59.06
N HIS E 115 -3.71 1.18 -59.79
CA HIS E 115 -2.91 -0.04 -59.71
C HIS E 115 -1.50 0.13 -60.23
N GLY E 116 -0.62 -0.70 -59.68
CA GLY E 116 0.79 -0.68 -59.99
C GLY E 116 1.14 -1.52 -61.18
N ASN E 117 0.37 -2.57 -61.45
CA ASN E 117 0.63 -3.46 -62.60
C ASN E 117 -0.67 -3.79 -63.32
N ALA E 118 -0.57 -4.65 -64.33
CA ALA E 118 -1.71 -5.12 -65.12
C ALA E 118 -2.92 -5.58 -64.31
N ILE E 119 -4.13 -5.30 -64.81
CA ILE E 119 -5.36 -5.88 -64.24
C ILE E 119 -5.75 -7.14 -64.99
N ASN E 120 -5.78 -8.27 -64.29
CA ASN E 120 -6.06 -9.55 -64.95
C ASN E 120 -7.54 -9.85 -65.12
N GLU E 121 -8.41 -9.22 -64.31
CA GLU E 121 -9.90 -9.38 -64.37
C GLU E 121 -10.61 -8.15 -63.74
N LEU E 122 -11.84 -7.89 -64.18
CA LEU E 122 -12.70 -6.91 -63.53
C LEU E 122 -14.03 -7.57 -63.19
N LYS E 123 -14.74 -6.97 -62.23
CA LYS E 123 -16.07 -7.45 -61.81
C LYS E 123 -16.92 -6.32 -61.28
N PHE E 124 -18.22 -6.37 -61.57
CA PHE E 124 -19.16 -5.41 -61.02
C PHE E 124 -20.04 -6.03 -59.94
N HIS E 125 -20.44 -5.19 -58.99
CA HIS E 125 -21.21 -5.62 -57.82
C HIS E 125 -22.67 -5.90 -58.28
N PRO E 126 -23.21 -7.11 -57.98
CA PRO E 126 -24.57 -7.44 -58.48
C PRO E 126 -25.71 -6.48 -58.06
N ARG E 127 -25.67 -6.04 -56.81
CA ARG E 127 -26.64 -5.09 -56.26
C ARG E 127 -26.17 -3.62 -56.26
N ASP E 128 -25.10 -3.28 -56.98
CA ASP E 128 -24.55 -1.91 -56.89
C ASP E 128 -23.65 -1.59 -58.09
N PRO E 129 -24.22 -0.92 -59.12
CA PRO E 129 -23.55 -0.77 -60.42
C PRO E 129 -22.40 0.24 -60.45
N ASN E 130 -22.07 0.84 -59.30
CA ASN E 130 -20.88 1.67 -59.17
C ASN E 130 -19.67 0.96 -58.53
N LEU E 131 -19.93 -0.10 -57.77
CA LEU E 131 -18.90 -0.82 -57.04
C LEU E 131 -18.22 -1.83 -57.94
N LEU E 132 -17.08 -1.41 -58.47
CA LEU E 132 -16.26 -2.21 -59.40
C LEU E 132 -15.08 -2.80 -58.64
N LEU E 133 -14.84 -4.09 -58.85
CA LEU E 133 -13.66 -4.79 -58.31
C LEU E 133 -12.63 -5.04 -59.42
N SER E 134 -11.42 -4.51 -59.23
CA SER E 134 -10.28 -4.81 -60.10
C SER E 134 -9.32 -5.72 -59.35
N VAL E 135 -8.66 -6.59 -60.08
CA VAL E 135 -7.72 -7.54 -59.50
C VAL E 135 -6.50 -7.54 -60.42
N SER E 136 -5.31 -7.58 -59.82
CA SER E 136 -4.08 -7.24 -60.53
C SER E 136 -2.91 -8.21 -60.41
N LYS E 137 -1.91 -7.95 -61.23
CA LYS E 137 -0.58 -8.59 -61.17
C LYS E 137 0.24 -8.09 -60.00
N ASP E 138 -0.07 -6.88 -59.53
CA ASP E 138 0.61 -6.25 -58.39
C ASP E 138 0.34 -6.91 -57.02
N HIS E 139 -0.59 -7.86 -56.92
CA HIS E 139 -0.88 -8.68 -55.72
C HIS E 139 -2.10 -8.22 -54.93
N ALA E 140 -2.75 -7.16 -55.43
CA ALA E 140 -3.88 -6.50 -54.77
C ALA E 140 -5.17 -6.65 -55.57
N LEU E 141 -6.31 -6.62 -54.87
CA LEU E 141 -7.59 -6.32 -55.48
C LEU E 141 -7.84 -4.89 -55.08
N ARG E 142 -8.63 -4.17 -55.89
CA ARG E 142 -9.06 -2.81 -55.57
C ARG E 142 -10.56 -2.63 -55.86
N LEU E 143 -11.31 -2.22 -54.84
CA LEU E 143 -12.75 -2.00 -54.94
C LEU E 143 -13.03 -0.49 -55.08
N TRP E 144 -13.62 -0.06 -56.20
CA TRP E 144 -13.85 1.37 -56.51
C TRP E 144 -15.34 1.74 -56.53
N ASN E 145 -15.66 2.93 -56.02
CA ASN E 145 -16.98 3.52 -56.20
C ASN E 145 -16.82 4.52 -57.34
N ILE E 146 -17.33 4.13 -58.51
CA ILE E 146 -17.17 4.94 -59.74
C ILE E 146 -18.02 6.21 -59.79
N GLN E 147 -19.12 6.24 -59.03
CA GLN E 147 -19.97 7.44 -58.92
C GLN E 147 -19.19 8.59 -58.29
N THR E 148 -18.39 8.25 -57.29
CA THR E 148 -17.57 9.22 -56.57
C THR E 148 -16.06 9.14 -56.91
N ASP E 149 -15.67 8.25 -57.84
CA ASP E 149 -14.26 8.08 -58.27
C ASP E 149 -13.30 7.69 -57.13
N THR E 150 -13.84 7.08 -56.08
CA THR E 150 -13.09 6.82 -54.85
C THR E 150 -12.75 5.34 -54.71
N LEU E 151 -11.51 5.07 -54.29
CA LEU E 151 -11.07 3.72 -53.97
C LEU E 151 -11.57 3.35 -52.59
N VAL E 152 -12.58 2.48 -52.54
CA VAL E 152 -13.18 2.01 -51.30
C VAL E 152 -12.08 1.32 -50.52
N ALA E 153 -11.63 0.19 -51.07
CA ALA E 153 -10.77 -0.75 -50.33
C ALA E 153 -9.75 -1.56 -51.17
N ILE E 154 -8.56 -1.76 -50.62
CA ILE E 154 -7.48 -2.54 -51.20
C ILE E 154 -7.37 -3.86 -50.46
N PHE E 155 -7.48 -4.97 -51.16
CA PHE E 155 -7.53 -6.28 -50.53
C PHE E 155 -6.20 -6.96 -50.77
N GLY E 156 -5.18 -6.48 -50.06
CA GLY E 156 -3.79 -6.94 -50.24
C GLY E 156 -2.87 -6.42 -49.15
N GLY E 157 -1.98 -7.30 -48.68
CA GLY E 157 -1.18 -7.03 -47.47
C GLY E 157 -0.38 -8.21 -46.92
N VAL E 158 -0.53 -8.47 -45.61
CA VAL E 158 0.24 -9.50 -44.88
C VAL E 158 -0.24 -10.92 -45.10
N GLU E 159 -1.56 -11.10 -45.06
CA GLU E 159 -2.16 -12.34 -45.47
C GLU E 159 -2.79 -12.22 -46.86
N GLY E 160 -2.44 -11.18 -47.61
CA GLY E 160 -2.89 -11.04 -49.00
C GLY E 160 -2.17 -11.99 -49.92
N HIS E 161 -2.42 -11.84 -51.22
CA HIS E 161 -1.80 -12.71 -52.26
C HIS E 161 -0.30 -12.44 -52.39
N ARG E 162 0.49 -13.49 -52.59
CA ARG E 162 1.96 -13.37 -52.64
C ARG E 162 2.50 -13.18 -54.03
N ASP E 163 1.69 -13.51 -55.05
CA ASP E 163 1.97 -13.14 -56.44
C ASP E 163 0.63 -12.71 -57.11
N GLU E 164 0.60 -12.66 -58.46
CA GLU E 164 -0.50 -12.03 -59.26
C GLU E 164 -1.89 -12.55 -58.88
N VAL E 165 -2.87 -11.65 -58.77
CA VAL E 165 -4.27 -12.01 -58.49
C VAL E 165 -4.96 -12.16 -59.84
N LEU E 166 -5.39 -13.38 -60.15
CA LEU E 166 -5.78 -13.73 -61.52
C LEU E 166 -7.28 -13.55 -61.74
N SER E 167 -8.09 -14.02 -60.80
CA SER E 167 -9.54 -13.86 -60.92
C SER E 167 -10.14 -13.51 -59.56
N ALA E 168 -11.34 -12.98 -59.59
CA ALA E 168 -12.19 -12.89 -58.40
C ALA E 168 -13.66 -12.88 -58.83
N ASP E 169 -14.56 -13.16 -57.88
CA ASP E 169 -16.01 -13.19 -58.13
C ASP E 169 -16.82 -12.78 -56.89
N TYR E 170 -17.75 -11.84 -57.05
CA TYR E 170 -18.73 -11.57 -56.00
C TYR E 170 -19.64 -12.78 -55.94
N ASP E 171 -20.17 -13.09 -54.76
CA ASP E 171 -21.27 -14.07 -54.67
C ASP E 171 -22.56 -13.41 -55.18
N LEU E 172 -23.62 -14.22 -55.34
CA LEU E 172 -24.85 -13.77 -55.99
C LEU E 172 -25.37 -12.49 -55.35
N LEU E 173 -25.52 -12.53 -54.03
CA LEU E 173 -26.08 -11.43 -53.27
C LEU E 173 -25.17 -10.19 -53.17
N GLY E 174 -23.87 -10.33 -53.43
CA GLY E 174 -22.91 -9.23 -53.33
C GLY E 174 -22.44 -8.94 -51.91
N GLU E 175 -22.29 -10.00 -51.11
CA GLU E 175 -21.88 -9.92 -49.68
C GLU E 175 -20.41 -10.33 -49.42
N LYS E 176 -19.83 -11.09 -50.34
CA LYS E 176 -18.47 -11.59 -50.19
C LYS E 176 -17.82 -11.84 -51.55
N ILE E 177 -16.49 -11.84 -51.57
CA ILE E 177 -15.68 -12.10 -52.76
C ILE E 177 -14.80 -13.31 -52.49
N MET E 178 -14.61 -14.15 -53.48
CA MET E 178 -13.56 -15.14 -53.42
C MET E 178 -12.57 -14.69 -54.47
N SER E 179 -11.29 -15.01 -54.27
CA SER E 179 -10.24 -14.60 -55.21
C SER E 179 -9.13 -15.63 -55.28
N CYS E 180 -8.47 -15.65 -56.44
CA CYS E 180 -7.41 -16.58 -56.72
C CYS E 180 -6.25 -15.89 -57.43
N GLY E 181 -5.13 -16.59 -57.51
CA GLY E 181 -3.94 -15.98 -58.08
C GLY E 181 -2.92 -17.01 -58.46
N MET E 182 -1.71 -16.51 -58.70
CA MET E 182 -0.58 -17.39 -59.02
C MET E 182 -0.08 -18.16 -57.78
N ASP E 183 -0.15 -17.54 -56.62
CA ASP E 183 0.30 -18.17 -55.37
C ASP E 183 -0.48 -19.40 -54.94
N HIS E 184 -1.33 -19.96 -55.81
CA HIS E 184 -1.97 -21.25 -55.59
C HIS E 184 -3.10 -21.15 -54.53
N SER E 185 -3.42 -19.92 -54.13
CA SER E 185 -4.31 -19.67 -53.02
C SER E 185 -5.65 -19.16 -53.52
N LEU E 186 -6.69 -19.48 -52.75
CA LEU E 186 -8.00 -18.86 -52.87
C LEU E 186 -8.24 -18.13 -51.55
N LYS E 187 -8.67 -16.87 -51.63
CA LYS E 187 -8.81 -16.01 -50.45
C LYS E 187 -10.17 -15.33 -50.41
N LEU E 188 -10.84 -15.40 -49.25
CA LEU E 188 -12.24 -14.98 -49.09
C LEU E 188 -12.29 -13.63 -48.43
N TRP E 189 -12.76 -12.62 -49.15
CA TRP E 189 -12.91 -11.28 -48.59
C TRP E 189 -14.39 -10.93 -48.44
N ARG E 190 -14.90 -10.98 -47.22
CA ARG E 190 -16.24 -10.50 -46.89
C ARG E 190 -16.31 -8.97 -47.03
N ILE E 191 -17.43 -8.46 -47.56
CA ILE E 191 -17.77 -7.01 -47.51
C ILE E 191 -19.12 -6.69 -46.80
N ASN E 192 -19.88 -7.73 -46.45
CA ASN E 192 -21.02 -7.62 -45.51
C ASN E 192 -20.63 -7.23 -44.07
N SER E 193 -19.36 -7.39 -43.70
CA SER E 193 -18.84 -6.98 -42.38
C SER E 193 -19.04 -5.50 -42.14
N LYS E 194 -19.16 -5.14 -40.87
CA LYS E 194 -19.41 -3.76 -40.48
C LYS E 194 -18.38 -2.82 -41.10
N ARG E 195 -17.11 -3.15 -40.94
CA ARG E 195 -16.02 -2.30 -41.42
C ARG E 195 -16.18 -1.86 -42.88
N MET E 196 -16.54 -2.80 -43.76
CA MET E 196 -16.65 -2.53 -45.20
C MET E 196 -17.91 -1.77 -45.54
N MET E 197 -19.02 -2.21 -44.95
CA MET E 197 -20.32 -1.60 -45.19
C MET E 197 -20.25 -0.09 -45.00
N ASN E 198 -19.65 0.33 -43.87
CA ASN E 198 -19.46 1.76 -43.58
C ASN E 198 -18.55 2.43 -44.59
N ALA E 199 -17.46 1.74 -44.93
CA ALA E 199 -16.50 2.22 -45.92
C ALA E 199 -17.13 2.51 -47.29
N ILE E 200 -18.12 1.70 -47.65
CA ILE E 200 -18.87 1.87 -48.88
C ILE E 200 -19.84 3.07 -48.78
N LYS E 201 -20.56 3.20 -47.68
CA LYS E 201 -21.48 4.33 -47.50
C LYS E 201 -20.72 5.67 -47.43
N GLU E 202 -19.55 5.67 -46.80
CA GLU E 202 -18.72 6.88 -46.69
C GLU E 202 -17.98 7.23 -47.99
N SER E 203 -17.78 6.25 -48.86
CA SER E 203 -17.20 6.52 -50.19
C SER E 203 -18.12 7.44 -50.98
N TYR E 204 -19.43 7.13 -50.95
CA TYR E 204 -20.48 7.96 -51.54
C TYR E 204 -20.47 9.38 -50.96
N ASP E 205 -20.54 9.45 -49.62
CA ASP E 205 -20.63 10.73 -48.90
C ASP E 205 -19.47 11.69 -49.18
N TYR E 206 -18.32 11.16 -49.63
CA TYR E 206 -17.15 11.97 -49.99
C TYR E 206 -17.45 12.98 -51.09
N ASN E 207 -16.72 14.09 -51.03
CA ASN E 207 -16.78 15.13 -52.04
C ASN E 207 -15.47 15.92 -51.99
N PRO E 208 -14.65 15.86 -53.07
CA PRO E 208 -13.37 16.60 -53.06
C PRO E 208 -13.49 18.13 -53.05
N ASN E 209 -14.67 18.68 -53.34
CA ASN E 209 -14.92 20.12 -53.25
C ASN E 209 -15.36 20.57 -51.84
N LYS E 210 -15.66 19.63 -50.94
CA LYS E 210 -16.10 19.93 -49.55
C LYS E 210 -15.02 19.88 -48.45
N THR E 211 -13.92 19.15 -48.67
CA THR E 211 -12.93 18.88 -47.61
C THR E 211 -11.48 18.75 -48.14
N ASN E 212 -10.52 19.29 -47.38
CA ASN E 212 -9.09 19.28 -47.77
C ASN E 212 -8.42 17.90 -47.71
N ARG E 213 -9.00 16.97 -46.94
CA ARG E 213 -8.47 15.61 -46.85
C ARG E 213 -8.74 14.83 -48.13
N PRO E 214 -7.96 13.75 -48.38
CA PRO E 214 -8.31 12.75 -49.39
C PRO E 214 -9.26 11.74 -48.79
N PHE E 215 -9.91 10.92 -49.62
CA PHE E 215 -10.73 9.83 -49.08
C PHE E 215 -9.84 8.73 -48.51
N ILE E 216 -10.19 8.29 -47.31
CA ILE E 216 -9.39 7.34 -46.57
C ILE E 216 -9.81 5.95 -47.04
N SER E 217 -9.04 5.41 -47.98
CA SER E 217 -9.34 4.11 -48.60
C SER E 217 -8.98 3.00 -47.62
N GLN E 218 -9.95 2.19 -47.21
CA GLN E 218 -9.70 1.05 -46.32
C GLN E 218 -8.63 0.15 -46.92
N LYS E 219 -7.63 -0.26 -46.13
CA LYS E 219 -6.61 -1.22 -46.58
C LYS E 219 -6.69 -2.50 -45.74
N ILE E 220 -7.29 -3.55 -46.33
CA ILE E 220 -7.51 -4.84 -45.66
C ILE E 220 -6.34 -5.76 -45.97
N HIS E 221 -5.60 -6.10 -44.93
CA HIS E 221 -4.45 -6.99 -45.04
C HIS E 221 -4.87 -8.45 -44.97
N PHE E 222 -5.84 -8.76 -44.11
CA PHE E 222 -6.20 -10.15 -43.78
C PHE E 222 -7.44 -10.58 -44.54
N PRO E 223 -7.50 -11.84 -45.01
CA PRO E 223 -8.72 -12.37 -45.60
C PRO E 223 -9.49 -13.27 -44.62
N ASP E 224 -10.80 -13.38 -44.87
CA ASP E 224 -11.73 -14.06 -43.95
C ASP E 224 -11.66 -15.59 -44.00
N PHE E 225 -11.00 -16.13 -45.02
CA PHE E 225 -10.58 -17.53 -45.06
C PHE E 225 -9.69 -17.76 -46.27
N SER E 226 -8.58 -18.47 -46.07
CA SER E 226 -7.64 -18.77 -47.15
C SER E 226 -7.25 -20.25 -47.16
N THR E 227 -6.95 -20.78 -48.35
CA THR E 227 -6.50 -22.16 -48.48
C THR E 227 -5.75 -22.39 -49.79
N ARG E 228 -4.64 -23.12 -49.69
CA ARG E 228 -3.80 -23.46 -50.82
C ARG E 228 -3.86 -24.97 -51.11
N ASP E 229 -4.77 -25.69 -50.47
CA ASP E 229 -4.81 -27.15 -50.55
C ASP E 229 -5.62 -27.71 -51.72
N ILE E 230 -6.40 -26.88 -52.41
CA ILE E 230 -7.33 -27.34 -53.48
C ILE E 230 -6.52 -27.65 -54.75
N HIS E 231 -5.71 -26.68 -55.16
CA HIS E 231 -4.97 -26.74 -56.43
C HIS E 231 -3.44 -26.75 -56.23
N ARG E 232 -2.74 -27.47 -57.11
CA ARG E 232 -1.28 -27.58 -57.10
C ARG E 232 -0.55 -26.68 -58.10
N ASN E 233 -1.22 -25.67 -58.66
CA ASN E 233 -0.55 -24.65 -59.48
C ASN E 233 -1.36 -23.34 -59.51
N TYR E 234 -1.06 -22.44 -60.43
CA TYR E 234 -1.81 -21.18 -60.47
C TYR E 234 -3.31 -21.47 -60.55
N VAL E 235 -4.08 -20.71 -59.79
CA VAL E 235 -5.52 -20.70 -59.91
C VAL E 235 -5.90 -19.45 -60.71
N ASP E 236 -6.39 -19.66 -61.93
CA ASP E 236 -6.65 -18.59 -62.89
C ASP E 236 -8.11 -18.14 -62.93
N CYS E 237 -9.04 -19.06 -62.66
CA CYS E 237 -10.48 -18.74 -62.61
C CYS E 237 -11.14 -19.24 -61.32
N VAL E 238 -11.88 -18.35 -60.66
CA VAL E 238 -12.70 -18.64 -59.46
C VAL E 238 -14.08 -18.00 -59.62
N ARG E 239 -15.14 -18.80 -59.52
CA ARG E 239 -16.51 -18.30 -59.54
C ARG E 239 -17.32 -18.87 -58.39
N TRP E 240 -18.26 -18.09 -57.88
CA TRP E 240 -19.23 -18.60 -56.91
C TRP E 240 -20.35 -19.44 -57.60
N LEU E 241 -20.61 -20.61 -57.03
CA LEU E 241 -21.79 -21.38 -57.34
C LEU E 241 -22.66 -21.33 -56.07
N GLY E 242 -23.37 -20.22 -55.92
CA GLY E 242 -24.19 -19.96 -54.75
C GLY E 242 -23.32 -19.80 -53.53
N ASP E 243 -23.29 -20.83 -52.70
CA ASP E 243 -22.43 -20.93 -51.50
C ASP E 243 -21.27 -21.96 -51.62
N LEU E 244 -21.18 -22.65 -52.75
CA LEU E 244 -20.02 -23.47 -53.06
C LEU E 244 -19.14 -22.73 -54.04
N ILE E 245 -17.86 -23.10 -54.03
CA ILE E 245 -16.84 -22.43 -54.84
C ILE E 245 -16.58 -23.25 -56.11
N LEU E 246 -16.47 -22.57 -57.24
CA LEU E 246 -15.88 -23.15 -58.43
C LEU E 246 -14.54 -22.49 -58.71
N SER E 247 -13.52 -23.31 -58.97
CA SER E 247 -12.20 -22.82 -59.39
C SER E 247 -11.37 -23.87 -60.11
N LYS E 248 -10.54 -23.39 -61.06
CA LYS E 248 -9.69 -24.25 -61.91
C LYS E 248 -8.23 -23.82 -61.85
N SER E 249 -7.36 -24.81 -62.02
CA SER E 249 -5.94 -24.62 -62.24
C SER E 249 -5.61 -25.40 -63.49
N CYS E 250 -4.33 -25.61 -63.74
CA CYS E 250 -3.88 -26.47 -64.82
C CYS E 250 -3.57 -27.85 -64.25
N GLU E 251 -4.66 -28.52 -63.86
CA GLU E 251 -4.69 -29.93 -63.46
C GLU E 251 -5.77 -30.74 -64.24
N ASN E 252 -6.38 -30.08 -65.22
CA ASN E 252 -7.45 -30.60 -66.07
C ASN E 252 -8.75 -31.03 -65.36
N ALA E 253 -9.28 -30.08 -64.56
CA ALA E 253 -10.63 -30.14 -63.93
C ALA E 253 -11.02 -28.78 -63.28
N ILE E 254 -12.29 -28.38 -63.40
CA ILE E 254 -12.84 -27.32 -62.54
C ILE E 254 -13.29 -28.05 -61.26
N VAL E 255 -12.91 -27.51 -60.10
CA VAL E 255 -13.24 -28.15 -58.84
C VAL E 255 -14.24 -27.35 -58.01
N CYS E 256 -15.32 -28.03 -57.64
CA CYS E 256 -16.36 -27.51 -56.76
C CYS E 256 -15.95 -27.90 -55.35
N TRP E 257 -15.72 -26.92 -54.48
CA TRP E 257 -15.26 -27.17 -53.09
C TRP E 257 -15.97 -26.21 -52.13
N LYS E 258 -15.59 -26.27 -50.85
CA LYS E 258 -16.06 -25.27 -49.85
C LYS E 258 -15.10 -25.12 -48.65
N PRO E 259 -15.14 -23.94 -47.97
CA PRO E 259 -14.38 -23.81 -46.72
C PRO E 259 -15.04 -24.62 -45.64
N GLY E 260 -14.21 -25.17 -44.75
CA GLY E 260 -14.68 -25.96 -43.61
C GLY E 260 -14.90 -27.44 -43.91
N LYS E 261 -15.41 -28.16 -42.90
CA LYS E 261 -15.82 -29.55 -43.07
C LYS E 261 -17.10 -29.54 -43.90
N MET E 262 -17.60 -30.72 -44.24
CA MET E 262 -18.83 -30.84 -45.04
C MET E 262 -19.90 -29.92 -44.46
N GLU E 263 -20.17 -30.11 -43.17
CA GLU E 263 -21.21 -29.38 -42.41
C GLU E 263 -21.09 -27.84 -42.36
N ASP E 264 -19.86 -27.33 -42.27
CA ASP E 264 -19.62 -25.92 -41.90
C ASP E 264 -20.23 -24.90 -42.86
N ASP E 265 -21.13 -24.07 -42.32
CA ASP E 265 -21.73 -22.97 -43.05
C ASP E 265 -20.65 -21.98 -43.48
N ILE E 266 -20.82 -21.42 -44.67
CA ILE E 266 -19.90 -20.42 -45.20
C ILE E 266 -19.88 -19.14 -44.38
N ASP E 267 -21.04 -18.72 -43.89
CA ASP E 267 -21.12 -17.48 -43.13
C ASP E 267 -20.61 -17.63 -41.68
N LYS E 268 -20.53 -18.87 -41.18
CA LYS E 268 -19.94 -19.18 -39.86
C LYS E 268 -18.51 -19.75 -39.98
N ILE E 269 -17.69 -19.15 -40.85
CA ILE E 269 -16.28 -19.54 -41.06
C ILE E 269 -15.36 -18.46 -40.51
N LYS E 270 -14.56 -18.85 -39.51
CA LYS E 270 -13.60 -17.95 -38.88
C LYS E 270 -12.26 -17.98 -39.65
N PRO E 271 -11.57 -16.82 -39.78
CA PRO E 271 -10.30 -16.65 -40.48
C PRO E 271 -9.35 -17.85 -40.45
N SER E 272 -9.07 -18.32 -39.24
CA SER E 272 -8.09 -19.40 -39.01
C SER E 272 -8.51 -20.80 -39.46
N GLU E 273 -9.74 -20.94 -39.98
CA GLU E 273 -10.29 -22.23 -40.44
C GLU E 273 -9.33 -23.00 -41.37
N SER E 274 -9.07 -24.26 -41.01
CA SER E 274 -8.03 -25.06 -41.62
C SER E 274 -8.55 -26.14 -42.56
N ASN E 275 -9.85 -26.17 -42.83
CA ASN E 275 -10.43 -27.23 -43.68
C ASN E 275 -10.97 -26.73 -45.01
N VAL E 276 -11.03 -27.67 -45.95
CA VAL E 276 -11.83 -27.56 -47.15
C VAL E 276 -12.43 -28.91 -47.42
N THR E 277 -13.54 -28.93 -48.12
CA THR E 277 -14.14 -30.18 -48.54
C THR E 277 -14.51 -30.06 -50.01
N ILE E 278 -13.84 -30.86 -50.82
CA ILE E 278 -14.08 -30.92 -52.26
C ILE E 278 -15.34 -31.73 -52.44
N LEU E 279 -16.32 -31.19 -53.15
CA LEU E 279 -17.53 -31.96 -53.45
C LEU E 279 -17.32 -32.77 -54.73
N GLY E 280 -17.18 -32.09 -55.86
CA GLY E 280 -17.02 -32.77 -57.14
C GLY E 280 -16.08 -32.09 -58.11
N ARG E 281 -15.71 -32.84 -59.16
CA ARG E 281 -14.83 -32.38 -60.24
C ARG E 281 -15.59 -32.34 -61.58
N PHE E 282 -15.34 -31.28 -62.35
CA PHE E 282 -15.85 -31.17 -63.72
C PHE E 282 -14.68 -31.39 -64.67
N ASP E 283 -14.44 -32.66 -65.05
CA ASP E 283 -13.21 -33.10 -65.75
C ASP E 283 -13.11 -32.53 -67.14
N TYR E 284 -11.89 -32.18 -67.55
CA TYR E 284 -11.63 -31.79 -68.93
C TYR E 284 -10.24 -32.30 -69.42
N SER E 285 -9.89 -31.98 -70.67
CA SER E 285 -8.63 -32.37 -71.31
C SER E 285 -7.99 -31.15 -71.94
N GLN E 286 -6.67 -31.11 -71.92
CA GLN E 286 -5.87 -30.22 -72.79
C GLN E 286 -6.08 -28.74 -72.48
N CYS E 287 -5.97 -28.39 -71.21
CA CYS E 287 -5.90 -26.98 -70.79
C CYS E 287 -4.79 -26.81 -69.74
N ASP E 288 -3.56 -26.89 -70.26
CA ASP E 288 -2.29 -26.88 -69.51
C ASP E 288 -1.60 -25.49 -69.47
N ILE E 289 -2.29 -24.49 -70.01
CA ILE E 289 -1.89 -23.10 -69.82
C ILE E 289 -2.84 -22.44 -68.84
N TRP E 290 -2.43 -21.25 -68.40
CA TRP E 290 -3.22 -20.37 -67.52
C TRP E 290 -3.82 -19.18 -68.29
N TYR E 291 -4.78 -18.54 -67.63
CA TYR E 291 -5.62 -17.45 -68.14
C TYR E 291 -6.83 -17.98 -68.91
N MET E 292 -7.09 -19.28 -68.78
CA MET E 292 -8.22 -19.88 -69.46
C MET E 292 -9.41 -19.82 -68.53
N ARG E 293 -10.33 -18.91 -68.82
CA ARG E 293 -11.53 -18.74 -67.99
C ARG E 293 -12.75 -19.52 -68.48
N PHE E 294 -13.62 -19.81 -67.52
CA PHE E 294 -14.95 -20.36 -67.76
C PHE E 294 -16.00 -19.35 -67.29
N SER E 295 -17.18 -19.39 -67.89
CA SER E 295 -18.33 -18.62 -67.40
C SER E 295 -19.55 -19.51 -67.23
N MET E 296 -20.63 -18.89 -66.77
CA MET E 296 -21.95 -19.55 -66.64
C MET E 296 -23.05 -18.63 -67.16
N ASP E 297 -24.24 -19.21 -67.24
CA ASP E 297 -25.47 -18.47 -67.56
C ASP E 297 -25.98 -17.78 -66.32
N PHE E 298 -26.93 -16.87 -66.49
CA PHE E 298 -27.49 -16.12 -65.35
C PHE E 298 -28.13 -16.98 -64.28
N TRP E 299 -28.96 -17.91 -64.69
CA TRP E 299 -29.65 -18.79 -63.76
C TRP E 299 -28.74 -19.90 -63.27
N GLN E 300 -27.51 -19.96 -63.78
CA GLN E 300 -26.52 -20.90 -63.30
C GLN E 300 -27.00 -22.37 -63.41
N LYS E 301 -27.50 -22.70 -64.60
CA LYS E 301 -27.79 -24.08 -64.99
C LYS E 301 -26.70 -24.72 -65.85
N MET E 302 -25.90 -23.90 -66.56
CA MET E 302 -24.83 -24.40 -67.44
C MET E 302 -23.47 -23.73 -67.18
N LEU E 303 -22.41 -24.53 -67.35
CA LEU E 303 -21.02 -24.12 -67.13
C LEU E 303 -20.23 -24.38 -68.41
N ALA E 304 -19.54 -23.36 -68.91
CA ALA E 304 -18.86 -23.44 -70.22
C ALA E 304 -17.40 -23.07 -70.11
N LEU E 305 -16.52 -23.97 -70.57
CA LEU E 305 -15.07 -23.74 -70.54
C LEU E 305 -14.43 -24.11 -71.87
N GLY E 306 -13.81 -23.13 -72.51
CA GLY E 306 -13.01 -23.36 -73.70
C GLY E 306 -11.57 -23.70 -73.35
N ASN E 307 -10.99 -24.68 -74.06
CA ASN E 307 -9.62 -25.12 -73.80
C ASN E 307 -8.62 -24.58 -74.85
N GLN E 308 -7.35 -25.03 -74.77
CA GLN E 308 -6.25 -24.39 -75.53
C GLN E 308 -6.12 -24.87 -76.97
N VAL E 309 -6.80 -25.97 -77.29
CA VAL E 309 -6.80 -26.54 -78.64
C VAL E 309 -8.13 -26.30 -79.35
N GLY E 310 -8.93 -25.36 -78.85
CA GLY E 310 -10.20 -24.99 -79.49
C GLY E 310 -11.41 -25.88 -79.25
N LYS E 311 -11.33 -26.76 -78.24
CA LYS E 311 -12.47 -27.61 -77.88
C LYS E 311 -13.21 -26.93 -76.75
N LEU E 312 -14.53 -26.76 -76.89
CA LEU E 312 -15.38 -26.21 -75.81
C LEU E 312 -15.91 -27.36 -74.95
N TYR E 313 -16.24 -27.04 -73.70
CA TYR E 313 -16.84 -27.99 -72.77
C TYR E 313 -18.01 -27.31 -72.05
N VAL E 314 -19.21 -27.89 -72.15
CA VAL E 314 -20.43 -27.32 -71.54
C VAL E 314 -21.10 -28.37 -70.63
N TRP E 315 -21.22 -28.02 -69.34
CA TRP E 315 -21.79 -28.91 -68.31
C TRP E 315 -23.05 -28.32 -67.68
N ASP E 316 -23.82 -29.22 -67.06
CA ASP E 316 -25.11 -28.92 -66.45
C ASP E 316 -24.99 -28.94 -64.91
N LEU E 317 -25.49 -27.86 -64.28
CA LEU E 317 -25.37 -27.65 -62.82
C LEU E 317 -26.64 -27.98 -62.05
N GLU E 318 -27.47 -28.80 -62.71
CA GLU E 318 -28.60 -29.48 -62.11
C GLU E 318 -28.24 -30.98 -62.10
N VAL E 319 -26.94 -31.30 -62.17
CA VAL E 319 -26.46 -32.69 -62.12
C VAL E 319 -26.27 -33.09 -60.65
N GLU E 320 -27.14 -34.01 -60.23
CA GLU E 320 -27.10 -34.62 -58.91
C GLU E 320 -25.97 -35.65 -59.02
N ASP E 321 -25.23 -35.86 -57.94
CA ASP E 321 -24.01 -36.70 -57.94
C ASP E 321 -22.92 -36.08 -58.85
N PRO E 322 -21.71 -36.66 -58.84
CA PRO E 322 -20.75 -36.55 -59.95
C PRO E 322 -21.33 -37.25 -61.22
N HIS E 323 -21.17 -36.72 -62.45
CA HIS E 323 -20.12 -35.79 -62.94
C HIS E 323 -18.72 -35.87 -62.27
N LYS E 324 -17.87 -36.87 -62.58
CA LYS E 324 -18.05 -38.05 -63.49
C LYS E 324 -18.64 -37.85 -64.90
N ALA E 325 -19.93 -38.19 -65.09
CA ALA E 325 -20.60 -38.09 -66.39
C ALA E 325 -21.77 -37.06 -66.32
N LYS E 326 -22.08 -36.34 -67.42
CA LYS E 326 -21.26 -36.26 -68.64
C LYS E 326 -21.34 -34.89 -69.33
N CYS E 327 -20.19 -34.48 -69.85
CA CYS E 327 -20.03 -33.21 -70.55
C CYS E 327 -20.50 -33.31 -71.99
N THR E 328 -21.12 -32.22 -72.47
CA THR E 328 -21.34 -32.01 -73.91
C THR E 328 -20.17 -31.21 -74.53
N THR E 329 -19.43 -31.86 -75.45
CA THR E 329 -18.22 -31.29 -76.08
C THR E 329 -18.57 -30.92 -77.49
N LEU E 330 -18.08 -29.79 -77.95
CA LEU E 330 -18.42 -29.27 -79.27
C LEU E 330 -17.25 -28.53 -79.93
N THR E 331 -16.76 -29.14 -81.01
CA THR E 331 -15.55 -28.71 -81.68
C THR E 331 -15.91 -28.28 -83.10
N HIS E 332 -15.00 -27.58 -83.77
CA HIS E 332 -15.21 -27.18 -85.17
C HIS E 332 -13.90 -27.22 -85.94
N HIS E 333 -14.00 -27.64 -87.19
CA HIS E 333 -12.84 -27.96 -87.99
C HIS E 333 -11.90 -26.81 -88.31
N LYS E 334 -12.42 -25.57 -88.27
CA LYS E 334 -11.58 -24.37 -88.39
C LYS E 334 -11.31 -23.66 -87.05
N CYS E 335 -11.98 -24.06 -85.96
CA CYS E 335 -11.70 -23.57 -84.59
C CYS E 335 -10.59 -24.37 -83.95
N GLY E 336 -9.37 -23.83 -84.06
CA GLY E 336 -8.14 -24.52 -83.64
C GLY E 336 -7.44 -23.92 -82.44
N ALA E 337 -7.43 -22.58 -82.36
CA ALA E 337 -6.68 -21.85 -81.33
C ALA E 337 -7.33 -21.89 -79.93
N ALA E 338 -6.60 -21.44 -78.92
CA ALA E 338 -7.04 -21.50 -77.52
C ALA E 338 -8.27 -20.65 -77.31
N ILE E 339 -9.11 -21.02 -76.36
CA ILE E 339 -10.35 -20.30 -76.09
C ILE E 339 -10.33 -19.66 -74.70
N ARG E 340 -9.95 -18.40 -74.67
CA ARG E 340 -9.88 -17.62 -73.44
C ARG E 340 -11.21 -17.70 -72.69
N GLN E 341 -12.19 -16.89 -73.07
CA GLN E 341 -13.38 -16.73 -72.27
C GLN E 341 -14.62 -17.10 -73.05
N THR E 342 -15.60 -17.67 -72.36
CA THR E 342 -16.90 -17.96 -72.95
C THR E 342 -17.90 -17.05 -72.28
N SER E 343 -19.04 -16.85 -72.95
CA SER E 343 -20.08 -15.97 -72.44
C SER E 343 -21.46 -16.36 -72.99
N PHE E 344 -22.35 -16.76 -72.09
CA PHE E 344 -23.74 -16.94 -72.46
C PHE E 344 -24.41 -15.59 -72.54
N SER E 345 -25.44 -15.49 -73.39
CA SER E 345 -26.40 -14.39 -73.30
C SER E 345 -27.29 -14.64 -72.08
N ARG E 346 -28.15 -13.68 -71.76
CA ARG E 346 -28.90 -13.72 -70.50
C ARG E 346 -29.78 -14.98 -70.42
N ASP E 347 -30.66 -15.13 -71.40
CA ASP E 347 -31.26 -16.43 -71.72
C ASP E 347 -30.14 -17.32 -72.27
N SER E 348 -30.23 -18.63 -72.03
CA SER E 348 -29.13 -19.51 -72.40
C SER E 348 -28.99 -19.77 -73.92
N SER E 349 -29.84 -19.18 -74.76
CA SER E 349 -29.84 -19.42 -76.23
C SER E 349 -28.50 -19.37 -77.01
N ILE E 350 -27.71 -18.30 -76.84
CA ILE E 350 -26.40 -18.11 -77.50
C ILE E 350 -25.23 -18.38 -76.53
N LEU E 351 -24.11 -18.89 -77.08
CA LEU E 351 -22.86 -19.11 -76.35
C LEU E 351 -21.67 -18.57 -77.17
N ILE E 352 -21.23 -17.34 -76.91
CA ILE E 352 -20.04 -16.82 -77.59
C ILE E 352 -18.80 -17.39 -76.90
N ALA E 353 -17.75 -17.63 -77.69
CA ALA E 353 -16.41 -18.06 -77.20
C ALA E 353 -15.34 -17.39 -78.06
N VAL E 354 -14.34 -16.75 -77.45
CA VAL E 354 -13.29 -16.05 -78.22
C VAL E 354 -11.94 -16.78 -78.09
N CYS E 355 -11.02 -16.51 -79.03
CA CYS E 355 -9.81 -17.34 -79.21
C CYS E 355 -8.50 -16.57 -79.20
N ASP E 356 -7.39 -17.32 -79.15
CA ASP E 356 -6.03 -16.78 -79.27
C ASP E 356 -5.67 -16.16 -80.61
N ASP E 357 -6.43 -16.50 -81.66
CA ASP E 357 -6.16 -16.03 -83.03
C ASP E 357 -7.14 -14.96 -83.53
N ALA E 358 -7.73 -14.20 -82.61
CA ALA E 358 -8.71 -13.13 -82.93
C ALA E 358 -10.05 -13.61 -83.51
N SER E 359 -10.37 -14.91 -83.37
CA SER E 359 -11.60 -15.52 -83.92
C SER E 359 -12.73 -15.67 -82.87
N ILE E 360 -13.93 -15.19 -83.22
CA ILE E 360 -15.09 -15.29 -82.34
C ILE E 360 -15.95 -16.45 -82.83
N TRP E 361 -16.61 -17.14 -81.91
CA TRP E 361 -17.41 -18.34 -82.25
C TRP E 361 -18.77 -18.26 -81.57
N ARG E 362 -19.83 -18.27 -82.37
CA ARG E 362 -21.23 -18.25 -81.89
C ARG E 362 -21.83 -19.65 -81.99
N TRP E 363 -22.52 -20.06 -80.94
CA TRP E 363 -23.08 -21.41 -80.84
C TRP E 363 -24.48 -21.30 -80.23
N ASP E 364 -25.54 -21.46 -81.04
CA ASP E 364 -26.93 -21.31 -80.54
C ASP E 364 -27.53 -22.66 -80.16
N ARG E 365 -28.52 -22.67 -79.26
CA ARG E 365 -29.04 -23.91 -78.60
C ARG E 365 -30.04 -24.78 -79.41
N LEU E 366 -30.62 -25.81 -78.76
CA LEU E 366 -31.86 -26.46 -79.26
C LEU E 366 -33.05 -25.47 -79.33
N ARG E 367 -33.63 -25.31 -80.54
CA ARG E 367 -34.76 -24.41 -80.87
C ARG E 367 -35.51 -23.78 -79.68
N HIS F 5 3.86 24.51 -58.39
CA HIS F 5 5.36 24.51 -58.35
C HIS F 5 6.00 23.82 -59.58
N ASN F 6 5.49 22.66 -60.04
CA ASN F 6 4.76 21.66 -59.25
C ASN F 6 5.49 20.35 -59.44
N ARG F 7 5.38 19.47 -58.47
CA ARG F 7 5.60 18.04 -58.71
C ARG F 7 4.36 17.37 -58.17
N LEU F 8 3.84 16.44 -58.95
CA LEU F 8 2.64 15.71 -58.58
C LEU F 8 3.07 14.54 -57.70
N TYR F 9 2.71 14.62 -56.43
CA TYR F 9 3.06 13.59 -55.45
C TYR F 9 1.91 12.60 -55.29
N PHE F 10 2.20 11.44 -54.74
CA PHE F 10 1.23 10.36 -54.57
C PHE F 10 1.30 9.82 -53.15
N HIS F 11 0.23 9.18 -52.69
CA HIS F 11 0.24 8.50 -51.39
C HIS F 11 1.04 7.19 -51.48
N SER F 12 1.61 6.74 -50.37
CA SER F 12 2.35 5.48 -50.33
C SER F 12 1.42 4.27 -50.13
N ASP F 13 0.36 4.45 -49.37
CA ASP F 13 -0.67 3.40 -49.19
C ASP F 13 -1.38 3.06 -50.49
N THR F 14 -1.75 4.10 -51.26
CA THR F 14 -2.66 4.04 -52.43
C THR F 14 -2.11 4.96 -53.52
N CYS F 15 -1.64 4.42 -54.64
CA CYS F 15 -0.96 5.23 -55.66
C CYS F 15 -1.84 6.25 -56.43
N LEU F 16 -2.99 6.62 -55.85
CA LEU F 16 -3.76 7.80 -56.24
C LEU F 16 -2.97 9.08 -55.98
N PRO F 17 -3.00 10.03 -56.94
CA PRO F 17 -2.21 11.26 -56.76
C PRO F 17 -2.64 12.13 -55.59
N LEU F 18 -1.74 13.02 -55.21
CA LEU F 18 -1.89 13.90 -54.07
C LEU F 18 -2.32 15.26 -54.58
N ARG F 19 -3.54 15.67 -54.22
CA ARG F 19 -4.05 17.00 -54.60
C ARG F 19 -3.26 18.10 -53.87
N PRO F 20 -3.15 19.31 -54.47
CA PRO F 20 -2.29 20.35 -53.88
C PRO F 20 -2.67 20.72 -52.45
N GLN F 21 -3.97 20.72 -52.17
CA GLN F 21 -4.52 21.10 -50.85
C GLN F 21 -4.22 20.07 -49.74
N GLU F 22 -4.09 18.81 -50.12
CA GLU F 22 -3.85 17.71 -49.16
C GLU F 22 -2.47 17.77 -48.50
N MET F 23 -1.51 18.43 -49.15
CA MET F 23 -0.13 18.51 -48.66
C MET F 23 0.23 19.93 -48.26
N GLU F 24 0.60 20.23 -47.00
CA GLU F 24 0.15 19.62 -45.71
C GLU F 24 0.51 18.18 -45.24
N VAL F 25 1.57 17.54 -45.78
CA VAL F 25 1.95 16.16 -45.34
C VAL F 25 3.26 16.08 -44.50
N ASP F 26 3.24 15.44 -43.33
CA ASP F 26 2.10 14.79 -42.70
C ASP F 26 1.84 15.54 -41.39
N SER F 27 0.64 16.11 -41.26
CA SER F 27 0.17 16.71 -40.00
C SER F 27 -0.05 15.59 -38.97
N GLU F 28 -0.71 14.51 -39.41
CA GLU F 28 -0.89 13.26 -38.65
C GLU F 28 0.45 12.68 -38.22
N ASP F 29 0.65 12.51 -36.91
CA ASP F 29 1.89 11.93 -36.40
C ASP F 29 1.89 10.42 -36.63
N GLU F 30 2.72 10.00 -37.59
CA GLU F 30 2.97 8.58 -37.85
C GLU F 30 3.66 7.99 -36.62
N LYS F 31 3.30 6.77 -36.18
CA LYS F 31 2.28 5.87 -36.75
C LYS F 31 2.24 4.65 -35.84
N ASP F 32 1.15 3.92 -35.89
CA ASP F 32 1.19 2.54 -35.48
C ASP F 32 0.44 1.79 -36.55
N PRO F 33 1.13 1.02 -37.40
CA PRO F 33 0.46 0.39 -38.54
C PRO F 33 -0.66 -0.53 -38.08
N GLU F 34 -1.88 -0.29 -38.59
CA GLU F 34 -3.09 -1.04 -38.16
C GLU F 34 -2.92 -2.56 -38.19
N TRP F 35 -2.33 -3.07 -39.27
CA TRP F 35 -2.22 -4.52 -39.52
C TRP F 35 -1.44 -5.26 -38.46
N LEU F 36 -0.44 -4.55 -37.94
CA LEU F 36 0.43 -5.03 -36.90
C LEU F 36 -0.43 -5.30 -35.65
N ARG F 37 -1.29 -4.35 -35.30
CA ARG F 37 -2.15 -4.54 -34.14
C ARG F 37 -3.03 -5.80 -34.27
N GLU F 38 -3.69 -5.96 -35.42
CA GLU F 38 -4.47 -7.18 -35.71
C GLU F 38 -3.61 -8.46 -35.71
N LYS F 39 -2.39 -8.37 -36.26
CA LYS F 39 -1.46 -9.49 -36.28
C LYS F 39 -1.35 -10.02 -34.88
N THR F 40 -1.04 -9.11 -33.94
CA THR F 40 -0.79 -9.49 -32.54
C THR F 40 -2.04 -10.10 -31.90
N ILE F 41 -3.18 -9.44 -32.06
CA ILE F 41 -4.43 -9.93 -31.47
C ILE F 41 -4.71 -11.34 -31.93
N THR F 42 -4.62 -11.56 -33.24
CA THR F 42 -4.78 -12.89 -33.84
C THR F 42 -3.69 -13.86 -33.36
N GLN F 43 -2.46 -13.35 -33.19
CA GLN F 43 -1.30 -14.15 -32.79
C GLN F 43 -1.25 -14.57 -31.33
N ILE F 44 -1.79 -13.74 -30.45
CA ILE F 44 -1.94 -14.12 -29.04
C ILE F 44 -3.00 -15.23 -28.97
N GLU F 45 -4.15 -15.00 -29.60
CA GLU F 45 -5.21 -16.01 -29.67
C GLU F 45 -4.71 -17.36 -30.20
N GLU F 46 -3.78 -17.30 -31.19
CA GLU F 46 -3.16 -18.51 -31.80
C GLU F 46 -2.69 -19.54 -30.78
N PHE F 47 -2.30 -19.09 -29.58
CA PHE F 47 -1.74 -19.99 -28.59
C PHE F 47 -2.76 -20.94 -27.96
N SER F 48 -2.49 -22.23 -28.16
CA SER F 48 -2.95 -23.27 -27.26
C SER F 48 -2.11 -23.11 -26.01
N ASP F 49 -2.57 -23.73 -24.93
CA ASP F 49 -1.84 -23.79 -23.64
C ASP F 49 -1.75 -22.50 -22.82
N VAL F 50 -2.43 -21.44 -23.24
CA VAL F 50 -2.46 -20.16 -22.52
C VAL F 50 -3.89 -19.86 -22.03
N ASN F 51 -3.96 -19.16 -20.91
CA ASN F 51 -5.18 -18.90 -20.17
C ASN F 51 -6.01 -17.81 -20.89
N GLU F 52 -7.31 -17.78 -20.62
CA GLU F 52 -8.29 -17.12 -21.50
C GLU F 52 -8.26 -15.59 -21.79
N GLY F 53 -8.03 -14.66 -20.86
CA GLY F 53 -7.50 -14.83 -19.52
C GLY F 53 -6.18 -14.09 -19.50
N GLU F 54 -5.10 -14.84 -19.32
CA GLU F 54 -3.74 -14.33 -19.46
C GLU F 54 -3.54 -13.84 -20.90
N LYS F 55 -4.25 -14.44 -21.85
CA LYS F 55 -4.29 -13.93 -23.22
C LYS F 55 -4.68 -12.44 -23.30
N GLU F 56 -5.90 -12.08 -22.91
CA GLU F 56 -6.44 -10.71 -23.18
C GLU F 56 -5.67 -9.60 -22.47
N VAL F 57 -5.19 -9.86 -21.26
CA VAL F 57 -4.30 -8.91 -20.60
C VAL F 57 -3.02 -8.69 -21.42
N MET F 58 -2.44 -9.76 -21.99
CA MET F 58 -1.26 -9.62 -22.84
C MET F 58 -1.58 -8.77 -24.05
N LYS F 59 -2.69 -9.09 -24.74
CA LYS F 59 -3.13 -8.35 -25.93
C LYS F 59 -3.20 -6.86 -25.59
N LEU F 60 -3.85 -6.53 -24.48
CA LEU F 60 -4.00 -5.13 -24.07
C LEU F 60 -2.65 -4.47 -23.74
N TRP F 61 -1.79 -5.16 -23.01
CA TRP F 61 -0.44 -4.67 -22.74
C TRP F 61 0.28 -4.40 -24.05
N ASN F 62 0.35 -5.43 -24.89
CA ASN F 62 0.96 -5.32 -26.21
C ASN F 62 0.44 -4.12 -26.98
N LEU F 63 -0.88 -4.02 -27.02
CA LEU F 63 -1.55 -2.89 -27.66
C LEU F 63 -1.18 -1.56 -27.02
N HIS F 64 -0.90 -1.58 -25.72
CA HIS F 64 -0.44 -0.41 -24.98
C HIS F 64 0.98 0.02 -25.34
N VAL F 65 1.91 -0.92 -25.32
CA VAL F 65 3.29 -0.56 -25.67
C VAL F 65 3.42 -0.10 -27.12
N MET F 66 2.72 -0.79 -28.03
CA MET F 66 2.72 -0.45 -29.46
C MET F 66 2.22 0.96 -29.71
N LYS F 67 1.17 1.34 -28.98
CA LYS F 67 0.57 2.65 -29.09
C LYS F 67 1.60 3.73 -28.74
N HIS F 68 2.21 3.63 -27.57
CA HIS F 68 3.11 4.70 -27.07
C HIS F 68 4.55 4.61 -27.56
N GLY F 69 5.05 3.40 -27.79
CA GLY F 69 6.42 3.23 -28.28
C GLY F 69 7.42 3.46 -27.17
N PHE F 70 7.41 2.52 -26.23
CA PHE F 70 8.33 2.52 -25.10
C PHE F 70 9.66 1.90 -25.52
N ILE F 71 10.74 2.59 -25.20
CA ILE F 71 12.07 2.16 -25.61
C ILE F 71 12.91 1.68 -24.43
N ALA F 72 12.80 2.35 -23.29
CA ALA F 72 13.70 2.15 -22.14
C ALA F 72 13.08 1.32 -21.03
N ASP F 73 13.92 0.80 -20.16
CA ASP F 73 13.44 0.07 -18.99
C ASP F 73 12.83 1.03 -17.99
N ASN F 74 13.48 2.17 -17.78
CA ASN F 74 12.96 3.21 -16.87
C ASN F 74 11.55 3.73 -17.22
N GLN F 75 11.19 3.65 -18.50
CA GLN F 75 9.83 3.97 -18.92
C GLN F 75 8.75 3.05 -18.33
N MET F 76 9.11 1.80 -18.01
CA MET F 76 8.13 0.78 -17.53
C MET F 76 7.35 1.04 -16.23
N ASN F 77 7.80 2.00 -15.42
CA ASN F 77 7.00 2.45 -14.28
C ASN F 77 5.86 3.28 -14.81
N HIS F 78 6.21 4.37 -15.47
CA HIS F 78 5.25 5.23 -16.14
C HIS F 78 4.35 4.44 -17.08
N ALA F 79 4.89 3.41 -17.72
CA ALA F 79 4.13 2.55 -18.63
C ALA F 79 3.14 1.61 -17.96
N CYS F 80 3.38 1.23 -16.70
CA CYS F 80 2.42 0.42 -15.97
C CYS F 80 1.30 1.32 -15.43
N MET F 81 1.68 2.51 -14.96
CA MET F 81 0.73 3.50 -14.43
C MET F 81 -0.25 3.94 -15.52
N LEU F 82 0.25 4.17 -16.74
CA LEU F 82 -0.62 4.56 -17.89
C LEU F 82 -1.58 3.46 -18.28
N PHE F 83 -1.13 2.22 -18.20
CA PHE F 83 -1.94 1.09 -18.54
C PHE F 83 -3.20 1.00 -17.68
N VAL F 84 -3.15 1.43 -16.41
CA VAL F 84 -4.40 1.52 -15.60
C VAL F 84 -5.21 2.78 -15.89
N GLU F 85 -4.51 3.91 -16.08
CA GLU F 85 -5.14 5.17 -16.45
C GLU F 85 -5.92 5.05 -17.77
N ASN F 86 -5.43 4.24 -18.70
CA ASN F 86 -6.17 3.90 -19.92
C ASN F 86 -6.94 2.60 -19.71
N TYR F 87 -6.26 1.46 -19.83
CA TYR F 87 -6.91 0.15 -20.05
C TYR F 87 -7.57 -0.43 -18.80
N GLY F 88 -7.20 0.09 -17.61
CA GLY F 88 -7.72 -0.37 -16.32
C GLY F 88 -9.24 -0.43 -16.25
N GLN F 89 -9.87 0.52 -16.93
CA GLN F 89 -11.31 0.56 -17.11
C GLN F 89 -11.83 -0.70 -17.79
N LYS F 90 -11.25 -1.04 -18.93
CA LYS F 90 -11.64 -2.27 -19.63
C LYS F 90 -11.21 -3.55 -18.90
N ILE F 91 -10.12 -3.48 -18.15
CA ILE F 91 -9.69 -4.62 -17.32
C ILE F 91 -10.74 -5.02 -16.33
N ILE F 92 -11.35 -4.03 -15.69
CA ILE F 92 -12.41 -4.26 -14.72
C ILE F 92 -13.65 -4.89 -15.39
N LYS F 93 -14.02 -4.42 -16.59
CA LYS F 93 -15.12 -5.04 -17.37
C LYS F 93 -14.92 -6.54 -17.53
N LYS F 94 -13.76 -6.93 -18.04
CA LYS F 94 -13.54 -8.29 -18.53
C LYS F 94 -13.15 -9.30 -17.43
N ASN F 95 -13.11 -8.81 -16.18
CA ASN F 95 -12.71 -9.59 -15.01
C ASN F 95 -11.29 -10.08 -15.20
N LEU F 96 -10.36 -9.14 -15.07
CA LEU F 96 -8.93 -9.39 -15.26
C LEU F 96 -8.03 -8.65 -14.25
N CYS F 97 -8.54 -8.45 -13.03
CA CYS F 97 -7.80 -7.73 -12.00
C CYS F 97 -6.61 -8.54 -11.49
N ARG F 98 -6.87 -9.83 -11.27
CA ARG F 98 -5.87 -10.75 -10.74
C ARG F 98 -4.84 -11.17 -11.75
N ASN F 99 -5.21 -11.19 -13.03
CA ASN F 99 -4.21 -11.36 -14.08
C ASN F 99 -3.40 -10.10 -14.27
N PHE F 100 -4.04 -8.93 -14.17
CA PHE F 100 -3.27 -7.69 -14.21
C PHE F 100 -2.25 -7.64 -13.10
N MET F 101 -2.54 -8.26 -11.96
CA MET F 101 -1.56 -8.37 -10.87
C MET F 101 -0.39 -9.33 -11.23
N LEU F 102 -0.70 -10.47 -11.87
CA LEU F 102 0.33 -11.43 -12.35
C LEU F 102 1.34 -10.80 -13.31
N HIS F 103 0.82 -10.03 -14.27
CA HIS F 103 1.64 -9.20 -15.17
C HIS F 103 2.65 -8.32 -14.41
N LEU F 104 2.16 -7.58 -13.42
CA LEU F 104 3.03 -6.69 -12.63
C LEU F 104 4.11 -7.49 -11.91
N VAL F 105 3.75 -8.67 -11.42
CA VAL F 105 4.72 -9.54 -10.78
C VAL F 105 5.72 -10.11 -11.80
N SER F 106 5.26 -10.67 -12.91
CA SER F 106 6.15 -10.97 -14.04
C SER F 106 7.07 -9.77 -14.24
N MET F 107 6.48 -8.63 -14.54
CA MET F 107 7.24 -7.41 -14.85
C MET F 107 8.26 -7.02 -13.78
N HIS F 108 7.91 -7.23 -12.51
CA HIS F 108 8.86 -7.01 -11.42
C HIS F 108 9.99 -8.04 -11.48
N ASP F 109 9.62 -9.29 -11.72
CA ASP F 109 10.62 -10.35 -11.83
C ASP F 109 11.66 -10.05 -12.89
N PHE F 110 11.20 -9.53 -14.03
CA PHE F 110 12.10 -9.18 -15.14
C PHE F 110 13.08 -8.06 -14.81
N ASN F 111 12.90 -7.41 -13.65
CA ASN F 111 13.74 -6.31 -13.17
C ASN F 111 13.46 -5.00 -13.91
N LEU F 112 12.21 -4.83 -14.34
CA LEU F 112 11.77 -3.64 -15.09
C LEU F 112 11.12 -2.58 -14.20
N ILE F 113 10.22 -3.01 -13.30
CA ILE F 113 9.53 -2.09 -12.38
C ILE F 113 9.95 -2.31 -10.92
N SER F 114 9.89 -1.23 -10.12
CA SER F 114 10.11 -1.31 -8.68
C SER F 114 8.92 -1.99 -8.02
N ILE F 115 9.19 -2.69 -6.93
CA ILE F 115 8.14 -3.35 -6.16
C ILE F 115 6.99 -2.41 -5.74
N MET F 116 7.33 -1.14 -5.52
CA MET F 116 6.38 -0.07 -5.16
C MET F 116 5.32 0.18 -6.24
N SER F 117 5.66 -0.09 -7.49
CA SER F 117 4.70 0.04 -8.56
C SER F 117 3.63 -1.03 -8.54
N ILE F 118 3.92 -2.24 -8.02
CA ILE F 118 2.87 -3.26 -7.92
C ILE F 118 1.74 -2.79 -7.02
N ASP F 119 2.09 -2.22 -5.86
CA ASP F 119 1.09 -1.67 -4.97
C ASP F 119 0.49 -0.37 -5.53
N LYS F 120 1.34 0.54 -6.00
CA LYS F 120 0.88 1.84 -6.52
C LYS F 120 -0.08 1.73 -7.72
N ALA F 121 0.13 0.73 -8.57
CA ALA F 121 -0.75 0.47 -9.71
C ALA F 121 -2.03 -0.26 -9.28
N VAL F 122 -1.93 -1.27 -8.41
CA VAL F 122 -3.13 -2.01 -7.95
C VAL F 122 -4.04 -1.08 -7.13
N THR F 123 -3.46 -0.07 -6.49
CA THR F 123 -4.24 0.98 -5.81
C THR F 123 -5.05 1.84 -6.82
N LYS F 124 -4.36 2.41 -7.82
CA LYS F 124 -5.00 3.23 -8.90
C LYS F 124 -5.99 2.49 -9.80
N LEU F 125 -5.91 1.16 -9.87
CA LEU F 125 -6.90 0.32 -10.58
C LEU F 125 -8.15 0.15 -9.73
N ARG F 126 -7.96 -0.18 -8.45
CA ARG F 126 -9.08 -0.43 -7.55
C ARG F 126 -9.70 0.88 -7.07
N GLU F 127 -8.95 1.97 -7.20
CA GLU F 127 -9.49 3.33 -6.98
C GLU F 127 -10.55 3.78 -8.02
N MET F 128 -10.61 3.10 -9.18
CA MET F 128 -11.62 3.34 -10.23
C MET F 128 -12.61 2.18 -10.39
N GLN F 129 -12.78 1.36 -9.34
CA GLN F 129 -13.80 0.31 -9.32
C GLN F 129 -15.12 0.87 -8.79
N LYS G 20 -6.34 71.18 27.32
CA LYS G 20 -5.04 71.13 26.61
C LYS G 20 -4.41 72.53 26.53
N GLY G 21 -3.11 72.59 26.80
CA GLY G 21 -2.28 73.78 26.54
C GLY G 21 -0.95 73.32 25.98
N PRO G 22 -0.29 74.14 25.12
CA PRO G 22 0.93 73.68 24.45
C PRO G 22 2.08 73.30 25.42
N VAL G 23 2.45 74.23 26.31
CA VAL G 23 3.53 74.02 27.29
C VAL G 23 3.20 73.02 28.41
N CYS G 24 1.91 72.74 28.62
CA CYS G 24 1.48 71.80 29.67
C CYS G 24 1.82 70.34 29.35
N TRP G 25 1.77 69.95 28.08
CA TRP G 25 2.20 68.60 27.66
C TRP G 25 3.66 68.29 28.04
N ARG G 26 4.52 69.30 27.97
CA ARG G 26 5.94 69.16 28.36
C ARG G 26 6.10 68.96 29.87
N LYS G 27 5.39 69.78 30.65
CA LYS G 27 5.40 69.67 32.12
C LYS G 27 4.76 68.37 32.66
N ARG G 28 3.95 67.70 31.85
CA ARG G 28 3.39 66.37 32.17
C ARG G 28 4.16 65.19 31.55
N VAL G 29 5.00 65.47 30.56
CA VAL G 29 5.98 64.50 30.03
C VAL G 29 7.21 64.46 30.93
N LYS G 30 7.80 65.62 31.17
CA LYS G 30 8.99 65.78 32.00
C LYS G 30 8.76 65.30 33.45
N SER G 31 7.57 65.54 34.01
CA SER G 31 7.20 65.00 35.35
C SER G 31 7.00 63.49 35.33
N GLU G 32 6.49 62.96 34.22
CA GLU G 32 6.33 61.51 34.02
C GLU G 32 7.70 60.86 33.93
N TYR G 33 8.52 61.40 33.02
CA TYR G 33 9.92 61.01 32.84
C TYR G 33 10.68 60.93 34.18
N MET G 34 10.62 62.01 34.96
CA MET G 34 11.28 62.09 36.27
C MET G 34 10.77 60.99 37.24
N ARG G 35 9.46 60.73 37.21
CA ARG G 35 8.83 59.68 38.03
C ARG G 35 9.17 58.28 37.55
N LEU G 36 9.20 58.10 36.23
CA LEU G 36 9.48 56.81 35.60
C LEU G 36 10.91 56.32 35.84
N ARG G 37 11.88 57.24 35.78
CA ARG G 37 13.27 56.90 36.12
C ARG G 37 13.47 56.58 37.63
N GLN G 38 12.60 57.08 38.52
CA GLN G 38 12.74 56.81 39.96
C GLN G 38 12.39 55.39 40.34
N LEU G 39 11.18 54.95 40.01
CA LEU G 39 10.70 53.62 40.41
C LEU G 39 11.38 52.47 39.65
N LYS G 40 11.85 52.77 38.44
CA LYS G 40 12.71 51.86 37.68
C LYS G 40 14.03 51.67 38.45
N ARG G 41 14.64 52.77 38.88
CA ARG G 41 15.90 52.77 39.65
C ARG G 41 15.75 52.10 41.03
N PHE G 42 14.53 52.12 41.60
CA PHE G 42 14.23 51.38 42.86
C PHE G 42 14.00 49.89 42.62
N ARG G 43 13.40 49.51 41.50
CA ARG G 43 13.33 48.09 41.12
C ARG G 43 14.68 47.55 40.60
N ARG G 44 15.38 48.36 39.80
CA ARG G 44 16.69 47.99 39.23
C ARG G 44 17.79 47.84 40.29
N ALA G 45 17.88 48.80 41.22
CA ALA G 45 18.91 48.79 42.28
C ALA G 45 19.03 47.44 43.02
N ASP G 46 17.96 46.65 43.02
CA ASP G 46 17.99 45.27 43.49
C ASP G 46 18.76 44.34 42.53
N GLU G 47 18.41 44.40 41.24
CA GLU G 47 19.05 43.56 40.21
C GLU G 47 20.53 43.92 39.94
N VAL G 48 20.87 45.22 40.00
CA VAL G 48 22.25 45.70 39.74
C VAL G 48 23.19 45.32 40.86
N LYS G 49 22.68 45.35 42.10
CA LYS G 49 23.44 44.93 43.26
C LYS G 49 23.96 43.50 43.00
N SER G 50 23.08 42.64 42.50
CA SER G 50 23.45 41.26 42.14
C SER G 50 24.42 41.16 40.96
N MET G 51 24.19 41.97 39.92
CA MET G 51 25.12 42.06 38.78
C MET G 51 26.51 42.47 39.23
N PHE G 52 26.59 43.63 39.90
CA PHE G 52 27.85 44.20 40.38
C PHE G 52 28.72 43.18 41.10
N SER G 53 28.11 42.42 42.00
CA SER G 53 28.82 41.44 42.80
C SER G 53 29.11 40.15 42.01
N SER G 54 28.30 39.87 40.98
CA SER G 54 28.66 38.81 40.02
C SER G 54 29.84 39.19 39.11
N ASN G 55 29.90 40.48 38.76
CA ASN G 55 30.97 41.06 37.94
C ASN G 55 32.29 41.09 38.71
N ARG G 56 32.20 41.53 39.97
CA ARG G 56 33.33 41.51 40.93
C ARG G 56 34.00 40.13 40.98
N GLN G 57 33.17 39.09 40.86
CA GLN G 57 33.64 37.71 40.78
C GLN G 57 34.47 37.49 39.53
N LYS G 58 33.96 37.94 38.39
CA LYS G 58 34.71 37.89 37.14
C LYS G 58 36.01 38.69 37.25
N ILE G 59 35.92 39.92 37.75
CA ILE G 59 37.10 40.78 37.88
C ILE G 59 38.18 40.12 38.73
N LEU G 60 37.79 39.66 39.91
CA LEU G 60 38.71 39.01 40.86
C LEU G 60 39.43 37.82 40.19
N GLU G 61 38.66 36.93 39.55
CA GLU G 61 39.25 35.77 38.84
C GLU G 61 40.27 36.23 37.82
N ARG G 62 39.85 37.16 36.96
CA ARG G 62 40.65 37.56 35.81
C ARG G 62 41.91 38.33 36.23
N THR G 63 41.75 39.29 37.14
CA THR G 63 42.91 40.01 37.67
C THR G 63 43.91 39.03 38.26
N GLU G 64 43.43 37.93 38.83
CA GLU G 64 44.30 36.82 39.29
C GLU G 64 45.10 36.16 38.16
N ILE G 65 44.48 35.97 36.99
CA ILE G 65 45.19 35.34 35.85
C ILE G 65 46.34 36.21 35.34
N LEU G 66 46.14 37.52 35.34
CA LEU G 66 47.20 38.47 34.97
C LEU G 66 48.28 38.56 36.02
N ASN G 67 47.86 38.44 37.28
CA ASN G 67 48.76 38.47 38.43
C ASN G 67 49.67 37.24 38.48
N GLN G 68 49.12 36.07 38.14
CA GLN G 68 49.91 34.83 38.14
C GLN G 68 50.92 34.80 36.98
N GLU G 69 50.50 35.31 35.82
CA GLU G 69 51.42 35.50 34.69
C GLU G 69 52.51 36.54 34.94
N TRP G 70 52.29 37.48 35.88
CA TRP G 70 53.33 38.45 36.30
C TRP G 70 54.39 37.86 37.23
N LYS G 71 54.01 36.88 38.04
CA LYS G 71 54.93 36.21 38.97
C LYS G 71 56.02 35.37 38.26
N GLN G 72 55.77 34.96 37.02
CA GLN G 72 56.78 34.24 36.22
C GLN G 72 57.78 35.18 35.51
N ARG G 73 57.45 36.47 35.40
CA ARG G 73 58.28 37.49 34.74
C ARG G 73 59.21 38.19 35.74
N ARG G 74 60.48 38.41 35.35
CA ARG G 74 61.50 39.11 36.15
C ARG G 74 62.22 40.20 35.32
N ILE G 75 61.97 41.48 35.62
CA ILE G 75 62.15 42.58 34.63
C ILE G 75 63.27 43.65 34.88
N GLN G 76 64.10 43.47 35.91
CA GLN G 76 65.32 44.30 36.16
C GLN G 76 65.18 45.84 36.08
N PRO G 77 64.05 46.39 36.52
CA PRO G 77 63.73 47.77 36.13
C PRO G 77 64.65 48.84 36.73
N VAL G 78 64.21 50.09 36.64
CA VAL G 78 64.60 51.17 37.56
C VAL G 78 66.09 51.61 37.63
N HIS G 79 66.90 51.29 36.63
CA HIS G 79 68.30 51.74 36.64
C HIS G 79 68.40 53.30 36.44
N ILE G 80 69.40 53.95 37.05
CA ILE G 80 69.73 55.38 36.82
C ILE G 80 71.20 55.48 36.49
N LEU G 81 71.53 55.99 35.31
CA LEU G 81 72.93 56.11 34.93
C LEU G 81 73.32 57.59 34.88
N THR G 82 74.56 57.88 35.32
CA THR G 82 75.20 59.20 35.15
C THR G 82 76.72 59.15 34.71
N SER G 83 77.29 57.95 34.50
CA SER G 83 78.70 57.80 34.04
C SER G 83 78.79 57.29 32.57
N VAL G 84 79.75 57.75 31.74
CA VAL G 84 80.79 58.74 32.09
C VAL G 84 80.20 60.14 32.40
N SER G 85 80.72 60.79 33.44
CA SER G 85 80.14 62.03 34.02
C SER G 85 79.65 63.01 32.98
N SER G 86 78.43 63.53 33.16
CA SER G 86 77.81 64.42 32.17
C SER G 86 78.79 65.43 31.67
N LEU G 87 78.84 65.54 30.36
CA LEU G 87 79.94 66.21 29.71
C LEU G 87 79.80 67.75 29.76
N ARG G 88 79.16 68.32 30.80
CA ARG G 88 78.78 69.75 30.84
C ARG G 88 77.75 70.12 29.76
N GLY G 89 78.12 69.84 28.51
CA GLY G 89 77.23 69.87 27.38
C GLY G 89 76.24 68.74 27.29
N THR G 90 75.51 68.57 28.37
CA THR G 90 74.18 68.02 28.31
C THR G 90 73.39 69.10 29.01
N ARG G 91 72.16 69.25 28.57
CA ARG G 91 71.22 70.19 29.17
C ARG G 91 70.63 69.51 30.40
N GLU G 92 69.85 70.23 31.21
CA GLU G 92 69.55 69.74 32.54
C GLU G 92 68.09 69.87 33.00
N CYS G 93 67.37 68.74 33.06
CA CYS G 93 66.04 68.69 33.71
C CYS G 93 66.27 68.83 35.19
N SER G 94 65.85 69.98 35.73
CA SER G 94 65.81 70.24 37.17
C SER G 94 64.37 70.08 37.70
N VAL G 95 64.21 69.37 38.81
CA VAL G 95 62.90 69.04 39.39
C VAL G 95 62.83 69.54 40.84
N THR G 96 61.99 70.55 41.07
CA THR G 96 61.94 71.25 42.37
C THR G 96 60.97 70.53 43.30
N SER G 97 60.88 70.98 44.56
CA SER G 97 60.00 70.34 45.56
C SER G 97 59.38 71.29 46.60
N ASP G 98 58.35 70.76 47.27
CA ASP G 98 57.72 71.35 48.46
C ASP G 98 58.32 70.80 49.78
N LEU G 99 58.79 69.55 49.76
CA LEU G 99 59.23 68.82 50.96
C LEU G 99 60.43 69.34 51.73
N ASP G 100 61.18 70.30 51.16
CA ASP G 100 62.43 70.79 51.76
C ASP G 100 63.64 69.89 51.38
N PHE G 101 63.39 68.71 50.77
CA PHE G 101 64.46 67.90 50.16
C PHE G 101 65.05 68.74 49.02
N PRO G 102 66.39 68.67 48.82
CA PRO G 102 66.95 69.47 47.73
C PRO G 102 66.24 69.28 46.37
N THR G 103 66.32 70.32 45.55
CA THR G 103 65.97 70.20 44.15
C THR G 103 66.95 69.26 43.49
N GLN G 104 66.44 68.34 42.70
CA GLN G 104 67.28 67.37 42.00
C GLN G 104 67.59 67.89 40.59
N VAL G 105 68.69 67.41 40.00
CA VAL G 105 69.09 67.80 38.64
C VAL G 105 69.62 66.58 37.89
N ILE G 106 69.23 66.42 36.64
CA ILE G 106 69.65 65.28 35.84
C ILE G 106 70.05 65.84 34.48
N PRO G 107 70.97 65.16 33.76
CA PRO G 107 71.18 65.52 32.37
C PRO G 107 69.99 65.13 31.47
N LEU G 108 69.82 65.87 30.38
CA LEU G 108 68.69 65.70 29.49
C LEU G 108 69.16 64.93 28.25
N LYS G 109 68.61 63.74 28.04
CA LYS G 109 68.88 62.93 26.84
C LYS G 109 68.06 63.53 25.71
N THR G 110 68.55 63.40 24.49
CA THR G 110 67.82 63.86 23.32
C THR G 110 67.24 62.64 22.58
N LEU G 111 66.01 62.78 22.09
CA LEU G 111 65.35 61.80 21.22
C LEU G 111 65.37 62.41 19.83
N ASN G 112 66.14 61.79 18.95
CA ASN G 112 66.61 62.48 17.76
C ASN G 112 65.61 62.35 16.63
N ALA G 113 65.34 63.49 15.99
CA ALA G 113 64.88 63.57 14.60
C ALA G 113 64.09 62.36 14.09
N VAL G 114 62.76 62.40 14.23
CA VAL G 114 61.92 61.48 13.46
C VAL G 114 61.04 62.29 12.53
N ALA G 115 61.03 61.88 11.27
CA ALA G 115 60.35 62.60 10.21
C ALA G 115 58.83 62.65 10.48
N SER G 116 58.27 63.85 10.34
CA SER G 116 56.86 64.09 10.52
C SER G 116 56.15 63.90 9.17
N VAL G 117 55.17 63.01 9.13
CA VAL G 117 54.31 62.80 7.95
C VAL G 117 53.14 63.84 7.96
N PRO G 118 52.63 64.29 6.79
CA PRO G 118 51.54 65.30 6.80
C PRO G 118 50.22 64.82 7.37
N ILE G 119 49.31 65.77 7.64
CA ILE G 119 48.03 65.47 8.32
C ILE G 119 47.07 64.75 7.36
N MET G 120 46.30 63.80 7.89
CA MET G 120 45.31 63.07 7.10
C MET G 120 44.34 62.39 8.05
N TYR G 121 43.07 62.84 8.02
CA TYR G 121 42.04 62.24 8.86
C TYR G 121 41.57 61.02 8.11
N SER G 122 41.16 59.97 8.81
CA SER G 122 40.90 58.67 8.16
C SER G 122 39.68 58.76 7.24
N TRP G 123 39.68 57.89 6.24
CA TRP G 123 38.68 57.89 5.16
C TRP G 123 38.53 56.50 4.54
N SER G 124 37.33 56.23 4.03
CA SER G 124 36.99 54.94 3.47
C SER G 124 37.08 54.98 1.93
N PRO G 125 37.65 53.95 1.31
CA PRO G 125 37.86 54.03 -0.12
C PRO G 125 36.58 53.72 -0.88
N LEU G 126 36.41 54.40 -2.02
CA LEU G 126 35.27 54.22 -2.93
C LEU G 126 35.70 53.93 -4.37
N GLN G 127 34.87 53.16 -5.09
CA GLN G 127 34.99 53.00 -6.55
C GLN G 127 33.87 53.72 -7.29
N GLN G 128 32.66 53.67 -6.73
CA GLN G 128 31.49 54.37 -7.25
C GLN G 128 30.92 55.16 -6.11
N ASN G 129 30.25 56.24 -6.42
CA ASN G 129 29.76 57.16 -5.39
C ASN G 129 28.62 56.63 -4.54
N PHE G 130 28.37 57.33 -3.45
CA PHE G 130 27.63 56.80 -2.34
C PHE G 130 26.60 57.83 -1.88
N MET G 131 25.32 57.51 -2.04
CA MET G 131 24.21 58.40 -1.67
C MET G 131 24.03 58.38 -0.14
N VAL G 132 24.05 59.56 0.47
CA VAL G 132 24.01 59.70 1.92
C VAL G 132 22.86 60.63 2.29
N GLU G 133 21.96 60.15 3.14
CA GLU G 133 20.82 60.95 3.62
C GLU G 133 21.30 62.21 4.37
N ASP G 134 20.52 63.29 4.29
CA ASP G 134 20.78 64.50 5.07
C ASP G 134 20.71 64.18 6.58
N GLU G 135 21.56 64.84 7.38
CA GLU G 135 21.42 64.83 8.84
C GLU G 135 20.87 66.18 9.33
N THR G 136 19.71 66.17 9.99
CA THR G 136 19.09 67.40 10.53
C THR G 136 19.83 67.98 11.74
N VAL G 137 20.55 67.12 12.49
CA VAL G 137 21.28 67.50 13.72
C VAL G 137 22.76 67.10 13.66
N LEU G 138 23.67 68.06 13.81
CA LEU G 138 25.11 67.72 13.86
C LEU G 138 25.35 67.06 15.20
N HIS G 139 26.10 65.97 15.19
CA HIS G 139 26.29 65.18 16.41
C HIS G 139 27.63 65.42 17.13
N ASN G 140 28.15 66.63 17.00
CA ASN G 140 29.46 66.98 17.52
C ASN G 140 29.60 68.48 17.49
N ILE G 141 30.38 69.08 18.39
CA ILE G 141 30.80 70.46 18.14
C ILE G 141 32.29 70.40 17.80
N PRO G 142 32.67 70.85 16.59
CA PRO G 142 34.08 70.65 16.24
C PRO G 142 35.00 71.44 17.17
N TYR G 143 35.98 70.78 17.77
CA TYR G 143 36.89 71.48 18.68
C TYR G 143 37.97 72.20 17.89
N MET G 144 37.94 73.54 17.94
CA MET G 144 39.09 74.34 17.55
C MET G 144 39.38 75.40 18.63
N GLY G 145 38.60 75.41 19.70
CA GLY G 145 38.30 76.66 20.44
C GLY G 145 39.23 77.21 21.51
N ASP G 146 40.33 76.53 21.77
CA ASP G 146 41.23 76.94 22.86
C ASP G 146 42.42 77.80 22.41
N GLU G 147 43.25 77.29 21.49
CA GLU G 147 44.31 78.11 20.86
C GLU G 147 43.74 79.23 19.96
N VAL G 148 42.45 79.11 19.64
CA VAL G 148 41.61 80.15 19.06
C VAL G 148 41.08 81.15 20.13
N LEU G 149 40.82 80.66 21.35
CA LEU G 149 40.24 81.46 22.45
C LEU G 149 38.83 81.95 22.08
N ASP G 150 38.10 81.08 21.36
CA ASP G 150 36.70 81.31 20.98
C ASP G 150 36.46 82.56 20.13
N GLN G 151 37.43 82.92 19.29
CA GLN G 151 37.27 84.01 18.30
C GLN G 151 37.36 83.45 16.86
N ASP G 152 36.39 83.69 15.97
CA ASP G 152 35.23 84.58 16.15
C ASP G 152 34.07 83.83 16.80
N GLY G 153 33.71 84.22 18.03
CA GLY G 153 32.67 83.57 18.83
C GLY G 153 31.33 83.43 18.15
N THR G 154 31.05 84.36 17.23
CA THR G 154 29.91 84.28 16.34
C THR G 154 29.87 83.05 15.40
N PHE G 155 31.01 82.40 15.12
CA PHE G 155 31.02 81.23 14.22
C PHE G 155 30.26 80.02 14.79
N ILE G 156 30.52 79.69 16.06
CA ILE G 156 29.89 78.52 16.70
C ILE G 156 28.39 78.75 16.89
N GLU G 157 28.01 79.99 17.20
CA GLU G 157 26.61 80.42 17.16
C GLU G 157 26.00 80.10 15.80
N GLU G 158 26.59 80.67 14.74
CA GLU G 158 26.03 80.52 13.39
C GLU G 158 26.10 79.09 12.84
N LEU G 159 27.10 78.31 13.27
CA LEU G 159 27.19 76.88 12.86
C LEU G 159 25.99 76.07 13.34
N ILE G 160 25.50 76.40 14.53
CA ILE G 160 24.37 75.71 15.13
C ILE G 160 23.05 76.17 14.48
N LYS G 161 22.97 77.40 14.00
CA LYS G 161 21.78 77.88 13.26
C LYS G 161 21.42 76.99 12.08
N ASN G 162 22.43 76.56 11.30
CA ASN G 162 22.22 75.73 10.11
C ASN G 162 21.66 74.35 10.38
N TYR G 163 21.71 73.89 11.63
CA TYR G 163 21.03 72.65 12.05
C TYR G 163 19.68 72.90 12.77
N ASP G 164 19.09 74.08 12.54
CA ASP G 164 17.90 74.58 13.24
C ASP G 164 18.10 74.56 14.76
N GLY G 165 19.34 74.82 15.18
CA GLY G 165 19.69 74.80 16.60
C GLY G 165 19.82 73.45 17.27
N LYS G 166 19.92 72.36 16.50
CA LYS G 166 19.93 71.02 17.08
C LYS G 166 21.34 70.49 17.10
N VAL G 167 21.84 70.20 18.31
CA VAL G 167 23.11 69.49 18.53
C VAL G 167 22.78 68.29 19.40
N HIS G 168 23.34 67.14 19.07
CA HIS G 168 23.35 66.00 19.99
C HIS G 168 24.33 66.32 21.14
N GLY G 169 23.96 66.25 22.43
CA GLY G 169 22.61 66.05 22.93
C GLY G 169 22.15 67.26 23.72
N ASP G 170 21.74 68.31 23.02
CA ASP G 170 21.22 69.51 23.65
C ASP G 170 19.78 69.22 24.05
N ARG G 171 19.54 69.20 25.37
CA ARG G 171 18.22 68.97 25.96
C ARG G 171 18.06 69.68 27.31
N GLU G 172 16.88 69.57 27.91
CA GLU G 172 16.72 69.74 29.37
C GLU G 172 16.86 68.37 30.02
N CYS G 173 16.09 67.40 29.54
CA CYS G 173 16.17 66.02 30.04
C CYS G 173 17.53 65.38 29.76
N GLY G 174 18.29 65.15 30.83
CA GLY G 174 19.68 64.70 30.74
C GLY G 174 19.96 63.28 30.26
N PHE G 175 18.91 62.48 30.01
CA PHE G 175 19.08 61.09 29.54
C PHE G 175 17.83 60.60 28.82
N ILE G 176 18.03 59.63 27.93
CA ILE G 176 16.95 58.79 27.37
C ILE G 176 17.51 57.57 26.61
N ASN G 177 16.80 56.46 26.76
CA ASN G 177 17.20 55.14 26.27
C ASN G 177 15.95 54.50 25.66
N ASP G 178 16.14 53.49 24.80
CA ASP G 178 15.02 52.83 24.12
C ASP G 178 14.00 52.14 25.07
N GLU G 179 14.47 51.55 26.17
CA GLU G 179 13.57 51.01 27.22
C GLU G 179 12.75 52.14 27.89
N ILE G 180 13.46 53.19 28.33
CA ILE G 180 12.85 54.36 29.00
C ILE G 180 12.05 55.23 27.99
N PHE G 181 12.32 55.05 26.70
CA PHE G 181 11.52 55.67 25.64
C PHE G 181 10.14 55.01 25.45
N VAL G 182 10.09 53.68 25.34
CA VAL G 182 8.80 52.98 25.11
C VAL G 182 7.90 53.18 26.32
N GLU G 183 8.49 53.10 27.52
CA GLU G 183 7.74 53.34 28.76
C GLU G 183 7.23 54.78 28.91
N LEU G 184 8.01 55.76 28.44
CA LEU G 184 7.57 57.17 28.46
C LEU G 184 6.41 57.38 27.51
N VAL G 185 6.54 56.86 26.29
CA VAL G 185 5.47 56.94 25.29
C VAL G 185 4.23 56.16 25.74
N ASN G 186 4.45 55.02 26.41
CA ASN G 186 3.36 54.22 26.99
C ASN G 186 2.68 54.95 28.15
N ALA G 187 3.49 55.49 29.08
CA ALA G 187 2.97 56.25 30.22
C ALA G 187 2.35 57.60 29.81
N LEU G 188 2.83 58.17 28.71
CA LEU G 188 2.24 59.37 28.11
C LEU G 188 0.93 59.07 27.37
N GLY G 189 0.80 57.83 26.86
CA GLY G 189 -0.49 57.31 26.41
C GLY G 189 -1.47 57.07 27.54
N GLN G 190 -0.98 56.57 28.68
CA GLN G 190 -1.78 56.37 29.90
C GLN G 190 -2.32 57.70 30.47
N TYR G 191 -1.45 58.71 30.55
CA TYR G 191 -1.82 60.03 31.09
C TYR G 191 -2.94 60.70 30.30
N ASN G 192 -2.82 60.70 28.97
CA ASN G 192 -3.85 61.21 28.06
C ASN G 192 -3.95 62.74 28.16
N GLU G 193 -9.61 62.29 27.31
CA GLU G 193 -10.24 61.01 27.04
C GLU G 193 -9.50 60.21 25.96
N SER G 194 -9.83 58.92 25.86
CA SER G 194 -9.20 57.97 24.93
C SER G 194 -10.19 57.57 23.81
N ARG G 195 -9.76 56.93 22.72
CA ARG G 195 -8.38 56.58 22.37
C ARG G 195 -7.92 57.32 21.10
N PRO G 196 -6.60 57.48 20.89
CA PRO G 196 -6.05 57.81 19.57
C PRO G 196 -5.98 56.69 18.49
N PRO G 197 -5.56 55.43 18.82
CA PRO G 197 -4.90 54.84 20.01
C PRO G 197 -3.34 54.84 20.02
N ARG G 198 -2.68 55.50 19.06
CA ARG G 198 -1.23 55.77 19.13
C ARG G 198 -0.81 56.88 18.15
N SER G 202 -1.05 59.07 20.49
CA SER G 202 -1.56 60.28 19.83
C SER G 202 -0.65 60.71 18.69
N ASP G 203 -1.13 61.70 17.91
CA ASP G 203 -0.31 62.42 16.92
C ASP G 203 0.17 63.77 17.43
N LYS G 204 -0.35 64.22 18.57
CA LYS G 204 0.11 65.44 19.23
C LYS G 204 1.29 65.22 20.19
N ILE G 205 1.33 64.07 20.88
CA ILE G 205 2.34 63.84 21.94
C ILE G 205 3.78 63.62 21.46
N PHE G 206 3.97 63.20 20.21
CA PHE G 206 5.31 63.14 19.61
C PHE G 206 5.92 64.53 19.39
N GLU G 207 5.07 65.56 19.26
CA GLU G 207 5.53 66.96 19.20
C GLU G 207 5.98 67.48 20.58
N ALA G 208 5.33 67.03 21.64
CA ALA G 208 5.68 67.42 23.01
C ALA G 208 6.98 66.77 23.52
N ILE G 209 7.24 65.51 23.14
CA ILE G 209 8.48 64.80 23.56
C ILE G 209 9.70 65.07 22.66
N SER G 210 9.49 65.53 21.43
CA SER G 210 10.62 66.01 20.60
C SER G 210 11.02 67.43 21.00
N SER G 211 10.16 68.14 21.73
CA SER G 211 10.50 69.46 22.28
C SER G 211 11.56 69.35 23.37
N MET G 212 11.36 68.40 24.30
CA MET G 212 12.35 68.12 25.35
C MET G 212 13.63 67.45 24.79
N PHE G 213 13.52 66.79 23.63
CA PHE G 213 14.62 66.03 23.01
C PHE G 213 14.86 66.40 21.53
N PRO G 214 15.37 67.63 21.23
CA PRO G 214 15.70 68.05 19.83
C PRO G 214 16.58 67.10 19.01
N ASP G 215 17.51 66.40 19.68
CA ASP G 215 18.42 65.41 19.06
C ASP G 215 17.77 64.03 18.78
N LYS G 216 16.57 63.82 19.28
CA LYS G 216 15.72 62.72 18.84
C LYS G 216 14.68 63.21 17.82
N GLY G 217 14.24 64.48 17.92
CA GLY G 217 13.28 65.10 17.00
C GLY G 217 13.76 65.19 15.55
N THR G 218 12.87 65.42 14.58
CA THR G 218 11.50 65.96 14.75
C THR G 218 10.46 64.95 15.25
N ALA G 219 9.24 65.43 15.49
CA ALA G 219 8.10 64.60 15.91
C ALA G 219 7.89 63.33 15.06
N GLU G 220 7.97 63.48 13.74
CA GLU G 220 7.74 62.39 12.77
C GLU G 220 8.85 61.32 12.81
N GLU G 221 10.06 61.73 13.16
CA GLU G 221 11.18 60.81 13.27
C GLU G 221 10.99 59.86 14.45
N LEU G 222 10.40 60.37 15.54
CA LEU G 222 10.18 59.58 16.77
C LEU G 222 8.95 58.67 16.75
N LYS G 223 7.91 59.08 16.03
CA LYS G 223 6.75 58.20 15.78
C LYS G 223 7.17 56.94 15.00
N GLU G 224 8.09 57.12 14.05
CA GLU G 224 8.67 56.02 13.29
C GLU G 224 9.61 55.17 14.17
N LYS G 225 10.37 55.80 15.07
CA LYS G 225 11.18 55.08 16.08
C LYS G 225 10.33 54.23 17.03
N TYR G 226 9.14 54.74 17.38
CA TYR G 226 8.17 54.01 18.20
C TYR G 226 7.59 52.78 17.46
N LYS G 227 7.37 52.92 16.14
CA LYS G 227 6.87 51.82 15.30
C LYS G 227 7.80 50.60 15.16
N GLU G 228 9.10 50.83 15.01
CA GLU G 228 10.07 49.74 14.83
C GLU G 228 10.35 48.97 16.13
N LEU G 229 10.48 49.71 17.24
CA LEU G 229 10.87 49.12 18.53
C LEU G 229 9.80 48.15 19.04
N THR G 230 8.56 48.61 19.08
CA THR G 230 7.39 47.75 19.36
C THR G 230 7.13 46.85 18.13
N GLN G 231 7.14 45.53 18.31
CA GLN G 231 7.07 44.56 17.20
C GLN G 231 5.71 43.85 17.11
N PRO G 239 2.86 39.53 12.39
CA PRO G 239 3.82 40.31 11.60
C PRO G 239 3.35 41.01 10.30
N PRO G 240 2.02 41.07 9.98
CA PRO G 240 1.64 41.72 8.69
C PRO G 240 2.22 43.15 8.48
N GLU G 241 2.62 43.56 7.26
CA GLU G 241 2.40 42.88 5.98
C GLU G 241 3.71 42.35 5.34
N CYS G 242 3.96 41.05 5.52
CA CYS G 242 5.06 40.34 4.86
C CYS G 242 4.50 39.13 4.12
N THR G 243 5.38 38.32 3.57
CA THR G 243 5.02 37.02 3.03
C THR G 243 5.99 36.00 3.60
N PRO G 244 5.52 34.78 3.90
CA PRO G 244 6.48 33.81 4.42
C PRO G 244 7.35 33.24 3.32
N ASN G 245 8.27 32.38 3.72
CA ASN G 245 9.22 31.78 2.81
C ASN G 245 8.52 30.77 1.89
N ILE G 246 8.55 31.02 0.58
CA ILE G 246 8.00 30.06 -0.39
C ILE G 246 8.83 28.75 -0.35
N ASP G 247 10.14 28.86 -0.10
CA ASP G 247 10.98 27.73 0.35
C ASP G 247 10.87 27.48 1.89
N GLY G 248 9.65 27.39 2.43
CA GLY G 248 9.44 27.37 3.90
C GLY G 248 8.38 26.41 4.43
N PRO G 249 8.55 25.92 5.67
CA PRO G 249 7.55 25.05 6.29
C PRO G 249 6.32 25.83 6.77
N ASN G 250 6.43 27.15 6.87
CA ASN G 250 5.33 28.02 7.26
C ASN G 250 4.80 28.85 6.08
N ALA G 251 4.97 28.34 4.86
CA ALA G 251 4.59 29.07 3.63
C ALA G 251 3.08 29.19 3.49
N LYS G 252 2.62 30.30 2.93
CA LYS G 252 1.20 30.50 2.67
C LYS G 252 0.96 30.73 1.18
N SER G 253 -0.26 30.34 0.73
CA SER G 253 -0.75 30.56 -0.64
C SER G 253 -1.24 32.00 -0.80
N VAL G 254 -0.70 32.71 -1.79
CA VAL G 254 -0.90 34.17 -1.95
C VAL G 254 -0.99 34.60 -3.42
N GLN G 255 -1.59 35.77 -3.69
CA GLN G 255 -1.54 36.37 -5.03
C GLN G 255 -0.12 36.61 -5.48
N ARG G 256 0.04 36.75 -6.78
CA ARG G 256 1.34 36.96 -7.39
C ARG G 256 1.99 38.27 -6.92
N GLU G 257 1.25 39.38 -6.97
CA GLU G 257 1.84 40.71 -6.71
C GLU G 257 2.42 40.86 -5.28
N GLN G 258 1.92 40.06 -4.34
CA GLN G 258 2.42 40.07 -2.95
C GLN G 258 3.59 39.09 -2.79
N SER G 259 3.57 37.98 -3.52
CA SER G 259 4.72 37.07 -3.57
C SER G 259 5.97 37.83 -4.07
N LEU G 260 5.81 38.59 -5.14
CA LEU G 260 6.92 39.37 -5.75
C LEU G 260 7.07 40.82 -5.22
N HIS G 261 6.33 41.17 -4.16
CA HIS G 261 6.31 42.56 -3.65
C HIS G 261 7.67 43.04 -3.16
N SER G 262 8.40 42.19 -2.44
CA SER G 262 9.76 42.53 -2.01
C SER G 262 10.66 42.86 -3.18
N PHE G 263 10.64 42.00 -4.19
CA PHE G 263 11.58 42.07 -5.28
C PHE G 263 11.29 43.31 -6.11
N HIS G 264 10.08 43.40 -6.64
CA HIS G 264 9.65 44.55 -7.43
C HIS G 264 9.96 45.88 -6.75
N THR G 265 9.63 45.97 -5.47
CA THR G 265 9.59 47.26 -4.78
C THR G 265 11.02 47.76 -4.46
N LEU G 266 11.88 46.81 -4.09
CA LEU G 266 13.19 47.08 -3.49
C LEU G 266 14.37 47.09 -4.50
N PHE G 267 14.31 46.23 -5.52
CA PHE G 267 15.27 46.15 -6.65
C PHE G 267 15.42 47.48 -7.40
N CYS G 268 16.64 47.75 -7.87
CA CYS G 268 16.94 48.92 -8.67
C CYS G 268 17.19 48.47 -10.09
N ARG G 269 16.32 48.93 -11.00
CA ARG G 269 16.48 48.69 -12.44
C ARG G 269 17.86 49.10 -12.97
N ARG G 270 18.36 50.25 -12.49
CA ARG G 270 19.48 50.96 -13.12
C ARG G 270 20.84 50.27 -12.93
N CYS G 271 21.16 49.89 -11.68
CA CYS G 271 22.45 49.30 -11.35
C CYS G 271 22.38 47.83 -10.91
N PHE G 272 21.20 47.23 -11.02
CA PHE G 272 21.02 45.78 -10.83
C PHE G 272 21.25 45.26 -9.41
N LYS G 273 21.11 46.11 -8.39
CA LYS G 273 21.29 45.67 -7.01
C LYS G 273 20.08 46.05 -6.13
N TYR G 274 19.73 45.16 -5.21
CA TYR G 274 18.64 45.36 -4.25
C TYR G 274 19.01 46.38 -3.17
N ASP G 275 18.22 47.44 -3.06
CA ASP G 275 18.48 48.57 -2.17
C ASP G 275 19.90 49.06 -2.41
N CYS G 276 20.03 49.76 -3.53
CA CYS G 276 21.32 50.23 -3.96
C CYS G 276 21.78 51.38 -3.09
N PHE G 277 23.06 51.75 -3.28
CA PHE G 277 23.69 52.83 -2.53
C PHE G 277 23.66 54.14 -3.28
N LEU G 278 22.96 54.16 -4.41
CA LEU G 278 23.08 55.23 -5.37
C LEU G 278 21.77 55.88 -5.85
N HIS G 279 20.67 55.14 -5.87
CA HIS G 279 19.43 55.67 -6.42
C HIS G 279 18.33 55.63 -5.35
N PRO G 280 17.83 56.81 -4.95
CA PRO G 280 16.95 56.87 -3.77
C PRO G 280 15.52 56.43 -4.00
N PHE G 281 14.93 56.80 -5.14
CA PHE G 281 13.51 56.53 -5.42
C PHE G 281 13.31 55.10 -5.86
N HIS G 282 12.16 54.53 -5.49
CA HIS G 282 11.89 53.10 -5.67
C HIS G 282 11.59 52.77 -7.17
N ALA G 283 11.04 51.58 -7.48
CA ALA G 283 10.53 51.27 -8.84
C ALA G 283 9.43 52.24 -9.31
N THR G 284 9.07 52.22 -10.59
CA THR G 284 8.37 53.37 -11.20
C THR G 284 6.81 53.50 -11.30
N PRO G 285 6.00 52.41 -11.23
CA PRO G 285 6.20 50.98 -11.18
C PRO G 285 5.81 50.26 -12.49
N ASN G 286 5.59 51.00 -13.58
CA ASN G 286 5.40 50.37 -14.90
C ASN G 286 6.70 49.82 -15.52
N THR G 287 7.80 49.81 -14.75
CA THR G 287 9.13 49.29 -15.19
C THR G 287 9.27 47.77 -14.95
N TYR G 288 8.56 47.26 -13.94
CA TYR G 288 8.44 45.80 -13.73
C TYR G 288 7.16 45.19 -14.36
N LYS G 289 6.56 45.90 -15.32
CA LYS G 289 5.49 45.37 -16.16
C LYS G 289 6.04 45.25 -17.58
N ARG G 290 6.07 44.03 -18.11
CA ARG G 290 6.63 43.71 -19.43
C ARG G 290 5.48 43.59 -20.45
N LYS G 291 5.82 43.46 -21.74
CA LYS G 291 4.83 43.20 -22.81
C LYS G 291 4.23 41.77 -22.72
N ASN G 292 2.93 41.62 -23.04
CA ASN G 292 2.24 40.30 -23.15
C ASN G 292 2.93 39.39 -24.15
N THR G 293 3.29 39.98 -25.29
CA THR G 293 4.13 39.34 -26.29
C THR G 293 5.53 39.13 -25.68
N GLU G 294 6.23 38.02 -25.95
CA GLU G 294 6.02 37.12 -27.10
C GLU G 294 5.85 35.66 -26.63
N THR G 295 5.31 34.74 -27.45
CA THR G 295 4.73 34.98 -28.79
C THR G 295 3.31 34.36 -28.99
N ALA G 296 2.68 33.88 -27.90
CA ALA G 296 1.33 33.26 -27.93
C ALA G 296 1.18 32.01 -28.84
N LEU G 297 2.24 31.19 -28.91
CA LEU G 297 2.40 30.12 -29.94
C LEU G 297 1.79 28.76 -29.55
N ASP G 298 1.50 27.94 -30.57
CA ASP G 298 1.18 26.52 -30.41
C ASP G 298 2.48 25.70 -30.28
N ASN G 299 2.61 24.95 -29.19
CA ASN G 299 3.75 24.05 -28.96
C ASN G 299 3.33 22.75 -28.28
N LYS G 300 3.19 21.70 -29.08
CA LYS G 300 2.72 20.41 -28.58
C LYS G 300 3.39 19.25 -29.32
N PRO G 301 3.30 18.04 -28.75
CA PRO G 301 2.72 17.66 -27.44
C PRO G 301 3.64 18.09 -26.28
N CYS G 302 3.41 17.55 -25.07
CA CYS G 302 4.26 17.87 -23.92
C CYS G 302 5.67 17.19 -23.91
N GLY G 303 5.82 15.86 -23.88
CA GLY G 303 4.76 14.83 -23.72
C GLY G 303 5.35 13.60 -23.02
N PRO G 304 4.54 12.54 -22.76
CA PRO G 304 3.14 12.26 -23.18
C PRO G 304 1.97 12.69 -22.25
N GLN G 305 2.25 13.24 -21.06
CA GLN G 305 1.18 13.62 -20.11
C GLN G 305 0.85 15.12 -20.16
N CYS G 306 0.37 15.52 -21.33
CA CYS G 306 0.09 16.93 -21.65
C CYS G 306 -1.28 17.32 -21.09
N TYR G 307 -1.68 18.55 -21.36
CA TYR G 307 -3.08 19.02 -21.20
C TYR G 307 -3.90 18.78 -22.48
N GLN G 308 -4.00 17.51 -22.87
CA GLN G 308 -4.58 17.06 -24.15
C GLN G 308 -5.67 15.99 -23.90
N HIS G 309 -6.32 15.48 -24.95
CA HIS G 309 -6.51 16.14 -26.25
C HIS G 309 -8.01 16.37 -26.48
N LEU G 310 -8.83 16.11 -25.46
CA LEU G 310 -10.29 16.22 -25.57
C LEU G 310 -10.69 17.69 -25.49
N GLU G 311 -11.85 17.99 -26.06
CA GLU G 311 -12.26 19.38 -26.37
C GLU G 311 -12.09 20.29 -25.16
N GLY G 312 -11.45 21.44 -25.39
CA GLY G 312 -11.07 22.35 -24.33
C GLY G 312 -9.59 22.26 -23.96
N ALA G 313 -8.90 21.21 -24.42
CA ALA G 313 -7.44 21.08 -24.23
C ALA G 313 -6.75 22.38 -24.62
N LYS G 314 -6.53 22.59 -25.92
CA LYS G 314 -5.95 23.85 -26.39
C LYS G 314 -7.01 24.96 -26.49
N GLU G 315 -8.27 24.57 -26.69
CA GLU G 315 -9.31 25.52 -27.11
C GLU G 315 -10.01 26.25 -25.97
N PHE G 316 -10.06 25.65 -24.77
CA PHE G 316 -10.69 26.30 -23.60
C PHE G 316 -9.68 27.15 -22.85
N ALA G 317 -8.42 26.73 -22.86
CA ALA G 317 -7.30 27.59 -22.47
C ALA G 317 -7.31 28.84 -23.34
N ALA G 318 -7.47 28.64 -24.65
CA ALA G 318 -7.63 29.73 -25.62
C ALA G 318 -8.93 30.51 -25.43
N ALA G 319 -9.99 29.82 -25.01
CA ALA G 319 -11.25 30.47 -24.66
C ALA G 319 -11.12 31.32 -23.39
N LEU G 320 -10.53 30.78 -22.34
CA LEU G 320 -10.54 31.43 -21.02
C LEU G 320 -9.82 32.77 -20.96
N THR G 321 -8.62 32.82 -21.54
CA THR G 321 -7.82 34.06 -21.62
C THR G 321 -8.41 35.05 -22.61
N ALA G 322 -9.00 34.53 -23.70
CA ALA G 322 -9.80 35.36 -24.61
C ALA G 322 -11.10 35.82 -23.94
N GLU G 323 -11.65 35.00 -23.05
CA GLU G 323 -12.75 35.40 -22.16
C GLU G 323 -12.27 36.40 -21.10
N ARG G 324 -11.08 36.17 -20.56
CA ARG G 324 -10.45 37.05 -19.55
C ARG G 324 -10.18 38.45 -20.10
N ILE G 325 -9.54 38.50 -21.27
CA ILE G 325 -9.10 39.75 -21.91
C ILE G 325 -10.26 40.72 -22.19
N LYS G 326 -11.46 40.19 -22.41
CA LYS G 326 -12.68 41.01 -22.66
C LYS G 326 -13.11 41.89 -21.46
N THR G 327 -13.12 43.21 -21.69
CA THR G 327 -13.59 44.20 -20.71
C THR G 327 -14.61 45.12 -21.38
N PRO G 371 -16.81 23.91 -23.20
CA PRO G 371 -15.85 22.79 -23.20
C PRO G 371 -15.61 22.21 -21.79
N ASN G 372 -14.58 21.37 -21.64
CA ASN G 372 -14.17 20.78 -20.35
C ASN G 372 -15.19 19.71 -19.85
N ILE G 373 -15.54 18.77 -20.73
CA ILE G 373 -16.39 17.60 -20.37
C ILE G 373 -15.67 16.60 -19.45
N GLU G 374 -14.37 16.36 -19.71
CA GLU G 374 -13.56 15.41 -18.92
C GLU G 374 -13.43 15.92 -17.48
N PRO G 375 -13.71 15.07 -16.47
CA PRO G 375 -13.56 15.55 -15.08
C PRO G 375 -12.11 15.92 -14.72
N PRO G 376 -11.89 17.05 -14.00
CA PRO G 376 -10.53 17.43 -13.61
C PRO G 376 -10.03 16.59 -12.42
N GLU G 377 -8.80 16.06 -12.53
CA GLU G 377 -8.24 15.11 -11.55
C GLU G 377 -8.16 15.71 -10.13
N ASN G 378 -8.13 14.84 -9.11
CA ASN G 378 -8.15 15.23 -7.69
C ASN G 378 -6.74 15.50 -7.12
N VAL G 379 -6.36 16.79 -7.07
CA VAL G 379 -4.99 17.24 -6.71
C VAL G 379 -5.02 18.18 -5.49
N GLU G 380 -3.93 18.17 -4.74
CA GLU G 380 -3.69 19.08 -3.61
C GLU G 380 -2.53 20.05 -3.92
N TRP G 381 -2.73 21.34 -3.59
CA TRP G 381 -1.82 22.42 -3.99
C TRP G 381 -1.20 23.12 -2.77
N SER G 382 0.05 22.78 -2.46
CA SER G 382 0.77 23.40 -1.34
C SER G 382 0.92 24.90 -1.51
N GLY G 383 0.98 25.63 -0.39
CA GLY G 383 1.09 27.09 -0.40
C GLY G 383 2.15 27.59 -1.36
N ALA G 384 3.30 26.92 -1.34
CA ALA G 384 4.39 27.17 -2.29
C ALA G 384 3.95 26.96 -3.74
N GLU G 385 3.42 25.77 -4.03
CA GLU G 385 2.97 25.43 -5.39
C GLU G 385 1.89 26.41 -5.93
N ALA G 386 1.02 26.89 -5.04
CA ALA G 386 -0.10 27.77 -5.43
C ALA G 386 0.32 29.20 -5.75
N SER G 387 1.04 29.83 -4.83
CA SER G 387 1.55 31.19 -5.05
C SER G 387 2.46 31.27 -6.26
N MET G 388 3.29 30.23 -6.43
CA MET G 388 4.26 30.12 -7.52
C MET G 388 3.59 29.88 -8.86
N PHE G 389 2.49 29.13 -8.87
CA PHE G 389 1.64 29.04 -10.06
C PHE G 389 1.11 30.44 -10.40
N ARG G 390 0.43 31.07 -9.44
CA ARG G 390 -0.10 32.42 -9.63
C ARG G 390 0.95 33.34 -10.19
N VAL G 391 2.17 33.24 -9.66
CA VAL G 391 3.30 33.98 -10.15
C VAL G 391 3.58 33.66 -11.62
N LEU G 392 3.75 32.38 -11.95
CA LEU G 392 4.17 31.96 -13.30
C LEU G 392 3.16 32.32 -14.42
N ILE G 393 1.85 32.31 -14.12
CA ILE G 393 0.82 32.70 -15.13
C ILE G 393 0.78 34.20 -15.43
N GLY G 394 1.26 35.01 -14.50
CA GLY G 394 1.52 36.41 -14.79
C GLY G 394 2.56 36.56 -15.88
N THR G 395 3.61 35.76 -15.84
CA THR G 395 4.70 35.88 -16.79
C THR G 395 4.62 34.91 -18.00
N TYR G 396 4.18 33.67 -17.79
CA TYR G 396 4.17 32.62 -18.86
C TYR G 396 2.88 32.55 -19.74
N TYR G 397 1.73 33.03 -19.24
CA TYR G 397 0.48 33.20 -20.06
C TYR G 397 -0.11 31.95 -20.75
N ASP G 398 -0.59 30.99 -19.96
CA ASP G 398 -1.20 29.74 -20.47
C ASP G 398 -0.21 28.72 -21.05
N ASN G 399 1.09 28.92 -20.90
CA ASN G 399 2.07 27.94 -21.41
C ASN G 399 2.33 26.92 -20.30
N PHE G 400 1.32 26.09 -20.04
CA PHE G 400 1.36 25.14 -18.94
C PHE G 400 2.52 24.16 -19.15
N CYS G 401 2.75 23.79 -20.41
CA CYS G 401 3.95 23.05 -20.85
C CYS G 401 5.22 23.63 -20.21
N ALA G 402 5.32 24.95 -20.16
CA ALA G 402 6.42 25.63 -19.48
C ALA G 402 6.20 25.80 -17.97
N ILE G 403 4.98 26.06 -17.51
CA ILE G 403 4.69 26.21 -16.07
C ILE G 403 4.95 24.90 -15.29
N ALA G 404 4.55 23.77 -15.85
CA ALA G 404 4.83 22.45 -15.28
C ALA G 404 6.34 22.22 -15.12
N ARG G 405 7.07 22.40 -16.22
CA ARG G 405 8.54 22.34 -16.22
C ARG G 405 9.10 23.17 -15.06
N LEU G 406 8.68 24.43 -14.97
CA LEU G 406 9.26 25.38 -14.02
C LEU G 406 8.79 25.21 -12.57
N ILE G 407 7.53 24.83 -12.34
CA ILE G 407 7.10 24.48 -10.97
C ILE G 407 7.96 23.30 -10.51
N GLY G 408 8.00 22.26 -11.35
CA GLY G 408 8.84 21.08 -11.13
C GLY G 408 8.13 19.91 -10.47
N THR G 409 7.18 20.23 -9.58
CA THR G 409 6.41 19.25 -8.80
C THR G 409 4.94 19.11 -9.28
N LYS G 410 4.71 19.34 -10.57
CA LYS G 410 3.44 19.07 -11.25
C LYS G 410 3.71 18.78 -12.72
N THR G 411 2.66 18.36 -13.43
CA THR G 411 2.71 18.09 -14.87
C THR G 411 1.75 19.00 -15.60
N CYS G 412 1.98 19.15 -16.91
CA CYS G 412 1.20 20.02 -17.80
C CYS G 412 -0.31 19.81 -17.69
N ARG G 413 -0.71 18.54 -17.52
CA ARG G 413 -2.08 18.16 -17.17
C ARG G 413 -2.54 18.88 -15.89
N GLN G 414 -1.81 18.68 -14.79
CA GLN G 414 -2.22 19.18 -13.46
C GLN G 414 -2.27 20.70 -13.34
N VAL G 415 -1.30 21.35 -13.98
CA VAL G 415 -1.25 22.82 -14.04
C VAL G 415 -2.53 23.34 -14.72
N TYR G 416 -2.96 22.69 -15.80
CA TYR G 416 -4.21 23.05 -16.51
C TYR G 416 -5.45 22.77 -15.66
N GLU G 417 -5.43 21.68 -14.89
CA GLU G 417 -6.52 21.39 -13.94
C GLU G 417 -6.74 22.56 -12.99
N PHE G 418 -5.64 23.12 -12.48
CA PHE G 418 -5.70 24.19 -11.49
C PHE G 418 -6.04 25.56 -12.08
N ARG G 419 -5.53 25.85 -13.28
CA ARG G 419 -5.92 27.05 -14.02
C ARG G 419 -7.45 27.06 -14.18
N VAL G 420 -7.96 25.96 -14.74
CA VAL G 420 -9.40 25.69 -14.87
C VAL G 420 -10.10 25.90 -13.53
N LYS G 421 -9.53 25.32 -12.47
CA LYS G 421 -10.02 25.50 -11.09
C LYS G 421 -9.99 26.97 -10.63
N GLU G 422 -8.84 27.63 -10.82
CA GLU G 422 -8.65 29.01 -10.35
C GLU G 422 -9.50 30.03 -11.10
N SER G 423 -9.60 29.85 -12.41
CA SER G 423 -10.45 30.69 -13.25
C SER G 423 -11.90 30.72 -12.74
N SER G 424 -12.42 29.53 -12.45
CA SER G 424 -13.79 29.38 -11.95
C SER G 424 -14.02 29.91 -10.54
N ILE G 425 -12.99 29.91 -9.68
CA ILE G 425 -13.11 30.46 -8.32
C ILE G 425 -13.52 31.93 -8.45
N ILE G 426 -14.50 32.33 -7.64
CA ILE G 426 -14.97 33.72 -7.61
C ILE G 426 -14.08 34.49 -6.62
N ALA G 427 -13.44 35.56 -7.10
CA ALA G 427 -12.68 36.48 -6.25
C ALA G 427 -13.66 37.27 -5.37
N PRO G 428 -13.30 37.54 -4.10
CA PRO G 428 -14.26 38.05 -3.09
C PRO G 428 -14.92 39.41 -3.39
N ALA G 429 -14.15 40.38 -3.87
CA ALA G 429 -14.63 41.73 -4.19
C ALA G 429 -15.26 42.41 -2.98
N HIS G 465 22.11 75.42 -16.02
CA HIS G 465 21.82 74.59 -14.84
C HIS G 465 21.43 73.19 -15.22
N VAL G 466 22.19 72.20 -14.77
CA VAL G 466 21.88 70.78 -14.97
C VAL G 466 21.12 70.20 -13.76
N TYR G 467 20.11 69.38 -14.03
CA TYR G 467 19.34 68.71 -12.98
C TYR G 467 19.69 67.25 -13.09
N ASN G 468 19.58 66.51 -11.99
CA ASN G 468 19.96 65.09 -11.98
C ASN G 468 18.86 64.26 -12.60
N TYR G 469 19.25 63.31 -13.43
CA TYR G 469 18.30 62.52 -14.21
C TYR G 469 17.53 61.53 -13.36
N GLN G 470 16.21 61.54 -13.50
CA GLN G 470 15.33 60.51 -12.97
C GLN G 470 14.43 60.00 -14.09
N PRO G 471 14.12 58.69 -14.15
CA PRO G 471 13.28 58.16 -15.23
C PRO G 471 11.84 58.65 -15.15
N CYS G 472 11.21 58.88 -16.30
CA CYS G 472 9.82 59.36 -16.35
C CYS G 472 8.85 58.23 -16.67
N ASP G 473 7.61 58.37 -16.20
CA ASP G 473 6.58 57.35 -16.32
C ASP G 473 5.20 58.00 -16.23
N HIS G 474 4.52 58.10 -17.38
CA HIS G 474 3.17 58.69 -17.47
C HIS G 474 2.31 57.91 -18.48
N PRO G 475 1.82 56.73 -18.07
CA PRO G 475 1.57 55.58 -18.95
C PRO G 475 1.24 55.81 -20.45
N ARG G 476 0.25 56.67 -20.76
CA ARG G 476 -0.27 56.79 -22.15
C ARG G 476 0.18 58.03 -22.95
N GLN G 477 0.44 59.12 -22.24
CA GLN G 477 0.64 60.47 -22.82
C GLN G 477 2.13 60.78 -23.00
N PRO G 478 2.47 61.49 -24.09
CA PRO G 478 3.84 61.53 -24.55
C PRO G 478 4.76 62.40 -23.69
N CYS G 479 6.07 62.28 -23.95
CA CYS G 479 7.08 63.11 -23.28
C CYS G 479 7.02 64.52 -23.82
N ASP G 480 5.99 65.25 -23.39
CA ASP G 480 5.74 66.62 -23.82
C ASP G 480 6.17 67.57 -22.71
N SER G 481 5.94 68.86 -22.90
CA SER G 481 6.27 69.88 -21.91
C SER G 481 5.93 69.58 -20.45
N SER G 482 4.99 68.67 -20.17
CA SER G 482 4.71 68.19 -18.79
C SER G 482 5.64 67.08 -18.27
N CYS G 483 6.36 66.39 -19.16
CA CYS G 483 7.28 65.30 -18.79
C CYS G 483 8.46 65.80 -17.96
N PRO G 484 8.62 65.29 -16.71
CA PRO G 484 9.82 65.63 -15.90
C PRO G 484 11.17 65.66 -16.62
N CYS G 485 11.38 64.81 -17.62
CA CYS G 485 12.65 64.80 -18.36
C CYS G 485 12.88 66.07 -19.15
N VAL G 486 11.90 66.46 -19.95
CA VAL G 486 12.03 67.66 -20.77
C VAL G 486 11.99 68.91 -19.90
N ILE G 487 11.18 68.88 -18.84
CA ILE G 487 11.12 69.95 -17.83
C ILE G 487 12.53 70.20 -17.32
N ALA G 488 13.19 69.13 -16.91
CA ALA G 488 14.57 69.19 -16.41
C ALA G 488 15.62 69.53 -17.46
N GLN G 489 15.26 69.47 -18.75
CA GLN G 489 16.17 69.61 -19.90
C GLN G 489 17.16 68.45 -20.05
N ASN G 490 16.72 67.24 -19.68
CA ASN G 490 17.52 66.01 -19.78
C ASN G 490 16.82 65.08 -20.75
N PHE G 491 17.61 64.33 -21.52
CA PHE G 491 17.08 63.28 -22.42
C PHE G 491 16.37 62.21 -21.62
N CYS G 492 15.38 61.57 -22.24
CA CYS G 492 14.91 60.28 -21.76
C CYS G 492 16.04 59.33 -22.05
N GLU G 493 16.16 58.32 -21.20
CA GLU G 493 17.15 57.24 -21.35
C GLU G 493 16.39 55.92 -21.37
N LYS G 494 17.09 54.87 -21.77
CA LYS G 494 16.61 53.48 -21.69
C LYS G 494 15.75 53.12 -20.46
N PHE G 495 15.98 53.80 -19.33
CA PHE G 495 15.26 53.52 -18.08
C PHE G 495 13.86 54.08 -18.05
N CYS G 496 13.60 55.15 -18.80
CA CYS G 496 12.25 55.74 -18.85
C CYS G 496 11.22 54.73 -19.37
N GLN G 497 9.97 54.95 -19.03
CA GLN G 497 8.87 54.07 -19.46
C GLN G 497 7.98 54.71 -20.51
N CYS G 498 8.47 55.77 -21.15
CA CYS G 498 7.75 56.41 -22.24
C CYS G 498 7.81 55.51 -23.49
N SER G 499 7.40 56.04 -24.64
CA SER G 499 7.48 55.31 -25.90
C SER G 499 8.87 54.76 -26.20
N SER G 500 8.87 53.70 -27.02
CA SER G 500 10.08 53.17 -27.59
C SER G 500 10.67 54.20 -28.54
N GLU G 501 9.84 54.82 -29.41
CA GLU G 501 10.26 55.96 -30.26
C GLU G 501 9.85 57.32 -29.65
N CYS G 502 10.06 57.49 -28.34
CA CYS G 502 9.99 58.81 -27.74
C CYS G 502 11.05 59.64 -28.46
N GLN G 503 10.65 60.83 -28.91
CA GLN G 503 11.55 61.72 -29.64
C GLN G 503 12.63 62.37 -28.74
N ASN G 504 12.37 62.38 -27.41
CA ASN G 504 13.28 62.96 -26.39
C ASN G 504 14.34 61.99 -25.86
N ARG G 505 14.29 60.75 -26.30
CA ARG G 505 15.38 59.85 -26.00
C ARG G 505 16.64 60.29 -26.68
N PHE G 506 17.75 59.81 -26.12
CA PHE G 506 19.06 59.93 -26.74
C PHE G 506 19.32 58.58 -27.40
N PRO G 507 19.47 58.57 -28.73
CA PRO G 507 19.80 57.32 -29.39
C PRO G 507 21.23 56.98 -29.10
N GLY G 508 21.71 55.84 -29.54
CA GLY G 508 23.12 55.48 -29.34
C GLY G 508 24.09 56.30 -30.18
N CYS G 509 25.35 55.86 -30.24
CA CYS G 509 26.26 56.28 -31.31
C CYS G 509 26.53 55.09 -32.21
N ARG G 510 26.62 55.39 -33.51
CA ARG G 510 26.86 54.39 -34.54
C ARG G 510 28.35 54.22 -34.88
N CYS G 511 29.20 54.88 -34.10
CA CYS G 511 30.61 55.08 -34.45
C CYS G 511 31.36 53.76 -34.69
N LYS G 512 32.52 53.85 -35.34
CA LYS G 512 33.38 52.67 -35.54
C LYS G 512 34.31 52.46 -34.35
N ALA G 513 35.08 53.49 -34.00
CA ALA G 513 36.20 53.34 -33.06
C ALA G 513 36.12 54.31 -31.87
N GLN G 514 37.27 54.74 -31.34
CA GLN G 514 37.42 55.52 -30.09
C GLN G 514 36.43 56.63 -29.64
N CYS G 515 35.63 57.16 -30.57
CA CYS G 515 34.66 58.24 -30.29
C CYS G 515 35.08 59.17 -29.17
N ASN G 516 36.15 59.89 -29.44
CA ASN G 516 36.72 60.84 -28.50
C ASN G 516 36.80 62.20 -29.21
N THR G 517 35.82 62.45 -30.08
CA THR G 517 35.77 63.67 -30.89
C THR G 517 34.34 64.08 -31.13
N LYS G 518 34.16 65.31 -31.59
CA LYS G 518 32.82 65.87 -31.84
C LYS G 518 31.91 65.06 -32.75
N GLN G 519 32.47 64.16 -33.56
CA GLN G 519 31.70 63.37 -34.53
C GLN G 519 30.80 62.32 -33.90
N CYS G 520 31.23 61.71 -32.80
CA CYS G 520 30.33 60.88 -32.01
C CYS G 520 29.29 61.81 -31.37
N PRO G 521 27.98 61.45 -31.42
CA PRO G 521 27.02 62.30 -30.70
C PRO G 521 27.13 62.20 -29.18
N CYS G 522 27.70 61.11 -28.65
CA CYS G 522 27.84 60.94 -27.20
C CYS G 522 28.94 61.84 -26.65
N TYR G 523 30.15 61.71 -27.17
CA TYR G 523 31.25 62.55 -26.70
C TYR G 523 30.90 64.04 -26.77
N LEU G 524 30.16 64.45 -27.80
CA LEU G 524 29.74 65.85 -27.97
C LEU G 524 28.57 66.26 -27.04
N ALA G 525 27.80 65.27 -26.57
CA ALA G 525 26.80 65.51 -25.51
C ALA G 525 27.40 65.32 -24.12
N VAL G 526 28.73 65.30 -24.02
CA VAL G 526 29.47 65.07 -22.77
C VAL G 526 28.78 63.93 -22.02
N ARG G 527 28.67 62.83 -22.74
CA ARG G 527 28.08 61.60 -22.27
C ARG G 527 29.10 60.53 -22.61
N GLU G 528 29.23 59.52 -21.75
CA GLU G 528 30.00 58.35 -22.13
C GLU G 528 29.08 57.56 -23.00
N CYS G 529 29.64 56.56 -23.68
CA CYS G 529 28.81 55.67 -24.50
C CYS G 529 27.90 54.88 -23.58
N ASP G 530 26.86 54.31 -24.17
CA ASP G 530 25.93 53.51 -23.42
C ASP G 530 26.08 52.09 -23.90
N PRO G 531 26.36 51.16 -22.96
CA PRO G 531 26.66 49.78 -23.32
C PRO G 531 25.45 48.94 -23.79
N ASP G 532 24.26 49.52 -23.79
CA ASP G 532 23.11 48.90 -24.45
C ASP G 532 22.76 49.55 -25.79
N LEU G 533 23.14 50.81 -25.98
CA LEU G 533 22.84 51.52 -27.21
C LEU G 533 24.03 51.56 -28.15
N CYS G 534 25.19 51.98 -27.67
CA CYS G 534 26.32 52.29 -28.56
C CYS G 534 27.01 51.00 -29.08
N LEU G 535 26.26 50.16 -29.78
CA LEU G 535 26.68 48.79 -30.05
C LEU G 535 27.71 48.63 -31.15
N THR G 536 27.85 49.65 -32.02
CA THR G 536 28.78 49.61 -33.15
C THR G 536 30.23 49.88 -32.70
N CYS G 537 30.38 50.85 -31.80
CA CYS G 537 31.69 51.43 -31.39
C CYS G 537 32.51 50.53 -30.47
N GLY G 538 31.80 49.70 -29.72
CA GLY G 538 32.40 48.74 -28.84
C GLY G 538 32.45 49.19 -27.39
N ALA G 539 31.54 50.07 -26.99
CA ALA G 539 31.34 50.34 -25.57
C ALA G 539 30.64 49.18 -24.86
N ALA G 540 29.98 48.31 -25.64
CA ALA G 540 29.33 47.07 -25.15
C ALA G 540 30.14 45.79 -25.37
N ASP G 541 31.37 45.94 -25.89
CA ASP G 541 32.18 44.79 -26.32
C ASP G 541 32.76 44.04 -25.12
N HIS G 542 33.42 42.92 -25.40
CA HIS G 542 34.11 42.09 -24.38
C HIS G 542 34.53 42.87 -23.12
N TRP G 543 33.95 42.46 -22.00
CA TRP G 543 33.96 43.20 -20.73
C TRP G 543 35.22 42.98 -19.93
N ASP G 544 35.70 41.73 -19.93
CA ASP G 544 36.85 41.35 -19.14
C ASP G 544 38.02 42.24 -19.51
N SER G 545 38.38 42.24 -20.79
CA SER G 545 39.39 43.18 -21.29
C SER G 545 38.80 44.61 -21.15
N LYS G 546 39.29 45.33 -20.13
CA LYS G 546 38.82 46.69 -19.77
C LYS G 546 39.64 47.83 -20.43
N ASN G 547 40.33 47.50 -21.53
CA ASN G 547 40.78 48.45 -22.55
C ASN G 547 40.26 47.96 -23.91
N VAL G 548 39.63 48.86 -24.65
CA VAL G 548 38.72 48.50 -25.75
C VAL G 548 38.62 49.61 -26.82
N SER G 549 38.10 49.26 -28.00
CA SER G 549 37.94 50.20 -29.14
C SER G 549 37.25 51.52 -28.81
N CYS G 550 36.31 51.54 -27.86
CA CYS G 550 35.69 52.78 -27.40
C CYS G 550 36.56 53.42 -26.30
N LYS G 551 36.77 54.72 -26.43
CA LYS G 551 37.57 55.49 -25.48
C LYS G 551 36.69 56.60 -24.92
N ASN G 552 35.49 56.15 -24.58
CA ASN G 552 34.47 56.97 -24.00
C ASN G 552 33.63 56.02 -23.18
N CYS G 553 34.29 55.16 -22.41
CA CYS G 553 33.59 54.29 -21.46
C CYS G 553 34.46 54.05 -20.21
N SER G 554 35.35 54.97 -19.90
CA SER G 554 36.33 54.75 -18.86
C SER G 554 35.71 54.87 -17.46
N ILE G 555 34.79 55.81 -17.29
CA ILE G 555 34.18 56.03 -15.98
C ILE G 555 33.24 54.89 -15.63
N GLN G 556 32.38 54.49 -16.56
CA GLN G 556 31.46 53.34 -16.32
C GLN G 556 32.20 52.09 -15.92
N ARG G 557 33.31 51.82 -16.59
CA ARG G 557 34.12 50.63 -16.33
C ARG G 557 35.13 50.74 -15.14
N GLY G 558 35.47 51.97 -14.77
CA GLY G 558 36.54 52.23 -13.80
C GLY G 558 37.86 51.87 -14.43
N SER G 559 38.17 52.44 -15.59
CA SER G 559 39.44 52.19 -16.29
C SER G 559 40.43 53.30 -15.96
N LYS G 560 40.64 53.50 -14.66
CA LYS G 560 41.46 54.59 -14.14
C LYS G 560 42.92 54.18 -14.15
N LYS G 561 43.80 55.17 -14.20
CA LYS G 561 45.25 54.98 -14.27
C LYS G 561 45.82 54.76 -12.89
N HIS G 562 47.02 54.18 -12.82
CA HIS G 562 47.63 53.93 -11.52
C HIS G 562 48.28 55.18 -10.92
N LEU G 563 47.80 55.56 -9.73
CA LEU G 563 48.20 56.78 -9.02
C LEU G 563 48.94 56.45 -7.72
N LEU G 564 49.81 57.36 -7.28
CA LEU G 564 50.73 57.14 -6.17
C LEU G 564 50.65 58.21 -5.10
N LEU G 565 50.50 57.80 -3.84
CA LEU G 565 50.41 58.75 -2.75
C LEU G 565 51.77 59.18 -2.27
N ALA G 566 52.03 60.48 -2.33
CA ALA G 566 53.22 61.03 -1.69
C ALA G 566 52.97 62.45 -1.18
N PRO G 567 53.90 62.99 -0.37
CA PRO G 567 53.79 64.37 0.06
C PRO G 567 53.96 65.32 -1.11
N SER G 568 53.10 66.32 -1.17
CA SER G 568 53.15 67.33 -2.21
C SER G 568 54.36 68.20 -2.03
N ASP G 569 54.88 68.68 -3.15
CA ASP G 569 55.96 69.65 -3.14
C ASP G 569 55.43 71.04 -2.77
N VAL G 570 54.14 71.30 -3.02
CA VAL G 570 53.52 72.55 -2.58
C VAL G 570 53.22 72.49 -1.10
N ALA G 571 52.32 71.57 -0.73
CA ALA G 571 51.82 71.44 0.65
C ALA G 571 50.78 70.34 0.80
N GLY G 572 50.68 69.82 2.02
CA GLY G 572 49.73 68.77 2.33
C GLY G 572 50.20 67.51 1.65
N TRP G 573 49.29 66.60 1.42
CA TRP G 573 49.58 65.45 0.57
C TRP G 573 49.22 65.83 -0.86
N GLY G 574 49.91 65.21 -1.81
CA GLY G 574 49.58 65.31 -3.22
C GLY G 574 49.30 63.91 -3.74
N ILE G 575 49.32 63.79 -5.07
CA ILE G 575 49.28 62.49 -5.72
C ILE G 575 50.00 62.56 -7.08
N PHE G 576 50.61 61.44 -7.46
CA PHE G 576 51.55 61.36 -8.56
C PHE G 576 51.21 60.16 -9.42
N ILE G 577 51.53 60.23 -10.72
CA ILE G 577 51.07 59.23 -11.69
C ILE G 577 52.23 58.29 -12.12
N LYS G 578 52.01 56.97 -12.00
CA LYS G 578 53.09 55.99 -12.23
C LYS G 578 53.54 55.91 -13.68
N ASP G 579 52.59 55.85 -14.61
CA ASP G 579 52.91 55.76 -16.05
C ASP G 579 52.36 56.97 -16.77
N PRO G 580 53.14 57.56 -17.68
CA PRO G 580 52.79 58.84 -18.28
C PRO G 580 51.50 58.74 -19.08
N VAL G 581 50.82 59.85 -19.25
CA VAL G 581 49.55 59.88 -20.01
C VAL G 581 49.46 61.11 -20.89
N GLN G 582 48.96 60.88 -22.11
CA GLN G 582 48.86 61.89 -23.19
C GLN G 582 47.76 62.90 -22.85
N LYS G 583 47.62 63.94 -23.67
CA LYS G 583 46.61 64.97 -23.39
C LYS G 583 45.17 64.45 -23.48
N ASN G 584 44.37 64.82 -22.48
CA ASN G 584 42.95 64.46 -22.36
C ASN G 584 42.64 62.99 -22.06
N GLU G 585 43.63 62.24 -21.59
CA GLU G 585 43.40 60.86 -21.19
C GLU G 585 42.61 60.83 -19.87
N PHE G 586 41.79 59.79 -19.69
CA PHE G 586 41.07 59.54 -18.43
C PHE G 586 42.06 59.04 -17.42
N ILE G 587 42.27 59.84 -16.38
CA ILE G 587 43.16 59.47 -15.32
C ILE G 587 42.33 58.64 -14.37
N SER G 588 41.27 59.24 -13.84
CA SER G 588 40.39 58.60 -12.86
C SER G 588 39.13 59.41 -12.72
N GLU G 589 38.15 58.78 -12.06
CA GLU G 589 36.91 59.44 -11.65
C GLU G 589 37.11 60.09 -10.27
N TYR G 590 36.72 61.34 -10.11
CA TYR G 590 36.66 61.92 -8.76
C TYR G 590 35.40 61.35 -8.08
N CYS G 591 35.60 60.31 -7.27
CA CYS G 591 34.52 59.72 -6.49
C CYS G 591 34.35 60.38 -5.11
N GLY G 592 33.22 60.07 -4.47
CA GLY G 592 32.92 60.53 -3.11
C GLY G 592 31.47 60.27 -2.66
N GLU G 593 31.09 60.83 -1.51
CA GLU G 593 29.70 60.76 -1.07
C GLU G 593 28.84 61.71 -1.89
N ILE G 594 27.63 61.28 -2.24
CA ILE G 594 26.64 62.14 -2.89
C ILE G 594 25.71 62.70 -1.81
N ILE G 595 25.48 64.02 -1.86
CA ILE G 595 24.66 64.72 -0.88
C ILE G 595 23.88 65.89 -1.50
N SER G 596 22.76 66.25 -0.89
CA SER G 596 21.96 67.43 -1.29
C SER G 596 22.72 68.76 -1.23
N GLN G 597 22.17 69.81 -1.82
CA GLN G 597 22.78 71.14 -1.72
C GLN G 597 22.74 71.70 -0.30
N ASP G 598 21.76 71.30 0.50
CA ASP G 598 21.66 71.76 1.89
C ASP G 598 22.77 71.13 2.72
N GLU G 599 22.80 69.80 2.74
CA GLU G 599 23.82 69.03 3.46
C GLU G 599 25.21 69.55 3.16
N ALA G 600 25.47 69.84 1.90
CA ALA G 600 26.78 70.35 1.47
C ALA G 600 27.04 71.79 1.90
N ASP G 601 26.00 72.56 2.19
CA ASP G 601 26.13 73.91 2.77
C ASP G 601 26.44 73.92 4.28
N ARG G 602 26.08 72.87 5.00
CA ARG G 602 26.41 72.77 6.43
C ARG G 602 27.84 72.28 6.61
N ARG G 603 28.15 71.17 5.93
CA ARG G 603 29.49 70.61 5.83
C ARG G 603 30.50 71.64 5.36
N GLY G 604 30.07 72.45 4.39
CA GLY G 604 30.85 73.58 3.97
C GLY G 604 31.21 74.43 5.15
N LYS G 605 30.20 74.90 5.89
CA LYS G 605 30.46 75.87 6.95
C LYS G 605 31.53 75.43 7.93
N VAL G 606 31.47 74.17 8.36
CA VAL G 606 32.58 73.60 9.12
C VAL G 606 33.87 73.48 8.26
N TYR G 607 33.76 73.04 7.01
CA TYR G 607 34.95 72.99 6.11
C TYR G 607 35.54 74.36 5.80
N ASP G 608 34.70 75.40 5.84
CA ASP G 608 35.13 76.77 5.61
C ASP G 608 36.05 77.18 6.74
N LYS G 609 35.75 76.70 7.95
CA LYS G 609 36.59 76.99 9.12
C LYS G 609 37.95 76.33 9.05
N TYR G 610 38.00 75.10 8.57
CA TYR G 610 39.29 74.43 8.35
C TYR G 610 40.07 74.94 7.14
N MET G 611 39.50 75.90 6.38
CA MET G 611 40.17 76.55 5.27
C MET G 611 40.46 75.63 4.06
N CYS G 612 40.06 74.35 4.13
CA CYS G 612 40.10 73.43 2.99
C CYS G 612 38.81 72.59 2.97
N SER G 613 38.14 72.57 1.82
CA SER G 613 36.96 71.74 1.57
C SER G 613 37.36 70.76 0.46
N PHE G 614 36.66 69.62 0.41
CA PHE G 614 36.74 68.71 -0.74
C PHE G 614 35.35 68.42 -1.29
N LEU G 615 34.53 69.48 -1.41
CA LEU G 615 33.19 69.45 -2.01
C LEU G 615 33.28 69.87 -3.46
N PHE G 616 32.82 69.03 -4.39
CA PHE G 616 32.86 69.33 -5.82
C PHE G 616 31.49 69.16 -6.40
N ASN G 617 31.01 70.27 -6.96
CA ASN G 617 29.64 70.36 -7.39
C ASN G 617 29.43 69.51 -8.63
N LEU G 618 28.32 68.78 -8.63
CA LEU G 618 28.01 67.76 -9.66
C LEU G 618 26.87 68.23 -10.57
N ASN G 619 25.77 68.61 -9.96
CA ASN G 619 24.65 69.21 -10.69
C ASN G 619 23.84 70.00 -9.66
N ASN G 620 22.69 70.53 -10.06
CA ASN G 620 21.89 71.37 -9.15
C ASN G 620 21.18 70.64 -8.01
N ASP G 621 21.00 69.33 -8.10
CA ASP G 621 20.37 68.55 -7.02
C ASP G 621 21.37 67.90 -6.04
N PHE G 622 22.59 67.62 -6.48
CA PHE G 622 23.58 66.87 -5.69
C PHE G 622 25.02 67.41 -5.79
N VAL G 623 25.78 67.24 -4.70
CA VAL G 623 27.21 67.57 -4.61
C VAL G 623 27.99 66.32 -4.20
N VAL G 624 29.20 66.14 -4.73
CA VAL G 624 30.07 65.02 -4.35
C VAL G 624 31.00 65.51 -3.25
N ASP G 625 31.27 64.65 -2.25
CA ASP G 625 32.11 65.00 -1.08
C ASP G 625 33.09 63.88 -0.68
N ALA G 626 34.34 64.03 -1.14
CA ALA G 626 35.40 63.07 -0.83
C ALA G 626 35.93 63.22 0.59
N THR G 627 35.43 64.19 1.35
CA THR G 627 35.91 64.46 2.70
C THR G 627 35.87 63.18 3.56
N ARG G 628 34.75 62.45 3.52
CA ARG G 628 34.56 61.28 4.37
C ARG G 628 35.01 60.00 3.69
N LYS G 629 34.60 59.86 2.44
CA LYS G 629 35.02 58.73 1.63
C LYS G 629 35.17 59.23 0.21
N GLY G 630 36.08 58.62 -0.52
CA GLY G 630 36.42 59.04 -1.86
C GLY G 630 37.39 58.04 -2.41
N ASN G 631 38.13 58.45 -3.43
CA ASN G 631 39.08 57.58 -4.10
C ASN G 631 40.39 58.34 -4.22
N LYS G 632 41.43 57.63 -4.68
CA LYS G 632 42.82 58.08 -4.63
C LYS G 632 43.06 59.47 -5.19
N ILE G 633 42.41 59.80 -6.28
CA ILE G 633 42.61 61.10 -6.92
C ILE G 633 42.25 62.28 -6.02
N ARG G 634 41.37 62.07 -5.03
CA ARG G 634 40.92 63.13 -4.10
C ARG G 634 42.05 63.98 -3.51
N PHE G 635 43.24 63.35 -3.45
CA PHE G 635 44.56 63.95 -3.06
C PHE G 635 45.25 64.85 -4.07
N ALA G 636 44.69 64.99 -5.27
CA ALA G 636 45.23 65.95 -6.23
C ALA G 636 45.05 67.34 -5.65
N ASN G 637 46.15 68.05 -5.44
CA ASN G 637 46.07 69.37 -4.87
C ASN G 637 45.43 70.36 -5.84
N HIS G 638 45.02 71.51 -5.31
CA HIS G 638 44.57 72.63 -6.13
C HIS G 638 45.76 73.35 -6.72
N SER G 639 45.66 73.82 -7.96
CA SER G 639 46.60 74.83 -8.51
C SER G 639 45.86 75.75 -9.50
N VAL G 640 46.22 77.03 -9.51
CA VAL G 640 45.58 77.98 -10.41
C VAL G 640 45.93 77.63 -11.86
N ASN G 641 47.20 77.29 -12.10
CA ASN G 641 47.66 76.73 -13.39
C ASN G 641 47.99 75.24 -13.27
N PRO G 642 47.00 74.37 -13.52
CA PRO G 642 47.17 72.96 -13.26
C PRO G 642 47.50 72.16 -14.50
N ASN G 643 47.84 70.90 -14.27
CA ASN G 643 48.07 69.91 -15.34
C ASN G 643 46.88 68.97 -15.53
N CYS G 644 45.81 69.17 -14.77
CA CYS G 644 44.55 68.47 -14.99
C CYS G 644 43.33 69.40 -14.87
N TYR G 645 42.23 68.98 -15.50
CA TYR G 645 40.89 69.59 -15.35
C TYR G 645 39.91 68.48 -15.01
N ALA G 646 38.66 68.86 -14.74
CA ALA G 646 37.60 67.86 -14.74
C ALA G 646 36.28 68.33 -15.30
N LYS G 647 35.66 67.37 -15.97
CA LYS G 647 34.51 67.50 -16.82
C LYS G 647 33.53 66.55 -16.12
N VAL G 648 32.29 66.98 -15.95
CA VAL G 648 31.30 66.08 -15.43
C VAL G 648 30.61 65.52 -16.65
N MET G 649 30.36 64.21 -16.64
CA MET G 649 29.75 63.55 -17.79
C MET G 649 28.55 62.78 -17.31
N MET G 650 27.54 62.66 -18.18
CA MET G 650 26.38 61.82 -17.91
C MET G 650 26.77 60.42 -18.28
N VAL G 651 26.56 59.47 -17.37
CA VAL G 651 26.95 58.07 -17.60
C VAL G 651 25.87 57.09 -17.08
N ASN G 652 24.91 56.78 -17.94
CA ASN G 652 23.83 55.83 -17.65
C ASN G 652 22.98 56.34 -16.47
N GLY G 653 22.54 57.60 -16.62
CA GLY G 653 21.65 58.25 -15.65
C GLY G 653 22.37 59.01 -14.53
N ASP G 654 23.62 58.64 -14.30
CA ASP G 654 24.39 59.14 -13.20
C ASP G 654 25.36 60.19 -13.72
N HIS G 655 25.46 61.30 -13.00
CA HIS G 655 26.53 62.28 -13.22
C HIS G 655 27.74 61.76 -12.42
N ARG G 656 28.91 61.75 -13.05
CA ARG G 656 30.16 61.23 -12.46
C ARG G 656 31.34 62.13 -12.87
N ILE G 657 32.17 62.54 -11.90
CA ILE G 657 33.23 63.53 -12.18
C ILE G 657 34.39 62.79 -12.81
N GLY G 658 34.94 63.29 -13.91
CA GLY G 658 36.02 62.63 -14.65
C GLY G 658 37.25 63.51 -14.72
N ILE G 659 38.38 63.02 -14.22
CA ILE G 659 39.58 63.84 -14.15
C ILE G 659 40.47 63.41 -15.31
N PHE G 660 40.75 64.36 -16.21
CA PHE G 660 41.61 64.16 -17.40
C PHE G 660 42.76 65.15 -17.39
N ALA G 661 43.75 64.89 -18.24
CA ALA G 661 44.96 65.71 -18.33
C ALA G 661 44.82 66.91 -19.29
N LYS G 662 45.21 68.10 -18.82
CA LYS G 662 45.20 69.34 -19.63
C LYS G 662 46.46 69.53 -20.52
N ARG G 663 47.44 68.64 -20.34
CA ARG G 663 48.75 68.72 -21.00
C ARG G 663 49.29 67.28 -21.05
N ALA G 664 50.38 67.00 -21.75
CA ALA G 664 51.04 65.70 -21.62
C ALA G 664 51.67 65.59 -20.25
N ILE G 665 51.88 64.37 -19.77
CA ILE G 665 52.46 64.19 -18.44
C ILE G 665 53.51 63.06 -18.46
N GLN G 666 54.68 63.32 -17.85
CA GLN G 666 55.73 62.32 -17.67
C GLN G 666 55.46 61.60 -16.37
N THR G 667 56.03 60.40 -16.25
CA THR G 667 55.93 59.56 -15.05
C THR G 667 56.18 60.36 -13.77
N GLY G 668 55.34 60.14 -12.77
CA GLY G 668 55.55 60.67 -11.45
C GLY G 668 55.50 62.17 -11.29
N GLU G 669 54.80 62.87 -12.18
CA GLU G 669 54.49 64.26 -11.94
C GLU G 669 53.43 64.34 -10.84
N GLU G 670 53.50 65.38 -10.01
CA GLU G 670 52.38 65.69 -9.14
C GLU G 670 51.21 66.19 -9.98
N LEU G 671 50.01 65.66 -9.71
CA LEU G 671 48.77 66.08 -10.39
C LEU G 671 48.02 67.09 -9.52
N PHE G 672 47.62 68.19 -10.17
CA PHE G 672 46.76 69.24 -9.61
C PHE G 672 45.54 69.47 -10.54
N PHE G 673 44.51 70.11 -10.03
CA PHE G 673 43.43 70.60 -10.87
C PHE G 673 42.74 71.82 -10.25
N ASP G 674 42.31 72.82 -11.05
CA ASP G 674 41.76 74.08 -10.49
C ASP G 674 40.44 73.79 -9.76
N TYR G 675 40.20 74.48 -8.65
CA TYR G 675 39.15 74.10 -7.71
C TYR G 675 37.84 74.89 -7.88
N ARG G 676 37.65 75.60 -9.00
CA ARG G 676 36.31 76.12 -9.33
C ARG G 676 35.35 75.00 -9.86
N TYR G 677 34.83 74.22 -8.91
CA TYR G 677 33.65 73.36 -9.12
C TYR G 677 32.52 73.94 -8.32
N SER G 678 32.79 74.13 -7.02
CA SER G 678 31.93 74.90 -6.12
C SER G 678 32.70 76.19 -5.79
N GLN G 679 32.08 77.38 -5.81
CA GLN G 679 30.68 77.64 -6.26
C GLN G 679 30.41 77.30 -7.75
N LYS H 3 31.22 55.22 57.10
CA LYS H 3 31.78 56.54 56.63
C LYS H 3 32.17 56.48 55.13
N CYS H 4 33.47 56.42 54.82
CA CYS H 4 33.97 56.35 53.46
C CYS H 4 35.15 55.39 53.43
N LYS H 5 35.80 55.29 52.29
CA LYS H 5 37.14 54.74 52.19
C LYS H 5 37.70 55.09 50.80
N TYR H 6 39.01 55.17 50.62
CA TYR H 6 40.05 54.91 51.63
C TYR H 6 40.74 56.24 51.85
N SER H 7 41.63 56.32 52.83
CA SER H 7 42.27 57.59 53.14
C SER H 7 43.74 57.60 52.67
N PHE H 8 44.20 58.79 52.29
CA PHE H 8 45.56 59.01 51.82
C PHE H 8 46.04 60.36 52.34
N LYS H 9 47.37 60.55 52.50
CA LYS H 9 47.93 61.89 52.81
C LYS H 9 49.01 62.36 51.84
N CYS H 10 49.14 63.69 51.72
CA CYS H 10 49.92 64.32 50.66
C CYS H 10 51.42 64.36 50.98
N VAL H 11 52.11 63.25 50.73
CA VAL H 11 53.49 63.04 51.24
C VAL H 11 54.56 63.81 50.46
N ASN H 12 54.22 64.39 49.31
CA ASN H 12 55.19 65.14 48.50
C ASN H 12 54.52 65.99 47.40
N SER H 13 55.15 67.12 47.06
CA SER H 13 54.73 67.94 45.90
C SER H 13 55.94 68.51 45.15
N LEU H 14 56.22 67.94 43.97
CA LEU H 14 57.37 68.32 43.15
C LEU H 14 56.93 68.85 41.77
N LYS H 15 57.76 69.68 41.16
CA LYS H 15 57.41 70.38 39.91
C LYS H 15 58.56 70.39 38.91
N GLU H 16 58.29 69.94 37.69
CA GLU H 16 59.27 69.95 36.59
C GLU H 16 59.58 71.40 36.14
N ASP H 17 60.65 71.56 35.37
CA ASP H 17 61.17 72.91 35.01
C ASP H 17 60.46 73.62 33.85
N HIS H 18 59.69 72.86 33.07
CA HIS H 18 59.04 73.38 31.86
C HIS H 18 57.79 74.27 32.06
N ASN H 19 57.03 74.12 33.15
CA ASN H 19 55.76 74.86 33.37
C ASN H 19 54.62 74.58 32.37
N GLN H 20 54.83 73.60 31.48
CA GLN H 20 53.78 73.01 30.66
C GLN H 20 53.09 71.85 31.41
N PRO H 21 51.79 71.65 31.16
CA PRO H 21 50.98 70.54 31.68
C PRO H 21 51.52 69.14 31.44
N LEU H 22 51.37 68.26 32.42
CA LEU H 22 51.70 66.86 32.25
C LEU H 22 50.44 66.09 31.96
N PHE H 23 50.24 65.62 30.73
CA PHE H 23 48.93 65.06 30.28
C PHE H 23 48.78 63.57 30.59
N GLY H 24 49.84 62.98 31.14
CA GLY H 24 49.85 61.56 31.42
C GLY H 24 50.76 61.19 32.56
N VAL H 25 50.47 60.05 33.16
CA VAL H 25 51.25 59.53 34.26
C VAL H 25 50.95 58.05 34.37
N GLN H 26 52.00 57.27 34.63
CA GLN H 26 51.89 55.82 34.64
C GLN H 26 53.00 55.25 35.48
N PHE H 27 52.59 54.51 36.52
CA PHE H 27 53.51 53.64 37.25
C PHE H 27 53.86 52.47 36.35
N ASN H 28 55.10 52.02 36.42
CA ASN H 28 55.49 50.74 35.85
C ASN H 28 54.92 49.63 36.74
N TRP H 29 54.02 48.83 36.17
CA TRP H 29 53.41 47.70 36.90
C TRP H 29 54.09 46.36 36.59
N HIS H 30 55.01 46.35 35.63
CA HIS H 30 55.77 45.13 35.26
C HIS H 30 56.97 44.85 36.20
N SER H 31 57.37 45.86 36.99
CA SER H 31 58.44 45.77 37.98
C SER H 31 58.09 44.75 39.05
N LYS H 32 58.84 43.63 39.07
CA LYS H 32 58.70 42.56 40.06
C LYS H 32 58.51 43.04 41.49
N GLU H 33 57.79 42.27 42.32
CA GLU H 33 57.54 42.65 43.72
C GLU H 33 58.88 42.82 44.41
N GLY H 34 58.97 43.85 45.24
CA GLY H 34 60.21 44.14 45.96
C GLY H 34 61.21 45.04 45.23
N ASP H 35 61.03 45.25 43.93
CA ASP H 35 61.75 46.32 43.24
C ASP H 35 60.95 47.60 43.42
N PRO H 36 61.63 48.76 43.34
CA PRO H 36 60.97 50.03 43.61
C PRO H 36 59.80 50.38 42.68
N LEU H 37 58.91 51.24 43.17
CA LEU H 37 57.69 51.62 42.47
C LEU H 37 57.98 52.86 41.62
N VAL H 38 58.18 52.68 40.31
CA VAL H 38 58.69 53.72 39.40
C VAL H 38 57.62 54.24 38.48
N PHE H 39 57.54 55.55 38.32
CA PHE H 39 56.53 56.13 37.42
C PHE H 39 57.02 57.15 36.40
N ALA H 40 56.32 57.17 35.27
CA ALA H 40 56.62 58.06 34.15
C ALA H 40 55.68 59.27 34.15
N THR H 41 56.16 60.42 33.64
CA THR H 41 55.34 61.62 33.40
C THR H 41 55.60 62.27 32.05
N VAL H 42 54.60 62.22 31.18
CA VAL H 42 54.70 62.84 29.87
C VAL H 42 54.10 64.24 29.88
N GLY H 43 54.81 65.18 29.27
CA GLY H 43 54.38 66.58 29.20
C GLY H 43 55.43 67.48 28.59
N SER H 44 55.00 68.61 28.00
CA SER H 44 55.80 69.35 27.01
C SER H 44 56.34 68.40 25.94
N ASN H 45 57.59 68.55 25.51
CA ASN H 45 58.18 67.55 24.61
C ASN H 45 59.13 66.64 25.37
N ARG H 46 58.72 66.18 26.56
CA ARG H 46 59.57 65.29 27.37
C ARG H 46 58.83 64.31 28.30
N VAL H 47 59.24 63.06 28.20
CA VAL H 47 58.98 62.06 29.23
C VAL H 47 60.06 62.17 30.32
N THR H 48 59.63 62.13 31.59
CA THR H 48 60.53 62.14 32.74
C THR H 48 60.14 60.99 33.69
N LEU H 49 61.13 60.23 34.15
CA LEU H 49 60.92 59.07 35.06
C LEU H 49 61.21 59.42 36.51
N TYR H 50 60.46 58.79 37.43
CA TYR H 50 60.67 58.93 38.88
C TYR H 50 60.51 57.62 39.67
N GLU H 51 61.40 57.44 40.67
CA GLU H 51 61.37 56.33 41.61
C GLU H 51 60.86 56.79 42.97
N CYS H 52 59.88 56.07 43.51
CA CYS H 52 59.29 56.37 44.81
C CYS H 52 60.11 55.73 45.92
N HIS H 53 60.68 56.58 46.79
CA HIS H 53 61.41 56.13 47.98
C HIS H 53 60.64 56.48 49.24
N SER H 54 60.70 55.55 50.18
CA SER H 54 60.12 55.71 51.50
C SER H 54 61.01 56.69 52.30
N GLN H 55 60.46 57.76 52.91
CA GLN H 55 59.04 58.12 52.89
C GLN H 55 58.85 59.55 52.41
N GLY H 56 58.00 59.73 51.41
CA GLY H 56 57.80 61.01 50.73
C GLY H 56 58.79 61.30 49.62
N GLU H 57 60.01 60.78 49.76
CA GLU H 57 61.08 61.08 48.81
C GLU H 57 60.77 60.39 47.49
N ILE H 58 60.82 61.16 46.39
CA ILE H 58 60.73 60.61 45.04
C ILE H 58 62.01 60.99 44.32
N ARG H 59 62.74 59.98 43.85
CA ARG H 59 64.04 60.15 43.23
C ARG H 59 63.81 60.35 41.75
N LEU H 60 64.49 61.33 41.16
CA LEU H 60 64.36 61.63 39.72
C LEU H 60 65.39 60.79 39.01
N LEU H 61 64.98 59.96 38.06
CA LEU H 61 65.92 59.00 37.45
C LEU H 61 66.47 59.47 36.12
N GLN H 62 65.55 59.73 35.19
CA GLN H 62 65.87 60.02 33.80
C GLN H 62 64.89 61.04 33.25
N SER H 63 65.35 61.87 32.33
CA SER H 63 64.45 62.70 31.53
C SER H 63 64.96 62.75 30.09
N TYR H 64 64.07 62.43 29.15
CA TYR H 64 64.34 62.41 27.71
C TYR H 64 63.60 63.55 27.02
N VAL H 65 64.17 64.14 25.98
CA VAL H 65 63.53 65.23 25.23
C VAL H 65 63.47 64.91 23.74
N ASP H 66 62.31 65.13 23.10
CA ASP H 66 62.21 65.01 21.63
C ASP H 66 62.96 66.19 21.05
N ALA H 67 63.73 65.94 20.01
CA ALA H 67 64.50 66.97 19.36
C ALA H 67 63.59 68.07 18.82
N ASP H 68 62.40 67.68 18.34
CA ASP H 68 61.43 68.63 17.83
C ASP H 68 60.88 69.45 18.97
N ALA H 69 61.17 70.76 18.90
CA ALA H 69 60.71 71.76 19.86
C ALA H 69 59.20 71.77 19.97
N ASP H 70 58.53 71.45 18.87
CA ASP H 70 57.09 71.49 18.83
C ASP H 70 56.38 70.20 19.25
N GLU H 71 56.97 69.01 19.08
CA GLU H 71 56.33 67.74 19.56
C GLU H 71 55.80 67.98 20.96
N ASN H 72 54.64 67.43 21.28
CA ASN H 72 54.08 67.56 22.62
C ASN H 72 53.41 66.25 23.02
N PHE H 73 54.03 65.54 23.96
CA PHE H 73 53.55 64.23 24.37
C PHE H 73 52.30 64.35 25.19
N TYR H 74 51.38 63.43 24.91
CA TYR H 74 50.10 63.39 25.55
C TYR H 74 49.95 62.15 26.41
N THR H 75 50.54 61.04 25.98
CA THR H 75 50.27 59.74 26.58
C THR H 75 51.54 58.89 26.67
N CYS H 76 51.63 58.05 27.71
CA CYS H 76 52.63 56.98 27.75
C CYS H 76 52.04 55.70 28.31
N ALA H 77 52.72 54.57 28.05
CA ALA H 77 52.31 53.29 28.61
C ALA H 77 53.46 52.27 28.60
N TRP H 78 53.66 51.63 29.76
CA TRP H 78 54.75 50.67 29.98
C TRP H 78 54.49 49.29 29.38
N THR H 79 55.57 48.69 28.88
CA THR H 79 55.57 47.29 28.49
C THR H 79 56.96 46.72 28.74
N TYR H 80 57.20 45.50 28.33
CA TYR H 80 58.50 44.91 28.52
C TYR H 80 58.90 44.15 27.29
N ASP H 81 60.20 43.91 27.15
CA ASP H 81 60.70 42.98 26.13
C ASP H 81 60.83 41.64 26.83
N SER H 82 59.92 40.71 26.54
CA SER H 82 59.95 39.39 27.17
C SER H 82 61.32 38.76 26.99
N ASN H 83 61.90 38.92 25.80
CA ASN H 83 63.14 38.22 25.42
C ASN H 83 64.39 38.75 26.13
N THR H 84 64.51 40.06 26.25
CA THR H 84 65.60 40.67 26.99
C THR H 84 65.18 41.14 28.40
N SER H 85 63.91 40.94 28.75
CA SER H 85 63.38 41.19 30.11
C SER H 85 63.53 42.65 30.58
N HIS H 86 63.55 43.60 29.65
CA HIS H 86 63.69 45.01 29.97
C HIS H 86 62.30 45.63 30.07
N PRO H 87 62.17 46.77 30.79
CA PRO H 87 60.94 47.54 30.67
C PRO H 87 61.06 48.56 29.52
N LEU H 88 59.94 48.86 28.87
CA LEU H 88 59.85 49.74 27.71
C LEU H 88 58.72 50.74 27.87
N LEU H 89 58.98 52.02 27.56
CA LEU H 89 57.99 53.11 27.73
C LEU H 89 57.61 53.83 26.42
N ALA H 90 56.42 53.50 25.93
CA ALA H 90 55.87 54.08 24.70
C ALA H 90 55.35 55.45 25.03
N VAL H 91 55.72 56.46 24.24
CA VAL H 91 55.12 57.79 24.36
C VAL H 91 54.56 58.21 23.03
N ALA H 92 53.49 59.01 23.05
CA ALA H 92 52.99 59.65 21.82
C ALA H 92 52.35 61.02 22.11
N GLY H 93 52.20 61.83 21.05
CA GLY H 93 51.78 63.22 21.23
C GLY H 93 51.03 63.94 20.12
N SER H 94 51.12 65.27 20.14
CA SER H 94 50.55 66.12 19.10
C SER H 94 51.02 65.67 17.72
N ARG H 95 52.34 65.53 17.58
CA ARG H 95 52.89 65.13 16.30
C ARG H 95 52.46 63.74 15.83
N GLY H 96 51.79 62.98 16.68
CA GLY H 96 51.12 61.74 16.26
C GLY H 96 52.10 60.61 16.03
N ILE H 97 53.23 60.68 16.74
CA ILE H 97 54.31 59.72 16.57
C ILE H 97 54.48 58.92 17.85
N ILE H 98 54.52 57.60 17.71
CA ILE H 98 54.89 56.70 18.78
C ILE H 98 56.41 56.67 18.80
N ARG H 99 56.98 56.80 19.98
CA ARG H 99 58.39 56.51 20.25
C ARG H 99 58.38 55.42 21.31
N ILE H 100 59.33 54.50 21.24
CA ILE H 100 59.55 53.52 22.29
C ILE H 100 60.91 53.83 22.91
N ILE H 101 60.91 54.11 24.22
CA ILE H 101 62.16 54.30 24.98
C ILE H 101 62.44 53.04 25.81
N ASN H 102 63.71 52.62 25.85
CA ASN H 102 64.17 51.44 26.61
C ASN H 102 65.14 51.95 27.69
N PRO H 103 64.62 52.35 28.89
CA PRO H 103 65.42 53.06 29.91
C PRO H 103 66.59 52.29 30.57
N ILE H 104 66.69 50.99 30.35
CA ILE H 104 67.91 50.24 30.67
C ILE H 104 69.01 50.77 29.76
N THR H 105 68.80 50.69 28.45
CA THR H 105 69.75 51.23 27.46
C THR H 105 69.77 52.77 27.40
N MET H 106 68.62 53.36 27.71
CA MET H 106 68.25 54.79 27.50
C MET H 106 68.44 55.37 26.07
N GLN H 107 67.87 54.65 25.11
CA GLN H 107 67.87 55.01 23.70
C GLN H 107 66.48 54.78 23.15
N CYS H 108 66.08 55.59 22.17
CA CYS H 108 64.78 55.44 21.57
C CYS H 108 64.91 54.35 20.54
N ILE H 109 64.66 53.10 20.94
CA ILE H 109 64.86 51.94 20.03
C ILE H 109 63.93 51.92 18.80
N LYS H 110 62.70 52.43 18.93
CA LYS H 110 61.75 52.43 17.83
C LYS H 110 60.94 53.71 17.77
N HIS H 111 60.33 53.92 16.61
CA HIS H 111 59.32 54.97 16.43
C HIS H 111 58.40 54.50 15.33
N TYR H 112 57.15 54.95 15.36
CA TYR H 112 56.15 54.55 14.39
C TYR H 112 55.36 55.76 13.91
N VAL H 113 55.42 56.05 12.60
CA VAL H 113 54.95 57.33 12.03
C VAL H 113 53.73 57.27 11.10
N GLY H 114 53.02 56.15 11.08
CA GLY H 114 51.83 56.02 10.21
C GLY H 114 50.63 56.93 10.51
N HIS H 115 50.50 57.33 11.78
CA HIS H 115 49.27 58.01 12.21
C HIS H 115 49.11 59.38 11.57
N GLY H 116 47.85 59.69 11.28
CA GLY H 116 47.51 60.85 10.50
C GLY H 116 47.21 62.10 11.28
N ASN H 117 47.17 61.99 12.62
CA ASN H 117 47.08 63.17 13.51
C ASN H 117 47.48 62.81 14.96
N ALA H 118 47.27 63.73 15.90
CA ALA H 118 47.69 63.59 17.29
C ALA H 118 47.18 62.31 17.95
N ILE H 119 48.05 61.62 18.69
CA ILE H 119 47.66 60.41 19.46
C ILE H 119 47.24 60.89 20.84
N ASN H 120 46.01 60.52 21.20
CA ASN H 120 45.42 60.97 22.45
C ASN H 120 45.60 59.96 23.59
N GLU H 121 45.77 58.67 23.27
CA GLU H 121 45.99 57.63 24.31
C GLU H 121 46.64 56.37 23.75
N LEU H 122 47.53 55.75 24.53
CA LEU H 122 48.11 54.45 24.21
C LEU H 122 47.66 53.39 25.21
N LYS H 123 47.72 52.13 24.80
CA LYS H 123 47.51 50.96 25.67
C LYS H 123 48.29 49.81 25.12
N PHE H 124 48.72 48.90 25.98
CA PHE H 124 49.26 47.61 25.57
C PHE H 124 48.32 46.46 25.92
N HIS H 125 48.39 45.40 25.13
CA HIS H 125 47.55 44.21 25.32
C HIS H 125 47.98 43.55 26.64
N PRO H 126 47.04 43.34 27.59
CA PRO H 126 47.44 42.81 28.91
C PRO H 126 48.22 41.49 28.84
N ARG H 127 47.79 40.62 27.95
CA ARG H 127 48.46 39.34 27.74
C ARG H 127 49.70 39.44 26.86
N ASP H 128 49.63 40.16 25.74
CA ASP H 128 50.72 40.24 24.76
C ASP H 128 51.35 41.65 24.79
N PRO H 129 52.54 41.78 25.39
CA PRO H 129 53.19 43.07 25.62
C PRO H 129 53.77 43.72 24.35
N ASN H 130 53.63 43.07 23.20
CA ASN H 130 53.97 43.62 21.88
C ASN H 130 52.82 44.31 21.12
N LEU H 131 51.59 43.98 21.47
CA LEU H 131 50.45 44.55 20.80
C LEU H 131 50.08 45.88 21.43
N LEU H 132 50.46 46.95 20.74
CA LEU H 132 50.27 48.34 21.19
C LEU H 132 49.03 48.96 20.50
N LEU H 133 48.08 49.47 21.29
CA LEU H 133 46.91 50.15 20.75
C LEU H 133 47.05 51.64 20.89
N SER H 134 47.05 52.30 19.75
CA SER H 134 47.14 53.75 19.66
C SER H 134 45.81 54.24 19.19
N VAL H 135 45.34 55.33 19.80
CA VAL H 135 44.11 56.00 19.38
C VAL H 135 44.46 57.46 19.06
N SER H 136 43.83 58.00 18.02
CA SER H 136 44.27 59.28 17.48
C SER H 136 43.16 60.23 17.04
N LYS H 137 43.57 61.47 16.82
CA LYS H 137 42.73 62.58 16.36
C LYS H 137 42.22 62.38 14.93
N ASP H 138 42.85 61.45 14.21
CA ASP H 138 42.46 61.12 12.84
C ASP H 138 41.14 60.34 12.70
N HIS H 139 40.56 59.95 13.83
CA HIS H 139 39.27 59.22 13.91
C HIS H 139 39.47 57.67 13.88
N ALA H 140 40.74 57.26 13.98
CA ALA H 140 41.13 55.86 13.96
C ALA H 140 41.84 55.45 15.25
N LEU H 141 41.87 54.15 15.48
CA LEU H 141 42.83 53.56 16.38
C LEU H 141 43.68 52.70 15.51
N ARG H 142 44.92 52.40 15.92
CA ARG H 142 45.76 51.42 15.23
C ARG H 142 46.34 50.35 16.14
N LEU H 143 46.16 49.07 15.82
CA LEU H 143 46.79 48.00 16.59
C LEU H 143 48.13 47.54 15.98
N TRP H 144 49.24 47.79 16.68
CA TRP H 144 50.61 47.50 16.19
C TRP H 144 51.24 46.31 16.91
N ASN H 145 52.11 45.58 16.20
CA ASN H 145 52.91 44.50 16.77
C ASN H 145 54.36 45.00 16.79
N ILE H 146 54.78 45.53 17.94
CA ILE H 146 56.10 46.20 18.05
C ILE H 146 57.30 45.26 17.94
N GLN H 147 57.07 43.95 17.95
CA GLN H 147 58.11 42.94 17.71
C GLN H 147 58.50 42.83 16.24
N THR H 148 57.51 42.73 15.36
CA THR H 148 57.76 42.66 13.91
C THR H 148 57.64 44.02 13.19
N ASP H 149 57.34 45.10 13.91
CA ASP H 149 57.07 46.45 13.35
C ASP H 149 56.04 46.46 12.22
N THR H 150 54.94 45.74 12.43
CA THR H 150 53.84 45.66 11.49
C THR H 150 52.59 46.29 12.09
N LEU H 151 51.86 47.08 11.29
CA LEU H 151 50.52 47.51 11.67
C LEU H 151 49.55 46.34 11.47
N VAL H 152 49.02 45.79 12.56
CA VAL H 152 48.13 44.63 12.45
C VAL H 152 46.81 45.14 11.92
N ALA H 153 46.26 46.18 12.54
CA ALA H 153 44.95 46.63 12.16
C ALA H 153 44.69 48.12 12.36
N ILE H 154 43.76 48.63 11.54
CA ILE H 154 43.11 49.95 11.71
C ILE H 154 41.65 49.80 12.16
N PHE H 155 41.29 50.54 13.22
CA PHE H 155 39.94 50.54 13.78
C PHE H 155 39.32 51.90 13.43
N GLY H 156 38.80 51.96 12.21
CA GLY H 156 38.27 53.19 11.63
C GLY H 156 37.74 52.97 10.21
N GLY H 157 36.75 53.78 9.86
CA GLY H 157 36.03 53.58 8.62
C GLY H 157 34.65 54.17 8.62
N VAL H 158 33.66 53.34 8.26
CA VAL H 158 32.31 53.78 7.89
C VAL H 158 31.47 54.01 9.14
N GLU H 159 31.51 53.01 10.02
CA GLU H 159 31.00 53.08 11.39
C GLU H 159 32.14 53.25 12.37
N GLY H 160 33.26 53.82 11.91
CA GLY H 160 34.34 54.24 12.78
C GLY H 160 33.98 55.58 13.38
N HIS H 161 34.86 56.12 14.22
CA HIS H 161 34.54 57.37 14.93
C HIS H 161 34.43 58.53 13.98
N ARG H 162 33.48 59.41 14.22
CA ARG H 162 33.27 60.58 13.38
C ARG H 162 34.12 61.78 13.78
N ASP H 163 34.82 61.70 14.91
CA ASP H 163 35.82 62.71 15.28
C ASP H 163 36.85 62.05 16.21
N GLU H 164 37.62 62.85 16.97
CA GLU H 164 38.90 62.41 17.56
C GLU H 164 38.66 61.27 18.53
N VAL H 165 39.37 60.15 18.35
CA VAL H 165 39.28 59.05 19.32
C VAL H 165 40.12 59.53 20.50
N LEU H 166 39.47 59.74 21.64
CA LEU H 166 40.10 60.35 22.80
C LEU H 166 40.70 59.31 23.71
N SER H 167 39.99 58.20 23.91
CA SER H 167 40.49 57.12 24.74
C SER H 167 40.06 55.75 24.25
N ALA H 168 40.67 54.74 24.87
CA ALA H 168 40.25 53.34 24.76
C ALA H 168 40.84 52.54 25.91
N ASP H 169 40.24 51.37 26.21
CA ASP H 169 40.89 50.35 27.09
C ASP H 169 40.72 48.96 26.50
N TYR H 170 41.68 48.11 26.79
CA TYR H 170 41.52 46.67 26.64
C TYR H 170 40.71 46.15 27.82
N ASP H 171 40.03 45.02 27.65
CA ASP H 171 39.39 44.36 28.79
C ASP H 171 40.45 43.58 29.55
N LEU H 172 40.08 43.09 30.73
CA LEU H 172 41.03 42.45 31.65
C LEU H 172 41.80 41.36 30.93
N LEU H 173 41.08 40.39 30.37
CA LEU H 173 41.71 39.30 29.63
C LEU H 173 42.44 39.72 28.36
N GLY H 174 41.98 40.79 27.70
CA GLY H 174 42.49 41.16 26.37
C GLY H 174 41.79 40.47 25.20
N GLU H 175 40.48 40.27 25.31
CA GLU H 175 39.64 39.71 24.24
C GLU H 175 38.96 40.78 23.37
N LYS H 176 38.88 42.01 23.87
CA LYS H 176 38.11 43.07 23.22
C LYS H 176 38.58 44.46 23.64
N ILE H 177 38.10 45.46 22.91
CA ILE H 177 38.49 46.84 23.12
C ILE H 177 37.25 47.71 23.09
N MET H 178 37.13 48.65 24.03
CA MET H 178 36.07 49.66 23.96
C MET H 178 36.83 50.95 23.69
N SER H 179 36.24 51.81 22.87
CA SER H 179 36.78 53.14 22.59
C SER H 179 35.72 54.22 22.80
N CYS H 180 36.17 55.47 22.83
CA CYS H 180 35.30 56.61 23.00
C CYS H 180 35.98 57.82 22.41
N GLY H 181 35.22 58.87 22.16
CA GLY H 181 35.79 60.10 21.62
C GLY H 181 34.89 61.30 21.53
N MET H 182 35.31 62.25 20.69
CA MET H 182 34.61 63.51 20.54
C MET H 182 33.21 63.36 19.99
N ASP H 183 32.98 62.37 19.12
CA ASP H 183 31.64 62.13 18.53
C ASP H 183 30.59 61.51 19.46
N HIS H 184 30.79 61.64 20.78
CA HIS H 184 29.77 61.36 21.79
C HIS H 184 29.50 59.87 21.99
N SER H 185 30.29 59.02 21.32
CA SER H 185 29.94 57.62 21.18
C SER H 185 30.96 56.69 21.80
N LEU H 186 30.47 55.56 22.30
CA LEU H 186 31.31 54.45 22.73
C LEU H 186 31.19 53.30 21.73
N LYS H 187 32.33 52.70 21.36
CA LYS H 187 32.39 51.71 20.27
C LYS H 187 33.24 50.50 20.65
N LEU H 188 32.61 49.34 20.73
CA LEU H 188 33.31 48.07 21.02
C LEU H 188 33.98 47.51 19.76
N TRP H 189 35.16 46.91 19.91
CA TRP H 189 35.89 46.21 18.84
C TRP H 189 36.43 44.87 19.36
N ARG H 190 35.73 43.77 19.04
CA ARG H 190 36.19 42.44 19.45
C ARG H 190 37.46 42.00 18.69
N ILE H 191 38.53 41.64 19.42
CA ILE H 191 39.78 41.11 18.81
C ILE H 191 40.06 39.64 19.11
N ASN H 192 39.13 39.00 19.82
CA ASN H 192 39.10 37.54 19.94
C ASN H 192 38.47 36.83 18.72
N SER H 193 37.85 37.58 17.80
CA SER H 193 37.29 37.04 16.52
C SER H 193 38.30 36.27 15.68
N LYS H 194 37.82 35.30 14.90
CA LYS H 194 38.69 34.49 14.02
C LYS H 194 39.53 35.36 13.10
N ARG H 195 38.93 36.44 12.59
CA ARG H 195 39.64 37.43 11.76
C ARG H 195 40.79 38.12 12.49
N MET H 196 40.49 38.78 13.61
CA MET H 196 41.51 39.57 14.32
C MET H 196 42.62 38.75 15.00
N MET H 197 42.24 37.60 15.56
CA MET H 197 43.23 36.60 16.00
C MET H 197 44.20 36.27 14.86
N ASN H 198 43.66 35.80 13.73
CA ASN H 198 44.45 35.39 12.56
C ASN H 198 45.36 36.49 12.06
N ALA H 199 44.87 37.74 12.10
CA ALA H 199 45.68 38.88 11.68
C ALA H 199 46.88 39.05 12.59
N ILE H 200 46.64 38.98 13.89
CA ILE H 200 47.69 39.08 14.89
C ILE H 200 48.70 37.96 14.69
N LYS H 201 48.23 36.71 14.66
CA LYS H 201 49.13 35.56 14.50
C LYS H 201 50.02 35.75 13.28
N GLU H 202 49.43 36.19 12.17
CA GLU H 202 50.20 36.41 10.96
C GLU H 202 51.12 37.65 11.03
N SER H 203 50.81 38.62 11.90
CA SER H 203 51.73 39.77 12.14
C SER H 203 53.12 39.34 12.62
N TYR H 204 53.14 38.28 13.42
CA TYR H 204 54.38 37.63 13.88
C TYR H 204 55.08 36.84 12.78
N ASP H 205 54.30 36.15 11.95
CA ASP H 205 54.85 35.36 10.86
C ASP H 205 55.46 36.20 9.73
N TYR H 206 55.05 37.47 9.60
CA TYR H 206 55.59 38.35 8.55
C TYR H 206 57.05 38.70 8.77
N ASN H 207 57.77 38.70 7.66
CA ASN H 207 59.17 39.09 7.61
C ASN H 207 59.42 39.89 6.32
N PRO H 208 59.86 41.17 6.42
CA PRO H 208 60.09 41.98 5.20
C PRO H 208 61.27 41.54 4.33
N ASN H 209 62.24 40.82 4.91
CA ASN H 209 63.39 40.30 4.16
C ASN H 209 62.96 39.21 3.16
N LYS H 210 62.09 38.29 3.58
CA LYS H 210 61.64 37.17 2.72
C LYS H 210 60.79 37.60 1.51
N THR H 211 60.02 38.68 1.62
CA THR H 211 59.01 38.98 0.59
C THR H 211 58.97 40.41 0.07
N ASN H 212 58.38 40.53 -1.12
CA ASN H 212 58.18 41.79 -1.82
C ASN H 212 56.92 42.52 -1.36
N ARG H 213 55.90 41.78 -0.92
CA ARG H 213 54.66 42.41 -0.43
C ARG H 213 54.91 43.15 0.89
N PRO H 214 54.08 44.15 1.21
CA PRO H 214 54.02 44.72 2.56
C PRO H 214 53.10 43.85 3.39
N PHE H 215 53.01 44.14 4.69
CA PHE H 215 52.10 43.40 5.56
C PHE H 215 50.66 43.85 5.35
N ILE H 216 49.76 42.88 5.18
CA ILE H 216 48.39 43.18 4.84
C ILE H 216 47.73 43.64 6.13
N SER H 217 47.52 44.95 6.25
CA SER H 217 46.98 45.56 7.47
C SER H 217 45.43 45.53 7.48
N GLN H 218 44.86 44.63 8.29
CA GLN H 218 43.40 44.50 8.42
C GLN H 218 42.83 45.85 8.80
N LYS H 219 41.90 46.36 8.00
CA LYS H 219 41.18 47.57 8.35
C LYS H 219 39.75 47.18 8.72
N ILE H 220 39.32 47.52 9.94
CA ILE H 220 37.96 47.22 10.45
C ILE H 220 37.09 48.50 10.43
N HIS H 221 36.02 48.45 9.65
CA HIS H 221 35.10 49.57 9.48
C HIS H 221 33.92 49.50 10.44
N PHE H 222 33.66 48.30 10.99
CA PHE H 222 32.44 48.03 11.76
C PHE H 222 32.67 47.57 13.20
N PRO H 223 32.18 48.34 14.18
CA PRO H 223 32.31 47.92 15.57
C PRO H 223 31.34 46.76 15.93
N ASP H 224 31.59 46.07 17.05
CA ASP H 224 30.66 45.04 17.58
C ASP H 224 29.63 45.58 18.55
N PHE H 225 29.75 46.86 18.85
CA PHE H 225 28.69 47.61 19.51
C PHE H 225 28.96 49.10 19.31
N SER H 226 27.92 49.90 19.22
CA SER H 226 28.07 51.35 19.29
C SER H 226 26.89 51.95 20.00
N THR H 227 27.08 53.15 20.54
CA THR H 227 25.98 53.93 21.12
C THR H 227 26.40 55.37 21.39
N ARG H 228 25.40 56.26 21.36
CA ARG H 228 25.55 57.69 21.68
C ARG H 228 24.54 58.14 22.75
N ASP H 229 23.98 57.18 23.49
CA ASP H 229 22.92 57.39 24.51
C ASP H 229 23.43 57.31 25.95
N ILE H 230 24.74 57.14 26.15
CA ILE H 230 25.35 57.28 27.48
C ILE H 230 25.59 58.76 27.68
N HIS H 231 26.48 59.35 26.88
CA HIS H 231 26.99 60.72 27.10
C HIS H 231 26.50 61.76 26.07
N ARG H 232 26.46 63.02 26.51
CA ARG H 232 25.96 64.16 25.73
C ARG H 232 27.05 65.18 25.35
N ASN H 233 28.32 64.82 25.54
CA ASN H 233 29.45 65.56 24.97
C ASN H 233 30.68 64.66 24.87
N TYR H 234 31.79 65.21 24.39
CA TYR H 234 33.02 64.46 24.20
C TYR H 234 33.30 63.45 25.33
N VAL H 235 33.39 62.19 24.95
CA VAL H 235 33.70 61.12 25.87
C VAL H 235 35.22 60.92 25.88
N ASP H 236 35.86 61.24 27.02
CA ASP H 236 37.35 61.36 27.10
C ASP H 236 38.10 60.31 27.91
N CYS H 237 37.41 59.43 28.61
CA CYS H 237 38.08 58.28 29.23
C CYS H 237 37.13 57.14 29.39
N VAL H 238 37.58 55.94 29.04
CA VAL H 238 36.76 54.73 29.02
C VAL H 238 37.56 53.49 29.45
N ARG H 239 37.13 52.81 30.51
CA ARG H 239 37.78 51.57 30.99
C ARG H 239 36.78 50.41 31.08
N TRP H 240 37.34 49.20 31.02
CA TRP H 240 36.57 47.97 31.21
C TRP H 240 36.56 47.58 32.67
N LEU H 241 35.43 47.84 33.33
CA LEU H 241 35.22 47.39 34.72
C LEU H 241 34.70 45.96 34.64
N GLY H 242 35.62 45.03 34.40
CA GLY H 242 35.28 43.62 34.24
C GLY H 242 34.62 43.36 32.91
N ASP H 243 33.30 43.10 32.95
CA ASP H 243 32.40 43.09 31.78
C ASP H 243 31.59 44.37 31.63
N LEU H 244 31.67 45.28 32.61
CA LEU H 244 30.96 46.56 32.54
C LEU H 244 31.89 47.65 32.02
N ILE H 245 31.30 48.81 31.75
CA ILE H 245 32.02 49.92 31.14
C ILE H 245 31.89 51.14 32.04
N LEU H 246 33.04 51.68 32.42
CA LEU H 246 33.13 52.98 33.09
C LEU H 246 33.55 54.02 32.08
N SER H 247 32.91 55.19 32.10
CA SER H 247 33.24 56.25 31.15
C SER H 247 32.68 57.60 31.58
N LYS H 248 33.35 58.67 31.15
CA LYS H 248 32.98 60.00 31.61
C LYS H 248 32.79 60.96 30.48
N SER H 249 32.05 62.00 30.74
CA SER H 249 31.94 63.10 29.83
C SER H 249 31.92 64.35 30.68
N CYS H 250 31.40 65.45 30.12
CA CYS H 250 31.32 66.71 30.84
C CYS H 250 29.92 66.91 31.36
N GLU H 251 29.53 65.93 32.17
CA GLU H 251 28.27 65.87 32.87
C GLU H 251 28.49 65.56 34.37
N ASN H 252 29.71 65.80 34.84
CA ASN H 252 30.06 65.71 36.24
C ASN H 252 29.77 64.37 36.89
N ALA H 253 30.00 63.27 36.17
CA ALA H 253 29.90 61.93 36.74
C ALA H 253 30.54 60.85 35.87
N ILE H 254 31.29 59.94 36.50
CA ILE H 254 31.81 58.73 35.82
C ILE H 254 30.70 57.67 35.83
N VAL H 255 30.26 57.24 34.66
CA VAL H 255 29.14 56.31 34.55
C VAL H 255 29.56 54.85 34.36
N CYS H 256 29.09 53.97 35.24
CA CYS H 256 29.11 52.53 34.98
C CYS H 256 27.85 52.14 34.22
N TRP H 257 28.03 51.61 33.01
CA TRP H 257 26.91 51.16 32.15
C TRP H 257 27.28 49.82 31.48
N LYS H 258 26.40 49.31 30.62
CA LYS H 258 26.70 48.09 29.83
C LYS H 258 25.85 47.98 28.55
N PRO H 259 26.39 47.32 27.51
CA PRO H 259 25.61 47.14 26.30
C PRO H 259 24.48 46.17 26.50
N GLY H 260 23.31 46.55 25.99
CA GLY H 260 22.10 45.73 26.01
C GLY H 260 21.15 46.05 27.14
N LYS H 261 20.20 45.15 27.35
CA LYS H 261 19.25 45.22 28.46
C LYS H 261 19.98 44.64 29.67
N MET H 262 19.38 44.82 30.85
CA MET H 262 19.95 44.31 32.10
C MET H 262 20.49 42.89 31.93
N GLU H 263 19.63 41.99 31.48
CA GLU H 263 19.97 40.57 31.35
C GLU H 263 21.05 40.23 30.32
N ASP H 264 21.34 41.14 29.36
CA ASP H 264 22.16 40.79 28.18
C ASP H 264 23.66 40.56 28.44
N ASP H 265 24.15 39.36 28.09
CA ASP H 265 25.60 39.02 28.13
C ASP H 265 26.40 39.90 27.16
N ILE H 266 27.54 40.44 27.61
CA ILE H 266 28.47 41.20 26.73
C ILE H 266 28.99 40.42 25.52
N ASP H 267 29.22 39.13 25.70
CA ASP H 267 29.73 38.28 24.64
C ASP H 267 28.64 37.64 23.72
N LYS H 268 27.36 37.93 23.98
CA LYS H 268 26.24 37.55 23.08
C LYS H 268 25.78 38.72 22.18
N ILE H 269 26.23 39.94 22.51
CA ILE H 269 25.72 41.19 21.91
C ILE H 269 25.89 41.20 20.39
N LYS H 270 24.77 41.38 19.68
CA LYS H 270 24.80 41.60 18.23
C LYS H 270 25.12 43.07 17.95
N PRO H 271 25.93 43.38 16.91
CA PRO H 271 26.24 44.76 16.52
C PRO H 271 25.03 45.67 16.37
N SER H 272 23.97 45.16 15.75
CA SER H 272 22.71 45.90 15.56
C SER H 272 21.90 46.23 16.86
N GLU H 273 22.31 45.70 18.02
CA GLU H 273 21.70 45.99 19.34
C GLU H 273 21.50 47.50 19.57
N SER H 274 20.34 47.87 20.13
CA SER H 274 19.99 49.28 20.32
C SER H 274 19.89 49.70 21.78
N ASN H 275 20.08 48.77 22.72
CA ASN H 275 19.89 49.04 24.13
C ASN H 275 21.20 49.20 24.90
N VAL H 276 21.13 49.98 25.96
CA VAL H 276 22.16 50.04 26.97
C VAL H 276 21.47 50.02 28.33
N THR H 277 22.27 49.82 29.38
CA THR H 277 21.78 49.95 30.73
C THR H 277 22.83 50.69 31.54
N ILE H 278 22.40 51.81 32.15
CA ILE H 278 23.21 52.53 33.11
C ILE H 278 23.04 51.79 34.43
N LEU H 279 24.14 51.29 35.02
CA LEU H 279 24.08 50.64 36.32
C LEU H 279 24.23 51.67 37.44
N GLY H 280 25.26 52.54 37.35
CA GLY H 280 25.49 53.59 38.36
C GLY H 280 25.96 54.92 37.82
N ARG H 281 26.17 55.85 38.75
CA ARG H 281 26.94 57.08 38.51
C ARG H 281 27.90 57.30 39.69
N PHE H 282 29.05 57.94 39.43
CA PHE H 282 29.98 58.37 40.48
C PHE H 282 30.06 59.88 40.36
N ASP H 283 29.41 60.61 41.26
CA ASP H 283 29.29 62.08 41.14
C ASP H 283 30.59 62.80 41.45
N TYR H 284 30.74 63.98 40.83
CA TYR H 284 31.87 64.87 41.08
C TYR H 284 31.46 66.30 40.73
N SER H 285 32.40 67.25 40.80
CA SER H 285 32.14 68.66 40.45
C SER H 285 33.33 69.25 39.71
N GLN H 286 33.06 70.29 38.92
CA GLN H 286 34.09 71.13 38.30
C GLN H 286 35.15 70.36 37.47
N CYS H 287 34.70 69.41 36.66
CA CYS H 287 35.51 68.87 35.57
C CYS H 287 34.66 69.02 34.31
N ASP H 288 34.66 70.27 33.82
CA ASP H 288 33.95 70.72 32.62
C ASP H 288 34.81 70.66 31.39
N ILE H 289 36.11 70.49 31.61
CA ILE H 289 37.08 70.37 30.56
C ILE H 289 37.25 68.91 30.18
N TRP H 290 37.76 68.72 28.96
CA TRP H 290 37.97 67.39 28.40
C TRP H 290 39.43 67.08 28.46
N TYR H 291 39.73 65.80 28.23
CA TYR H 291 41.05 65.21 28.46
C TYR H 291 41.38 65.22 29.96
N MET H 292 40.47 64.60 30.73
CA MET H 292 40.59 64.51 32.19
C MET H 292 40.43 63.05 32.55
N ARG H 293 41.54 62.34 32.68
CA ARG H 293 41.49 60.89 32.84
C ARG H 293 41.33 60.44 34.29
N PHE H 294 40.52 59.40 34.46
CA PHE H 294 40.44 58.64 35.69
C PHE H 294 41.26 57.37 35.51
N SER H 295 41.69 56.79 36.63
CA SER H 295 42.41 55.54 36.59
C SER H 295 41.85 54.65 37.67
N MET H 296 42.28 53.40 37.66
CA MET H 296 41.94 52.44 38.69
C MET H 296 43.24 51.82 39.14
N ASP H 297 43.15 50.90 40.10
CA ASP H 297 44.31 50.12 40.58
C ASP H 297 44.29 48.71 39.98
N PHE H 298 45.32 47.90 40.25
CA PHE H 298 45.41 46.54 39.65
C PHE H 298 44.27 45.61 40.08
N TRP H 299 43.96 45.60 41.37
CA TRP H 299 42.86 44.78 41.90
C TRP H 299 41.48 45.44 41.74
N GLN H 300 41.43 46.57 41.03
CA GLN H 300 40.19 47.28 40.65
C GLN H 300 39.24 47.54 41.83
N LYS H 301 39.84 47.78 42.99
CA LYS H 301 39.13 48.10 44.20
C LYS H 301 38.80 49.58 44.23
N MET H 302 39.69 50.40 43.70
CA MET H 302 39.59 51.85 43.86
C MET H 302 39.62 52.58 42.53
N LEU H 303 38.72 53.54 42.38
CA LEU H 303 38.67 54.41 41.23
C LEU H 303 39.16 55.78 41.69
N ALA H 304 39.79 56.51 40.79
CA ALA H 304 40.37 57.81 41.09
C ALA H 304 40.20 58.72 39.90
N LEU H 305 39.72 59.92 40.15
CA LEU H 305 39.74 61.01 39.17
C LEU H 305 40.13 62.32 39.85
N GLY H 306 40.92 63.13 39.14
CA GLY H 306 41.17 64.50 39.55
C GLY H 306 40.36 65.45 38.70
N ASN H 307 39.93 66.54 39.30
CA ASN H 307 39.13 67.51 38.58
C ASN H 307 40.01 68.71 38.25
N GLN H 308 39.40 69.74 37.66
CA GLN H 308 40.13 70.85 37.07
C GLN H 308 40.63 71.86 38.08
N VAL H 309 40.14 71.79 39.32
CA VAL H 309 40.51 72.78 40.34
C VAL H 309 41.34 72.19 41.47
N GLY H 310 42.04 71.09 41.20
CA GLY H 310 43.08 70.57 42.10
C GLY H 310 42.64 69.54 43.13
N LYS H 311 41.41 69.06 42.98
CA LYS H 311 40.77 68.19 43.95
C LYS H 311 40.68 66.82 43.36
N LEU H 312 41.08 65.84 44.15
CA LEU H 312 40.97 64.45 43.76
C LEU H 312 39.67 63.88 44.33
N TYR H 313 39.31 62.70 43.84
CA TYR H 313 38.10 61.98 44.20
C TYR H 313 38.46 60.51 44.07
N VAL H 314 38.58 59.78 45.17
CA VAL H 314 38.85 58.33 45.12
C VAL H 314 37.64 57.53 45.62
N TRP H 315 37.04 56.71 44.75
CA TRP H 315 35.86 55.88 45.10
C TRP H 315 36.27 54.45 45.35
N ASP H 316 35.34 53.71 45.94
CA ASP H 316 35.52 52.34 46.32
C ASP H 316 34.60 51.52 45.38
N LEU H 317 35.17 50.49 44.77
CA LEU H 317 34.48 49.64 43.78
C LEU H 317 34.05 48.27 44.34
N GLU H 318 34.10 48.11 45.66
CA GLU H 318 33.41 47.01 46.34
C GLU H 318 32.20 47.55 47.12
N VAL H 319 31.79 48.79 46.82
CA VAL H 319 30.54 49.37 47.31
C VAL H 319 29.38 48.65 46.60
N GLU H 320 28.28 48.44 47.32
CA GLU H 320 27.06 47.80 46.80
C GLU H 320 25.93 48.82 46.85
N ASP H 321 25.18 48.92 45.76
CA ASP H 321 24.22 50.03 45.51
C ASP H 321 24.96 51.35 45.28
N PRO H 322 24.27 52.36 44.69
CA PRO H 322 24.79 53.72 44.65
C PRO H 322 25.31 54.19 46.03
N HIS H 323 26.41 54.95 46.17
CA HIS H 323 27.12 55.75 45.14
C HIS H 323 26.29 56.44 44.02
N LYS H 324 25.60 57.56 44.26
CA LYS H 324 25.29 58.27 45.54
C LYS H 324 26.42 58.54 46.57
N ALA H 325 26.56 57.73 47.62
CA ALA H 325 27.63 57.90 48.62
C ALA H 325 28.45 56.60 48.87
N LYS H 326 29.71 56.69 49.33
CA LYS H 326 30.47 57.95 49.47
C LYS H 326 31.93 57.85 48.98
N CYS H 327 32.41 59.02 48.53
CA CYS H 327 33.72 59.23 47.94
C CYS H 327 34.66 59.84 48.96
N THR H 328 35.96 59.61 48.79
CA THR H 328 37.00 60.29 49.58
C THR H 328 37.71 61.42 48.81
N THR H 329 37.23 62.65 49.01
CA THR H 329 37.84 63.83 48.40
C THR H 329 39.01 64.26 49.28
N LEU H 330 40.13 64.58 48.64
CA LEU H 330 41.34 65.00 49.35
C LEU H 330 41.96 66.20 48.62
N THR H 331 42.04 67.35 49.31
CA THR H 331 42.52 68.59 48.70
C THR H 331 43.90 68.96 49.22
N HIS H 332 44.41 70.11 48.79
CA HIS H 332 45.65 70.69 49.33
C HIS H 332 45.67 72.17 48.95
N HIS H 333 46.41 72.97 49.71
CA HIS H 333 46.32 74.42 49.59
C HIS H 333 47.13 74.99 48.44
N LYS H 334 48.27 74.37 48.17
CA LYS H 334 49.06 74.71 46.98
C LYS H 334 48.73 73.86 45.74
N CYS H 335 47.78 72.93 45.83
CA CYS H 335 47.23 72.26 44.65
C CYS H 335 45.96 72.96 44.15
N GLY H 336 46.12 73.74 43.06
CA GLY H 336 45.05 74.62 42.53
C GLY H 336 44.70 74.52 41.05
N ALA H 337 45.52 73.84 40.25
CA ALA H 337 45.23 73.65 38.83
C ALA H 337 44.85 72.20 38.54
N ALA H 338 44.43 71.98 37.30
CA ALA H 338 43.77 70.76 36.85
C ALA H 338 44.59 69.50 36.99
N ILE H 339 43.91 68.36 37.12
CA ILE H 339 44.56 67.06 37.23
C ILE H 339 44.27 66.16 36.02
N ARG H 340 45.21 66.12 35.09
CA ARG H 340 45.03 65.39 33.83
C ARG H 340 44.94 63.88 33.93
N GLN H 341 45.58 63.29 34.93
CA GLN H 341 45.52 61.85 35.11
C GLN H 341 46.00 61.49 36.51
N THR H 342 45.67 60.27 36.90
CA THR H 342 46.08 59.75 38.16
C THR H 342 46.62 58.36 37.90
N SER H 343 47.37 57.84 38.86
CA SER H 343 47.95 56.51 38.71
C SER H 343 48.30 55.90 40.06
N PHE H 344 47.81 54.68 40.29
CA PHE H 344 48.19 53.91 41.47
C PHE H 344 49.37 53.02 41.13
N SER H 345 50.19 52.77 42.14
CA SER H 345 51.21 51.72 42.10
C SER H 345 50.54 50.35 42.01
N ARG H 346 51.32 49.30 41.79
CA ARG H 346 50.73 47.98 41.55
C ARG H 346 49.95 47.47 42.76
N ASP H 347 50.62 47.36 43.91
CA ASP H 347 49.94 47.37 45.20
C ASP H 347 49.46 48.81 45.38
N SER H 348 48.34 49.02 46.04
CA SER H 348 47.72 50.33 45.99
C SER H 348 48.34 51.38 46.90
N SER H 349 49.61 51.21 47.31
CA SER H 349 50.21 52.03 48.38
C SER H 349 50.36 53.53 48.09
N ILE H 350 50.58 53.87 46.82
CA ILE H 350 50.76 55.25 46.40
C ILE H 350 49.77 55.65 45.29
N LEU H 351 49.42 56.93 45.26
CA LEU H 351 48.63 57.57 44.20
C LEU H 351 49.35 58.84 43.74
N ILE H 352 49.82 58.85 42.49
CA ILE H 352 50.44 60.04 41.90
C ILE H 352 49.41 60.73 41.03
N ALA H 353 49.28 62.05 41.19
CA ALA H 353 48.37 62.84 40.39
C ALA H 353 49.12 64.00 39.75
N VAL H 354 49.03 64.14 38.43
CA VAL H 354 49.85 65.14 37.71
C VAL H 354 49.01 66.36 37.24
N CYS H 355 49.63 67.53 37.04
CA CYS H 355 48.89 68.81 36.84
C CYS H 355 49.15 69.67 35.58
N ASP H 356 48.29 70.68 35.38
CA ASP H 356 48.40 71.69 34.30
C ASP H 356 49.55 72.69 34.51
N ASP H 357 49.99 72.88 35.76
CA ASP H 357 51.10 73.78 36.10
C ASP H 357 52.42 73.02 36.28
N ALA H 358 52.47 71.78 35.77
CA ALA H 358 53.65 70.91 35.83
C ALA H 358 53.95 70.37 37.21
N SER H 359 52.99 70.42 38.13
CA SER H 359 53.19 69.85 39.46
C SER H 359 52.84 68.35 39.46
N ILE H 360 53.63 67.57 40.21
CA ILE H 360 53.31 66.18 40.56
C ILE H 360 52.76 66.23 41.99
N TRP H 361 52.04 65.18 42.40
CA TRP H 361 51.58 65.03 43.79
C TRP H 361 51.61 63.55 44.17
N ARG H 362 52.22 63.26 45.33
CA ARG H 362 52.25 61.91 45.90
C ARG H 362 51.28 61.83 47.04
N TRP H 363 50.55 60.72 47.12
CA TRP H 363 49.67 60.40 48.22
C TRP H 363 49.92 58.93 48.60
N ASP H 364 50.24 58.65 49.87
CA ASP H 364 50.42 57.25 50.33
C ASP H 364 49.12 56.77 50.98
N ARG H 365 49.01 55.47 51.30
CA ARG H 365 47.79 54.90 51.94
C ARG H 365 47.88 54.67 53.46
N LEU H 366 46.76 54.29 54.09
CA LEU H 366 46.68 53.96 55.55
C LEU H 366 47.69 52.87 55.96
N ARG H 367 48.43 53.10 57.06
CA ARG H 367 49.52 52.22 57.53
C ARG H 367 49.13 50.74 57.58
N HIS I 5 65.38 55.91 -6.96
CA HIS I 5 65.22 56.97 -8.00
C HIS I 5 65.45 58.40 -7.48
N ASN I 6 64.85 58.85 -6.36
CA ASN I 6 63.63 58.30 -5.73
C ASN I 6 62.70 59.45 -5.36
N ARG I 7 61.43 59.12 -5.17
CA ARG I 7 60.53 59.90 -4.31
C ARG I 7 59.86 58.88 -3.41
N LEU I 8 59.77 59.19 -2.11
CA LEU I 8 59.19 58.25 -1.17
C LEU I 8 57.68 58.31 -1.30
N TYR I 9 57.10 57.21 -1.77
CA TYR I 9 55.68 57.04 -1.92
C TYR I 9 55.13 56.27 -0.73
N PHE I 10 53.83 56.37 -0.50
CA PHE I 10 53.18 55.78 0.67
C PHE I 10 51.91 55.07 0.29
N HIS I 11 51.44 54.15 1.13
CA HIS I 11 50.13 53.52 0.91
C HIS I 11 48.98 54.50 1.23
N SER I 12 47.92 54.46 0.43
CA SER I 12 46.75 55.29 0.68
C SER I 12 46.01 54.86 1.95
N ASP I 13 45.94 53.55 2.22
CA ASP I 13 45.13 53.02 3.33
C ASP I 13 45.78 53.16 4.72
N THR I 14 47.07 52.87 4.78
CA THR I 14 47.86 52.82 6.00
C THR I 14 49.03 53.72 5.72
N CYS I 15 49.09 54.89 6.29
CA CYS I 15 50.07 55.88 5.82
C CYS I 15 51.55 55.50 5.97
N LEU I 16 51.85 54.22 6.19
CA LEU I 16 53.21 53.72 6.23
C LEU I 16 53.90 53.79 4.86
N PRO I 17 55.21 54.16 4.82
CA PRO I 17 55.96 54.22 3.55
C PRO I 17 56.10 52.91 2.76
N LEU I 18 56.45 53.07 1.49
CA LEU I 18 56.38 52.04 0.48
C LEU I 18 57.80 51.65 0.11
N ARG I 19 58.18 50.42 0.43
CA ARG I 19 59.47 49.88 0.03
C ARG I 19 59.53 49.85 -1.51
N PRO I 20 60.70 50.13 -2.12
CA PRO I 20 60.81 50.09 -3.60
C PRO I 20 60.48 48.73 -4.24
N GLN I 21 60.80 47.64 -3.52
CA GLN I 21 60.41 46.27 -3.91
C GLN I 21 58.92 46.13 -4.17
N GLU I 22 58.11 46.79 -3.34
CA GLU I 22 56.65 46.74 -3.42
C GLU I 22 56.04 47.44 -4.66
N MET I 23 56.88 48.12 -5.44
CA MET I 23 56.44 48.97 -6.54
C MET I 23 57.19 48.66 -7.83
N GLU I 24 56.65 47.87 -8.77
CA GLU I 24 55.60 46.82 -8.60
C GLU I 24 54.15 47.14 -8.15
N VAL I 25 53.73 48.41 -8.15
CA VAL I 25 52.42 48.80 -7.60
C VAL I 25 51.44 49.15 -8.76
N ASP I 26 50.33 48.42 -8.96
CA ASP I 26 49.90 47.22 -8.20
C ASP I 26 49.46 46.13 -9.19
N SER I 27 49.97 44.92 -8.99
CA SER I 27 49.65 43.76 -9.83
C SER I 27 48.22 43.22 -9.60
N GLU I 28 47.64 43.56 -8.45
CA GLU I 28 46.24 43.25 -8.13
C GLU I 28 45.28 44.02 -9.03
N ASP I 29 44.09 43.46 -9.24
CA ASP I 29 43.03 44.11 -9.99
C ASP I 29 42.06 44.80 -9.03
N GLU I 30 42.24 46.12 -8.89
CA GLU I 30 41.31 46.97 -8.12
C GLU I 30 39.97 47.04 -8.88
N LYS I 31 38.82 46.89 -8.21
CA LYS I 31 38.67 46.62 -6.77
C LYS I 31 37.19 46.34 -6.46
N ASP I 32 36.96 45.72 -5.30
CA ASP I 32 35.65 45.72 -4.66
C ASP I 32 35.94 45.99 -3.18
N PRO I 33 35.60 47.21 -2.66
CA PRO I 33 35.96 47.48 -1.27
C PRO I 33 35.18 46.59 -0.32
N GLU I 34 35.91 45.96 0.61
CA GLU I 34 35.36 44.97 1.56
C GLU I 34 34.15 45.50 2.33
N TRP I 35 34.25 46.75 2.76
CA TRP I 35 33.26 47.33 3.65
C TRP I 35 31.91 47.44 2.99
N LEU I 36 31.92 47.76 1.70
CA LEU I 36 30.69 47.92 0.95
C LEU I 36 29.91 46.59 0.90
N ARG I 37 30.63 45.47 0.72
CA ARG I 37 30.00 44.13 0.74
C ARG I 37 29.36 43.85 2.08
N GLU I 38 30.06 44.17 3.16
CA GLU I 38 29.48 44.12 4.51
C GLU I 38 28.20 44.99 4.59
N LYS I 39 28.32 46.25 4.19
CA LYS I 39 27.27 47.28 4.32
C LYS I 39 25.91 46.82 3.78
N THR I 40 25.95 46.11 2.66
CA THR I 40 24.76 45.49 2.07
C THR I 40 24.24 44.40 3.01
N ILE I 41 25.07 43.39 3.29
CA ILE I 41 24.62 42.25 4.08
C ILE I 41 23.88 42.72 5.35
N THR I 42 24.42 43.74 6.02
CA THR I 42 23.76 44.34 7.19
C THR I 42 22.48 45.06 6.80
N GLN I 43 22.58 45.93 5.79
CA GLN I 43 21.43 46.72 5.32
C GLN I 43 20.27 45.89 4.76
N ILE I 44 20.55 44.77 4.12
CA ILE I 44 19.49 43.84 3.69
C ILE I 44 18.86 43.22 4.94
N GLU I 45 19.70 42.84 5.91
CA GLU I 45 19.22 42.31 7.20
C GLU I 45 18.44 43.32 8.01
N GLU I 46 18.74 44.61 7.83
CA GLU I 46 18.02 45.72 8.50
C GLU I 46 16.52 45.82 8.16
N PHE I 47 16.05 45.16 7.09
CA PHE I 47 14.64 45.24 6.73
C PHE I 47 13.72 44.41 7.61
N SER I 48 12.83 45.12 8.30
CA SER I 48 11.57 44.53 8.75
C SER I 48 10.66 44.44 7.52
N ASP I 49 9.76 43.46 7.53
CA ASP I 49 8.82 43.14 6.41
C ASP I 49 9.36 42.30 5.22
N VAL I 50 10.62 41.85 5.31
CA VAL I 50 11.23 40.97 4.31
C VAL I 50 11.48 39.57 4.89
N ASN I 51 11.27 38.61 4.03
CA ASN I 51 11.28 37.19 4.33
C ASN I 51 12.68 36.76 4.74
N GLU I 52 12.79 35.51 5.23
CA GLU I 52 14.03 34.96 5.80
C GLU I 52 15.32 35.03 4.93
N GLY I 53 15.43 34.49 3.72
CA GLY I 53 14.36 34.00 2.86
C GLY I 53 14.47 34.68 1.50
N GLU I 54 13.95 35.90 1.44
CA GLU I 54 14.10 36.78 0.30
C GLU I 54 15.37 37.62 0.47
N LYS I 55 15.70 37.92 1.73
CA LYS I 55 16.97 38.61 2.09
C LYS I 55 18.20 37.89 1.57
N GLU I 56 18.33 36.62 1.93
CA GLU I 56 19.53 35.81 1.58
C GLU I 56 19.73 35.72 0.07
N VAL I 57 18.64 35.56 -0.70
CA VAL I 57 18.74 35.58 -2.16
C VAL I 57 19.08 37.00 -2.68
N MET I 58 18.59 38.05 -2.00
CA MET I 58 18.98 39.43 -2.33
C MET I 58 20.44 39.73 -2.04
N LYS I 59 20.90 39.39 -0.83
CA LYS I 59 22.30 39.57 -0.44
C LYS I 59 23.25 38.86 -1.41
N LEU I 60 22.93 37.61 -1.76
CA LEU I 60 23.73 36.84 -2.74
C LEU I 60 23.80 37.53 -4.10
N TRP I 61 22.65 37.95 -4.61
CA TRP I 61 22.64 38.72 -5.84
C TRP I 61 23.55 39.93 -5.67
N ASN I 62 23.22 40.79 -4.70
CA ASN I 62 23.98 42.05 -4.49
C ASN I 62 25.49 41.88 -4.40
N LEU I 63 25.93 40.77 -3.83
CA LEU I 63 27.35 40.51 -3.74
C LEU I 63 27.89 40.08 -5.09
N HIS I 64 27.12 39.27 -5.81
CA HIS I 64 27.48 38.75 -7.12
C HIS I 64 27.71 39.84 -8.18
N VAL I 65 26.81 40.82 -8.21
CA VAL I 65 26.93 41.94 -9.17
C VAL I 65 28.09 42.91 -8.82
N MET I 66 28.32 43.13 -7.52
CA MET I 66 29.52 43.86 -7.05
C MET I 66 30.80 43.11 -7.42
N LYS I 67 30.75 41.77 -7.39
CA LYS I 67 31.91 40.92 -7.69
C LYS I 67 32.36 41.03 -9.14
N HIS I 68 31.40 41.10 -10.04
CA HIS I 68 31.73 41.15 -11.47
C HIS I 68 31.68 42.54 -12.07
N GLY I 69 30.86 43.43 -11.50
CA GLY I 69 30.81 44.82 -11.93
C GLY I 69 30.03 44.93 -13.22
N PHE I 70 28.77 44.53 -13.17
CA PHE I 70 27.89 44.61 -14.32
C PHE I 70 27.38 46.04 -14.51
N ILE I 71 27.50 46.52 -15.73
CA ILE I 71 27.09 47.86 -16.09
C ILE I 71 25.84 47.80 -16.96
N ALA I 72 25.75 46.80 -17.84
CA ALA I 72 24.73 46.79 -18.89
C ALA I 72 23.59 45.82 -18.62
N ASP I 73 22.49 46.01 -19.35
CA ASP I 73 21.33 45.10 -19.34
C ASP I 73 21.66 43.84 -20.12
N ASN I 74 22.17 44.03 -21.33
CA ASN I 74 22.60 42.90 -22.16
C ASN I 74 23.50 41.93 -21.39
N GLN I 75 24.22 42.43 -20.38
CA GLN I 75 24.95 41.54 -19.46
C GLN I 75 24.06 40.56 -18.67
N MET I 76 22.85 40.95 -18.31
CA MET I 76 22.07 40.26 -17.27
C MET I 76 21.67 38.80 -17.54
N ASN I 77 21.62 38.41 -18.80
CA ASN I 77 21.38 37.02 -19.14
C ASN I 77 22.56 36.17 -18.75
N HIS I 78 23.74 36.52 -19.27
CA HIS I 78 25.01 35.92 -18.82
C HIS I 78 25.18 35.94 -17.29
N ALA I 79 24.67 36.99 -16.64
CA ALA I 79 24.81 37.17 -15.19
C ALA I 79 23.94 36.23 -14.36
N CYS I 80 22.72 35.94 -14.81
CA CYS I 80 21.87 34.96 -14.11
C CYS I 80 22.44 33.55 -14.25
N MET I 81 22.94 33.24 -15.45
CA MET I 81 23.70 32.01 -15.69
C MET I 81 24.89 31.91 -14.71
N LEU I 82 25.75 32.95 -14.66
CA LEU I 82 26.92 32.97 -13.75
C LEU I 82 26.52 32.79 -12.27
N PHE I 83 25.38 33.34 -11.90
CA PHE I 83 24.87 33.30 -10.51
C PHE I 83 24.55 31.88 -10.05
N VAL I 84 24.10 31.00 -10.95
CA VAL I 84 23.97 29.58 -10.59
C VAL I 84 25.35 28.91 -10.59
N GLU I 85 26.14 29.10 -11.64
CA GLU I 85 27.44 28.43 -11.73
C GLU I 85 28.34 28.80 -10.54
N ASN I 86 28.29 30.05 -10.08
CA ASN I 86 28.94 30.44 -8.82
C ASN I 86 28.06 30.00 -7.64
N TYR I 87 27.12 30.85 -7.24
CA TYR I 87 26.44 30.70 -5.96
C TYR I 87 25.48 29.55 -5.91
N GLY I 88 25.03 29.06 -7.07
CA GLY I 88 23.97 28.05 -7.16
C GLY I 88 24.08 26.80 -6.30
N GLN I 89 25.31 26.37 -6.02
CA GLN I 89 25.52 25.32 -5.03
C GLN I 89 24.96 25.78 -3.67
N LYS I 90 25.46 26.93 -3.20
CA LYS I 90 25.02 27.52 -1.92
C LYS I 90 23.52 27.85 -1.84
N ILE I 91 22.88 28.04 -2.98
CA ILE I 91 21.43 28.26 -3.01
C ILE I 91 20.70 26.99 -2.60
N ILE I 92 21.05 25.86 -3.22
CA ILE I 92 20.39 24.58 -2.93
C ILE I 92 20.62 24.22 -1.47
N LYS I 93 21.87 24.36 -0.99
CA LYS I 93 22.25 24.07 0.42
C LYS I 93 21.45 24.80 1.52
N LYS I 94 21.04 26.04 1.25
CA LYS I 94 20.28 26.83 2.21
C LYS I 94 18.79 26.83 1.90
N ASN I 95 18.41 26.12 0.84
CA ASN I 95 17.02 25.95 0.41
C ASN I 95 16.35 27.28 0.04
N LEU I 96 16.74 27.78 -1.13
CA LEU I 96 16.22 29.03 -1.68
C LEU I 96 15.98 28.91 -3.19
N CYS I 97 15.57 27.73 -3.65
CA CYS I 97 15.38 27.46 -5.08
C CYS I 97 14.15 28.17 -5.68
N ARG I 98 13.15 28.47 -4.83
CA ARG I 98 11.90 29.14 -5.24
C ARG I 98 11.97 30.67 -5.19
N ASN I 99 12.69 31.22 -4.20
CA ASN I 99 12.97 32.66 -4.17
C ASN I 99 13.87 33.04 -5.31
N PHE I 100 14.88 32.21 -5.56
CA PHE I 100 15.70 32.36 -6.76
C PHE I 100 14.82 32.37 -8.03
N MET I 101 13.81 31.50 -8.04
CA MET I 101 12.80 31.48 -9.11
C MET I 101 12.02 32.79 -9.14
N LEU I 102 11.68 33.31 -7.95
CA LEU I 102 11.05 34.63 -7.84
C LEU I 102 11.96 35.78 -8.29
N HIS I 103 13.20 35.77 -7.80
CA HIS I 103 14.24 36.71 -8.24
C HIS I 103 14.30 36.75 -9.77
N LEU I 104 14.37 35.58 -10.39
CA LEU I 104 14.36 35.48 -11.85
C LEU I 104 13.13 36.12 -12.49
N VAL I 105 11.95 35.84 -11.93
CA VAL I 105 10.71 36.39 -12.47
C VAL I 105 10.76 37.91 -12.40
N SER I 106 11.10 38.44 -11.22
CA SER I 106 11.34 39.88 -11.04
C SER I 106 12.23 40.37 -12.18
N MET I 107 13.37 39.73 -12.35
CA MET I 107 14.34 40.13 -13.38
C MET I 107 13.69 40.23 -14.77
N HIS I 108 12.90 39.21 -15.11
CA HIS I 108 12.15 39.19 -16.38
C HIS I 108 11.10 40.29 -16.45
N ASP I 109 10.36 40.46 -15.35
CA ASP I 109 9.44 41.59 -15.21
C ASP I 109 10.12 42.93 -15.45
N PHE I 110 11.35 43.08 -14.95
CA PHE I 110 12.15 44.30 -15.19
C PHE I 110 12.71 44.45 -16.62
N ASN I 111 12.33 43.57 -17.56
CA ASN I 111 12.89 43.56 -18.93
C ASN I 111 14.40 43.34 -18.96
N LEU I 112 14.95 42.69 -17.95
CA LEU I 112 16.40 42.46 -17.87
C LEU I 112 16.82 41.16 -18.51
N ILE I 113 15.96 40.15 -18.49
CA ILE I 113 16.24 38.85 -19.09
C ILE I 113 15.18 38.45 -20.11
N SER I 114 15.58 37.69 -21.12
CA SER I 114 14.62 37.02 -22.00
C SER I 114 13.97 35.84 -21.24
N ILE I 115 12.73 35.53 -21.61
CA ILE I 115 11.97 34.47 -20.93
C ILE I 115 12.66 33.11 -20.99
N MET I 116 13.37 32.85 -22.08
CA MET I 116 14.20 31.65 -22.26
C MET I 116 15.10 31.46 -21.05
N SER I 117 15.66 32.56 -20.56
CA SER I 117 16.62 32.51 -19.45
C SER I 117 16.07 32.03 -18.13
N ILE I 118 14.77 32.16 -17.87
CA ILE I 118 14.21 31.58 -16.63
C ILE I 118 14.46 30.05 -16.69
N ASP I 119 14.05 29.43 -17.79
CA ASP I 119 14.13 27.98 -17.94
C ASP I 119 15.58 27.50 -17.98
N LYS I 120 16.38 28.04 -18.91
CA LYS I 120 17.79 27.66 -19.07
C LYS I 120 18.62 27.91 -17.80
N ALA I 121 18.12 28.72 -16.88
CA ALA I 121 18.74 28.89 -15.55
C ALA I 121 18.15 27.96 -14.46
N VAL I 122 16.83 27.77 -14.42
CA VAL I 122 16.21 26.87 -13.43
C VAL I 122 16.58 25.43 -13.74
N THR I 123 16.68 25.11 -15.02
CA THR I 123 17.29 23.87 -15.45
C THR I 123 18.77 23.77 -14.99
N LYS I 124 19.58 24.78 -15.28
CA LYS I 124 21.01 24.79 -14.83
C LYS I 124 21.17 24.82 -13.31
N LEU I 125 20.13 25.22 -12.58
CA LEU I 125 20.08 25.00 -11.13
C LEU I 125 19.87 23.51 -10.83
N ARG I 126 18.85 22.92 -11.43
CA ARG I 126 18.51 21.53 -11.11
C ARG I 126 19.42 20.51 -11.79
N GLU I 127 20.10 20.91 -12.86
CA GLU I 127 21.14 20.07 -13.49
C GLU I 127 22.36 19.90 -12.58
N MET I 128 22.47 20.76 -11.55
CA MET I 128 23.46 20.58 -10.46
C MET I 128 22.80 20.15 -9.13
N GLN I 129 21.71 19.40 -9.21
CA GLN I 129 21.11 18.73 -8.05
C GLN I 129 21.27 17.23 -8.28
N LYS J 20 -19.72 -41.67 66.43
CA LYS J 20 -18.57 -42.37 65.76
C LYS J 20 -18.89 -43.86 65.53
N GLY J 21 -18.60 -44.36 64.33
CA GLY J 21 -18.83 -45.77 63.98
C GLY J 21 -18.05 -46.20 62.74
N PRO J 22 -17.71 -47.51 62.62
CA PRO J 22 -16.81 -47.94 61.53
C PRO J 22 -17.40 -47.80 60.13
N VAL J 23 -18.58 -48.41 59.92
CA VAL J 23 -19.34 -48.29 58.66
C VAL J 23 -19.94 -46.89 58.48
N CYS J 24 -20.06 -46.14 59.57
CA CYS J 24 -20.55 -44.76 59.55
C CYS J 24 -19.63 -43.83 58.77
N TRP J 25 -18.32 -43.88 59.03
CA TRP J 25 -17.33 -43.09 58.28
C TRP J 25 -17.32 -43.39 56.79
N ARG J 26 -17.48 -44.67 56.42
CA ARG J 26 -17.48 -45.09 55.00
C ARG J 26 -18.70 -44.59 54.23
N LYS J 27 -19.87 -44.71 54.84
CA LYS J 27 -21.13 -44.22 54.26
C LYS J 27 -21.26 -42.69 54.29
N ARG J 28 -20.50 -42.02 55.17
CA ARG J 28 -20.36 -40.54 55.18
C ARG J 28 -19.27 -40.06 54.21
N VAL J 29 -18.22 -40.85 54.03
CA VAL J 29 -17.18 -40.60 53.01
C VAL J 29 -17.76 -40.79 51.60
N LYS J 30 -18.47 -41.91 51.41
CA LYS J 30 -19.09 -42.24 50.12
C LYS J 30 -20.22 -41.25 49.75
N SER J 31 -20.98 -40.77 50.75
CA SER J 31 -21.98 -39.69 50.56
C SER J 31 -21.34 -38.33 50.27
N GLU J 32 -20.14 -38.10 50.83
CA GLU J 32 -19.32 -36.92 50.51
C GLU J 32 -18.80 -37.03 49.08
N TYR J 33 -18.12 -38.16 48.81
CA TYR J 33 -17.50 -38.49 47.51
C TYR J 33 -18.47 -38.36 46.33
N MET J 34 -19.66 -38.94 46.47
CA MET J 34 -20.72 -38.83 45.47
C MET J 34 -21.14 -37.36 45.25
N ARG J 35 -21.27 -36.60 46.34
CA ARG J 35 -21.70 -35.20 46.27
C ARG J 35 -20.69 -34.29 45.56
N LEU J 36 -19.42 -34.47 45.91
CA LEU J 36 -18.33 -33.69 45.30
C LEU J 36 -18.18 -33.93 43.80
N ARG J 37 -18.37 -35.18 43.37
CA ARG J 37 -18.33 -35.53 41.94
C ARG J 37 -19.59 -35.08 41.14
N GLN J 38 -20.56 -34.43 41.80
CA GLN J 38 -21.68 -33.78 41.11
C GLN J 38 -21.43 -32.30 40.85
N LEU J 39 -21.30 -31.49 41.90
CA LEU J 39 -21.16 -30.03 41.76
C LEU J 39 -19.84 -29.58 41.09
N LYS J 40 -18.80 -30.40 41.21
CA LYS J 40 -17.56 -30.21 40.44
C LYS J 40 -17.82 -30.48 38.96
N ARG J 41 -18.55 -31.55 38.66
CA ARG J 41 -18.89 -31.92 37.27
C ARG J 41 -19.69 -30.82 36.55
N PHE J 42 -20.57 -30.11 37.26
CA PHE J 42 -21.39 -29.03 36.65
C PHE J 42 -20.63 -27.70 36.46
N ARG J 43 -19.69 -27.40 37.37
CA ARG J 43 -18.78 -26.28 37.16
C ARG J 43 -17.85 -26.57 35.98
N ARG J 44 -17.21 -27.73 36.02
CA ARG J 44 -16.35 -28.22 34.95
C ARG J 44 -17.10 -28.28 33.62
N ALA J 45 -18.33 -28.81 33.62
CA ALA J 45 -19.13 -28.96 32.39
C ALA J 45 -19.24 -27.66 31.57
N ASP J 46 -19.08 -26.51 32.23
CA ASP J 46 -18.92 -25.25 31.52
C ASP J 46 -17.54 -25.12 30.92
N GLU J 47 -16.50 -25.28 31.74
CA GLU J 47 -15.11 -25.20 31.25
C GLU J 47 -14.83 -26.24 30.15
N VAL J 48 -15.30 -27.48 30.34
CA VAL J 48 -15.07 -28.56 29.37
C VAL J 48 -15.72 -28.21 28.03
N LYS J 49 -16.85 -27.52 28.08
CA LYS J 49 -17.53 -27.05 26.87
C LYS J 49 -16.66 -26.04 26.09
N SER J 50 -15.83 -25.27 26.80
CA SER J 50 -14.83 -24.43 26.14
C SER J 50 -13.64 -25.24 25.64
N MET J 51 -13.27 -26.29 26.38
CA MET J 51 -12.13 -27.15 26.05
C MET J 51 -12.34 -28.03 24.84
N PHE J 52 -13.44 -28.80 24.87
CA PHE J 52 -13.87 -29.55 23.70
C PHE J 52 -13.89 -28.66 22.45
N SER J 53 -14.52 -27.50 22.58
CA SER J 53 -14.66 -26.51 21.51
C SER J 53 -13.30 -26.03 20.99
N SER J 54 -12.44 -25.66 21.94
CA SER J 54 -11.07 -25.25 21.65
C SER J 54 -10.24 -26.36 21.02
N ASN J 55 -10.37 -27.57 21.55
CA ASN J 55 -9.70 -28.76 21.01
C ASN J 55 -10.20 -29.08 19.59
N ARG J 56 -11.52 -29.11 19.43
CA ARG J 56 -12.15 -29.39 18.15
C ARG J 56 -11.65 -28.37 17.10
N GLN J 57 -11.33 -27.14 17.53
CA GLN J 57 -10.66 -26.16 16.65
C GLN J 57 -9.27 -26.62 16.19
N LYS J 58 -8.51 -27.26 17.08
CA LYS J 58 -7.23 -27.84 16.70
C LYS J 58 -7.38 -29.01 15.72
N ILE J 59 -8.41 -29.84 15.93
CA ILE J 59 -8.63 -31.00 15.05
C ILE J 59 -8.91 -30.55 13.63
N LEU J 60 -9.79 -29.56 13.48
CA LEU J 60 -10.10 -28.98 12.18
C LEU J 60 -8.81 -28.51 11.50
N GLU J 61 -8.00 -27.74 12.23
CA GLU J 61 -6.71 -27.22 11.72
C GLU J 61 -5.81 -28.32 11.20
N ARG J 62 -5.70 -29.40 11.98
CA ARG J 62 -4.72 -30.45 11.73
C ARG J 62 -5.19 -31.49 10.73
N THR J 63 -6.45 -31.92 10.81
CA THR J 63 -7.01 -32.75 9.74
C THR J 63 -6.97 -32.01 8.40
N GLU J 64 -7.12 -30.68 8.42
CA GLU J 64 -6.93 -29.87 7.21
C GLU J 64 -5.54 -30.09 6.67
N ILE J 65 -4.53 -29.92 7.51
CA ILE J 65 -3.15 -30.13 7.09
C ILE J 65 -2.95 -31.48 6.42
N LEU J 66 -3.46 -32.54 7.03
CA LEU J 66 -3.33 -33.91 6.50
C LEU J 66 -4.12 -34.20 5.20
N ASN J 67 -5.30 -33.59 5.12
CA ASN J 67 -6.14 -33.64 3.91
C ASN J 67 -5.34 -33.05 2.74
N GLN J 68 -4.70 -31.89 2.99
CA GLN J 68 -3.87 -31.20 2.00
C GLN J 68 -2.65 -32.02 1.60
N GLU J 69 -2.12 -32.79 2.54
CA GLU J 69 -1.06 -33.74 2.23
C GLU J 69 -1.59 -34.89 1.38
N TRP J 70 -2.75 -35.45 1.76
CA TRP J 70 -3.36 -36.54 0.98
C TRP J 70 -3.67 -36.15 -0.46
N LYS J 71 -4.16 -34.93 -0.66
CA LYS J 71 -4.53 -34.49 -2.00
C LYS J 71 -3.38 -34.58 -3.01
N GLN J 72 -2.17 -34.24 -2.61
CA GLN J 72 -1.00 -34.33 -3.50
C GLN J 72 -0.51 -35.78 -3.76
N ARG J 73 -1.17 -36.79 -3.16
CA ARG J 73 -0.89 -38.23 -3.38
C ARG J 73 -1.81 -38.90 -4.43
N ARG J 74 -1.20 -39.54 -5.44
CA ARG J 74 -1.92 -40.35 -6.43
C ARG J 74 -1.49 -41.82 -6.32
N ILE J 75 -2.38 -42.69 -5.83
CA ILE J 75 -1.97 -43.99 -5.26
C ILE J 75 -2.35 -45.23 -6.07
N GLN J 76 -2.92 -45.05 -7.25
CA GLN J 76 -3.21 -46.18 -8.20
C GLN J 76 -3.66 -47.55 -7.63
N PRO J 77 -4.54 -47.54 -6.60
CA PRO J 77 -4.78 -48.76 -5.83
C PRO J 77 -5.65 -49.80 -6.56
N VAL J 78 -6.07 -50.81 -5.80
CA VAL J 78 -7.29 -51.59 -6.08
C VAL J 78 -7.27 -52.51 -7.31
N HIS J 79 -6.17 -53.22 -7.50
CA HIS J 79 -6.10 -54.25 -8.54
C HIS J 79 -6.76 -55.56 -8.01
N ILE J 80 -7.16 -56.44 -8.92
CA ILE J 80 -7.60 -57.84 -8.65
C ILE J 80 -6.90 -58.67 -9.72
N LEU J 81 -6.52 -59.92 -9.45
CA LEU J 81 -5.94 -60.73 -10.54
C LEU J 81 -6.35 -62.21 -10.52
N THR J 82 -6.62 -62.73 -11.73
CA THR J 82 -6.85 -64.17 -12.03
C THR J 82 -6.03 -64.74 -13.24
N SER J 83 -5.40 -63.89 -14.09
CA SER J 83 -4.63 -64.36 -15.28
C SER J 83 -3.09 -64.31 -15.05
N VAL J 84 -2.31 -65.36 -15.39
CA VAL J 84 -2.73 -66.59 -16.12
C VAL J 84 -3.62 -67.54 -15.29
N SER J 85 -4.54 -68.24 -15.96
CA SER J 85 -5.60 -69.07 -15.33
C SER J 85 -5.20 -69.75 -14.02
N SER J 86 -6.02 -69.56 -12.98
CA SER J 86 -5.96 -70.37 -11.77
C SER J 86 -5.84 -71.79 -12.27
N LEU J 87 -4.71 -72.40 -11.98
CA LEU J 87 -4.27 -73.53 -12.78
C LEU J 87 -5.00 -74.82 -12.35
N ARG J 88 -5.94 -74.68 -11.40
CA ARG J 88 -6.35 -75.70 -10.43
C ARG J 88 -5.34 -75.85 -9.29
N GLY J 89 -4.09 -75.48 -9.55
CA GLY J 89 -3.03 -75.56 -8.57
C GLY J 89 -2.96 -74.37 -7.66
N THR J 90 -4.11 -73.97 -7.13
CA THR J 90 -4.18 -72.97 -6.10
C THR J 90 -5.40 -73.34 -5.31
N ARG J 91 -5.42 -72.95 -4.05
CA ARG J 91 -6.56 -73.18 -3.20
C ARG J 91 -7.46 -71.94 -3.27
N GLU J 92 -8.59 -71.98 -2.56
CA GLU J 92 -9.66 -70.97 -2.70
C GLU J 92 -10.17 -70.34 -1.38
N CYS J 93 -10.45 -69.03 -1.42
CA CYS J 93 -11.17 -68.36 -0.35
C CYS J 93 -12.55 -68.13 -0.91
N SER J 94 -13.53 -68.91 -0.45
CA SER J 94 -14.93 -68.68 -0.79
C SER J 94 -15.54 -67.67 0.18
N VAL J 95 -16.31 -66.69 -0.33
CA VAL J 95 -16.96 -65.64 0.53
C VAL J 95 -18.47 -65.46 0.28
N THR J 96 -19.28 -65.94 1.23
CA THR J 96 -20.72 -66.02 1.05
C THR J 96 -21.31 -64.66 1.39
N SER J 97 -22.53 -64.42 0.94
CA SER J 97 -23.24 -63.16 1.21
C SER J 97 -24.67 -63.43 1.66
N ASP J 98 -25.25 -62.46 2.35
CA ASP J 98 -26.67 -62.48 2.74
C ASP J 98 -27.55 -61.64 1.76
N LEU J 99 -26.95 -61.12 0.69
CA LEU J 99 -27.63 -60.24 -0.28
C LEU J 99 -28.36 -60.95 -1.42
N ASP J 100 -28.27 -62.28 -1.52
CA ASP J 100 -28.68 -63.02 -2.73
C ASP J 100 -27.66 -62.85 -3.90
N PHE J 101 -26.67 -61.97 -3.77
CA PHE J 101 -25.59 -61.90 -4.75
C PHE J 101 -24.74 -63.17 -4.60
N PRO J 102 -24.23 -63.74 -5.72
CA PRO J 102 -23.47 -65.00 -5.63
C PRO J 102 -22.31 -64.99 -4.64
N THR J 103 -22.08 -66.13 -4.01
CA THR J 103 -20.83 -66.42 -3.32
C THR J 103 -19.68 -66.14 -4.29
N GLN J 104 -18.61 -65.53 -3.82
CA GLN J 104 -17.44 -65.27 -4.66
C GLN J 104 -16.32 -66.26 -4.34
N VAL J 105 -15.50 -66.55 -5.34
CA VAL J 105 -14.33 -67.37 -5.12
C VAL J 105 -13.11 -66.68 -5.72
N ILE J 106 -11.99 -66.80 -5.01
CA ILE J 106 -10.70 -66.21 -5.36
C ILE J 106 -9.65 -67.31 -5.16
N PRO J 107 -8.55 -67.27 -5.94
CA PRO J 107 -7.40 -68.13 -5.63
C PRO J 107 -6.60 -67.56 -4.44
N LEU J 108 -6.11 -68.44 -3.57
CA LEU J 108 -5.49 -68.02 -2.30
C LEU J 108 -3.99 -67.85 -2.51
N LYS J 109 -3.43 -66.72 -2.11
CA LYS J 109 -2.02 -66.42 -2.35
C LYS J 109 -1.18 -66.78 -1.12
N THR J 110 -0.15 -67.59 -1.27
CA THR J 110 0.59 -68.08 -0.12
C THR J 110 1.71 -67.12 0.24
N LEU J 111 1.75 -66.70 1.50
CA LEU J 111 2.86 -65.97 2.08
C LEU J 111 3.75 -67.03 2.71
N ASN J 112 5.02 -67.03 2.33
CA ASN J 112 5.88 -68.20 2.57
C ASN J 112 6.77 -68.03 3.80
N ALA J 113 6.95 -69.15 4.51
CA ALA J 113 8.11 -69.40 5.37
C ALA J 113 8.84 -68.18 5.89
N VAL J 114 8.60 -67.80 7.14
CA VAL J 114 9.50 -66.85 7.84
C VAL J 114 9.84 -67.34 9.24
N ALA J 115 11.14 -67.31 9.55
CA ALA J 115 11.67 -67.86 10.80
C ALA J 115 11.11 -67.20 12.05
N SER J 116 10.39 -67.99 12.84
CA SER J 116 10.04 -67.59 14.18
C SER J 116 11.29 -67.69 15.04
N VAL J 117 11.52 -66.63 15.81
CA VAL J 117 12.52 -66.61 16.86
C VAL J 117 11.76 -67.10 18.13
N PRO J 118 12.45 -67.64 19.17
CA PRO J 118 11.70 -68.05 20.37
C PRO J 118 11.06 -66.88 21.15
N ILE J 119 10.23 -67.21 22.15
CA ILE J 119 9.49 -66.17 22.90
C ILE J 119 10.43 -65.45 23.86
N MET J 120 10.27 -64.14 23.97
CA MET J 120 11.00 -63.36 24.96
C MET J 120 10.15 -62.17 25.37
N TYR J 121 10.26 -61.76 26.64
CA TYR J 121 9.66 -60.51 27.09
C TYR J 121 10.77 -59.55 27.36
N SER J 122 10.49 -58.27 27.17
CA SER J 122 11.53 -57.25 27.31
C SER J 122 12.00 -57.15 28.76
N TRP J 123 13.18 -56.55 28.91
CA TRP J 123 13.94 -56.44 30.16
C TRP J 123 14.91 -55.28 30.04
N SER J 124 15.27 -54.68 31.18
CA SER J 124 16.28 -53.61 31.22
C SER J 124 17.67 -54.10 31.72
N PRO J 125 18.77 -53.71 31.06
CA PRO J 125 20.02 -54.36 31.39
C PRO J 125 20.54 -53.83 32.71
N LEU J 126 21.28 -54.67 33.45
CA LEU J 126 21.93 -54.30 34.73
C LEU J 126 23.40 -54.72 34.72
N GLN J 127 24.23 -53.95 35.42
CA GLN J 127 25.63 -54.31 35.71
C GLN J 127 25.78 -54.74 37.16
N GLN J 128 25.25 -53.92 38.07
CA GLN J 128 25.15 -54.25 39.49
C GLN J 128 23.69 -54.59 39.76
N ASN J 129 23.45 -55.44 40.74
CA ASN J 129 22.07 -55.73 41.14
C ASN J 129 21.26 -54.49 41.52
N PHE J 130 19.98 -54.68 41.85
CA PHE J 130 19.04 -53.58 41.99
C PHE J 130 18.00 -53.79 43.10
N MET J 131 18.02 -52.97 44.14
CA MET J 131 17.05 -53.06 45.24
C MET J 131 15.75 -52.43 44.75
N VAL J 132 14.64 -53.14 44.97
CA VAL J 132 13.31 -52.72 44.52
C VAL J 132 12.29 -52.92 45.64
N GLU J 133 11.64 -51.85 46.09
CA GLU J 133 10.67 -51.98 47.18
C GLU J 133 9.53 -52.93 46.83
N ASP J 134 8.94 -53.53 47.86
CA ASP J 134 7.72 -54.33 47.71
C ASP J 134 6.57 -53.53 47.03
N GLU J 135 5.85 -54.18 46.11
CA GLU J 135 4.52 -53.71 45.72
C GLU J 135 3.56 -54.48 46.60
N THR J 136 2.71 -53.75 47.32
CA THR J 136 1.71 -54.35 48.21
C THR J 136 0.46 -54.85 47.45
N VAL J 137 0.03 -54.11 46.41
CA VAL J 137 -1.18 -54.40 45.59
C VAL J 137 -0.81 -54.76 44.15
N LEU J 138 -1.10 -55.99 43.71
CA LEU J 138 -0.71 -56.37 42.34
C LEU J 138 -1.59 -55.60 41.41
N HIS J 139 -0.96 -54.97 40.43
CA HIS J 139 -1.67 -54.00 39.60
C HIS J 139 -2.15 -54.54 38.26
N ASN J 140 -2.35 -55.85 38.19
CA ASN J 140 -2.55 -56.52 36.94
C ASN J 140 -3.00 -57.94 37.19
N ILE J 141 -4.09 -58.37 36.57
CA ILE J 141 -4.40 -59.78 36.64
C ILE J 141 -3.80 -60.40 35.39
N PRO J 142 -2.85 -61.35 35.53
CA PRO J 142 -2.21 -61.84 34.30
C PRO J 142 -3.19 -62.61 33.45
N TYR J 143 -3.26 -62.30 32.16
CA TYR J 143 -4.12 -63.07 31.26
C TYR J 143 -3.38 -64.32 30.79
N MET J 144 -3.86 -65.48 31.25
CA MET J 144 -3.66 -66.74 30.54
C MET J 144 -4.99 -67.45 30.29
N GLY J 145 -6.08 -66.94 30.87
CA GLY J 145 -7.20 -67.78 31.30
C GLY J 145 -8.22 -68.30 30.30
N ASP J 146 -8.22 -67.77 29.07
CA ASP J 146 -9.29 -68.09 28.11
C ASP J 146 -9.21 -69.51 27.54
N GLU J 147 -8.16 -69.80 26.74
CA GLU J 147 -7.88 -71.18 26.27
C GLU J 147 -7.71 -72.20 27.42
N VAL J 148 -7.46 -71.69 28.64
CA VAL J 148 -7.52 -72.45 29.90
C VAL J 148 -8.97 -72.76 30.38
N LEU J 149 -9.93 -71.87 30.11
CA LEU J 149 -11.37 -72.08 30.44
C LEU J 149 -11.67 -72.14 31.96
N ASP J 150 -11.17 -71.15 32.71
CA ASP J 150 -11.45 -71.00 34.17
C ASP J 150 -10.95 -72.15 35.06
N GLN J 151 -10.02 -72.98 34.56
CA GLN J 151 -9.62 -74.22 35.25
C GLN J 151 -8.12 -74.21 35.58
N ASP J 152 -7.70 -74.32 36.85
CA ASP J 152 -8.58 -74.43 38.05
C ASP J 152 -8.88 -73.04 38.60
N GLY J 153 -10.15 -72.76 38.89
CA GLY J 153 -10.57 -71.48 39.49
C GLY J 153 -9.84 -71.10 40.78
N THR J 154 -9.28 -72.10 41.46
CA THR J 154 -8.42 -71.94 42.65
C THR J 154 -7.24 -70.95 42.52
N PHE J 155 -6.52 -70.99 41.39
CA PHE J 155 -5.25 -70.25 41.27
C PHE J 155 -5.42 -68.73 41.37
N ILE J 156 -6.38 -68.19 40.61
CA ILE J 156 -6.67 -66.76 40.60
C ILE J 156 -7.18 -66.29 41.97
N GLU J 157 -7.86 -67.18 42.68
CA GLU J 157 -8.29 -66.88 44.04
C GLU J 157 -7.10 -66.81 45.00
N GLU J 158 -6.18 -67.77 44.92
CA GLU J 158 -4.98 -67.78 45.78
C GLU J 158 -3.93 -66.72 45.39
N LEU J 159 -3.88 -66.33 44.11
CA LEU J 159 -2.98 -65.24 43.66
C LEU J 159 -3.42 -63.87 44.16
N ILE J 160 -4.73 -63.63 44.15
CA ILE J 160 -5.31 -62.42 44.74
C ILE J 160 -5.09 -62.40 46.25
N LYS J 161 -5.13 -63.58 46.88
CA LYS J 161 -4.91 -63.70 48.33
C LYS J 161 -3.55 -63.18 48.79
N ASN J 162 -2.47 -63.59 48.12
CA ASN J 162 -1.11 -63.16 48.52
C ASN J 162 -0.87 -61.65 48.47
N TYR J 163 -1.70 -60.91 47.75
CA TYR J 163 -1.70 -59.45 47.82
C TYR J 163 -2.85 -58.92 48.74
N ASP J 164 -3.21 -59.70 49.79
CA ASP J 164 -4.27 -59.35 50.76
C ASP J 164 -5.64 -59.00 50.14
N GLY J 165 -5.96 -59.59 49.00
CA GLY J 165 -7.18 -59.26 48.26
C GLY J 165 -7.17 -57.87 47.63
N LYS J 166 -5.99 -57.33 47.38
CA LYS J 166 -5.83 -56.00 46.81
C LYS J 166 -5.27 -56.09 45.40
N VAL J 167 -6.15 -55.94 44.41
CA VAL J 167 -5.77 -55.82 43.03
C VAL J 167 -6.22 -54.46 42.55
N HIS J 168 -5.40 -53.82 41.73
CA HIS J 168 -5.72 -52.49 41.23
C HIS J 168 -6.63 -52.69 40.02
N GLY J 169 -7.84 -52.11 39.94
CA GLY J 169 -8.53 -51.32 40.99
C GLY J 169 -9.81 -51.99 41.48
N ASP J 170 -9.73 -52.60 42.67
CA ASP J 170 -10.82 -53.43 43.26
C ASP J 170 -11.54 -52.65 44.37
N ARG J 171 -12.61 -51.95 43.99
CA ARG J 171 -13.29 -50.96 44.85
C ARG J 171 -14.81 -50.97 44.68
N GLU J 172 -15.53 -50.42 45.67
CA GLU J 172 -16.92 -50.02 45.46
C GLU J 172 -16.93 -48.63 44.83
N CYS J 173 -16.04 -47.76 45.30
CA CYS J 173 -15.84 -46.44 44.70
C CYS J 173 -15.18 -46.57 43.32
N GLY J 174 -15.83 -46.05 42.29
CA GLY J 174 -15.32 -46.16 40.93
C GLY J 174 -14.03 -45.41 40.74
N PHE J 175 -14.14 -44.09 40.60
CA PHE J 175 -13.04 -43.24 40.15
C PHE J 175 -12.31 -42.59 41.30
N ILE J 176 -11.07 -42.19 41.07
CA ILE J 176 -10.38 -41.22 41.95
C ILE J 176 -9.14 -40.62 41.29
N ASN J 177 -8.87 -39.36 41.65
CA ASN J 177 -7.73 -38.59 41.16
C ASN J 177 -7.21 -37.68 42.29
N ASP J 178 -5.97 -37.20 42.13
CA ASP J 178 -5.33 -36.26 43.07
C ASP J 178 -6.17 -35.05 43.48
N GLU J 179 -6.73 -34.33 42.51
CA GLU J 179 -7.55 -33.13 42.79
C GLU J 179 -8.89 -33.43 43.50
N ILE J 180 -9.50 -34.58 43.21
CA ILE J 180 -10.69 -35.09 43.95
C ILE J 180 -10.31 -35.71 45.31
N PHE J 181 -9.07 -36.21 45.43
CA PHE J 181 -8.53 -36.73 46.69
C PHE J 181 -8.25 -35.65 47.76
N VAL J 182 -7.69 -34.51 47.35
CA VAL J 182 -7.45 -33.39 48.27
C VAL J 182 -8.78 -32.79 48.71
N GLU J 183 -9.73 -32.65 47.78
CA GLU J 183 -11.08 -32.13 48.07
C GLU J 183 -11.91 -33.04 48.97
N LEU J 184 -11.83 -34.36 48.74
CA LEU J 184 -12.51 -35.34 49.61
C LEU J 184 -11.93 -35.31 51.03
N VAL J 185 -10.60 -35.31 51.13
CA VAL J 185 -9.89 -35.15 52.41
C VAL J 185 -10.22 -33.77 53.05
N ASN J 186 -10.31 -32.75 52.21
CA ASN J 186 -10.74 -31.42 52.65
C ASN J 186 -12.20 -31.43 53.14
N ALA J 187 -13.10 -32.01 52.36
CA ALA J 187 -14.54 -32.09 52.68
C ALA J 187 -14.88 -33.08 53.80
N LEU J 188 -13.99 -34.05 54.01
CA LEU J 188 -14.07 -34.96 55.14
C LEU J 188 -13.56 -34.28 56.42
N GLY J 189 -12.63 -33.34 56.28
CA GLY J 189 -12.14 -32.51 57.39
C GLY J 189 -13.15 -31.50 57.93
N GLN J 190 -13.91 -30.87 57.03
CA GLN J 190 -15.01 -29.95 57.40
C GLN J 190 -16.14 -30.70 58.12
N TYR J 191 -16.59 -31.80 57.50
CA TYR J 191 -17.68 -32.63 58.02
C TYR J 191 -17.52 -32.95 59.52
N ASN J 192 -16.46 -33.68 59.85
CA ASN J 192 -16.09 -34.00 61.24
C ASN J 192 -17.17 -34.85 61.92
N GLU J 193 -16.69 -32.22 66.57
CA GLU J 193 -15.88 -31.04 66.84
C GLU J 193 -14.51 -31.10 66.16
N SER J 194 -13.98 -29.94 65.83
CA SER J 194 -12.59 -29.80 65.38
C SER J 194 -11.72 -29.47 66.61
N ARG J 195 -10.39 -29.62 66.59
CA ARG J 195 -9.57 -30.00 65.43
C ARG J 195 -8.75 -31.27 65.69
N PRO J 196 -8.30 -31.95 64.62
CA PRO J 196 -7.20 -32.92 64.77
C PRO J 196 -5.76 -32.36 64.99
N PRO J 197 -5.27 -31.38 64.18
CA PRO J 197 -5.77 -30.71 62.95
C PRO J 197 -5.47 -31.45 61.64
N ARG J 198 -4.54 -32.42 61.65
CA ARG J 198 -4.37 -33.32 60.51
C ARG J 198 -3.70 -34.63 60.93
N SER J 202 -7.89 -35.81 60.27
CA SER J 202 -7.77 -36.79 61.35
C SER J 202 -6.84 -37.93 60.96
N ASP J 203 -6.45 -38.71 61.96
CA ASP J 203 -5.71 -39.96 61.77
C ASP J 203 -6.62 -41.20 61.88
N LYS J 204 -7.95 -40.97 62.01
CA LYS J 204 -8.95 -42.03 61.88
C LYS J 204 -9.50 -42.14 60.45
N ILE J 205 -9.66 -41.01 59.76
CA ILE J 205 -10.30 -40.98 58.44
C ILE J 205 -9.50 -41.69 57.32
N PHE J 206 -8.17 -41.66 57.42
CA PHE J 206 -7.32 -42.35 56.45
C PHE J 206 -7.46 -43.87 56.42
N GLU J 207 -8.02 -44.45 57.49
CA GLU J 207 -8.46 -45.85 57.47
C GLU J 207 -9.82 -46.03 56.77
N ALA J 208 -10.71 -45.05 56.93
CA ALA J 208 -12.05 -45.07 56.30
C ALA J 208 -12.05 -44.89 54.78
N ILE J 209 -11.08 -44.14 54.25
CA ILE J 209 -10.90 -44.00 52.78
C ILE J 209 -10.02 -45.11 52.16
N SER J 210 -9.14 -45.74 52.93
CA SER J 210 -8.37 -46.91 52.45
C SER J 210 -9.20 -48.20 52.39
N SER J 211 -10.30 -48.24 53.14
CA SER J 211 -11.29 -49.31 53.02
C SER J 211 -12.01 -49.26 51.68
N MET J 212 -12.49 -48.07 51.32
CA MET J 212 -13.19 -47.85 50.04
C MET J 212 -12.24 -47.85 48.82
N PHE J 213 -10.93 -47.80 49.03
CA PHE J 213 -9.92 -47.80 47.95
C PHE J 213 -8.70 -48.69 48.27
N PRO J 214 -8.86 -50.03 48.30
CA PRO J 214 -7.74 -50.98 48.61
C PRO J 214 -6.40 -50.78 47.85
N ASP J 215 -6.47 -50.48 46.55
CA ASP J 215 -5.27 -50.20 45.71
C ASP J 215 -4.56 -48.85 45.95
N LYS J 216 -5.25 -47.94 46.64
CA LYS J 216 -4.66 -46.72 47.17
C LYS J 216 -4.13 -46.94 48.60
N GLY J 217 -4.81 -47.79 49.39
CA GLY J 217 -4.41 -48.13 50.78
C GLY J 217 -3.00 -48.68 50.87
N THR J 218 -2.37 -48.70 52.05
CA THR J 218 -2.99 -48.59 53.37
C THR J 218 -3.33 -47.16 53.79
N ALA J 219 -3.83 -47.02 55.02
CA ALA J 219 -4.09 -45.73 55.65
C ALA J 219 -2.86 -44.83 55.76
N GLU J 220 -1.75 -45.41 56.21
CA GLU J 220 -0.49 -44.66 56.39
C GLU J 220 0.17 -44.25 55.06
N GLU J 221 -0.10 -45.00 53.99
CA GLU J 221 0.33 -44.59 52.64
C GLU J 221 -0.40 -43.34 52.15
N LEU J 222 -1.69 -43.23 52.46
CA LEU J 222 -2.55 -42.11 52.01
C LEU J 222 -2.37 -40.82 52.84
N LYS J 223 -2.09 -40.98 54.13
CA LYS J 223 -1.68 -39.86 54.98
C LYS J 223 -0.39 -39.22 54.43
N GLU J 224 0.55 -40.05 53.97
CA GLU J 224 1.84 -39.59 53.43
C GLU J 224 1.67 -39.00 51.99
N LYS J 225 0.74 -39.55 51.19
CA LYS J 225 0.38 -38.98 49.87
C LYS J 225 -0.34 -37.64 50.00
N TYR J 226 -1.19 -37.51 51.03
CA TYR J 226 -1.86 -36.25 51.36
C TYR J 226 -0.85 -35.15 51.75
N LYS J 227 0.22 -35.53 52.46
CA LYS J 227 1.31 -34.60 52.84
C LYS J 227 2.06 -34.04 51.62
N GLU J 228 2.52 -34.93 50.75
CA GLU J 228 3.33 -34.56 49.57
C GLU J 228 2.58 -33.69 48.55
N LEU J 229 1.26 -33.87 48.47
CA LEU J 229 0.42 -33.12 47.53
C LEU J 229 0.21 -31.68 48.04
N THR J 230 -0.17 -31.53 49.31
CA THR J 230 -0.34 -30.19 49.93
C THR J 230 1.03 -29.54 50.23
N GLN J 231 1.33 -28.44 49.55
CA GLN J 231 2.64 -27.78 49.61
C GLN J 231 2.57 -26.42 50.32
N PRO J 239 8.66 -23.21 53.60
CA PRO J 239 9.46 -24.32 53.08
C PRO J 239 10.42 -25.05 54.05
N PRO J 240 10.09 -25.15 55.37
CA PRO J 240 10.80 -26.14 56.23
C PRO J 240 10.46 -27.64 55.95
N GLU J 241 11.36 -28.61 56.24
CA GLU J 241 12.70 -28.44 56.82
C GLU J 241 13.80 -28.57 55.75
N CYS J 242 14.11 -27.44 55.09
CA CYS J 242 15.12 -27.33 54.04
C CYS J 242 16.28 -26.47 54.53
N THR J 243 17.22 -26.21 53.63
CA THR J 243 18.21 -25.15 53.78
C THR J 243 18.43 -24.51 52.41
N PRO J 244 18.28 -23.18 52.30
CA PRO J 244 18.51 -22.58 50.99
C PRO J 244 19.96 -22.68 50.48
N ASN J 245 20.14 -22.19 49.26
CA ASN J 245 21.39 -22.30 48.54
C ASN J 245 22.48 -21.42 49.15
N ILE J 246 23.61 -22.03 49.51
CA ILE J 246 24.81 -21.29 49.92
C ILE J 246 25.38 -20.51 48.72
N ASP J 247 25.54 -21.17 47.57
CA ASP J 247 25.76 -20.45 46.30
C ASP J 247 24.40 -19.94 45.85
N GLY J 248 23.85 -18.95 46.55
CA GLY J 248 22.47 -18.53 46.34
C GLY J 248 22.16 -17.08 46.63
N PRO J 249 20.99 -16.60 46.13
CA PRO J 249 20.49 -15.29 46.47
C PRO J 249 19.42 -15.39 47.55
N ASN J 250 19.42 -16.49 48.31
CA ASN J 250 18.57 -16.62 49.49
C ASN J 250 19.31 -17.33 50.63
N ALA J 251 20.63 -17.14 50.68
CA ALA J 251 21.50 -17.87 51.60
C ALA J 251 21.30 -17.45 53.06
N LYS J 252 20.50 -18.24 53.79
CA LYS J 252 20.36 -18.08 55.22
C LYS J 252 21.67 -18.54 55.91
N SER J 253 22.06 -17.84 56.99
CA SER J 253 23.18 -18.27 57.83
C SER J 253 22.70 -19.43 58.70
N VAL J 254 23.43 -20.55 58.70
CA VAL J 254 22.99 -21.79 59.35
C VAL J 254 24.16 -22.58 59.97
N GLN J 255 23.84 -23.39 60.99
CA GLN J 255 24.81 -24.27 61.67
C GLN J 255 25.55 -25.22 60.73
N ARG J 256 26.61 -25.83 61.23
CA ARG J 256 27.35 -26.82 60.48
C ARG J 256 26.49 -28.04 60.12
N GLU J 257 25.67 -28.50 61.06
CA GLU J 257 24.91 -29.74 60.84
C GLU J 257 23.80 -29.61 59.81
N GLN J 258 23.10 -28.47 59.79
CA GLN J 258 21.96 -28.29 58.88
C GLN J 258 22.42 -27.96 57.45
N SER J 259 23.51 -27.20 57.32
CA SER J 259 24.11 -26.93 56.00
C SER J 259 24.48 -28.22 55.28
N LEU J 260 25.09 -29.16 56.03
CA LEU J 260 25.47 -30.51 55.52
C LEU J 260 24.45 -31.61 55.85
N HIS J 261 23.18 -31.25 56.06
CA HIS J 261 22.15 -32.25 56.40
C HIS J 261 21.75 -33.10 55.20
N SER J 262 21.52 -32.46 54.05
CA SER J 262 21.30 -33.13 52.78
C SER J 262 22.40 -34.12 52.46
N PHE J 263 23.65 -33.70 52.67
CA PHE J 263 24.78 -34.52 52.27
C PHE J 263 24.95 -35.71 53.23
N HIS J 264 25.02 -35.44 54.52
CA HIS J 264 25.19 -36.51 55.53
C HIS J 264 24.06 -37.50 55.49
N THR J 265 22.84 -36.99 55.41
CA THR J 265 21.68 -37.83 55.57
C THR J 265 21.52 -38.84 54.41
N LEU J 266 21.97 -38.44 53.21
CA LEU J 266 21.54 -39.03 51.94
C LEU J 266 22.65 -39.85 51.22
N PHE J 267 23.90 -39.38 51.31
CA PHE J 267 25.10 -40.11 50.85
C PHE J 267 25.13 -41.58 51.32
N CYS J 268 25.84 -42.42 50.57
CA CYS J 268 26.06 -43.83 50.93
C CYS J 268 27.55 -44.06 50.98
N ARG J 269 28.04 -44.31 52.18
CA ARG J 269 29.44 -44.67 52.44
C ARG J 269 29.95 -45.84 51.56
N ARG J 270 29.10 -46.83 51.32
CA ARG J 270 29.51 -48.14 50.75
C ARG J 270 29.80 -48.09 49.23
N CYS J 271 28.94 -47.41 48.49
CA CYS J 271 29.06 -47.29 47.04
C CYS J 271 29.28 -45.85 46.55
N PHE J 272 29.33 -44.87 47.45
CA PHE J 272 29.78 -43.49 47.13
C PHE J 272 28.74 -42.61 46.42
N LYS J 273 27.52 -43.12 46.25
CA LYS J 273 26.48 -42.40 45.49
C LYS J 273 25.46 -41.88 46.46
N TYR J 274 24.91 -40.69 46.18
CA TYR J 274 23.77 -40.13 46.90
C TYR J 274 22.48 -40.85 46.47
N ASP J 275 21.75 -41.40 47.46
CA ASP J 275 20.52 -42.17 47.21
C ASP J 275 20.88 -43.24 46.20
N CYS J 276 21.52 -44.27 46.73
CA CYS J 276 21.98 -45.38 45.92
C CYS J 276 20.83 -46.30 45.65
N PHE J 277 21.06 -47.18 44.69
CA PHE J 277 20.05 -48.11 44.26
C PHE J 277 20.20 -49.39 44.99
N LEU J 278 21.30 -49.55 45.72
CA LEU J 278 21.69 -50.85 46.24
C LEU J 278 21.47 -51.05 47.77
N HIS J 279 21.43 -49.97 48.56
CA HIS J 279 21.47 -50.05 50.03
C HIS J 279 20.34 -49.25 50.74
N PRO J 280 19.40 -49.96 51.40
CA PRO J 280 18.17 -49.31 51.86
C PRO J 280 18.27 -48.44 53.13
N PHE J 281 19.42 -48.48 53.83
CA PHE J 281 19.57 -47.80 55.13
C PHE J 281 20.60 -46.67 55.06
N HIS J 282 20.32 -45.58 55.78
CA HIS J 282 21.08 -44.33 55.66
C HIS J 282 22.43 -44.46 56.38
N ALA J 283 23.18 -43.35 56.50
CA ALA J 283 24.36 -43.28 57.38
C ALA J 283 24.02 -43.70 58.83
N THR J 284 25.05 -44.09 59.58
CA THR J 284 24.85 -44.93 60.76
C THR J 284 24.69 -44.35 62.20
N PRO J 285 24.89 -43.03 62.44
CA PRO J 285 25.43 -41.89 61.70
C PRO J 285 26.85 -41.50 62.11
N ASN J 286 27.46 -42.24 63.04
CA ASN J 286 28.84 -41.98 63.45
C ASN J 286 29.84 -42.16 62.31
N THR J 287 29.43 -42.77 61.20
CA THR J 287 30.26 -42.91 60.01
C THR J 287 30.63 -41.58 59.32
N TYR J 288 29.81 -40.54 59.51
CA TYR J 288 30.18 -39.18 59.07
C TYR J 288 30.78 -38.31 60.19
N LYS J 289 31.26 -38.95 61.25
CA LYS J 289 32.04 -38.30 62.31
C LYS J 289 33.46 -38.86 62.25
N ARG J 290 34.42 -37.99 61.93
CA ARG J 290 35.82 -38.39 61.79
C ARG J 290 36.47 -38.53 63.19
N LYS J 291 37.80 -38.69 63.23
CA LYS J 291 38.57 -38.64 64.49
C LYS J 291 39.04 -37.17 64.74
N ASN J 292 39.12 -36.73 66.01
CA ASN J 292 39.47 -35.32 66.35
C ASN J 292 40.91 -34.93 66.00
N THR J 293 41.84 -35.86 66.19
CA THR J 293 43.18 -35.78 65.62
C THR J 293 43.00 -36.24 64.14
N GLU J 294 43.78 -35.76 63.17
CA GLU J 294 45.10 -35.14 63.35
C GLU J 294 45.22 -33.80 62.61
N THR J 295 46.22 -32.97 62.93
CA THR J 295 47.11 -33.13 64.10
C THR J 295 46.95 -32.00 65.14
N ALA J 296 46.48 -30.82 64.71
CA ALA J 296 46.40 -29.60 65.54
C ALA J 296 47.77 -28.87 65.67
N LEU J 297 48.53 -28.77 64.56
CA LEU J 297 49.96 -28.34 64.58
C LEU J 297 50.19 -26.81 64.40
N ASP J 298 51.30 -26.34 64.98
CA ASP J 298 51.84 -24.98 64.73
C ASP J 298 52.36 -24.86 63.29
N ASN J 299 51.82 -23.88 62.56
CA ASN J 299 52.30 -23.56 61.21
C ASN J 299 52.08 -22.08 60.92
N LYS J 300 53.17 -21.30 61.00
CA LYS J 300 53.12 -19.85 60.88
C LYS J 300 54.36 -19.30 60.21
N PRO J 301 54.26 -18.10 59.58
CA PRO J 301 53.13 -17.14 59.49
C PRO J 301 52.03 -17.56 58.48
N CYS J 302 51.20 -16.61 58.04
CA CYS J 302 50.20 -16.88 56.98
C CYS J 302 50.84 -17.25 55.62
N GLY J 303 51.62 -16.37 54.98
CA GLY J 303 51.93 -14.97 55.38
C GLY J 303 51.41 -13.97 54.34
N PRO J 304 51.52 -12.65 54.62
CA PRO J 304 51.89 -11.99 55.88
C PRO J 304 50.74 -11.31 56.69
N GLN J 305 49.52 -11.17 56.15
CA GLN J 305 48.40 -10.51 56.89
C GLN J 305 47.56 -11.50 57.73
N CYS J 306 48.26 -12.10 58.69
CA CYS J 306 47.82 -13.28 59.44
C CYS J 306 46.82 -12.90 60.56
N TYR J 307 46.65 -13.82 61.51
CA TYR J 307 45.92 -13.59 62.79
C TYR J 307 46.93 -13.34 63.92
N GLN J 308 47.81 -12.36 63.70
CA GLN J 308 49.07 -12.20 64.45
C GLN J 308 49.12 -10.89 65.26
N HIS J 309 50.21 -10.62 65.99
CA HIS J 309 51.15 -11.61 66.57
C HIS J 309 51.21 -11.47 68.10
N LEU J 310 50.31 -10.67 68.67
CA LEU J 310 50.34 -10.32 70.10
C LEU J 310 49.70 -11.46 70.88
N GLU J 311 49.77 -11.41 72.21
CA GLU J 311 49.17 -12.48 73.04
C GLU J 311 47.73 -12.63 72.62
N GLY J 312 47.36 -13.85 72.24
CA GLY J 312 46.00 -14.17 71.81
C GLY J 312 45.90 -14.60 70.37
N ALA J 313 46.86 -14.17 69.55
CA ALA J 313 47.06 -14.74 68.21
C ALA J 313 47.05 -16.27 68.29
N LYS J 314 48.14 -16.86 68.79
CA LYS J 314 48.26 -18.32 68.91
C LYS J 314 47.83 -18.88 70.27
N GLU J 315 47.39 -18.00 71.18
CA GLU J 315 47.09 -18.38 72.57
C GLU J 315 45.63 -18.20 73.03
N PHE J 316 44.81 -17.44 72.30
CA PHE J 316 43.40 -17.21 72.70
C PHE J 316 42.43 -18.13 71.95
N ALA J 317 42.72 -18.41 70.68
CA ALA J 317 42.03 -19.46 69.93
C ALA J 317 42.31 -20.82 70.58
N ALA J 318 43.59 -21.10 70.83
CA ALA J 318 44.03 -22.32 71.53
C ALA J 318 43.58 -22.39 72.99
N ALA J 319 43.36 -21.22 73.61
CA ALA J 319 42.67 -21.12 74.91
C ALA J 319 41.18 -21.43 74.76
N LEU J 320 40.50 -20.74 73.84
CA LEU J 320 39.05 -20.90 73.64
C LEU J 320 38.61 -22.32 73.38
N THR J 321 39.32 -23.00 72.47
CA THR J 321 39.09 -24.42 72.19
C THR J 321 39.41 -25.26 73.44
N ALA J 322 40.44 -24.86 74.20
CA ALA J 322 40.74 -25.46 75.51
C ALA J 322 39.70 -25.13 76.60
N GLU J 323 39.10 -23.94 76.52
CA GLU J 323 37.97 -23.56 77.37
C GLU J 323 36.65 -24.21 76.90
N ARG J 324 36.62 -24.63 75.63
CA ARG J 324 35.50 -25.37 75.03
C ARG J 324 35.51 -26.86 75.39
N ILE J 325 36.65 -27.53 75.18
CA ILE J 325 36.81 -28.98 75.42
C ILE J 325 36.48 -29.44 76.86
N LYS J 326 36.73 -28.57 77.85
CA LYS J 326 36.53 -28.91 79.27
C LYS J 326 35.09 -29.31 79.63
N THR J 327 34.94 -30.54 80.14
CA THR J 327 33.67 -31.03 80.69
C THR J 327 33.92 -32.29 81.54
N PRO J 371 43.77 -13.14 76.64
CA PRO J 371 44.59 -12.46 75.64
C PRO J 371 43.77 -11.91 74.44
N ASN J 372 44.47 -11.24 73.51
CA ASN J 372 43.90 -10.57 72.30
C ASN J 372 43.70 -9.06 72.60
N ILE J 373 44.77 -8.27 72.43
CA ILE J 373 44.79 -6.83 72.81
C ILE J 373 44.43 -5.85 71.66
N GLU J 374 44.79 -6.18 70.41
CA GLU J 374 44.46 -5.34 69.24
C GLU J 374 42.94 -5.42 68.91
N PRO J 375 42.28 -4.29 68.55
CA PRO J 375 40.85 -4.33 68.19
C PRO J 375 40.56 -5.03 66.84
N PRO J 376 39.38 -5.68 66.70
CA PRO J 376 39.09 -6.48 65.50
C PRO J 376 38.76 -5.62 64.27
N GLU J 377 39.30 -5.99 63.11
CA GLU J 377 39.03 -5.31 61.82
C GLU J 377 37.54 -5.31 61.44
N ASN J 378 37.11 -4.24 60.74
CA ASN J 378 35.69 -3.97 60.43
C ASN J 378 35.30 -4.43 59.02
N VAL J 379 34.73 -5.64 58.92
CA VAL J 379 34.27 -6.26 57.65
C VAL J 379 32.83 -6.78 57.89
N GLU J 380 32.18 -7.29 56.84
CA GLU J 380 30.79 -7.76 56.94
C GLU J 380 30.66 -9.17 56.34
N TRP J 381 30.14 -10.10 57.14
CA TRP J 381 30.02 -11.51 56.76
C TRP J 381 28.64 -11.83 56.19
N SER J 382 28.61 -12.36 54.96
CA SER J 382 27.34 -12.76 54.33
C SER J 382 26.80 -14.06 54.95
N GLY J 383 25.53 -14.37 54.67
CA GLY J 383 24.90 -15.61 55.15
C GLY J 383 25.59 -16.87 54.65
N ALA J 384 26.12 -16.82 53.43
CA ALA J 384 26.92 -17.90 52.84
C ALA J 384 28.18 -18.19 53.65
N GLU J 385 29.03 -17.17 53.78
CA GLU J 385 30.34 -17.29 54.44
C GLU J 385 30.24 -17.83 55.87
N ALA J 386 29.20 -17.43 56.59
CA ALA J 386 29.01 -17.81 58.00
C ALA J 386 28.74 -19.30 58.19
N SER J 387 27.82 -19.83 57.40
CA SER J 387 27.53 -21.27 57.39
C SER J 387 28.72 -22.06 56.86
N MET J 388 29.38 -21.52 55.83
CA MET J 388 30.61 -22.08 55.27
C MET J 388 31.76 -22.09 56.30
N PHE J 389 31.85 -21.02 57.12
CA PHE J 389 32.80 -20.98 58.24
C PHE J 389 32.45 -22.05 59.26
N ARG J 390 31.21 -22.02 59.72
CA ARG J 390 30.68 -22.98 60.69
C ARG J 390 30.92 -24.43 60.30
N VAL J 391 30.76 -24.71 59.01
CA VAL J 391 31.17 -25.97 58.44
C VAL J 391 32.68 -26.15 58.58
N LEU J 392 33.45 -25.22 58.03
CA LEU J 392 34.90 -25.35 57.98
C LEU J 392 35.58 -25.55 59.36
N ILE J 393 35.08 -24.89 60.42
CA ILE J 393 35.63 -25.10 61.80
C ILE J 393 35.23 -26.41 62.49
N GLY J 394 34.23 -27.11 61.97
CA GLY J 394 34.00 -28.50 62.33
C GLY J 394 35.01 -29.44 61.67
N THR J 395 35.48 -29.11 60.47
CA THR J 395 36.44 -29.93 59.72
C THR J 395 37.90 -29.40 59.65
N TYR J 396 38.15 -28.15 60.06
CA TYR J 396 39.52 -27.61 60.14
C TYR J 396 40.08 -27.35 61.57
N TYR J 397 39.18 -27.17 62.55
CA TYR J 397 39.53 -27.08 63.97
C TYR J 397 40.49 -25.94 64.26
N ASP J 398 39.99 -24.73 63.98
CA ASP J 398 40.71 -23.48 64.26
C ASP J 398 42.06 -23.37 63.50
N ASN J 399 42.09 -23.88 62.28
CA ASN J 399 43.22 -23.71 61.35
C ASN J 399 42.80 -22.57 60.43
N PHE J 400 42.75 -21.37 60.99
CA PHE J 400 42.21 -20.20 60.28
C PHE J 400 43.04 -19.87 59.03
N CYS J 401 44.34 -20.21 59.05
CA CYS J 401 45.22 -20.16 57.87
C CYS J 401 44.51 -20.75 56.66
N ALA J 402 44.08 -22.01 56.80
CA ALA J 402 43.36 -22.73 55.73
C ALA J 402 41.87 -22.37 55.60
N ILE J 403 41.21 -21.95 56.70
CA ILE J 403 39.81 -21.50 56.63
C ILE J 403 39.66 -20.26 55.74
N ALA J 404 40.56 -19.30 55.90
CA ALA J 404 40.57 -18.09 55.06
C ALA J 404 40.87 -18.41 53.59
N ARG J 405 41.89 -19.24 53.37
CA ARG J 405 42.26 -19.77 52.05
C ARG J 405 41.06 -20.43 51.34
N LEU J 406 40.28 -21.22 52.08
CA LEU J 406 39.14 -21.98 51.51
C LEU J 406 37.84 -21.20 51.42
N ILE J 407 37.56 -20.32 52.38
CA ILE J 407 36.46 -19.36 52.22
C ILE J 407 36.77 -18.46 51.02
N GLY J 408 38.02 -18.03 50.91
CA GLY J 408 38.51 -17.33 49.72
C GLY J 408 38.32 -15.82 49.67
N THR J 409 37.24 -15.34 50.29
CA THR J 409 36.82 -13.92 50.23
C THR J 409 37.29 -13.08 51.46
N LYS J 410 37.90 -13.76 52.44
CA LYS J 410 38.45 -13.13 53.63
C LYS J 410 39.98 -13.33 53.65
N THR J 411 40.60 -12.93 54.76
CA THR J 411 41.98 -13.28 55.08
C THR J 411 41.99 -13.84 56.52
N CYS J 412 43.11 -14.46 56.90
CA CYS J 412 43.23 -15.15 58.20
C CYS J 412 42.95 -14.24 59.39
N ARG J 413 43.36 -12.97 59.23
CA ARG J 413 42.98 -11.88 60.13
C ARG J 413 41.46 -11.84 60.44
N GLN J 414 40.61 -11.95 59.40
CA GLN J 414 39.13 -11.86 59.56
C GLN J 414 38.45 -13.12 60.08
N VAL J 415 38.92 -14.28 59.66
CA VAL J 415 38.41 -15.56 60.14
C VAL J 415 38.50 -15.62 61.67
N TYR J 416 39.63 -15.16 62.20
CA TYR J 416 39.86 -15.07 63.65
C TYR J 416 38.94 -14.05 64.35
N GLU J 417 38.59 -12.95 63.69
CA GLU J 417 37.68 -11.92 64.24
C GLU J 417 36.25 -12.37 64.41
N PHE J 418 35.75 -13.13 63.43
CA PHE J 418 34.40 -13.69 63.49
C PHE J 418 34.37 -14.86 64.48
N ARG J 419 35.39 -15.72 64.43
CA ARG J 419 35.59 -16.82 65.40
C ARG J 419 35.52 -16.28 66.84
N VAL J 420 36.35 -15.29 67.13
CA VAL J 420 36.36 -14.62 68.44
C VAL J 420 35.01 -13.91 68.72
N LYS J 421 34.35 -13.36 67.68
CA LYS J 421 32.97 -12.86 67.81
C LYS J 421 31.94 -13.96 68.06
N GLU J 422 32.10 -15.09 67.38
CA GLU J 422 31.15 -16.20 67.45
C GLU J 422 31.16 -16.91 68.82
N SER J 423 32.35 -17.13 69.37
CA SER J 423 32.48 -17.72 70.71
C SER J 423 31.71 -16.89 71.74
N SER J 424 31.93 -15.57 71.70
CA SER J 424 31.33 -14.63 72.64
C SER J 424 29.81 -14.54 72.58
N ILE J 425 29.23 -14.68 71.39
CA ILE J 425 27.77 -14.66 71.25
C ILE J 425 27.25 -15.92 71.94
N ILE J 426 26.21 -15.75 72.77
CA ILE J 426 25.70 -16.79 73.67
C ILE J 426 24.51 -17.50 72.99
N ALA J 427 24.61 -18.83 72.85
CA ALA J 427 23.54 -19.65 72.23
C ALA J 427 22.29 -19.64 73.12
N PRO J 428 21.08 -19.68 72.52
CA PRO J 428 19.84 -19.63 73.32
C PRO J 428 19.59 -20.89 74.19
N ALA J 429 19.94 -22.07 73.67
CA ALA J 429 19.85 -23.34 74.41
C ALA J 429 18.42 -23.69 74.83
N HIS J 465 22.23 -70.64 57.79
CA HIS J 465 21.54 -69.55 57.12
C HIS J 465 22.41 -68.30 57.07
N VAL J 466 22.70 -67.78 55.87
CA VAL J 466 23.44 -66.53 55.71
C VAL J 466 22.48 -65.35 55.84
N TYR J 467 22.92 -64.26 56.47
CA TYR J 467 22.14 -63.00 56.52
C TYR J 467 22.92 -61.92 55.82
N ASN J 468 22.18 -60.95 55.27
CA ASN J 468 22.81 -59.86 54.52
C ASN J 468 23.63 -59.02 55.48
N TYR J 469 24.70 -58.39 54.98
CA TYR J 469 25.53 -57.54 55.84
C TYR J 469 25.00 -56.10 55.93
N GLN J 470 24.92 -55.57 57.16
CA GLN J 470 24.69 -54.15 57.45
C GLN J 470 25.82 -53.67 58.34
N PRO J 471 26.15 -52.37 58.29
CA PRO J 471 27.17 -51.87 59.22
C PRO J 471 26.60 -51.75 60.64
N CYS J 472 27.39 -52.20 61.61
CA CYS J 472 27.07 -52.05 63.02
C CYS J 472 27.62 -50.74 63.55
N ASP J 473 26.94 -50.21 64.55
CA ASP J 473 27.34 -48.99 65.23
C ASP J 473 26.71 -48.95 66.62
N HIS J 474 27.56 -48.96 67.65
CA HIS J 474 27.15 -48.84 69.07
C HIS J 474 28.33 -48.21 69.85
N PRO J 475 28.48 -46.89 69.74
CA PRO J 475 29.75 -46.11 69.70
C PRO J 475 30.95 -46.52 70.59
N ARG J 476 30.70 -46.99 71.81
CA ARG J 476 31.80 -47.29 72.79
C ARG J 476 31.99 -48.82 72.96
N GLN J 477 30.89 -49.47 73.35
CA GLN J 477 30.79 -50.92 73.61
C GLN J 477 31.20 -51.80 72.43
N PRO J 478 31.82 -52.95 72.72
CA PRO J 478 32.48 -53.72 71.69
C PRO J 478 31.52 -54.68 71.02
N CYS J 479 31.91 -55.18 69.84
CA CYS J 479 31.09 -56.12 69.09
C CYS J 479 31.01 -57.47 69.81
N ASP J 480 30.12 -57.53 70.79
CA ASP J 480 29.88 -58.71 71.64
C ASP J 480 28.61 -59.37 71.14
N SER J 481 28.09 -60.40 71.83
CA SER J 481 26.86 -61.11 71.40
C SER J 481 25.60 -60.25 71.25
N SER J 482 25.64 -58.98 71.70
CA SER J 482 24.62 -57.97 71.37
C SER J 482 24.71 -57.46 69.94
N CYS J 483 25.93 -57.37 69.41
CA CYS J 483 26.21 -56.78 68.06
C CYS J 483 25.51 -57.47 66.88
N PRO J 484 24.73 -56.69 66.05
CA PRO J 484 23.96 -57.28 64.93
C PRO J 484 24.77 -58.11 63.91
N CYS J 485 26.07 -57.85 63.83
CA CYS J 485 26.98 -58.64 62.99
C CYS J 485 27.14 -60.04 63.51
N VAL J 486 27.50 -60.16 64.79
CA VAL J 486 27.65 -61.50 65.40
C VAL J 486 26.29 -62.18 65.59
N ILE J 487 25.27 -61.38 65.90
CA ILE J 487 23.90 -61.89 65.96
C ILE J 487 23.66 -62.63 64.64
N ALA J 488 23.96 -61.93 63.55
CA ALA J 488 23.81 -62.46 62.17
C ALA J 488 25.00 -63.30 61.62
N GLN J 489 25.92 -63.71 62.49
CA GLN J 489 27.05 -64.58 62.13
C GLN J 489 27.94 -64.11 60.98
N ASN J 490 27.98 -62.80 60.73
CA ASN J 490 28.88 -62.25 59.71
C ASN J 490 30.06 -61.66 60.44
N PHE J 491 31.06 -61.25 59.66
CA PHE J 491 32.14 -60.42 60.18
C PHE J 491 31.72 -58.96 60.08
N CYS J 492 32.33 -58.16 60.94
CA CYS J 492 32.26 -56.72 60.81
C CYS J 492 33.16 -56.35 59.64
N GLU J 493 32.79 -55.32 58.89
CA GLU J 493 33.58 -54.88 57.74
C GLU J 493 34.04 -53.46 57.96
N LYS J 494 34.99 -53.06 57.11
CA LYS J 494 35.44 -51.66 57.00
C LYS J 494 34.35 -50.59 57.22
N PHE J 495 33.10 -50.92 56.91
CA PHE J 495 32.01 -49.94 57.02
C PHE J 495 31.55 -49.73 58.44
N CYS J 496 31.68 -50.76 59.29
CA CYS J 496 31.25 -50.68 60.69
C CYS J 496 31.94 -49.54 61.44
N GLN J 497 31.27 -49.05 62.48
CA GLN J 497 31.81 -47.98 63.33
C GLN J 497 32.17 -48.47 64.73
N CYS J 498 32.59 -49.74 64.82
CA CYS J 498 33.14 -50.29 66.03
C CYS J 498 34.67 -49.99 66.05
N SER J 499 35.40 -50.60 66.98
CA SER J 499 36.83 -50.36 67.14
C SER J 499 37.66 -50.75 65.94
N SER J 500 38.74 -50.01 65.77
CA SER J 500 39.77 -50.25 64.75
C SER J 500 40.40 -51.68 64.80
N GLU J 501 40.47 -52.31 65.98
CA GLU J 501 40.97 -53.70 66.09
C GLU J 501 39.90 -54.63 66.68
N CYS J 502 38.64 -54.39 66.32
CA CYS J 502 37.55 -55.33 66.64
C CYS J 502 38.04 -56.77 66.33
N GLN J 503 37.72 -57.69 67.23
CA GLN J 503 38.09 -59.10 67.04
C GLN J 503 37.17 -59.79 66.02
N ASN J 504 35.97 -59.23 65.77
CA ASN J 504 35.01 -59.77 64.77
C ASN J 504 35.21 -59.22 63.35
N ARG J 505 36.16 -58.32 63.14
CA ARG J 505 36.46 -57.80 61.80
C ARG J 505 37.18 -58.81 60.93
N PHE J 506 37.03 -58.67 59.62
CA PHE J 506 37.76 -59.50 58.69
C PHE J 506 38.96 -58.72 58.21
N PRO J 507 40.17 -59.22 58.51
CA PRO J 507 41.35 -58.55 58.02
C PRO J 507 41.58 -58.89 56.57
N GLY J 508 42.49 -58.19 55.93
CA GLY J 508 42.79 -58.44 54.52
C GLY J 508 43.48 -59.77 54.28
N CYS J 509 43.79 -60.02 53.01
CA CYS J 509 44.78 -61.03 52.66
C CYS J 509 46.10 -60.34 52.33
N ARG J 510 47.16 -60.97 52.81
CA ARG J 510 48.51 -60.56 52.50
C ARG J 510 49.08 -61.35 51.32
N CYS J 511 48.23 -62.05 50.56
CA CYS J 511 48.65 -62.91 49.44
C CYS J 511 49.59 -62.18 48.48
N LYS J 512 50.57 -62.89 47.91
CA LYS J 512 51.47 -62.29 46.92
C LYS J 512 50.78 -62.16 45.57
N ALA J 513 50.13 -63.23 45.09
CA ALA J 513 49.58 -63.26 43.73
C ALA J 513 48.07 -63.53 43.63
N GLN J 514 47.66 -64.66 43.05
CA GLN J 514 46.29 -64.80 42.52
C GLN J 514 45.18 -65.00 43.54
N CYS J 515 45.51 -65.65 44.64
CA CYS J 515 44.54 -65.95 45.69
C CYS J 515 43.22 -66.50 45.16
N ASN J 516 43.35 -67.69 44.59
CA ASN J 516 42.22 -68.51 44.16
C ASN J 516 42.26 -69.91 44.81
N THR J 517 43.14 -70.10 45.80
CA THR J 517 43.40 -71.40 46.44
C THR J 517 43.27 -71.24 47.95
N LYS J 518 42.91 -72.32 48.66
CA LYS J 518 42.55 -72.23 50.09
C LYS J 518 43.57 -71.53 51.03
N GLN J 519 44.80 -71.26 50.57
CA GLN J 519 45.80 -70.48 51.34
C GLN J 519 45.48 -69.01 51.53
N CYS J 520 44.70 -68.42 50.63
CA CYS J 520 44.16 -67.10 50.87
C CYS J 520 43.10 -67.22 51.98
N PRO J 521 43.03 -66.25 52.91
CA PRO J 521 41.89 -66.16 53.87
C PRO J 521 40.57 -65.77 53.23
N CYS J 522 40.63 -64.85 52.27
CA CYS J 522 39.44 -64.40 51.54
C CYS J 522 38.86 -65.53 50.71
N TYR J 523 39.62 -66.05 49.76
CA TYR J 523 39.14 -67.17 48.96
C TYR J 523 38.58 -68.21 49.93
N LEU J 524 39.26 -68.52 51.03
CA LEU J 524 38.75 -69.56 51.94
C LEU J 524 37.47 -69.15 52.66
N ALA J 525 37.20 -67.85 52.74
CA ALA J 525 35.94 -67.34 53.31
C ALA J 525 34.79 -67.16 52.29
N VAL J 526 34.96 -67.62 51.05
CA VAL J 526 34.01 -67.37 49.96
C VAL J 526 33.74 -65.87 49.91
N ARG J 527 34.85 -65.17 49.83
CA ARG J 527 34.87 -63.74 49.84
C ARG J 527 35.82 -63.36 48.75
N GLU J 528 35.48 -62.33 48.01
CA GLU J 528 36.44 -61.73 47.11
C GLU J 528 37.32 -60.90 47.99
N CYS J 529 38.47 -60.53 47.45
CA CYS J 529 39.36 -59.62 48.17
C CYS J 529 38.70 -58.25 48.31
N ASP J 530 39.28 -57.42 49.15
CA ASP J 530 38.81 -56.06 49.39
C ASP J 530 39.86 -55.14 48.83
N PRO J 531 39.45 -54.06 48.17
CA PRO J 531 40.39 -53.10 47.59
C PRO J 531 40.95 -52.09 48.59
N ASP J 532 40.44 -52.08 49.83
CA ASP J 532 41.05 -51.30 50.89
C ASP J 532 41.77 -52.13 51.94
N LEU J 533 41.65 -53.46 51.88
CA LEU J 533 42.41 -54.32 52.78
C LEU J 533 43.48 -55.13 52.07
N CYS J 534 43.10 -55.97 51.10
CA CYS J 534 44.05 -56.89 50.45
C CYS J 534 45.02 -56.11 49.55
N LEU J 535 45.96 -55.39 50.16
CA LEU J 535 46.86 -54.45 49.47
C LEU J 535 48.18 -55.08 49.02
N THR J 536 48.44 -56.32 49.46
CA THR J 536 49.59 -57.08 49.00
C THR J 536 49.27 -57.74 47.68
N CYS J 537 48.11 -58.41 47.60
CA CYS J 537 47.73 -59.24 46.43
C CYS J 537 47.39 -58.44 45.18
N GLY J 538 47.14 -57.15 45.34
CA GLY J 538 46.89 -56.26 44.22
C GLY J 538 45.42 -56.17 43.81
N ALA J 539 44.51 -56.51 44.72
CA ALA J 539 43.09 -56.21 44.53
C ALA J 539 42.85 -54.68 44.44
N ALA J 540 43.75 -53.90 45.04
CA ALA J 540 43.75 -52.41 44.99
C ALA J 540 44.70 -51.79 43.95
N ASP J 541 45.40 -52.62 43.17
CA ASP J 541 46.37 -52.18 42.14
C ASP J 541 45.68 -51.47 40.99
N HIS J 542 46.49 -50.89 40.10
CA HIS J 542 46.02 -50.23 38.85
C HIS J 542 44.63 -50.69 38.35
N TRP J 543 43.73 -49.72 38.25
CA TRP J 543 42.29 -49.96 38.13
C TRP J 543 41.87 -50.14 36.71
N ASP J 544 42.36 -49.25 35.86
CA ASP J 544 41.93 -49.18 34.47
C ASP J 544 42.26 -50.49 33.75
N SER J 545 43.43 -51.08 34.03
CA SER J 545 43.69 -52.47 33.63
C SER J 545 42.80 -53.40 34.47
N LYS J 546 41.71 -53.90 33.87
CA LYS J 546 40.74 -54.76 34.57
C LYS J 546 41.12 -56.26 34.60
N ASN J 547 42.26 -56.61 33.98
CA ASN J 547 42.94 -57.90 34.20
C ASN J 547 44.20 -57.65 35.04
N VAL J 548 44.29 -58.26 36.21
CA VAL J 548 45.31 -57.90 37.22
C VAL J 548 45.74 -59.10 38.07
N SER J 549 46.96 -59.02 38.62
CA SER J 549 47.56 -60.06 39.50
C SER J 549 46.65 -60.86 40.45
N CYS J 550 45.76 -60.17 41.17
CA CYS J 550 44.74 -60.82 42.01
C CYS J 550 43.57 -61.33 41.15
N LYS J 551 43.29 -62.62 41.25
CA LYS J 551 42.20 -63.25 40.55
C LYS J 551 41.09 -63.56 41.55
N ASN J 552 40.74 -62.57 42.36
CA ASN J 552 39.61 -62.69 43.25
C ASN J 552 38.92 -61.34 43.41
N CYS J 553 38.89 -60.57 42.33
CA CYS J 553 38.18 -59.31 42.30
C CYS J 553 37.54 -59.09 40.93
N SER J 554 37.06 -60.17 40.31
CA SER J 554 36.43 -60.08 39.01
C SER J 554 34.99 -59.55 39.15
N ILE J 555 34.24 -60.04 40.13
CA ILE J 555 32.86 -59.58 40.38
C ILE J 555 32.81 -58.08 40.72
N GLN J 556 33.76 -57.61 41.53
CA GLN J 556 33.81 -56.17 41.87
C GLN J 556 34.05 -55.38 40.61
N ARG J 557 34.99 -55.85 39.80
CA ARG J 557 35.39 -55.15 38.60
C ARG J 557 34.58 -55.59 37.34
N GLY J 558 33.54 -56.41 37.53
CA GLY J 558 32.76 -56.98 36.43
C GLY J 558 33.63 -57.43 35.28
N SER J 559 34.63 -58.26 35.56
CA SER J 559 35.55 -58.74 34.52
C SER J 559 34.93 -59.94 33.80
N LYS J 560 33.72 -59.75 33.30
CA LYS J 560 32.93 -60.84 32.74
C LYS J 560 33.43 -61.19 31.35
N LYS J 561 33.23 -62.45 30.95
CA LYS J 561 33.62 -62.89 29.61
C LYS J 561 32.55 -62.49 28.60
N HIS J 562 32.87 -62.51 27.30
CA HIS J 562 31.90 -62.15 26.27
C HIS J 562 30.95 -63.31 25.97
N LEU J 563 29.65 -62.99 25.89
CA LEU J 563 28.56 -64.00 25.84
C LEU J 563 27.52 -63.75 24.73
N LEU J 564 27.36 -64.73 23.84
CA LEU J 564 26.50 -64.62 22.67
C LEU J 564 25.13 -65.25 22.88
N LEU J 565 24.12 -64.63 22.30
CA LEU J 565 22.73 -65.03 22.43
C LEU J 565 22.26 -65.61 21.14
N ALA J 566 21.65 -66.78 21.23
CA ALA J 566 20.95 -67.40 20.12
C ALA J 566 19.95 -68.40 20.70
N PRO J 567 19.07 -68.95 19.86
CA PRO J 567 18.14 -69.92 20.40
C PRO J 567 18.89 -71.14 20.93
N SER J 568 18.41 -71.65 22.06
CA SER J 568 19.04 -72.77 22.74
C SER J 568 18.83 -74.00 21.92
N ASP J 569 19.86 -74.83 21.83
CA ASP J 569 19.76 -76.16 21.23
C ASP J 569 18.74 -77.05 21.94
N VAL J 570 18.43 -76.75 23.21
CA VAL J 570 17.43 -77.50 23.96
C VAL J 570 16.04 -76.87 23.92
N ALA J 571 15.91 -75.60 24.31
CA ALA J 571 14.60 -74.92 24.30
C ALA J 571 14.66 -73.41 24.54
N GLY J 572 13.73 -72.67 23.93
CA GLY J 572 13.69 -71.21 24.05
C GLY J 572 15.03 -70.59 23.67
N TRP J 573 15.44 -69.59 24.44
CA TRP J 573 16.72 -68.90 24.21
C TRP J 573 17.82 -69.49 25.06
N GLY J 574 19.05 -69.37 24.57
CA GLY J 574 20.27 -69.88 25.21
C GLY J 574 21.37 -68.86 25.12
N ILE J 575 22.52 -69.17 25.71
CA ILE J 575 23.64 -68.22 25.66
C ILE J 575 25.01 -68.89 25.73
N PHE J 576 25.86 -68.50 24.79
CA PHE J 576 27.03 -69.25 24.35
C PHE J 576 28.28 -68.37 24.45
N ILE J 577 29.42 -68.96 24.82
CA ILE J 577 30.64 -68.19 25.15
C ILE J 577 31.61 -68.04 23.98
N LYS J 578 31.95 -66.80 23.61
CA LYS J 578 32.77 -66.51 22.41
C LYS J 578 34.17 -67.11 22.44
N ASP J 579 34.90 -66.85 23.52
CA ASP J 579 36.29 -67.29 23.64
C ASP J 579 36.39 -68.31 24.78
N PRO J 580 37.35 -69.24 24.70
CA PRO J 580 37.29 -70.45 25.51
C PRO J 580 37.91 -70.25 26.88
N VAL J 581 37.15 -70.59 27.91
CA VAL J 581 37.59 -70.37 29.30
C VAL J 581 37.90 -71.69 29.99
N GLN J 582 38.95 -71.66 30.82
CA GLN J 582 39.38 -72.82 31.60
C GLN J 582 38.51 -73.00 32.85
N LYS J 583 38.72 -74.10 33.58
CA LYS J 583 37.90 -74.45 34.75
C LYS J 583 37.94 -73.46 35.93
N ASN J 584 36.78 -73.25 36.55
CA ASN J 584 36.59 -72.30 37.66
C ASN J 584 36.96 -70.84 37.33
N GLU J 585 36.97 -70.49 36.04
CA GLU J 585 37.23 -69.14 35.60
C GLU J 585 35.90 -68.42 35.70
N PHE J 586 35.92 -67.23 36.30
CA PHE J 586 34.72 -66.41 36.42
C PHE J 586 34.19 -66.10 35.04
N ILE J 587 32.90 -66.36 34.82
CA ILE J 587 32.24 -66.06 33.53
C ILE J 587 31.48 -64.74 33.59
N SER J 588 30.55 -64.65 34.54
CA SER J 588 29.79 -63.43 34.79
C SER J 588 29.02 -63.49 36.11
N GLU J 589 28.77 -62.31 36.69
CA GLU J 589 27.85 -62.22 37.82
C GLU J 589 26.42 -62.51 37.33
N TYR J 590 25.60 -63.11 38.16
CA TYR J 590 24.17 -63.21 37.86
C TYR J 590 23.48 -61.99 38.48
N CYS J 591 23.40 -60.91 37.71
CA CYS J 591 22.76 -59.67 38.16
C CYS J 591 21.23 -59.65 37.95
N GLY J 592 20.59 -58.73 38.66
CA GLY J 592 19.14 -58.54 38.56
C GLY J 592 18.54 -57.63 39.62
N GLU J 593 17.22 -57.71 39.74
CA GLU J 593 16.55 -57.08 40.85
C GLU J 593 16.90 -57.85 42.12
N ILE J 594 16.95 -57.14 43.24
CA ILE J 594 17.09 -57.72 44.55
C ILE J 594 15.77 -57.45 45.24
N ILE J 595 15.15 -58.49 45.82
CA ILE J 595 13.88 -58.36 46.53
C ILE J 595 13.70 -59.28 47.74
N SER J 596 12.82 -58.84 48.64
CA SER J 596 12.49 -59.51 49.90
C SER J 596 11.97 -60.90 49.66
N GLN J 597 12.28 -61.83 50.58
CA GLN J 597 11.79 -63.21 50.48
C GLN J 597 10.24 -63.31 50.44
N ASP J 598 9.53 -62.26 50.86
CA ASP J 598 8.08 -62.19 50.64
C ASP J 598 7.74 -61.78 49.20
N GLU J 599 8.24 -60.62 48.78
CA GLU J 599 8.03 -60.14 47.41
C GLU J 599 8.35 -61.23 46.38
N ALA J 600 9.46 -61.93 46.57
CA ALA J 600 9.81 -63.02 45.66
C ALA J 600 8.78 -64.14 45.68
N ASP J 601 8.17 -64.43 46.82
CA ASP J 601 7.17 -65.51 46.88
C ASP J 601 5.87 -65.21 46.11
N ARG J 602 5.55 -63.93 45.90
CA ARG J 602 4.36 -63.54 45.13
C ARG J 602 4.61 -63.63 43.63
N ARG J 603 5.75 -63.08 43.21
CA ARG J 603 6.25 -63.24 41.87
C ARG J 603 6.51 -64.71 41.59
N GLY J 604 6.76 -65.48 42.65
CA GLY J 604 6.88 -66.92 42.55
C GLY J 604 5.62 -67.51 42.01
N LYS J 605 4.53 -67.29 42.74
CA LYS J 605 3.24 -67.88 42.39
C LYS J 605 2.84 -67.57 40.97
N VAL J 606 3.12 -66.35 40.53
CA VAL J 606 2.89 -66.01 39.13
C VAL J 606 3.87 -66.79 38.22
N TYR J 607 5.17 -66.81 38.52
CA TYR J 607 6.12 -67.52 37.65
C TYR J 607 5.87 -69.02 37.66
N ASP J 608 5.35 -69.55 38.76
CA ASP J 608 5.02 -70.96 38.84
C ASP J 608 3.99 -71.31 37.80
N LYS J 609 3.07 -70.39 37.54
CA LYS J 609 2.03 -70.62 36.51
C LYS J 609 2.54 -70.58 35.07
N TYR J 610 3.67 -69.94 34.80
CA TYR J 610 4.32 -70.02 33.50
C TYR J 610 5.38 -71.14 33.40
N MET J 611 5.47 -72.02 34.40
CA MET J 611 6.40 -73.17 34.38
C MET J 611 7.92 -72.87 34.41
N CYS J 612 8.32 -71.59 34.31
CA CYS J 612 9.70 -71.16 34.48
C CYS J 612 9.75 -69.90 35.34
N SER J 613 10.76 -69.82 36.20
CA SER J 613 11.04 -68.62 36.99
C SER J 613 12.52 -68.29 36.90
N PHE J 614 12.87 -67.05 37.15
CA PHE J 614 14.25 -66.64 37.11
C PHE J 614 14.60 -65.88 38.38
N LEU J 615 14.32 -66.54 39.51
CA LEU J 615 14.68 -66.08 40.85
C LEU J 615 15.87 -66.88 41.33
N PHE J 616 16.81 -66.25 42.04
CA PHE J 616 17.92 -66.97 42.67
C PHE J 616 18.21 -66.47 44.06
N ASN J 617 18.29 -67.44 44.97
CA ASN J 617 18.33 -67.16 46.39
C ASN J 617 19.71 -66.61 46.70
N LEU J 618 19.73 -65.40 47.26
CA LEU J 618 20.98 -64.71 47.54
C LEU J 618 21.42 -64.98 48.99
N ASN J 619 20.51 -64.73 49.93
CA ASN J 619 20.68 -65.09 51.35
C ASN J 619 19.29 -65.14 52.03
N ASN J 620 19.22 -65.20 53.37
CA ASN J 620 17.92 -65.32 54.03
C ASN J 620 17.05 -64.09 53.94
N ASP J 621 17.64 -62.94 53.64
CA ASP J 621 16.87 -61.69 53.52
C ASP J 621 16.45 -61.38 52.08
N PHE J 622 17.34 -61.62 51.10
CA PHE J 622 17.12 -61.17 49.71
C PHE J 622 17.24 -62.24 48.63
N VAL J 623 16.59 -61.97 47.48
CA VAL J 623 16.59 -62.86 46.31
C VAL J 623 16.83 -62.03 45.05
N VAL J 624 17.68 -62.53 44.16
CA VAL J 624 17.88 -61.88 42.87
C VAL J 624 16.78 -62.33 41.93
N ASP J 625 16.29 -61.39 41.11
CA ASP J 625 15.23 -61.63 40.10
C ASP J 625 15.56 -60.96 38.75
N ALA J 626 16.21 -61.74 37.88
CA ALA J 626 16.65 -61.25 36.59
C ALA J 626 15.51 -61.08 35.61
N THR J 627 14.34 -61.63 35.94
CA THR J 627 13.13 -61.49 35.11
C THR J 627 13.00 -60.07 34.52
N ARG J 628 12.72 -59.07 35.36
CA ARG J 628 12.45 -57.71 34.86
C ARG J 628 13.69 -57.01 34.29
N LYS J 629 14.77 -57.07 35.06
CA LYS J 629 16.03 -56.48 34.66
C LYS J 629 17.13 -57.40 35.13
N GLY J 630 18.13 -57.62 34.29
CA GLY J 630 19.24 -58.54 34.58
C GLY J 630 20.39 -58.31 33.62
N ASN J 631 21.13 -59.36 33.30
CA ASN J 631 22.28 -59.26 32.41
C ASN J 631 22.42 -60.54 31.62
N LYS J 632 23.29 -60.54 30.62
CA LYS J 632 23.24 -61.57 29.57
C LYS J 632 23.26 -63.02 30.09
N ILE J 633 24.13 -63.37 31.04
CA ILE J 633 24.15 -64.76 31.56
C ILE J 633 22.80 -65.29 32.09
N ARG J 634 21.82 -64.42 32.28
CA ARG J 634 20.44 -64.85 32.62
C ARG J 634 19.84 -65.86 31.64
N PHE J 635 20.31 -65.83 30.37
CA PHE J 635 19.85 -66.71 29.28
C PHE J 635 20.51 -68.09 29.22
N ALA J 636 21.44 -68.39 30.13
CA ALA J 636 21.94 -69.77 30.30
C ALA J 636 20.86 -70.65 30.96
N ASN J 637 20.53 -71.76 30.30
CA ASN J 637 19.43 -72.59 30.73
C ASN J 637 19.82 -73.51 31.87
N HIS J 638 18.79 -74.01 32.53
CA HIS J 638 18.93 -75.10 33.44
C HIS J 638 19.47 -76.32 32.70
N SER J 639 20.33 -77.09 33.37
CA SER J 639 20.62 -78.47 32.97
C SER J 639 21.04 -79.25 34.20
N VAL J 640 20.65 -80.52 34.28
CA VAL J 640 21.00 -81.34 35.44
C VAL J 640 22.49 -81.66 35.43
N ASN J 641 23.07 -81.90 34.24
CA ASN J 641 24.51 -82.08 34.04
C ASN J 641 25.06 -80.82 33.42
N PRO J 642 25.30 -79.81 34.26
CA PRO J 642 25.65 -78.52 33.76
C PRO J 642 27.12 -78.45 33.39
N ASN J 643 27.47 -77.37 32.72
CA ASN J 643 28.87 -77.01 32.49
C ASN J 643 29.22 -75.67 33.15
N CYS J 644 28.36 -75.20 34.06
CA CYS J 644 28.69 -74.10 34.97
C CYS J 644 28.03 -74.25 36.35
N TYR J 645 28.63 -73.58 37.35
CA TYR J 645 28.04 -73.52 38.67
C TYR J 645 27.80 -72.09 39.10
N ALA J 646 27.07 -71.92 40.18
CA ALA J 646 26.93 -70.64 40.85
C ALA J 646 27.55 -70.68 42.26
N LYS J 647 28.36 -69.66 42.61
CA LYS J 647 28.78 -69.39 44.02
C LYS J 647 28.24 -68.01 44.41
N VAL J 648 27.72 -67.89 45.64
CA VAL J 648 27.40 -66.57 46.18
C VAL J 648 28.60 -66.11 46.99
N MET J 649 29.36 -65.15 46.45
CA MET J 649 30.49 -64.56 47.18
C MET J 649 30.07 -63.27 47.83
N MET J 650 30.77 -62.94 48.91
CA MET J 650 30.52 -61.75 49.69
C MET J 650 31.52 -60.75 49.15
N VAL J 651 31.03 -59.62 48.63
CA VAL J 651 31.93 -58.66 47.97
C VAL J 651 31.63 -57.23 48.36
N ASN J 652 32.45 -56.73 49.30
CA ASN J 652 32.38 -55.38 49.86
C ASN J 652 31.02 -55.08 50.45
N GLY J 653 30.56 -56.01 51.29
CA GLY J 653 29.31 -55.87 52.06
C GLY J 653 28.13 -56.57 51.41
N ASP J 654 28.04 -56.45 50.09
CA ASP J 654 26.94 -57.04 49.34
C ASP J 654 27.30 -58.50 49.07
N HIS J 655 26.31 -59.37 49.15
CA HIS J 655 26.41 -60.68 48.51
C HIS J 655 26.21 -60.51 47.01
N ARG J 656 26.99 -61.24 46.21
CA ARG J 656 26.85 -61.22 44.75
C ARG J 656 26.94 -62.65 44.20
N ILE J 657 26.14 -62.93 43.18
CA ILE J 657 26.11 -64.28 42.62
C ILE J 657 27.22 -64.34 41.59
N GLY J 658 28.05 -65.37 41.66
CA GLY J 658 29.09 -65.62 40.65
C GLY J 658 28.73 -66.84 39.82
N ILE J 659 28.98 -66.76 38.51
CA ILE J 659 28.84 -67.93 37.65
C ILE J 659 30.20 -68.26 37.04
N PHE J 660 30.65 -69.48 37.32
CA PHE J 660 31.98 -69.98 36.93
C PHE J 660 31.85 -71.26 36.14
N ALA J 661 32.78 -71.48 35.23
CA ALA J 661 32.81 -72.70 34.44
C ALA J 661 33.15 -73.88 35.33
N LYS J 662 32.47 -74.99 35.11
CA LYS J 662 32.61 -76.21 35.90
C LYS J 662 33.54 -77.24 35.22
N ARG J 663 34.32 -76.78 34.24
CA ARG J 663 34.94 -77.64 33.22
C ARG J 663 35.54 -76.73 32.16
N ALA J 664 36.52 -77.21 31.39
CA ALA J 664 37.06 -76.44 30.26
C ALA J 664 36.02 -76.37 29.14
N ILE J 665 35.77 -75.16 28.66
CA ILE J 665 34.70 -74.90 27.69
C ILE J 665 35.34 -74.27 26.42
N GLN J 666 35.02 -74.84 25.26
CA GLN J 666 35.53 -74.37 23.95
C GLN J 666 34.70 -73.21 23.45
N THR J 667 35.21 -72.55 22.41
CA THR J 667 34.48 -71.50 21.72
C THR J 667 33.04 -71.92 21.44
N GLY J 668 32.12 -70.98 21.60
CA GLY J 668 30.72 -71.16 21.18
C GLY J 668 29.91 -72.26 21.85
N GLU J 669 30.39 -72.77 22.99
CA GLU J 669 29.68 -73.82 23.71
C GLU J 669 28.51 -73.20 24.44
N GLU J 670 27.37 -73.90 24.47
CA GLU J 670 26.20 -73.41 25.21
C GLU J 670 26.39 -73.65 26.70
N LEU J 671 26.12 -72.62 27.49
CA LEU J 671 26.29 -72.66 28.94
C LEU J 671 24.99 -73.06 29.58
N PHE J 672 25.12 -73.90 30.60
CA PHE J 672 24.00 -74.27 31.45
C PHE J 672 24.45 -74.28 32.89
N PHE J 673 23.48 -74.31 33.79
CA PHE J 673 23.76 -74.59 35.20
C PHE J 673 22.51 -75.14 35.91
N ASP J 674 22.67 -76.01 36.90
CA ASP J 674 21.53 -76.58 37.66
C ASP J 674 20.88 -75.49 38.50
N TYR J 675 19.56 -75.53 38.63
CA TYR J 675 18.81 -74.54 39.42
C TYR J 675 18.47 -75.22 40.78
N ARG J 676 19.49 -75.87 41.34
CA ARG J 676 19.66 -76.10 42.79
C ARG J 676 19.92 -74.79 43.55
N TYR J 677 20.72 -73.92 42.92
CA TYR J 677 21.14 -72.61 43.45
C TYR J 677 21.39 -72.60 44.98
N LYS K 3 -32.81 -35.05 19.59
CA LYS K 3 -32.68 -36.45 19.06
C LYS K 3 -31.18 -36.81 18.91
N CYS K 4 -30.76 -37.38 17.77
CA CYS K 4 -29.36 -37.81 17.60
C CYS K 4 -28.91 -37.65 16.16
N LYS K 5 -27.72 -38.15 15.89
CA LYS K 5 -27.26 -38.46 14.55
C LYS K 5 -26.21 -39.55 14.68
N TYR K 6 -25.86 -40.24 13.59
CA TYR K 6 -26.38 -40.08 12.22
C TYR K 6 -27.09 -41.39 11.89
N SER K 7 -27.94 -41.39 10.88
CA SER K 7 -28.63 -42.62 10.49
C SER K 7 -27.71 -43.47 9.61
N PHE K 8 -27.76 -44.80 9.80
CA PHE K 8 -27.16 -45.78 8.86
C PHE K 8 -28.16 -46.88 8.55
N LYS K 9 -27.97 -47.63 7.45
CA LYS K 9 -28.71 -48.89 7.26
C LYS K 9 -27.79 -50.05 6.84
N CYS K 10 -28.13 -51.26 7.28
CA CYS K 10 -27.40 -52.49 6.95
C CYS K 10 -27.57 -52.76 5.47
N VAL K 11 -26.47 -52.77 4.72
CA VAL K 11 -26.51 -52.93 3.26
C VAL K 11 -25.98 -54.28 2.79
N ASN K 12 -25.14 -54.92 3.59
CA ASN K 12 -24.72 -56.29 3.32
C ASN K 12 -24.29 -56.97 4.62
N SER K 13 -24.26 -58.30 4.59
CA SER K 13 -23.50 -59.09 5.56
C SER K 13 -22.90 -60.27 4.83
N LEU K 14 -21.60 -60.42 4.92
CA LEU K 14 -20.90 -61.52 4.26
C LEU K 14 -20.02 -62.22 5.28
N LYS K 15 -19.53 -63.40 4.91
CA LYS K 15 -18.83 -64.29 5.84
C LYS K 15 -17.70 -65.02 5.11
N GLU K 16 -16.49 -64.94 5.66
CA GLU K 16 -15.37 -65.69 5.14
C GLU K 16 -15.58 -67.20 5.39
N ASP K 17 -14.67 -68.03 4.85
CA ASP K 17 -14.80 -69.51 4.90
C ASP K 17 -14.18 -70.20 6.12
N HIS K 18 -13.09 -69.65 6.64
CA HIS K 18 -12.41 -70.15 7.85
C HIS K 18 -13.22 -70.22 9.16
N ASN K 19 -14.26 -69.39 9.33
CA ASN K 19 -15.06 -69.36 10.57
C ASN K 19 -14.32 -68.89 11.84
N GLN K 20 -13.02 -68.63 11.76
CA GLN K 20 -12.30 -67.94 12.83
C GLN K 20 -12.64 -66.43 12.87
N PRO K 21 -12.46 -65.79 14.05
CA PRO K 21 -12.74 -64.39 14.19
C PRO K 21 -11.83 -63.58 13.34
N LEU K 22 -12.40 -62.53 12.76
CA LEU K 22 -11.64 -61.43 12.23
C LEU K 22 -11.40 -60.48 13.40
N PHE K 23 -10.13 -60.08 13.61
CA PHE K 23 -9.72 -59.24 14.75
C PHE K 23 -9.44 -57.79 14.37
N GLY K 24 -9.31 -57.54 13.06
CA GLY K 24 -8.88 -56.25 12.60
C GLY K 24 -9.44 -55.97 11.22
N VAL K 25 -9.78 -54.70 11.01
CA VAL K 25 -10.30 -54.24 9.73
C VAL K 25 -9.77 -52.84 9.55
N GLN K 26 -9.58 -52.46 8.29
CA GLN K 26 -9.03 -51.17 7.99
C GLN K 26 -9.32 -50.79 6.57
N PHE K 27 -10.06 -49.69 6.38
CA PHE K 27 -10.22 -49.04 5.07
C PHE K 27 -8.90 -48.37 4.65
N ASN K 28 -8.56 -48.54 3.37
CA ASN K 28 -7.43 -47.86 2.76
C ASN K 28 -7.86 -46.40 2.58
N TRP K 29 -7.26 -45.50 3.35
CA TRP K 29 -7.52 -44.07 3.22
C TRP K 29 -6.54 -43.40 2.28
N HIS K 30 -5.51 -44.11 1.83
CA HIS K 30 -4.53 -43.50 0.96
C HIS K 30 -5.01 -43.37 -0.48
N SER K 31 -5.99 -44.20 -0.86
CA SER K 31 -6.54 -44.22 -2.22
C SER K 31 -7.13 -42.86 -2.60
N LYS K 32 -6.73 -42.34 -3.77
CA LYS K 32 -7.17 -41.02 -4.26
C LYS K 32 -8.68 -40.96 -4.50
N GLU K 33 -9.23 -39.75 -4.62
CA GLU K 33 -10.69 -39.60 -4.77
C GLU K 33 -11.15 -40.05 -6.15
N GLY K 34 -12.38 -40.56 -6.18
CA GLY K 34 -12.93 -41.14 -7.39
C GLY K 34 -12.29 -42.48 -7.75
N ASP K 35 -11.72 -43.14 -6.74
CA ASP K 35 -11.33 -44.53 -6.86
C ASP K 35 -12.18 -45.23 -5.84
N PRO K 36 -12.46 -46.52 -6.05
CA PRO K 36 -13.38 -47.23 -5.17
C PRO K 36 -12.85 -47.30 -3.74
N LEU K 37 -13.77 -47.52 -2.81
CA LEU K 37 -13.41 -47.67 -1.43
C LEU K 37 -13.03 -49.15 -1.20
N VAL K 38 -11.81 -49.36 -0.70
CA VAL K 38 -11.25 -50.69 -0.46
C VAL K 38 -11.00 -50.83 1.01
N PHE K 39 -11.18 -52.04 1.53
CA PHE K 39 -10.78 -52.35 2.89
C PHE K 39 -10.19 -53.74 2.98
N ALA K 40 -9.40 -53.97 4.02
CA ALA K 40 -8.76 -55.25 4.31
C ALA K 40 -9.27 -55.88 5.63
N THR K 41 -9.25 -57.21 5.71
CA THR K 41 -9.56 -57.93 6.95
C THR K 41 -8.54 -58.99 7.27
N VAL K 42 -8.18 -59.08 8.55
CA VAL K 42 -7.26 -60.07 9.05
C VAL K 42 -7.94 -60.89 10.14
N GLY K 43 -7.59 -62.17 10.17
CA GLY K 43 -8.31 -63.18 10.96
C GLY K 43 -7.89 -64.56 10.52
N SER K 44 -8.01 -65.53 11.42
CA SER K 44 -7.31 -66.80 11.22
C SER K 44 -5.91 -66.45 10.69
N ASN K 45 -5.38 -67.23 9.75
CA ASN K 45 -4.00 -67.05 9.30
C ASN K 45 -3.96 -66.36 7.97
N ARG K 46 -4.96 -65.51 7.71
CA ARG K 46 -5.06 -64.84 6.43
C ARG K 46 -5.47 -63.37 6.48
N VAL K 47 -5.05 -62.64 5.44
CA VAL K 47 -5.49 -61.28 5.17
C VAL K 47 -6.32 -61.32 3.89
N THR K 48 -7.38 -60.52 3.84
CA THR K 48 -8.33 -60.54 2.75
C THR K 48 -8.76 -59.12 2.41
N LEU K 49 -8.65 -58.74 1.13
CA LEU K 49 -9.04 -57.40 0.64
C LEU K 49 -10.44 -57.43 0.03
N TYR K 50 -11.26 -56.41 0.32
CA TYR K 50 -12.56 -56.24 -0.33
C TYR K 50 -12.74 -54.80 -0.79
N GLU K 51 -13.63 -54.64 -1.77
CA GLU K 51 -13.90 -53.35 -2.42
C GLU K 51 -15.41 -53.11 -2.48
N CYS K 52 -15.84 -51.93 -2.02
CA CYS K 52 -17.25 -51.57 -1.95
C CYS K 52 -17.72 -50.97 -3.27
N HIS K 53 -18.85 -51.48 -3.77
CA HIS K 53 -19.51 -50.96 -4.96
C HIS K 53 -20.94 -50.65 -4.63
N SER K 54 -21.37 -49.44 -4.97
CA SER K 54 -22.78 -49.06 -4.94
C SER K 54 -23.63 -50.13 -5.65
N GLN K 55 -24.70 -50.66 -5.06
CA GLN K 55 -25.19 -50.38 -3.70
C GLN K 55 -25.42 -51.67 -2.91
N GLY K 56 -24.59 -51.88 -1.89
CA GLY K 56 -24.60 -53.11 -1.11
C GLY K 56 -23.53 -54.09 -1.55
N GLU K 57 -23.15 -54.07 -2.82
CA GLU K 57 -22.18 -55.02 -3.33
C GLU K 57 -20.83 -54.75 -2.66
N ILE K 58 -20.18 -55.83 -2.26
CA ILE K 58 -18.80 -55.82 -1.84
C ILE K 58 -18.10 -56.83 -2.73
N ARG K 59 -17.13 -56.39 -3.53
CA ARG K 59 -16.39 -57.31 -4.39
C ARG K 59 -15.23 -57.89 -3.61
N LEU K 60 -14.91 -59.15 -3.87
CA LEU K 60 -13.75 -59.82 -3.26
C LEU K 60 -12.60 -59.68 -4.25
N LEU K 61 -11.47 -59.16 -3.77
CA LEU K 61 -10.33 -58.84 -4.63
C LEU K 61 -9.22 -59.86 -4.50
N GLN K 62 -8.80 -60.08 -3.26
CA GLN K 62 -7.57 -60.75 -2.95
C GLN K 62 -7.66 -61.39 -1.57
N SER K 63 -6.89 -62.45 -1.40
CA SER K 63 -6.79 -63.10 -0.11
C SER K 63 -5.40 -63.74 -0.07
N TYR K 64 -4.77 -63.68 1.10
CA TYR K 64 -3.44 -64.26 1.30
C TYR K 64 -3.39 -65.09 2.57
N VAL K 65 -2.55 -66.14 2.56
CA VAL K 65 -2.38 -67.07 3.69
C VAL K 65 -0.91 -67.20 4.12
N ASP K 66 -0.66 -67.22 5.44
CA ASP K 66 0.68 -67.54 5.98
C ASP K 66 0.82 -69.07 5.88
N ALA K 67 1.91 -69.52 5.24
CA ALA K 67 2.23 -70.94 5.14
C ALA K 67 2.36 -71.60 6.50
N ASP K 68 2.65 -70.82 7.54
CA ASP K 68 2.55 -71.30 8.90
C ASP K 68 1.08 -71.27 9.31
N ALA K 69 0.54 -72.47 9.52
CA ALA K 69 -0.86 -72.66 9.91
C ALA K 69 -1.17 -72.10 11.26
N ASP K 70 -0.17 -72.04 12.12
CA ASP K 70 -0.36 -71.56 13.47
C ASP K 70 -0.27 -70.03 13.59
N GLU K 71 0.24 -69.31 12.59
CA GLU K 71 0.13 -67.84 12.62
C GLU K 71 -1.34 -67.48 12.74
N ASN K 72 -1.63 -66.38 13.40
CA ASN K 72 -2.99 -65.86 13.43
C ASN K 72 -2.92 -64.36 13.50
N PHE K 73 -3.23 -63.72 12.38
CA PHE K 73 -3.14 -62.29 12.29
C PHE K 73 -4.16 -61.62 13.22
N TYR K 74 -3.68 -60.60 13.93
CA TYR K 74 -4.46 -59.86 14.90
C TYR K 74 -4.78 -58.44 14.41
N THR K 75 -3.89 -57.84 13.62
CA THR K 75 -4.04 -56.47 13.17
C THR K 75 -3.49 -56.18 11.77
N CYS K 76 -3.87 -55.03 11.23
CA CYS K 76 -3.39 -54.61 9.92
C CYS K 76 -3.49 -53.10 9.80
N ALA K 77 -2.55 -52.49 9.06
CA ALA K 77 -2.66 -51.06 8.78
C ALA K 77 -2.07 -50.69 7.42
N TRP K 78 -2.73 -49.73 6.75
CA TRP K 78 -2.37 -49.31 5.38
C TRP K 78 -1.30 -48.23 5.36
N THR K 79 -0.39 -48.32 4.38
CA THR K 79 0.56 -47.23 4.09
C THR K 79 0.79 -47.25 2.58
N TYR K 80 1.81 -46.55 2.09
CA TYR K 80 2.16 -46.62 0.67
C TYR K 80 3.64 -46.51 0.42
N ASP K 81 4.12 -47.03 -0.72
CA ASP K 81 5.49 -46.77 -1.15
C ASP K 81 5.46 -45.43 -1.88
N SER K 82 5.94 -44.39 -1.23
CA SER K 82 6.03 -43.05 -1.81
C SER K 82 6.87 -42.94 -3.10
N ASN K 83 7.72 -43.94 -3.38
CA ASN K 83 8.50 -43.96 -4.63
C ASN K 83 7.74 -44.49 -5.82
N THR K 84 7.06 -45.61 -5.63
CA THR K 84 6.31 -46.23 -6.71
C THR K 84 4.80 -45.96 -6.65
N SER K 85 4.35 -45.22 -5.63
CA SER K 85 2.93 -44.85 -5.41
C SER K 85 1.94 -46.02 -5.18
N HIS K 86 2.47 -47.19 -4.82
CA HIS K 86 1.68 -48.39 -4.49
C HIS K 86 1.10 -48.26 -3.11
N PRO K 87 -0.06 -48.87 -2.86
CA PRO K 87 -0.47 -49.06 -1.47
C PRO K 87 0.24 -50.24 -0.86
N LEU K 88 0.24 -50.30 0.46
CA LEU K 88 0.95 -51.32 1.20
C LEU K 88 0.20 -51.63 2.50
N LEU K 89 -0.07 -52.91 2.74
CA LEU K 89 -0.76 -53.35 3.95
C LEU K 89 0.21 -54.13 4.83
N ALA K 90 0.23 -53.75 6.11
CA ALA K 90 1.06 -54.40 7.12
C ALA K 90 0.15 -55.28 7.94
N VAL K 91 0.56 -56.53 8.14
CA VAL K 91 -0.17 -57.45 9.02
C VAL K 91 0.77 -58.00 10.03
N ALA K 92 0.20 -58.56 11.09
CA ALA K 92 0.97 -59.03 12.21
C ALA K 92 0.02 -59.76 13.12
N GLY K 93 0.55 -60.63 13.98
CA GLY K 93 -0.29 -61.30 14.97
C GLY K 93 0.45 -62.18 15.94
N SER K 94 -0.14 -63.34 16.23
CA SER K 94 0.31 -64.23 17.32
C SER K 94 1.77 -64.66 17.24
N ARG K 95 2.30 -64.82 16.03
CA ARG K 95 3.71 -65.18 15.88
C ARG K 95 4.68 -64.04 16.08
N GLY K 96 4.20 -62.80 16.21
CA GLY K 96 5.05 -61.63 16.50
C GLY K 96 5.82 -61.16 15.29
N ILE K 97 5.26 -61.46 14.12
CA ILE K 97 5.95 -61.27 12.87
C ILE K 97 5.17 -60.30 12.03
N ILE K 98 5.84 -59.20 11.69
CA ILE K 98 5.30 -58.17 10.81
C ILE K 98 5.65 -58.59 9.39
N ARG K 99 4.62 -58.77 8.56
CA ARG K 99 4.73 -58.91 7.11
C ARG K 99 4.13 -57.66 6.46
N ILE K 100 4.75 -57.22 5.37
CA ILE K 100 4.25 -56.12 4.55
C ILE K 100 3.81 -56.77 3.24
N ILE K 101 2.52 -56.65 2.90
CA ILE K 101 1.99 -57.13 1.60
C ILE K 101 1.99 -55.96 0.59
N ASN K 102 2.30 -56.23 -0.68
CA ASN K 102 2.18 -55.23 -1.78
C ASN K 102 1.10 -55.61 -2.80
N PRO K 103 -0.17 -55.19 -2.59
CA PRO K 103 -1.30 -55.70 -3.39
C PRO K 103 -1.24 -55.46 -4.91
N ILE K 104 -0.35 -54.58 -5.38
CA ILE K 104 -0.08 -54.42 -6.81
C ILE K 104 0.80 -55.57 -7.33
N THR K 105 1.97 -55.81 -6.73
CA THR K 105 2.77 -57.00 -7.07
C THR K 105 2.24 -58.33 -6.45
N MET K 106 1.23 -58.24 -5.58
CA MET K 106 0.78 -59.34 -4.71
C MET K 106 1.91 -60.22 -4.22
N GLN K 107 2.88 -59.58 -3.56
CA GLN K 107 4.03 -60.23 -2.96
C GLN K 107 4.27 -59.62 -1.59
N CYS K 108 4.60 -60.47 -0.62
CA CYS K 108 5.06 -60.01 0.69
C CYS K 108 6.46 -59.48 0.50
N ILE K 109 6.59 -58.17 0.33
CA ILE K 109 7.87 -57.55 -0.03
C ILE K 109 8.80 -57.40 1.15
N LYS K 110 8.27 -57.36 2.38
CA LYS K 110 9.11 -57.29 3.58
C LYS K 110 8.55 -58.16 4.70
N HIS K 111 9.44 -58.61 5.59
CA HIS K 111 9.05 -59.17 6.88
C HIS K 111 9.98 -58.64 7.95
N TYR K 112 9.50 -58.60 9.20
CA TYR K 112 10.27 -58.09 10.36
C TYR K 112 10.07 -58.93 11.64
N VAL K 113 11.15 -59.49 12.16
CA VAL K 113 11.07 -60.61 13.10
C VAL K 113 11.84 -60.29 14.37
N GLY K 114 11.55 -59.13 14.93
CA GLY K 114 12.22 -58.67 16.15
C GLY K 114 11.48 -58.94 17.44
N HIS K 115 10.16 -58.75 17.39
CA HIS K 115 9.31 -58.82 18.58
C HIS K 115 9.39 -60.17 19.29
N GLY K 116 9.40 -60.12 20.61
CA GLY K 116 9.48 -61.31 21.43
C GLY K 116 8.16 -62.02 21.69
N ASN K 117 7.07 -61.38 21.28
CA ASN K 117 5.77 -62.02 21.34
C ASN K 117 4.80 -61.34 20.35
N ALA K 118 3.52 -61.69 20.46
CA ALA K 118 2.52 -61.30 19.48
C ALA K 118 2.36 -59.80 19.34
N ILE K 119 2.27 -59.29 18.12
CA ILE K 119 1.92 -57.88 17.89
C ILE K 119 0.42 -57.79 17.99
N ASN K 120 -0.07 -56.88 18.83
CA ASN K 120 -1.51 -56.65 19.02
C ASN K 120 -2.05 -55.48 18.18
N GLU K 121 -1.19 -54.56 17.74
CA GLU K 121 -1.61 -53.45 16.88
C GLU K 121 -0.44 -52.90 16.10
N LEU K 122 -0.74 -52.38 14.92
CA LEU K 122 0.22 -51.72 14.04
C LEU K 122 -0.40 -50.40 13.65
N LYS K 123 0.38 -49.33 13.64
CA LYS K 123 -0.10 -48.04 13.14
C LYS K 123 1.02 -47.47 12.34
N PHE K 124 0.70 -46.61 11.39
CA PHE K 124 1.75 -45.97 10.59
C PHE K 124 1.84 -44.50 10.99
N HIS K 125 3.00 -43.90 10.79
CA HIS K 125 3.20 -42.48 11.08
C HIS K 125 2.38 -41.69 10.06
N PRO K 126 1.56 -40.73 10.50
CA PRO K 126 0.70 -40.05 9.55
C PRO K 126 1.49 -39.28 8.49
N ARG K 127 2.51 -38.57 8.96
CA ARG K 127 3.33 -37.74 8.10
C ARG K 127 4.46 -38.49 7.38
N ASP K 128 4.75 -39.74 7.74
CA ASP K 128 5.91 -40.43 7.21
C ASP K 128 5.50 -41.87 6.90
N PRO K 129 5.24 -42.18 5.62
CA PRO K 129 4.62 -43.46 5.32
C PRO K 129 5.50 -44.68 5.61
N ASN K 130 6.79 -44.44 5.86
CA ASN K 130 7.75 -45.50 6.14
C ASN K 130 7.92 -45.82 7.62
N LEU K 131 7.26 -45.08 8.50
CA LEU K 131 7.47 -45.26 9.93
C LEU K 131 6.35 -46.08 10.58
N LEU K 132 6.56 -47.40 10.63
CA LEU K 132 5.62 -48.33 11.27
C LEU K 132 5.88 -48.50 12.78
N LEU K 133 4.84 -48.27 13.60
CA LEU K 133 4.87 -48.52 15.04
C LEU K 133 4.07 -49.80 15.34
N SER K 134 4.68 -50.73 16.05
CA SER K 134 4.03 -51.98 16.46
C SER K 134 3.99 -51.99 17.95
N VAL K 135 2.95 -52.58 18.53
CA VAL K 135 2.88 -52.74 19.97
C VAL K 135 2.62 -54.22 20.24
N SER K 136 3.10 -54.72 21.37
CA SER K 136 3.13 -56.18 21.57
C SER K 136 2.94 -56.70 22.98
N LYS K 137 2.56 -57.97 23.01
CA LYS K 137 2.48 -58.79 24.20
C LYS K 137 3.81 -58.83 24.97
N ASP K 138 4.94 -58.54 24.32
CA ASP K 138 6.25 -58.48 25.00
C ASP K 138 6.52 -57.27 25.95
N HIS K 139 5.59 -56.31 25.98
CA HIS K 139 5.61 -55.11 26.84
C HIS K 139 6.35 -53.91 26.20
N ALA K 140 6.67 -54.08 24.93
CA ALA K 140 7.44 -53.12 24.17
C ALA K 140 6.58 -52.59 23.02
N LEU K 141 6.88 -51.36 22.61
CA LEU K 141 6.48 -50.85 21.32
C LEU K 141 7.77 -50.73 20.52
N ARG K 142 7.71 -51.00 19.22
CA ARG K 142 8.84 -50.75 18.33
C ARG K 142 8.40 -49.82 17.24
N LEU K 143 9.26 -48.86 16.93
CA LEU K 143 9.11 -48.02 15.75
C LEU K 143 10.16 -48.45 14.73
N TRP K 144 9.72 -48.79 13.52
CA TRP K 144 10.60 -49.25 12.42
C TRP K 144 10.62 -48.23 11.28
N ASN K 145 11.72 -48.22 10.54
CA ASN K 145 11.79 -47.48 9.30
C ASN K 145 11.72 -48.54 8.24
N ILE K 146 10.53 -48.73 7.65
CA ILE K 146 10.37 -49.81 6.67
C ILE K 146 11.08 -49.54 5.35
N GLN K 147 11.56 -48.32 5.12
CA GLN K 147 12.38 -48.04 3.93
C GLN K 147 13.82 -48.57 4.01
N THR K 148 14.44 -48.50 5.19
CA THR K 148 15.82 -48.96 5.38
C THR K 148 15.94 -50.27 6.13
N ASP K 149 14.82 -50.85 6.56
CA ASP K 149 14.84 -52.05 7.40
C ASP K 149 15.66 -51.86 8.68
N THR K 150 15.32 -50.80 9.40
CA THR K 150 15.99 -50.46 10.63
C THR K 150 14.96 -50.31 11.73
N LEU K 151 15.28 -50.87 12.89
CA LEU K 151 14.46 -50.67 14.09
C LEU K 151 14.86 -49.33 14.69
N VAL K 152 14.05 -48.31 14.50
CA VAL K 152 14.43 -46.96 14.90
C VAL K 152 14.56 -46.86 16.41
N ALA K 153 13.64 -47.50 17.13
CA ALA K 153 13.55 -47.30 18.55
C ALA K 153 12.69 -48.36 19.19
N ILE K 154 12.90 -48.58 20.50
CA ILE K 154 12.02 -49.44 21.31
C ILE K 154 11.51 -48.69 22.54
N PHE K 155 10.20 -48.83 22.79
CA PHE K 155 9.50 -48.11 23.87
C PHE K 155 9.09 -49.11 24.96
N GLY K 156 10.03 -49.36 25.85
CA GLY K 156 9.83 -50.29 26.96
C GLY K 156 11.06 -50.46 27.83
N GLY K 157 10.83 -50.89 29.07
CA GLY K 157 11.90 -51.00 30.03
C GLY K 157 11.40 -50.71 31.43
N VAL K 158 11.97 -49.68 32.07
CA VAL K 158 11.77 -49.44 33.50
C VAL K 158 10.42 -48.78 33.74
N GLU K 159 10.18 -47.67 33.04
CA GLU K 159 8.88 -47.02 33.03
C GLU K 159 8.08 -47.35 31.77
N GLY K 160 8.44 -48.47 31.13
CA GLY K 160 7.63 -49.04 30.07
C GLY K 160 6.57 -49.96 30.63
N HIS K 161 5.77 -50.53 29.75
CA HIS K 161 4.60 -51.28 30.20
C HIS K 161 5.04 -52.47 31.00
N ARG K 162 4.23 -52.86 31.97
CA ARG K 162 4.55 -53.97 32.85
C ARG K 162 3.85 -55.26 32.44
N ASP K 163 2.81 -55.17 31.58
CA ASP K 163 2.23 -56.33 30.88
C ASP K 163 1.89 -55.93 29.42
N GLU K 164 1.03 -56.69 28.73
CA GLU K 164 0.93 -56.63 27.27
C GLU K 164 0.49 -55.24 26.84
N VAL K 165 1.20 -54.66 25.88
CA VAL K 165 0.77 -53.41 25.25
C VAL K 165 -0.30 -53.83 24.25
N LEU K 166 -1.52 -53.35 24.47
CA LEU K 166 -2.69 -53.72 23.67
C LEU K 166 -3.00 -52.72 22.56
N SER K 167 -2.72 -51.43 22.77
CA SER K 167 -2.98 -50.44 21.73
C SER K 167 -2.04 -49.26 21.80
N ALA K 168 -2.05 -48.47 20.73
CA ALA K 168 -1.39 -47.19 20.70
C ALA K 168 -2.00 -46.37 19.59
N ASP K 169 -1.74 -45.07 19.59
CA ASP K 169 -2.07 -44.18 18.47
C ASP K 169 -1.05 -43.05 18.35
N TYR K 170 -0.75 -42.62 17.13
CA TYR K 170 -0.06 -41.35 16.93
C TYR K 170 -1.11 -40.27 17.08
N ASP K 171 -0.68 -39.09 17.47
CA ASP K 171 -1.54 -37.91 17.36
C ASP K 171 -1.76 -37.56 15.89
N LEU K 172 -2.49 -36.49 15.64
CA LEU K 172 -2.73 -36.06 14.27
C LEU K 172 -1.41 -35.69 13.58
N LEU K 173 -0.71 -34.71 14.12
CA LEU K 173 0.53 -34.20 13.50
C LEU K 173 1.70 -35.20 13.37
N GLY K 174 1.66 -36.33 14.10
CA GLY K 174 2.76 -37.30 14.13
C GLY K 174 3.94 -36.87 15.01
N GLU K 175 3.62 -36.31 16.17
CA GLU K 175 4.60 -35.79 17.11
C GLU K 175 4.71 -36.60 18.40
N LYS K 176 3.69 -37.38 18.72
CA LYS K 176 3.66 -38.12 19.97
C LYS K 176 2.82 -39.37 19.85
N ILE K 177 3.13 -40.37 20.66
CA ILE K 177 2.39 -41.61 20.67
C ILE K 177 1.82 -41.75 22.06
N MET K 178 0.61 -42.26 22.16
CA MET K 178 0.08 -42.71 23.44
C MET K 178 -0.23 -44.19 23.23
N SER K 179 0.17 -45.01 24.19
CA SER K 179 -0.11 -46.44 24.19
C SER K 179 -0.80 -46.85 25.49
N CYS K 180 -1.36 -48.06 25.49
CA CYS K 180 -2.04 -48.58 26.65
C CYS K 180 -1.93 -50.07 26.65
N GLY K 181 -2.39 -50.71 27.71
CA GLY K 181 -2.24 -52.16 27.80
C GLY K 181 -2.85 -52.82 29.00
N MET K 182 -2.41 -54.06 29.24
CA MET K 182 -2.97 -54.83 30.33
C MET K 182 -2.58 -54.32 31.70
N ASP K 183 -1.49 -53.56 31.84
CA ASP K 183 -1.09 -52.96 33.13
C ASP K 183 -1.94 -51.77 33.60
N HIS K 184 -3.11 -51.59 32.96
CA HIS K 184 -4.09 -50.59 33.35
C HIS K 184 -3.59 -49.17 33.07
N SER K 185 -2.45 -49.04 32.39
CA SER K 185 -1.78 -47.76 32.30
C SER K 185 -1.81 -47.24 30.88
N LEU K 186 -2.12 -45.96 30.73
CA LEU K 186 -1.88 -45.23 29.49
C LEU K 186 -0.52 -44.57 29.60
N LYS K 187 0.21 -44.50 28.49
CA LYS K 187 1.56 -43.96 28.52
C LYS K 187 1.80 -43.12 27.27
N LEU K 188 2.44 -41.98 27.45
CA LEU K 188 2.72 -41.04 26.37
C LEU K 188 4.23 -41.11 26.07
N TRP K 189 4.59 -41.06 24.79
CA TRP K 189 5.99 -41.15 24.35
C TRP K 189 6.19 -40.12 23.23
N ARG K 190 6.85 -39.00 23.51
CA ARG K 190 7.10 -38.00 22.45
C ARG K 190 8.12 -38.51 21.41
N ILE K 191 7.92 -38.19 20.13
CA ILE K 191 8.92 -38.46 19.07
C ILE K 191 9.36 -37.22 18.26
N ASN K 192 8.77 -36.07 18.54
CA ASN K 192 9.30 -34.78 18.08
C ASN K 192 10.57 -34.40 18.84
N SER K 193 10.89 -35.12 19.92
CA SER K 193 12.09 -34.86 20.76
C SER K 193 13.38 -34.89 19.97
N LYS K 194 14.36 -34.12 20.42
CA LYS K 194 15.66 -34.04 19.74
C LYS K 194 16.22 -35.43 19.49
N ARG K 195 16.12 -36.27 20.52
CA ARG K 195 16.68 -37.61 20.48
C ARG K 195 16.09 -38.48 19.39
N MET K 196 14.76 -38.57 19.34
CA MET K 196 14.06 -39.38 18.32
C MET K 196 14.13 -38.78 16.90
N MET K 197 13.95 -37.44 16.77
CA MET K 197 14.08 -36.77 15.47
C MET K 197 15.43 -37.07 14.83
N ASN K 198 16.50 -37.12 15.63
CA ASN K 198 17.81 -37.61 15.13
C ASN K 198 17.73 -39.05 14.72
N ALA K 199 17.22 -39.86 15.64
CA ALA K 199 17.17 -41.33 15.52
C ALA K 199 16.44 -41.77 14.28
N ILE K 200 15.28 -41.17 14.07
CA ILE K 200 14.55 -41.37 12.85
C ILE K 200 15.41 -40.95 11.66
N LYS K 201 16.04 -39.76 11.72
CA LYS K 201 16.83 -39.25 10.57
C LYS K 201 17.99 -40.18 10.22
N GLU K 202 18.75 -40.55 11.23
CA GLU K 202 19.86 -41.44 11.03
C GLU K 202 19.45 -42.81 10.56
N SER K 203 18.24 -43.23 10.88
CA SER K 203 17.72 -44.49 10.34
C SER K 203 17.61 -44.45 8.82
N TYR K 204 17.25 -43.30 8.25
CA TYR K 204 17.24 -43.17 6.80
C TYR K 204 18.67 -43.30 6.27
N ASP K 205 19.63 -42.65 6.94
CA ASP K 205 21.04 -42.63 6.49
C ASP K 205 21.81 -43.94 6.70
N TYR K 206 21.24 -44.87 7.45
CA TYR K 206 21.87 -46.17 7.63
C TYR K 206 21.79 -46.95 6.35
N ASN K 207 22.93 -47.47 5.90
CA ASN K 207 22.96 -48.57 4.93
C ASN K 207 23.90 -49.69 5.41
N PRO K 208 23.45 -50.97 5.34
CA PRO K 208 24.26 -52.13 5.80
C PRO K 208 25.42 -52.53 4.88
N ASN K 209 25.34 -52.16 3.61
CA ASN K 209 26.44 -52.35 2.66
C ASN K 209 27.52 -51.30 2.90
N LYS K 210 27.10 -50.14 3.37
CA LYS K 210 28.03 -49.07 3.69
C LYS K 210 28.84 -49.31 4.97
N THR K 211 28.42 -50.23 5.85
CA THR K 211 29.10 -50.44 7.14
C THR K 211 28.99 -51.83 7.72
N ASN K 212 29.96 -52.16 8.58
CA ASN K 212 29.99 -53.45 9.29
C ASN K 212 29.24 -53.37 10.60
N ARG K 213 29.11 -52.18 11.19
CA ARG K 213 28.33 -52.03 12.42
C ARG K 213 26.84 -52.36 12.11
N PRO K 214 25.99 -52.45 13.14
CA PRO K 214 24.53 -52.43 13.02
C PRO K 214 23.93 -51.10 13.40
N PHE K 215 22.66 -50.90 13.06
CA PHE K 215 21.97 -49.66 13.40
C PHE K 215 21.64 -49.65 14.89
N ILE K 216 22.18 -48.67 15.61
CA ILE K 216 22.00 -48.61 17.06
C ILE K 216 20.65 -47.97 17.33
N SER K 217 19.74 -48.79 17.82
CA SER K 217 18.34 -48.44 17.96
C SER K 217 18.10 -47.80 19.29
N GLN K 218 17.70 -46.53 19.30
CA GLN K 218 17.36 -45.90 20.56
C GLN K 218 16.49 -46.85 21.43
N LYS K 219 16.89 -47.06 22.68
CA LYS K 219 16.08 -47.84 23.60
C LYS K 219 15.56 -46.90 24.68
N ILE K 220 14.28 -46.53 24.57
CA ILE K 220 13.67 -45.58 25.48
C ILE K 220 13.00 -46.34 26.62
N HIS K 221 13.42 -46.05 27.83
CA HIS K 221 12.82 -46.65 29.02
C HIS K 221 11.74 -45.74 29.65
N PHE K 222 11.71 -44.46 29.27
CA PHE K 222 10.90 -43.43 29.98
C PHE K 222 9.86 -42.66 29.18
N PRO K 223 8.58 -42.88 29.49
CA PRO K 223 7.54 -42.20 28.78
C PRO K 223 7.49 -40.76 29.23
N ASP K 224 7.05 -39.87 28.37
CA ASP K 224 6.89 -38.47 28.76
C ASP K 224 5.64 -38.22 29.61
N PHE K 225 4.81 -39.24 29.79
CA PHE K 225 3.73 -39.23 30.80
C PHE K 225 3.27 -40.68 31.13
N SER K 226 2.66 -40.90 32.28
CA SER K 226 2.00 -42.18 32.56
C SER K 226 0.92 -42.04 33.63
N THR K 227 -0.03 -42.99 33.64
CA THR K 227 -1.11 -43.01 34.64
C THR K 227 -1.90 -44.31 34.69
N ARG K 228 -2.42 -44.60 35.88
CA ARG K 228 -3.27 -45.74 36.16
C ARG K 228 -4.60 -45.32 36.84
N ASP K 229 -4.94 -44.03 36.77
CA ASP K 229 -6.16 -43.46 37.38
C ASP K 229 -7.28 -43.09 36.37
N ILE K 230 -7.19 -43.58 35.13
CA ILE K 230 -8.29 -43.48 34.18
C ILE K 230 -9.07 -44.78 34.21
N HIS K 231 -8.39 -45.92 34.09
CA HIS K 231 -9.08 -47.21 33.92
C HIS K 231 -8.71 -48.24 34.96
N ARG K 232 -9.69 -49.07 35.29
CA ARG K 232 -9.59 -50.08 36.35
C ARG K 232 -9.42 -51.51 35.84
N ASN K 233 -9.20 -51.69 34.55
CA ASN K 233 -8.74 -52.98 34.06
C ASN K 233 -7.88 -52.77 32.83
N TYR K 234 -7.71 -53.83 32.02
CA TYR K 234 -6.91 -53.73 30.83
C TYR K 234 -7.52 -52.63 29.98
N VAL K 235 -6.65 -51.79 29.45
CA VAL K 235 -7.02 -50.79 28.49
C VAL K 235 -6.59 -51.37 27.14
N ASP K 236 -7.56 -51.50 26.22
CA ASP K 236 -7.33 -52.21 24.93
C ASP K 236 -7.49 -51.38 23.64
N CYS K 237 -7.83 -50.10 23.75
CA CYS K 237 -7.83 -49.21 22.60
C CYS K 237 -7.61 -47.78 23.07
N VAL K 238 -6.92 -47.01 22.27
CA VAL K 238 -6.65 -45.63 22.61
C VAL K 238 -6.49 -44.85 21.30
N ARG K 239 -7.12 -43.69 21.21
CA ARG K 239 -6.89 -42.75 20.09
C ARG K 239 -6.79 -41.31 20.60
N TRP K 240 -6.16 -40.47 19.79
CA TRP K 240 -6.08 -39.05 20.06
C TRP K 240 -7.25 -38.36 19.39
N LEU K 241 -8.25 -37.97 20.17
CA LEU K 241 -9.17 -36.92 19.74
C LEU K 241 -8.46 -35.55 19.83
N GLY K 242 -7.57 -35.28 18.86
CA GLY K 242 -6.79 -34.04 18.79
C GLY K 242 -5.61 -33.94 19.74
N ASP K 243 -5.81 -33.21 20.85
CA ASP K 243 -4.88 -33.14 21.99
C ASP K 243 -5.43 -33.85 23.23
N LEU K 244 -6.70 -34.25 23.22
CA LEU K 244 -7.27 -35.11 24.30
C LEU K 244 -7.16 -36.62 23.97
N ILE K 245 -7.50 -37.45 24.94
CA ILE K 245 -7.36 -38.89 24.81
C ILE K 245 -8.72 -39.53 24.93
N LEU K 246 -8.98 -40.52 24.10
CA LEU K 246 -10.12 -41.42 24.26
C LEU K 246 -9.50 -42.78 24.51
N SER K 247 -9.94 -43.46 25.54
CA SER K 247 -9.47 -44.81 25.82
C SER K 247 -10.58 -45.61 26.49
N LYS K 248 -10.56 -46.93 26.34
CA LYS K 248 -11.59 -47.77 26.94
C LYS K 248 -11.00 -48.95 27.69
N SER K 249 -11.67 -49.32 28.79
CA SER K 249 -11.43 -50.59 29.44
C SER K 249 -12.74 -51.36 29.44
N CYS K 250 -12.95 -52.17 30.49
CA CYS K 250 -14.09 -53.08 30.56
C CYS K 250 -15.00 -52.63 31.70
N GLU K 251 -15.37 -51.36 31.63
CA GLU K 251 -16.19 -50.69 32.61
C GLU K 251 -17.40 -50.05 31.90
N ASN K 252 -17.73 -50.60 30.73
CA ASN K 252 -18.81 -50.12 29.89
C ASN K 252 -18.76 -48.64 29.48
N ALA K 253 -17.57 -48.11 29.18
CA ALA K 253 -17.47 -46.77 28.59
C ALA K 253 -16.13 -46.49 27.92
N ILE K 254 -16.19 -45.60 26.93
CA ILE K 254 -15.01 -44.91 26.40
C ILE K 254 -14.93 -43.62 27.22
N VAL K 255 -13.75 -43.24 27.69
CA VAL K 255 -13.54 -42.01 28.47
C VAL K 255 -12.69 -41.01 27.71
N CYS K 256 -13.23 -39.83 27.44
CA CYS K 256 -12.40 -38.69 27.04
C CYS K 256 -11.74 -38.11 28.29
N TRP K 257 -10.41 -38.03 28.30
CA TRP K 257 -9.68 -37.48 29.46
C TRP K 257 -8.43 -36.72 29.00
N LYS K 258 -7.73 -36.08 29.94
CA LYS K 258 -6.47 -35.43 29.58
C LYS K 258 -5.40 -35.47 30.65
N PRO K 259 -4.12 -35.48 30.26
CA PRO K 259 -3.07 -35.37 31.25
C PRO K 259 -2.98 -33.95 31.76
N GLY K 260 -2.76 -33.84 33.06
CA GLY K 260 -2.64 -32.57 33.76
C GLY K 260 -3.94 -32.20 34.41
N LYS K 261 -3.98 -30.98 34.94
CA LYS K 261 -5.22 -30.40 35.47
C LYS K 261 -5.95 -29.78 34.28
N MET K 262 -7.19 -29.36 34.49
CA MET K 262 -8.03 -28.86 33.40
C MET K 262 -7.25 -27.97 32.41
N GLU K 263 -6.54 -26.99 32.95
CA GLU K 263 -5.84 -26.01 32.14
C GLU K 263 -4.56 -26.48 31.45
N ASP K 264 -3.85 -27.42 32.06
CA ASP K 264 -2.48 -27.78 31.64
C ASP K 264 -2.33 -28.15 30.16
N ASP K 265 -1.59 -27.32 29.41
CA ASP K 265 -1.20 -27.63 28.02
C ASP K 265 -0.55 -29.02 27.93
N ILE K 266 -0.90 -29.80 26.89
CA ILE K 266 -0.32 -31.13 26.65
C ILE K 266 1.17 -31.09 26.25
N ASP K 267 1.63 -30.04 25.56
CA ASP K 267 3.07 -29.87 25.23
C ASP K 267 3.95 -29.25 26.33
N LYS K 268 3.32 -28.82 27.44
CA LYS K 268 4.05 -28.35 28.63
C LYS K 268 4.05 -29.38 29.79
N ILE K 269 3.60 -30.61 29.53
CA ILE K 269 3.54 -31.65 30.57
C ILE K 269 4.93 -32.22 30.79
N LYS K 270 5.34 -32.36 32.06
CA LYS K 270 6.57 -33.05 32.42
C LYS K 270 6.25 -34.47 32.89
N PRO K 271 7.21 -35.40 32.73
CA PRO K 271 7.10 -36.82 33.11
C PRO K 271 6.50 -37.13 34.48
N SER K 272 6.80 -36.28 35.45
CA SER K 272 6.39 -36.48 36.85
C SER K 272 4.90 -36.40 37.10
N GLU K 273 4.24 -35.50 36.38
CA GLU K 273 2.84 -35.11 36.58
C GLU K 273 1.94 -36.17 37.21
N SER K 274 1.40 -35.87 38.38
CA SER K 274 0.50 -36.79 39.09
C SER K 274 -0.91 -36.78 38.53
N ASN K 275 -1.33 -35.63 38.02
CA ASN K 275 -2.75 -35.32 37.82
C ASN K 275 -3.32 -35.67 36.42
N VAL K 276 -4.59 -36.09 36.40
CA VAL K 276 -5.39 -36.23 35.19
C VAL K 276 -6.66 -35.34 35.28
N THR K 277 -7.46 -35.32 34.21
CA THR K 277 -8.75 -34.60 34.18
C THR K 277 -9.73 -35.26 33.18
N ILE K 278 -10.76 -35.93 33.72
CA ILE K 278 -11.77 -36.62 32.90
C ILE K 278 -12.76 -35.57 32.42
N LEU K 279 -13.06 -35.59 31.12
CA LEU K 279 -13.95 -34.59 30.48
C LEU K 279 -15.36 -35.13 30.08
N GLY K 280 -15.45 -36.40 29.71
CA GLY K 280 -16.74 -37.03 29.45
C GLY K 280 -16.64 -38.54 29.50
N ARG K 281 -17.79 -39.19 29.33
CA ARG K 281 -17.88 -40.64 29.12
C ARG K 281 -18.85 -40.95 27.97
N PHE K 282 -18.57 -42.02 27.23
CA PHE K 282 -19.45 -42.52 26.16
C PHE K 282 -19.95 -43.88 26.66
N ASP K 283 -21.23 -43.92 27.03
CA ASP K 283 -21.81 -45.05 27.77
C ASP K 283 -22.39 -46.06 26.79
N TYR K 284 -22.03 -47.33 26.99
CA TYR K 284 -22.47 -48.43 26.14
C TYR K 284 -22.91 -49.59 27.03
N SER K 285 -23.10 -50.79 26.48
CA SER K 285 -23.48 -51.99 27.25
C SER K 285 -22.68 -53.18 26.75
N GLN K 286 -22.63 -54.23 27.58
CA GLN K 286 -22.25 -55.58 27.15
C GLN K 286 -20.96 -55.65 26.28
N CYS K 287 -19.91 -54.95 26.72
CA CYS K 287 -18.55 -55.12 26.19
C CYS K 287 -17.59 -55.33 27.36
N ASP K 288 -17.81 -56.49 27.97
CA ASP K 288 -17.12 -56.95 29.17
C ASP K 288 -15.78 -57.59 28.83
N ILE K 289 -15.62 -58.00 27.58
CA ILE K 289 -14.41 -58.68 27.12
C ILE K 289 -13.42 -57.68 26.54
N TRP K 290 -12.17 -58.12 26.41
CA TRP K 290 -11.10 -57.22 25.94
C TRP K 290 -10.75 -57.49 24.51
N TYR K 291 -9.98 -56.58 23.91
CA TYR K 291 -9.63 -56.60 22.50
C TYR K 291 -10.86 -56.28 21.65
N MET K 292 -11.47 -55.15 22.00
CA MET K 292 -12.66 -54.62 21.33
C MET K 292 -12.37 -53.17 20.97
N ARG K 293 -11.77 -52.96 19.81
CA ARG K 293 -11.34 -51.63 19.44
C ARG K 293 -12.45 -50.79 18.85
N PHE K 294 -12.23 -49.50 18.97
CA PHE K 294 -13.09 -48.48 18.37
C PHE K 294 -12.25 -47.65 17.37
N SER K 295 -12.87 -47.21 16.29
CA SER K 295 -12.22 -46.29 15.34
C SER K 295 -13.09 -45.07 15.13
N MET K 296 -12.48 -44.00 14.65
CA MET K 296 -13.22 -42.83 14.23
C MET K 296 -12.95 -42.60 12.76
N ASP K 297 -13.73 -41.71 12.17
CA ASP K 297 -13.58 -41.33 10.76
C ASP K 297 -12.43 -40.34 10.62
N PHE K 298 -12.09 -39.99 9.38
CA PHE K 298 -10.95 -39.12 9.12
C PHE K 298 -11.03 -37.74 9.79
N TRP K 299 -12.18 -37.08 9.69
CA TRP K 299 -12.34 -35.72 10.26
C TRP K 299 -12.63 -35.72 11.75
N GLN K 300 -12.92 -36.90 12.29
CA GLN K 300 -13.16 -37.13 13.71
C GLN K 300 -14.46 -36.46 14.17
N LYS K 301 -15.47 -36.62 13.33
CA LYS K 301 -16.85 -36.21 13.62
C LYS K 301 -17.62 -37.32 14.33
N MET K 302 -17.35 -38.58 13.96
CA MET K 302 -18.13 -39.74 14.40
C MET K 302 -17.21 -40.82 14.96
N LEU K 303 -17.73 -41.49 15.97
CA LEU K 303 -16.99 -42.48 16.77
C LEU K 303 -17.82 -43.74 16.75
N ALA K 304 -17.17 -44.88 16.68
CA ALA K 304 -17.88 -46.14 16.54
C ALA K 304 -17.33 -47.14 17.53
N LEU K 305 -18.12 -48.16 17.86
CA LEU K 305 -17.63 -49.27 18.69
C LEU K 305 -18.63 -50.39 18.72
N GLY K 306 -18.21 -51.57 18.29
CA GLY K 306 -19.08 -52.73 18.36
C GLY K 306 -18.84 -53.45 19.66
N ASN K 307 -19.92 -53.86 20.32
CA ASN K 307 -19.82 -54.60 21.58
C ASN K 307 -19.86 -56.11 21.32
N GLN K 308 -19.80 -56.91 22.39
CA GLN K 308 -19.61 -58.35 22.25
C GLN K 308 -20.87 -59.13 21.84
N VAL K 309 -22.02 -58.46 21.71
CA VAL K 309 -23.29 -59.11 21.27
C VAL K 309 -23.91 -58.53 19.97
N GLY K 310 -23.08 -58.10 19.01
CA GLY K 310 -23.54 -57.68 17.69
C GLY K 310 -24.10 -56.26 17.55
N LYS K 311 -24.06 -55.49 18.62
CA LYS K 311 -24.61 -54.13 18.64
C LYS K 311 -23.50 -53.15 18.36
N LEU K 312 -23.63 -52.41 17.26
CA LEU K 312 -22.76 -51.28 16.99
C LEU K 312 -23.32 -50.04 17.68
N TYR K 313 -22.42 -49.16 18.12
CA TYR K 313 -22.75 -47.90 18.77
C TYR K 313 -22.13 -46.83 17.91
N VAL K 314 -22.79 -45.70 17.67
CA VAL K 314 -22.14 -44.58 16.97
C VAL K 314 -22.46 -43.19 17.57
N TRP K 315 -21.40 -42.51 18.03
CA TRP K 315 -21.48 -41.22 18.74
C TRP K 315 -21.05 -40.08 17.83
N ASP K 316 -21.43 -38.88 18.24
CA ASP K 316 -21.11 -37.66 17.52
C ASP K 316 -20.11 -36.87 18.36
N LEU K 317 -19.02 -36.46 17.73
CA LEU K 317 -17.88 -35.84 18.41
C LEU K 317 -17.82 -34.32 18.19
N GLU K 318 -18.89 -33.78 17.61
CA GLU K 318 -19.11 -32.35 17.62
C GLU K 318 -20.13 -31.99 18.72
N VAL K 319 -20.49 -32.97 19.56
CA VAL K 319 -21.40 -32.75 20.70
C VAL K 319 -20.69 -31.98 21.83
N GLU K 320 -21.32 -30.88 22.22
CA GLU K 320 -20.83 -30.00 23.28
C GLU K 320 -21.42 -30.52 24.59
N ASP K 321 -20.60 -30.55 25.64
CA ASP K 321 -20.94 -31.19 26.93
C ASP K 321 -21.05 -32.71 26.82
N PRO K 322 -21.09 -33.43 27.97
CA PRO K 322 -21.65 -34.79 28.02
C PRO K 322 -23.05 -34.85 27.35
N HIS K 323 -23.42 -35.85 26.53
CA HIS K 323 -22.89 -37.25 26.47
C HIS K 323 -22.45 -37.93 27.79
N LYS K 324 -23.33 -38.50 28.63
CA LYS K 324 -24.84 -38.42 28.65
C LYS K 324 -25.70 -38.87 27.44
N ALA K 325 -26.04 -37.93 26.53
CA ALA K 325 -26.82 -38.21 25.30
C ALA K 325 -26.13 -37.64 24.01
N LYS K 326 -26.30 -38.25 22.82
CA LYS K 326 -26.86 -39.60 22.61
C LYS K 326 -26.28 -40.33 21.38
N CYS K 327 -26.19 -41.66 21.53
CA CYS K 327 -25.56 -42.55 20.57
C CYS K 327 -26.55 -43.32 19.70
N THR K 328 -26.27 -43.32 18.41
CA THR K 328 -27.07 -44.04 17.43
C THR K 328 -26.74 -45.53 17.41
N THR K 329 -27.56 -46.29 18.14
CA THR K 329 -27.41 -47.74 18.17
C THR K 329 -27.91 -48.28 16.82
N LEU K 330 -27.43 -49.47 16.46
CA LEU K 330 -27.85 -50.14 15.23
C LEU K 330 -27.58 -51.67 15.24
N THR K 331 -28.65 -52.42 15.52
CA THR K 331 -28.60 -53.89 15.65
C THR K 331 -29.04 -54.53 14.34
N HIS K 332 -28.80 -55.83 14.23
CA HIS K 332 -29.37 -56.64 13.16
C HIS K 332 -29.77 -58.00 13.73
N HIS K 333 -30.78 -58.64 13.14
CA HIS K 333 -31.32 -59.91 13.65
C HIS K 333 -30.44 -61.14 13.40
N LYS K 334 -29.43 -60.99 12.54
CA LYS K 334 -28.39 -62.01 12.31
C LYS K 334 -26.99 -61.67 12.89
N CYS K 335 -26.71 -60.38 13.15
CA CYS K 335 -25.42 -59.92 13.75
C CYS K 335 -25.43 -60.20 15.24
N GLY K 336 -24.72 -61.25 15.63
CA GLY K 336 -24.82 -61.82 16.97
C GLY K 336 -23.54 -62.01 17.79
N ALA K 337 -22.47 -62.45 17.14
CA ALA K 337 -21.18 -62.62 17.82
C ALA K 337 -20.48 -61.27 17.93
N ALA K 338 -19.42 -61.26 18.74
CA ALA K 338 -18.75 -60.03 19.13
C ALA K 338 -18.07 -59.29 17.99
N ILE K 339 -18.21 -57.97 18.00
CA ILE K 339 -17.58 -57.07 17.03
C ILE K 339 -16.20 -56.57 17.53
N ARG K 340 -15.13 -57.07 16.91
CA ARG K 340 -13.76 -56.76 17.33
C ARG K 340 -13.26 -55.38 17.02
N GLN K 341 -13.60 -54.88 15.85
CA GLN K 341 -13.17 -53.57 15.43
C GLN K 341 -14.13 -52.99 14.41
N THR K 342 -14.08 -51.66 14.25
CA THR K 342 -14.78 -50.94 13.19
C THR K 342 -13.80 -50.23 12.27
N SER K 343 -14.30 -49.83 11.10
CA SER K 343 -13.56 -48.92 10.20
C SER K 343 -14.50 -48.07 9.31
N PHE K 344 -14.27 -46.75 9.30
CA PHE K 344 -14.95 -45.81 8.37
C PHE K 344 -14.14 -45.68 7.10
N SER K 345 -14.80 -45.44 5.97
CA SER K 345 -14.09 -45.06 4.76
C SER K 345 -13.64 -43.59 4.93
N ARG K 346 -12.91 -43.07 3.95
CA ARG K 346 -12.30 -41.75 4.05
C ARG K 346 -13.33 -40.62 4.08
N ASP K 347 -14.19 -40.58 3.06
CA ASP K 347 -15.51 -39.99 3.19
C ASP K 347 -16.28 -40.93 4.11
N SER K 348 -17.17 -40.40 4.94
CA SER K 348 -17.85 -41.26 5.91
C SER K 348 -18.93 -42.21 5.32
N SER K 349 -19.09 -42.30 4.00
CA SER K 349 -20.20 -43.04 3.36
C SER K 349 -20.56 -44.41 3.95
N ILE K 350 -19.52 -45.21 4.20
CA ILE K 350 -19.69 -46.60 4.64
C ILE K 350 -18.93 -46.84 5.95
N LEU K 351 -19.52 -47.68 6.81
CA LEU K 351 -18.91 -48.21 8.02
C LEU K 351 -18.90 -49.74 7.89
N ILE K 352 -17.75 -50.36 8.13
CA ILE K 352 -17.66 -51.82 8.15
C ILE K 352 -17.35 -52.24 9.57
N ALA K 353 -17.88 -53.40 9.97
CA ALA K 353 -17.61 -54.00 11.27
C ALA K 353 -17.38 -55.52 11.10
N VAL K 354 -16.32 -56.05 11.68
CA VAL K 354 -15.99 -57.47 11.50
C VAL K 354 -16.13 -58.22 12.81
N CYS K 355 -16.43 -59.53 12.74
CA CYS K 355 -16.91 -60.29 13.92
C CYS K 355 -16.21 -61.62 14.21
N ASP K 356 -16.45 -62.13 15.43
CA ASP K 356 -15.88 -63.41 15.92
C ASP K 356 -16.35 -64.67 15.16
N ASP K 357 -17.50 -64.56 14.49
CA ASP K 357 -18.02 -65.64 13.62
C ASP K 357 -17.55 -65.52 12.16
N ALA K 358 -16.54 -64.68 11.94
CA ALA K 358 -15.98 -64.41 10.63
C ALA K 358 -16.93 -63.58 9.76
N SER K 359 -18.02 -63.07 10.33
CA SER K 359 -18.97 -62.30 9.54
C SER K 359 -18.54 -60.83 9.47
N ILE K 360 -18.82 -60.22 8.33
CA ILE K 360 -18.61 -58.80 8.09
C ILE K 360 -20.00 -58.18 7.94
N TRP K 361 -20.10 -56.89 8.23
CA TRP K 361 -21.35 -56.14 8.16
C TRP K 361 -21.01 -54.81 7.51
N ARG K 362 -21.83 -54.37 6.56
CA ARG K 362 -21.69 -53.05 5.97
C ARG K 362 -22.88 -52.18 6.35
N TRP K 363 -22.59 -50.97 6.85
CA TRP K 363 -23.61 -49.98 7.19
C TRP K 363 -23.31 -48.66 6.47
N ASP K 364 -24.21 -48.22 5.58
CA ASP K 364 -24.07 -46.93 4.87
C ASP K 364 -24.94 -45.90 5.60
N ARG K 365 -24.76 -44.61 5.33
CA ARG K 365 -25.42 -43.50 6.08
C ARG K 365 -26.77 -42.94 5.52
N LEU K 366 -27.22 -41.79 6.02
CA LEU K 366 -28.27 -40.97 5.37
C LEU K 366 -27.88 -40.62 3.93
N ARG K 367 -28.82 -40.84 2.99
CA ARG K 367 -28.60 -40.67 1.53
C ARG K 367 -27.54 -39.63 1.15
N HIS L 5 30.56 -70.44 9.81
CA HIS L 5 30.91 -71.47 10.84
C HIS L 5 29.84 -72.57 11.01
N ASN L 6 28.55 -72.25 11.06
CA ASN L 6 27.97 -70.94 11.42
C ASN L 6 26.91 -71.20 12.48
N ARG L 7 26.87 -70.38 13.53
CA ARG L 7 25.65 -70.21 14.29
C ARG L 7 25.22 -68.75 14.17
N LEU L 8 23.93 -68.56 13.92
CA LEU L 8 23.33 -67.24 13.87
C LEU L 8 23.05 -66.82 15.30
N TYR L 9 23.66 -65.72 15.70
CA TYR L 9 23.48 -65.12 17.01
C TYR L 9 22.65 -63.84 16.83
N PHE L 10 22.04 -63.35 17.92
CA PHE L 10 21.14 -62.20 17.90
C PHE L 10 21.54 -61.28 19.04
N HIS L 11 21.24 -59.99 18.91
CA HIS L 11 21.63 -58.99 19.91
C HIS L 11 20.84 -59.11 21.22
N SER L 12 21.51 -58.91 22.35
CA SER L 12 20.85 -58.85 23.66
C SER L 12 19.66 -57.90 23.68
N ASP L 13 19.86 -56.71 23.09
CA ASP L 13 18.88 -55.62 23.17
C ASP L 13 17.67 -55.75 22.23
N THR L 14 17.95 -56.15 20.99
CA THR L 14 17.02 -56.08 19.86
C THR L 14 17.11 -57.40 19.18
N CYS L 15 16.09 -58.24 19.25
CA CYS L 15 16.27 -59.63 18.79
C CYS L 15 16.52 -59.82 17.29
N LEU L 16 16.73 -58.73 16.56
CA LEU L 16 17.24 -58.77 15.19
C LEU L 16 18.62 -59.44 15.10
N PRO L 17 18.82 -60.36 14.13
CA PRO L 17 20.04 -61.17 14.06
C PRO L 17 21.30 -60.39 13.76
N LEU L 18 22.41 -61.04 14.07
CA LEU L 18 23.74 -60.45 14.08
C LEU L 18 24.50 -60.88 12.82
N ARG L 19 24.78 -59.92 11.95
CA ARG L 19 25.51 -60.17 10.70
C ARG L 19 26.98 -60.50 11.01
N PRO L 20 27.60 -61.43 10.22
CA PRO L 20 28.99 -61.87 10.49
C PRO L 20 30.00 -60.73 10.58
N GLN L 21 29.88 -59.75 9.68
CA GLN L 21 30.67 -58.50 9.70
C GLN L 21 30.71 -57.87 11.08
N GLU L 22 29.56 -57.86 11.76
CA GLU L 22 29.40 -57.19 13.06
C GLU L 22 30.22 -57.83 14.19
N MET L 23 30.52 -59.11 14.05
CA MET L 23 31.21 -59.88 15.08
C MET L 23 32.60 -60.26 14.58
N GLU L 24 33.70 -59.69 15.09
CA GLU L 24 33.88 -58.31 15.63
C GLU L 24 33.03 -57.80 16.82
N VAL L 25 32.60 -58.70 17.71
CA VAL L 25 31.74 -58.33 18.86
C VAL L 25 32.48 -58.65 20.19
N ASP L 26 32.71 -57.69 21.10
CA ASP L 26 32.42 -56.25 20.95
C ASP L 26 33.69 -55.47 21.36
N SER L 27 34.16 -54.59 20.46
CA SER L 27 35.33 -53.72 20.73
C SER L 27 35.01 -52.54 21.69
N GLU L 28 33.72 -52.29 21.95
CA GLU L 28 33.26 -51.38 23.00
C GLU L 28 33.63 -51.94 24.40
N ASP L 29 33.80 -51.03 25.37
CA ASP L 29 34.09 -51.40 26.77
C ASP L 29 32.80 -51.29 27.62
N GLU L 30 31.98 -52.34 27.56
CA GLU L 30 30.73 -52.46 28.36
C GLU L 30 31.02 -52.22 29.83
N LYS L 31 30.20 -51.44 30.55
CA LYS L 31 29.05 -50.68 30.06
C LYS L 31 28.59 -49.73 31.16
N ASP L 32 27.78 -48.73 30.80
CA ASP L 32 27.04 -47.99 31.80
C ASP L 32 25.62 -47.93 31.28
N PRO L 33 24.66 -48.55 32.01
CA PRO L 33 23.29 -48.52 31.49
C PRO L 33 22.76 -47.11 31.36
N GLU L 34 22.58 -46.68 30.12
CA GLU L 34 21.83 -45.48 29.74
C GLU L 34 20.71 -45.10 30.72
N TRP L 35 19.81 -46.05 30.96
CA TRP L 35 18.61 -45.82 31.77
C TRP L 35 18.91 -45.48 33.22
N LEU L 36 19.94 -46.11 33.76
CA LEU L 36 20.27 -45.99 35.16
C LEU L 36 20.71 -44.55 35.49
N ARG L 37 21.46 -43.94 34.57
CA ARG L 37 21.81 -42.52 34.69
C ARG L 37 20.55 -41.67 34.80
N GLU L 38 19.64 -41.82 33.84
CA GLU L 38 18.33 -41.16 33.87
C GLU L 38 17.58 -41.31 35.22
N LYS L 39 17.61 -42.53 35.77
CA LYS L 39 16.87 -42.90 37.00
C LYS L 39 17.33 -42.08 38.19
N THR L 40 18.64 -42.00 38.38
CA THR L 40 19.19 -41.16 39.43
C THR L 40 18.80 -39.73 39.16
N ILE L 41 19.15 -39.24 37.97
CA ILE L 41 18.93 -37.84 37.62
C ILE L 41 17.50 -37.45 37.92
N THR L 42 16.54 -38.34 37.64
CA THR L 42 15.14 -38.13 38.01
C THR L 42 14.91 -38.26 39.53
N GLN L 43 15.42 -39.33 40.13
CA GLN L 43 15.20 -39.62 41.55
C GLN L 43 15.83 -38.65 42.54
N ILE L 44 16.92 -38.01 42.13
CA ILE L 44 17.52 -36.91 42.86
C ILE L 44 16.59 -35.70 42.79
N GLU L 45 16.12 -35.39 41.57
CA GLU L 45 15.10 -34.32 41.37
C GLU L 45 13.79 -34.61 42.11
N GLU L 46 13.47 -35.88 42.35
CA GLU L 46 12.26 -36.29 43.08
C GLU L 46 12.15 -35.75 44.50
N PHE L 47 13.28 -35.47 45.15
CA PHE L 47 13.26 -35.05 46.56
C PHE L 47 12.67 -33.66 46.83
N SER L 48 11.48 -33.68 47.41
CA SER L 48 11.01 -32.63 48.31
C SER L 48 12.09 -32.51 49.40
N ASP L 49 12.39 -31.29 49.81
CA ASP L 49 13.38 -30.97 50.88
C ASP L 49 14.87 -31.04 50.51
N VAL L 50 15.23 -30.72 49.27
CA VAL L 50 16.64 -30.53 48.92
C VAL L 50 16.78 -29.21 48.16
N ASN L 51 17.91 -28.56 48.36
CA ASN L 51 18.25 -27.32 47.69
C ASN L 51 18.33 -27.60 46.16
N GLU L 52 18.36 -26.54 45.33
CA GLU L 52 18.22 -26.66 43.85
C GLU L 52 19.18 -27.57 43.06
N GLY L 53 20.51 -27.37 43.06
CA GLY L 53 21.28 -26.56 44.00
C GLY L 53 22.27 -27.51 44.68
N GLU L 54 21.77 -28.19 45.71
CA GLU L 54 22.43 -29.36 46.30
C GLU L 54 22.14 -30.59 45.44
N LYS L 55 20.96 -30.63 44.84
CA LYS L 55 20.59 -31.70 43.89
C LYS L 55 21.58 -31.80 42.74
N GLU L 56 21.75 -30.71 42.00
CA GLU L 56 22.64 -30.67 40.83
C GLU L 56 24.09 -31.12 41.13
N VAL L 57 24.59 -30.89 42.34
CA VAL L 57 25.93 -31.40 42.70
C VAL L 57 25.90 -32.89 43.10
N MET L 58 24.83 -33.33 43.77
CA MET L 58 24.61 -34.78 44.01
C MET L 58 24.57 -35.54 42.68
N LYS L 59 23.71 -35.07 41.79
CA LYS L 59 23.55 -35.69 40.46
C LYS L 59 24.89 -35.79 39.71
N LEU L 60 25.57 -34.66 39.54
CA LEU L 60 26.82 -34.64 38.76
C LEU L 60 27.91 -35.51 39.37
N TRP L 61 27.93 -35.60 40.70
CA TRP L 61 28.73 -36.60 41.40
C TRP L 61 28.28 -38.02 41.01
N ASN L 62 27.02 -38.33 41.29
CA ASN L 62 26.44 -39.66 41.02
C ASN L 62 26.73 -40.16 39.61
N LEU L 63 26.56 -39.27 38.64
CA LEU L 63 26.98 -39.54 37.28
C LEU L 63 28.46 -39.87 37.20
N HIS L 64 29.28 -39.02 37.80
CA HIS L 64 30.73 -39.18 37.75
C HIS L 64 31.14 -40.54 38.27
N VAL L 65 30.71 -40.86 39.49
CA VAL L 65 31.05 -42.15 40.09
C VAL L 65 30.51 -43.34 39.27
N MET L 66 29.33 -43.20 38.66
CA MET L 66 28.78 -44.24 37.75
C MET L 66 29.63 -44.40 36.49
N LYS L 67 30.14 -43.26 36.01
CA LYS L 67 30.97 -43.20 34.81
C LYS L 67 32.27 -43.98 34.99
N HIS L 68 32.96 -43.71 36.09
CA HIS L 68 34.26 -44.34 36.37
C HIS L 68 34.20 -45.59 37.24
N GLY L 69 33.10 -45.76 37.96
CA GLY L 69 32.75 -47.05 38.55
C GLY L 69 33.63 -47.44 39.72
N PHE L 70 33.75 -46.52 40.66
CA PHE L 70 34.70 -46.69 41.74
C PHE L 70 34.20 -47.76 42.69
N ILE L 71 35.14 -48.60 43.11
CA ILE L 71 34.86 -49.68 44.05
C ILE L 71 35.42 -49.32 45.42
N ALA L 72 36.58 -48.66 45.46
CA ALA L 72 37.34 -48.52 46.70
C ALA L 72 37.29 -47.14 47.31
N ASP L 73 37.52 -47.09 48.62
CA ASP L 73 37.67 -45.84 49.36
C ASP L 73 38.94 -45.14 48.93
N ASN L 74 40.03 -45.89 48.82
CA ASN L 74 41.32 -45.30 48.39
C ASN L 74 41.18 -44.52 47.08
N GLN L 75 40.23 -44.91 46.24
CA GLN L 75 39.96 -44.18 44.99
C GLN L 75 39.47 -42.74 45.21
N MET L 76 38.80 -42.47 46.32
CA MET L 76 38.08 -41.20 46.49
C MET L 76 38.92 -39.90 46.50
N ASN L 77 40.23 -40.01 46.71
CA ASN L 77 41.12 -38.84 46.58
C ASN L 77 41.22 -38.48 45.09
N HIS L 78 41.80 -39.38 44.31
CA HIS L 78 41.87 -39.24 42.84
C HIS L 78 40.48 -39.05 42.19
N ALA L 79 39.40 -39.39 42.91
CA ALA L 79 38.02 -39.19 42.44
C ALA L 79 37.50 -37.75 42.56
N CYS L 80 37.86 -37.05 43.62
CA CYS L 80 37.48 -35.65 43.75
C CYS L 80 38.34 -34.75 42.84
N MET L 81 39.59 -35.16 42.60
CA MET L 81 40.48 -34.49 41.60
C MET L 81 39.91 -34.58 40.18
N LEU L 82 39.54 -35.80 39.76
CA LEU L 82 38.91 -36.01 38.44
C LEU L 82 37.61 -35.25 38.32
N PHE L 83 36.87 -35.16 39.42
CA PHE L 83 35.57 -34.49 39.44
C PHE L 83 35.63 -32.99 39.15
N VAL L 84 36.80 -32.37 39.28
CA VAL L 84 36.96 -30.97 38.85
C VAL L 84 37.53 -30.86 37.43
N GLU L 85 38.55 -31.64 37.12
CA GLU L 85 39.13 -31.63 35.78
C GLU L 85 38.02 -31.87 34.74
N ASN L 86 37.14 -32.84 35.00
CA ASN L 86 35.99 -33.13 34.12
C ASN L 86 34.84 -32.13 34.36
N TYR L 87 34.09 -32.35 35.43
CA TYR L 87 32.79 -31.67 35.64
C TYR L 87 32.95 -30.26 36.21
N GLY L 88 34.16 -29.91 36.65
CA GLY L 88 34.41 -28.65 37.36
C GLY L 88 34.22 -27.42 36.50
N GLN L 89 34.58 -27.55 35.23
CA GLN L 89 34.26 -26.53 34.22
C GLN L 89 32.78 -26.18 34.34
N LYS L 90 31.93 -27.21 34.22
CA LYS L 90 30.48 -27.03 34.30
C LYS L 90 30.05 -26.49 35.67
N ILE L 91 30.70 -26.94 36.75
CA ILE L 91 30.36 -26.49 38.11
C ILE L 91 30.45 -24.95 38.25
N ILE L 92 31.48 -24.35 37.66
CA ILE L 92 31.65 -22.89 37.66
C ILE L 92 30.49 -22.21 36.93
N LYS L 93 30.15 -22.72 35.74
CA LYS L 93 29.05 -22.19 34.88
C LYS L 93 27.64 -22.18 35.51
N LYS L 94 27.40 -23.06 36.48
CA LYS L 94 26.08 -23.19 37.13
C LYS L 94 26.02 -22.59 38.53
N ASN L 95 27.14 -22.01 39.00
CA ASN L 95 27.24 -21.42 40.33
C ASN L 95 26.86 -22.42 41.44
N LEU L 96 27.78 -23.36 41.67
CA LEU L 96 27.65 -24.37 42.72
C LEU L 96 28.92 -24.48 43.58
N CYS L 97 29.80 -23.49 43.47
CA CYS L 97 31.19 -23.62 43.90
C CYS L 97 31.37 -23.84 45.42
N ARG L 98 30.36 -23.51 46.21
CA ARG L 98 30.31 -23.77 47.66
C ARG L 98 29.58 -25.06 48.02
N ASN L 99 28.61 -25.49 47.20
CA ASN L 99 27.97 -26.81 47.39
C ASN L 99 28.92 -27.96 47.10
N PHE L 100 29.78 -27.77 46.12
CA PHE L 100 30.90 -28.67 45.84
C PHE L 100 31.88 -28.72 47.03
N MET L 101 32.08 -27.57 47.67
CA MET L 101 32.89 -27.47 48.89
C MET L 101 32.21 -28.23 50.04
N LEU L 102 30.89 -28.11 50.16
CA LEU L 102 30.09 -28.89 51.14
C LEU L 102 30.07 -30.40 50.85
N HIS L 103 29.91 -30.75 49.58
CA HIS L 103 30.14 -32.12 49.11
C HIS L 103 31.50 -32.59 49.64
N LEU L 104 32.57 -31.94 49.18
CA LEU L 104 33.93 -32.29 49.60
C LEU L 104 34.08 -32.46 51.11
N VAL L 105 33.41 -31.60 51.89
CA VAL L 105 33.40 -31.72 53.34
C VAL L 105 32.70 -33.01 53.76
N SER L 106 31.49 -33.23 53.25
CA SER L 106 30.73 -34.45 53.58
C SER L 106 31.59 -35.67 53.33
N MET L 107 32.26 -35.70 52.18
CA MET L 107 33.20 -36.76 51.83
C MET L 107 34.32 -36.92 52.87
N HIS L 108 34.93 -35.80 53.27
CA HIS L 108 35.91 -35.79 54.36
C HIS L 108 35.29 -36.32 55.65
N ASP L 109 34.07 -35.88 55.95
CA ASP L 109 33.34 -36.35 57.13
C ASP L 109 33.08 -37.85 57.09
N PHE L 110 32.77 -38.37 55.90
CA PHE L 110 32.60 -39.82 55.73
C PHE L 110 33.92 -40.62 55.82
N ASN L 111 35.04 -39.93 56.12
CA ASN L 111 36.38 -40.52 56.24
C ASN L 111 36.93 -40.99 54.89
N LEU L 112 36.34 -40.50 53.80
CA LEU L 112 36.68 -41.01 52.48
C LEU L 112 37.95 -40.35 51.91
N ILE L 113 38.14 -39.07 52.21
CA ILE L 113 39.32 -38.33 51.72
C ILE L 113 40.14 -37.79 52.87
N SER L 114 41.45 -37.68 52.66
CA SER L 114 42.32 -36.96 53.58
C SER L 114 42.07 -35.46 53.39
N ILE L 115 42.38 -34.70 54.44
CA ILE L 115 42.07 -33.27 54.48
C ILE L 115 42.82 -32.42 53.43
N MET L 116 44.05 -32.84 53.13
CA MET L 116 44.92 -32.13 52.19
C MET L 116 44.28 -32.02 50.80
N SER L 117 43.37 -32.95 50.49
CA SER L 117 42.62 -32.94 49.23
C SER L 117 41.50 -31.91 49.13
N ILE L 118 40.95 -31.45 50.25
CA ILE L 118 39.91 -30.39 50.20
C ILE L 118 40.58 -29.07 49.79
N ASP L 119 41.78 -28.84 50.30
CA ASP L 119 42.58 -27.69 49.89
C ASP L 119 42.96 -27.88 48.42
N LYS L 120 43.63 -29.01 48.13
CA LYS L 120 44.15 -29.32 46.78
C LYS L 120 43.09 -29.32 45.67
N ALA L 121 41.87 -29.75 46.00
CA ALA L 121 40.78 -29.80 45.03
C ALA L 121 40.19 -28.41 44.81
N VAL L 122 39.93 -27.68 45.89
CA VAL L 122 39.37 -26.32 45.80
C VAL L 122 40.34 -25.40 45.03
N THR L 123 41.65 -25.67 45.15
CA THR L 123 42.68 -25.00 44.33
C THR L 123 42.50 -25.26 42.83
N LYS L 124 42.51 -26.55 42.46
CA LYS L 124 42.35 -26.99 41.05
C LYS L 124 41.06 -26.50 40.42
N LEU L 125 40.04 -26.21 41.23
CA LEU L 125 38.79 -25.59 40.76
C LEU L 125 38.98 -24.12 40.45
N ARG L 126 39.53 -23.37 41.40
CA ARG L 126 39.66 -21.93 41.25
C ARG L 126 40.86 -21.56 40.41
N GLU L 127 41.79 -22.51 40.22
CA GLU L 127 42.88 -22.40 39.22
C GLU L 127 42.34 -22.37 37.78
N MET L 128 41.19 -23.03 37.55
CA MET L 128 40.43 -22.92 36.28
C MET L 128 39.25 -21.93 36.37
N GLN L 129 39.50 -20.80 37.04
CA GLN L 129 38.63 -19.63 37.00
C GLN L 129 39.45 -18.45 36.51
N LEU M 2 -53.67 -1.24 24.69
CA LEU M 2 -54.90 -0.46 25.03
C LEU M 2 -54.64 1.05 25.20
N GLN M 3 -53.56 1.42 25.90
CA GLN M 3 -53.27 2.84 26.27
C GLN M 3 -52.09 3.48 25.48
N ALA M 4 -52.00 4.81 25.60
CA ALA M 4 -51.04 5.68 24.86
C ALA M 4 -49.94 6.17 25.78
N GLN M 5 -48.75 6.37 25.23
CA GLN M 5 -47.55 6.50 26.06
C GLN M 5 -47.17 7.91 26.42
N ARG M 6 -46.85 8.06 27.70
CA ARG M 6 -46.37 9.31 28.29
C ARG M 6 -44.84 9.21 28.47
N PHE M 8 -43.15 11.26 30.62
CA PHE M 8 -43.03 11.43 32.06
C PHE M 8 -44.17 10.70 32.81
N ALA M 9 -43.80 10.01 33.89
CA ALA M 9 -44.70 9.71 35.01
C ALA M 9 -44.42 10.82 36.04
N GLN M 10 -45.30 11.19 36.97
CA GLN M 10 -46.73 10.87 37.08
C GLN M 10 -47.31 11.59 38.31
N SER M 11 -46.66 11.39 39.47
CA SER M 11 -47.02 12.01 40.78
C SER M 11 -48.04 13.15 40.76
N LEU N 2 4.94 -30.64 -61.80
CA LEU N 2 6.30 -31.10 -62.22
C LEU N 2 7.01 -30.03 -63.05
N GLN N 3 6.31 -29.42 -64.01
CA GLN N 3 6.81 -28.25 -64.79
C GLN N 3 6.03 -26.94 -64.44
N ALA N 4 6.50 -25.81 -64.98
CA ALA N 4 5.97 -24.44 -64.74
C ALA N 4 5.14 -23.95 -65.93
N GLN N 5 4.20 -23.06 -65.65
CA GLN N 5 3.06 -22.82 -66.55
C GLN N 5 3.25 -21.67 -67.53
N ARG N 6 2.92 -21.91 -68.79
CA ARG N 6 2.98 -20.88 -69.83
C ARG N 6 1.57 -20.32 -70.05
N PHE N 8 0.62 -18.89 -73.38
CA PHE N 8 0.33 -19.25 -74.75
C PHE N 8 0.76 -20.68 -75.01
N ALA N 9 0.04 -21.36 -75.87
CA ALA N 9 0.43 -22.69 -76.33
C ALA N 9 1.55 -22.58 -77.40
N GLN N 10 2.43 -23.57 -77.41
CA GLN N 10 3.66 -23.56 -78.21
C GLN N 10 3.50 -24.47 -79.44
N SER N 11 3.91 -24.04 -80.66
CA SER N 11 4.49 -22.72 -81.00
C SER N 11 5.80 -22.38 -80.27
N LEU O 2 23.65 73.31 26.71
CA LEU O 2 23.70 74.72 26.21
C LEU O 2 25.07 75.16 25.60
N GLN O 3 26.21 74.56 26.03
CA GLN O 3 27.58 75.06 25.69
C GLN O 3 28.60 74.03 25.11
N ALA O 4 29.55 74.55 24.32
CA ALA O 4 30.63 73.78 23.67
C ALA O 4 31.91 73.82 24.52
N GLN O 5 32.68 72.73 24.48
CA GLN O 5 33.70 72.46 25.51
C GLN O 5 35.12 72.83 25.20
N ARG O 6 35.79 73.38 26.22
CA ARG O 6 37.20 73.69 26.17
C ARG O 6 37.98 72.53 26.78
N PHE O 8 41.01 73.36 28.28
CA PHE O 8 41.73 74.00 29.37
C PHE O 8 40.84 74.96 30.18
N ALA O 9 41.32 75.31 31.37
CA ALA O 9 40.77 76.40 32.18
C ALA O 9 41.97 77.24 32.70
N GLN O 10 41.92 78.58 32.77
CA GLN O 10 40.83 79.46 32.32
C GLN O 10 41.35 80.91 32.32
N SER O 11 40.89 81.72 31.35
CA SER O 11 41.30 83.12 31.17
C SER O 11 40.09 84.02 30.86
N LEU P 2 -14.41 -56.86 40.49
CA LEU P 2 -14.69 -58.15 41.19
C LEU P 2 -14.07 -59.41 40.48
N GLN P 3 -14.10 -59.44 39.13
CA GLN P 3 -13.75 -60.65 38.30
C GLN P 3 -12.61 -60.46 37.24
N ALA P 4 -12.02 -61.60 36.83
CA ALA P 4 -10.90 -61.64 35.86
C ALA P 4 -11.40 -61.64 34.42
N GLN P 5 -10.60 -61.10 33.49
CA GLN P 5 -11.13 -60.67 32.18
C GLN P 5 -10.90 -61.63 31.03
N ARG P 6 -11.99 -62.10 30.42
CA ARG P 6 -11.94 -62.97 29.26
C ARG P 6 -11.76 -62.13 27.99
N PHE P 8 -12.65 -63.69 25.03
CA PHE P 8 -13.72 -64.23 24.18
C PHE P 8 -15.11 -64.23 24.85
N ALA P 9 -15.46 -65.33 25.53
CA ALA P 9 -16.80 -65.56 26.11
C ALA P 9 -17.98 -65.11 25.23
N GLN P 10 -18.84 -66.01 24.76
CA GLN P 10 -18.97 -67.44 25.09
C GLN P 10 -20.22 -67.92 24.29
N SER P 11 -20.61 -69.20 24.26
CA SER P 11 -19.91 -70.35 24.84
C SER P 11 -19.66 -71.38 23.76
#